data_9DS2
#
_entry.id   9DS2
#
_cell.length_a   161.816
_cell.length_b   313.101
_cell.length_c   325.522
_cell.angle_alpha   90.00
_cell.angle_beta   90.00
_cell.angle_gamma   90.00
#
_symmetry.space_group_name_H-M   'I 21 21 21'
#
loop_
_entity.id
_entity.type
_entity.pdbx_description
1 polymer 'Hemagglutinin HA1 chai'
2 polymer 'Hemagglutinin HA2 chain'
3 polymer '346-54, Heavy chain'
4 polymer '346-54, Light chain'
5 branched 2-acetamido-2-deoxy-beta-D-glucopyranose-(1-4)-2-acetamido-2-deoxy-beta-D-glucopyranose
6 branched beta-D-mannopyranose-(1-4)-2-acetamido-2-deoxy-beta-D-glucopyranose-(1-4)-2-acetamido-2-deoxy-beta-D-glucopyranose
7 non-polymer 2-acetamido-2-deoxy-beta-D-glucopyranose
#
loop_
_entity_poly.entity_id
_entity_poly.type
_entity_poly.pdbx_seq_one_letter_code
_entity_poly.pdbx_strand_id
1 'polypeptide(L)'
;DPGDTLCIGYHANNSTDTVDTVLEKNVTVTHSVNLLEDKHNGKLCKLRGVAPLHLGKCNIAGWILGNPECESLSTASSWS
YIVETPSSDNGTCYPGDFIDYEELREQLSSVSSFERFEIFPKTSSWPNHDSNKGVTAACPHAGAKSFYKNLIWLVKKGNS
YPKLSKSYINDKGKEVLVLWGIHHPSTSADQQSLYQNADTYVFVGGSRYSKKFKPEIAIRPKVRDQEGRMNYYWTLVEPG
DKITFEATGNLVVPRYAFAMERNAGSGIIISDTPVHDCNTTCQTPKGAINTSLPFQNIHPITIGKCPKYVKSTKLRLATG
LRNIPSIQ
;
C,A,E
2 'polypeptide(L)'
;GLFGAIAGFIEGGWTGMVDGWYGYHHQNEQGSGYAADLKSTQNAIDGITNKVNSVIEKMNTQFTAVGKEFNHLEKRIENL
NKKVDDGFLDIWTYNAELLVLLENERTLDYHDSNVKNLYEKVRSQLKNNAKEIGNGCFEFYHKCDNTCMESVKNGTYDYP
KYSEEAKLNREEIDS
;
D,B,F
3 'polypeptide(L)'
;QVQLVESGGGVVQPGKSLRLSCAASGFTFSAYGIHWVRQAPGKGLEWVAFISFDGGSKYYADSVKGRFTISRDNSKNTLY
VHMNSLRVEDTAVYYCARDRGGKYPPSMGFFDPWGQGTLVTVSSASTKGPSVFPLAPSSKSTSGGTAALGCLVKDYFPEP
VTVSWNSGALTSGVHTFPAVLQSSGLYSLSSVVTVPSSSLGTQTYICNVNHKPSNTKVDKRVEPKSCSG
;
G,H,K
4 'polypeptide(L)'
;EIVLTQSPPTLSLSPGERATLSCRASQSISNSLAWYQQKPGQAPRLLIYDASNRATGIPARFSGSGFGTDFTLTISSLEP
EDCAVYYCQQRNNWPPLTFGGGTKVEIKRTVAAPSVFIFPPSDEQLKSGTASVVCLLNNFYPREAKVQWKVDNALQSGNS
QESVTEQDSKDSTYSLSSTLTLSKADYEKHKVYACEVTHQGLSSPVTKSFNRGEC
;
I,J,L
#
# COMPACT_ATOMS: atom_id res chain seq x y z
N ASP A 1 9.90 -3.29 -39.38
CA ASP A 1 10.70 -4.27 -40.10
C ASP A 1 12.08 -3.77 -40.54
N PRO A 2 12.23 -2.45 -40.81
CA PRO A 2 13.57 -1.88 -40.93
C PRO A 2 14.52 -2.38 -39.85
N GLY A 3 14.03 -2.53 -38.63
CA GLY A 3 14.70 -3.31 -37.62
C GLY A 3 15.02 -2.59 -36.33
N ASP A 4 15.01 -1.25 -36.33
CA ASP A 4 15.50 -0.51 -35.17
C ASP A 4 14.66 -0.80 -33.93
N THR A 5 15.34 -0.95 -32.79
CA THR A 5 14.72 -1.37 -31.54
C THR A 5 14.92 -0.31 -30.46
N LEU A 6 13.94 -0.20 -29.57
CA LEU A 6 14.06 0.57 -28.34
C LEU A 6 13.46 -0.24 -27.20
N CYS A 7 14.22 -0.37 -26.11
CA CYS A 7 13.82 -1.19 -24.98
C CYS A 7 13.83 -0.36 -23.70
N ILE A 8 13.00 -0.77 -22.74
CA ILE A 8 12.92 -0.15 -21.43
C ILE A 8 13.30 -1.18 -20.39
N GLY A 9 14.18 -0.82 -19.47
CA GLY A 9 14.68 -1.76 -18.48
C GLY A 9 15.12 -1.05 -17.22
N TYR A 10 15.62 -1.83 -16.27
CA TYR A 10 16.01 -1.33 -14.96
C TYR A 10 17.45 -1.74 -14.65
N HIS A 11 18.07 -0.96 -13.76
CA HIS A 11 19.49 -1.08 -13.47
C HIS A 11 19.77 -2.27 -12.55
N ALA A 12 20.99 -2.79 -12.65
CA ALA A 12 21.48 -3.84 -11.77
C ALA A 12 22.98 -3.68 -11.56
N ASN A 13 23.44 -4.08 -10.39
CA ASN A 13 24.86 -3.97 -10.03
C ASN A 13 25.29 -5.26 -9.35
N ASN A 14 26.50 -5.26 -8.79
CA ASN A 14 27.08 -6.43 -8.15
C ASN A 14 26.79 -6.49 -6.65
N SER A 15 25.97 -5.58 -6.13
CA SER A 15 25.70 -5.54 -4.71
C SER A 15 24.97 -6.79 -4.24
N THR A 16 25.40 -7.32 -3.10
CA THR A 16 24.75 -8.46 -2.48
C THR A 16 23.94 -8.07 -1.25
N ASP A 17 23.70 -6.77 -1.05
CA ASP A 17 22.94 -6.31 0.11
C ASP A 17 21.52 -6.88 0.06
N THR A 18 21.06 -7.39 1.21
CA THR A 18 19.75 -8.00 1.32
C THR A 18 18.90 -7.24 2.32
N VAL A 19 17.60 -7.14 2.03
CA VAL A 19 16.63 -6.51 2.90
C VAL A 19 15.47 -7.48 3.08
N ASP A 20 14.58 -7.15 4.02
CA ASP A 20 13.40 -7.95 4.30
C ASP A 20 12.15 -7.12 4.09
N THR A 21 11.15 -7.73 3.47
CA THR A 21 9.83 -7.15 3.32
C THR A 21 8.83 -8.01 4.09
N VAL A 22 7.59 -7.52 4.17
CA VAL A 22 6.57 -8.26 4.90
C VAL A 22 6.23 -9.57 4.19
N LEU A 23 6.44 -9.63 2.87
CA LEU A 23 6.12 -10.83 2.11
C LEU A 23 7.34 -11.64 1.72
N GLU A 24 8.53 -11.05 1.69
CA GLU A 24 9.74 -11.74 1.27
C GLU A 24 10.89 -11.40 2.22
N LYS A 25 11.86 -12.31 2.29
CA LYS A 25 13.03 -12.13 3.13
C LYS A 25 14.29 -12.39 2.31
N ASN A 26 15.38 -11.73 2.71
CA ASN A 26 16.67 -11.82 2.03
C ASN A 26 16.54 -11.45 0.55
N VAL A 27 15.96 -10.28 0.29
CA VAL A 27 15.79 -9.77 -1.06
C VAL A 27 17.00 -8.94 -1.42
N THR A 28 17.75 -9.39 -2.42
CA THR A 28 18.93 -8.66 -2.86
C THR A 28 18.51 -7.36 -3.54
N VAL A 29 19.10 -6.25 -3.12
CA VAL A 29 18.76 -4.94 -3.64
C VAL A 29 20.03 -4.26 -4.15
N THR A 30 19.83 -3.30 -5.07
CA THR A 30 20.96 -2.60 -5.66
C THR A 30 21.56 -1.60 -4.68
N HIS A 31 20.72 -0.87 -3.95
CA HIS A 31 21.18 0.14 -3.01
C HIS A 31 20.36 0.04 -1.73
N SER A 32 21.03 0.26 -0.59
CA SER A 32 20.37 0.16 0.70
C SER A 32 21.14 0.98 1.72
N VAL A 33 20.47 1.26 2.85
CA VAL A 33 21.08 1.95 3.98
C VAL A 33 20.69 1.21 5.25
N ASN A 34 21.46 1.46 6.31
CA ASN A 34 21.23 0.86 7.62
C ASN A 34 20.53 1.86 8.51
N LEU A 35 19.36 1.47 9.04
CA LEU A 35 18.63 2.31 9.99
C LEU A 35 19.02 2.05 11.43
N LEU A 36 19.84 1.04 11.69
CA LEU A 36 20.22 0.64 13.04
C LEU A 36 21.66 1.06 13.31
N GLU A 37 21.87 1.69 14.46
CA GLU A 37 23.21 2.12 14.88
C GLU A 37 23.76 1.09 15.85
N ASP A 38 24.86 0.45 15.47
CA ASP A 38 25.50 -0.56 16.30
C ASP A 38 26.98 -0.25 16.53
N LYS A 39 27.41 0.98 16.26
CA LYS A 39 28.79 1.38 16.36
C LYS A 39 28.95 2.41 17.48
N HIS A 40 29.87 2.12 18.41
CA HIS A 40 30.20 3.05 19.48
C HIS A 40 31.72 3.17 19.58
N ASN A 41 32.17 4.37 19.92
CA ASN A 41 33.61 4.66 19.94
C ASN A 41 34.33 4.01 21.10
N GLY A 42 33.61 3.48 22.09
CA GLY A 42 34.25 2.82 23.21
C GLY A 42 34.94 3.77 24.18
N LYS A 43 34.53 5.03 24.22
CA LYS A 43 35.11 6.02 25.10
C LYS A 43 33.99 6.83 25.75
N LEU A 44 34.28 7.39 26.92
CA LEU A 44 33.33 8.22 27.66
C LEU A 44 33.66 9.68 27.38
N CYS A 45 32.88 10.30 26.49
CA CYS A 45 33.12 11.66 26.03
C CYS A 45 32.32 12.66 26.88
N LYS A 46 32.24 13.92 26.43
CA LYS A 46 31.73 15.03 27.24
C LYS A 46 30.36 15.49 26.73
N LEU A 47 29.30 15.11 27.43
CA LEU A 47 27.97 15.60 27.06
C LEU A 47 27.91 17.11 27.15
N ARG A 48 27.37 17.74 26.11
CA ARG A 48 27.26 19.19 25.99
C ARG A 48 28.63 19.87 26.04
N GLY A 49 29.70 19.15 25.70
CA GLY A 49 31.03 19.69 25.81
C GLY A 49 31.56 19.80 27.23
N VAL A 50 30.90 19.15 28.19
CA VAL A 50 31.26 19.22 29.59
C VAL A 50 31.84 17.88 30.01
N ALA A 51 33.07 17.89 30.51
CA ALA A 51 33.72 16.66 30.92
C ALA A 51 33.00 16.04 32.11
N PRO A 52 32.86 14.72 32.16
CA PRO A 52 32.20 14.08 33.30
C PRO A 52 33.09 14.09 34.54
N LEU A 53 32.49 13.71 35.66
CA LEU A 53 33.20 13.60 36.93
C LEU A 53 33.54 12.14 37.15
N HIS A 54 34.79 11.78 36.88
CA HIS A 54 35.26 10.41 37.08
C HIS A 54 35.76 10.27 38.51
N LEU A 55 35.21 9.30 39.24
CA LEU A 55 35.57 9.11 40.63
C LEU A 55 36.69 8.10 40.82
N GLY A 56 36.83 7.14 39.91
CA GLY A 56 37.91 6.18 39.96
C GLY A 56 37.83 5.23 41.14
N LYS A 57 38.76 5.39 42.09
CA LYS A 57 38.84 4.48 43.23
C LYS A 57 37.63 4.59 44.15
N CYS A 58 36.89 5.68 44.09
CA CYS A 58 35.84 5.96 45.06
C CYS A 58 34.46 5.99 44.40
N ASN A 59 33.44 6.01 45.25
CA ASN A 59 32.06 6.27 44.87
C ASN A 59 31.69 7.67 45.34
N ILE A 60 30.41 8.01 45.16
CA ILE A 60 29.97 9.37 45.45
C ILE A 60 30.05 9.66 46.95
N ALA A 61 29.75 8.67 47.78
CA ALA A 61 29.79 8.89 49.24
C ALA A 61 31.18 9.28 49.70
N GLY A 62 32.21 8.55 49.24
CA GLY A 62 33.56 8.88 49.65
C GLY A 62 34.02 10.23 49.11
N TRP A 63 33.68 10.53 47.86
CA TRP A 63 34.10 11.80 47.27
C TRP A 63 33.47 12.99 47.99
N ILE A 64 32.17 12.92 48.26
CA ILE A 64 31.49 14.06 48.86
C ILE A 64 31.86 14.22 50.34
N LEU A 65 32.05 13.12 51.06
CA LEU A 65 32.43 13.22 52.46
C LEU A 65 33.90 13.58 52.64
N GLY A 66 34.74 13.19 51.69
CA GLY A 66 36.15 13.40 51.80
C GLY A 66 36.95 12.24 52.36
N ASN A 67 36.49 11.00 52.15
CA ASN A 67 37.23 9.80 52.54
C ASN A 67 38.69 9.97 52.14
N PRO A 68 39.64 9.60 53.03
CA PRO A 68 41.06 9.85 52.73
C PRO A 68 41.44 9.48 51.30
N GLU A 69 41.17 8.24 50.88
CA GLU A 69 41.57 7.81 49.54
C GLU A 69 40.98 8.70 48.44
N CYS A 70 39.86 9.36 48.71
CA CYS A 70 39.24 10.24 47.72
C CYS A 70 39.78 11.67 47.87
N GLU A 71 41.10 11.78 47.68
CA GLU A 71 41.82 13.04 47.60
C GLU A 71 41.57 13.65 46.23
N SER A 72 42.50 14.50 45.78
CA SER A 72 42.34 15.11 44.47
C SER A 72 41.90 14.05 43.46
N LEU A 73 40.66 14.19 43.00
CA LEU A 73 40.04 13.31 42.02
C LEU A 73 39.78 14.03 40.72
N SER A 74 39.13 15.19 40.77
CA SER A 74 39.01 16.04 39.60
C SER A 74 39.21 17.49 40.03
N THR A 75 38.84 17.73 41.30
CA THR A 75 38.46 19.06 41.76
C THR A 75 37.36 19.57 40.84
N ALA A 76 37.61 20.54 39.93
CA ALA A 76 36.69 20.77 38.80
C ALA A 76 35.39 21.47 39.18
N SER A 77 34.88 22.34 38.30
CA SER A 77 33.73 23.19 38.61
C SER A 77 32.37 22.67 38.13
N SER A 78 32.33 21.75 37.16
CA SER A 78 31.05 21.27 36.65
C SER A 78 31.25 19.90 36.03
N TRP A 79 30.15 19.18 35.86
CA TRP A 79 30.17 17.89 35.19
C TRP A 79 28.81 17.61 34.56
N SER A 80 28.83 16.90 33.43
CA SER A 80 27.60 16.45 32.78
C SER A 80 27.07 15.16 33.38
N TYR A 81 27.95 14.25 33.79
CA TYR A 81 27.54 13.03 34.47
C TYR A 81 28.67 12.56 35.37
N ILE A 82 28.33 11.68 36.30
CA ILE A 82 29.28 11.12 37.27
C ILE A 82 29.57 9.69 36.86
N VAL A 83 30.86 9.33 36.85
CA VAL A 83 31.29 8.00 36.43
C VAL A 83 31.99 7.32 37.60
N GLU A 84 31.45 6.19 38.03
CA GLU A 84 32.11 5.30 38.98
C GLU A 84 32.63 4.07 38.26
N THR A 85 33.55 3.37 38.92
CA THR A 85 34.02 2.11 38.36
C THR A 85 33.38 0.94 39.08
N PRO A 86 33.23 -0.21 38.41
CA PRO A 86 32.55 -1.35 39.04
C PRO A 86 33.22 -1.79 40.33
N SER A 87 34.52 -1.56 40.48
CA SER A 87 35.22 -1.83 41.73
C SER A 87 35.71 -0.50 42.28
N SER A 88 34.82 0.18 43.02
CA SER A 88 35.12 1.44 43.70
C SER A 88 34.50 1.31 45.09
N ASP A 89 35.26 0.73 46.02
CA ASP A 89 34.77 0.42 47.35
C ASP A 89 35.22 1.42 48.40
N ASN A 90 35.81 2.55 48.00
CA ASN A 90 36.34 3.53 48.94
C ASN A 90 35.31 4.65 49.12
N GLY A 91 34.34 4.39 49.99
CA GLY A 91 33.36 5.37 50.38
C GLY A 91 33.40 5.71 51.84
N THR A 92 32.37 5.31 52.58
CA THR A 92 32.28 5.56 54.02
C THR A 92 33.15 4.56 54.74
N CYS A 93 34.31 5.01 55.22
CA CYS A 93 35.23 4.11 55.91
C CYS A 93 34.69 3.72 57.28
N TYR A 94 34.17 4.67 58.04
CA TYR A 94 33.53 4.32 59.30
C TYR A 94 32.12 3.79 59.03
N PRO A 95 31.78 2.61 59.55
CA PRO A 95 30.48 2.01 59.24
C PRO A 95 29.32 2.87 59.71
N GLY A 96 28.21 2.77 58.99
CA GLY A 96 27.02 3.54 59.32
C GLY A 96 26.02 3.47 58.20
N ASP A 97 25.06 4.40 58.23
CA ASP A 97 24.03 4.51 57.21
C ASP A 97 24.08 5.89 56.59
N PHE A 98 24.13 5.94 55.26
CA PHE A 98 24.01 7.19 54.53
C PHE A 98 22.54 7.42 54.20
N ILE A 99 21.95 8.46 54.76
CA ILE A 99 20.52 8.71 54.66
C ILE A 99 20.23 9.46 53.37
N ASP A 100 19.25 8.98 52.61
CA ASP A 100 18.88 9.53 51.31
C ASP A 100 20.10 9.55 50.37
N TYR A 101 20.88 8.47 50.40
CA TYR A 101 22.09 8.39 49.60
C TYR A 101 21.76 8.39 48.11
N GLU A 102 20.78 7.57 47.70
CA GLU A 102 20.40 7.51 46.30
C GLU A 102 19.83 8.84 45.81
N GLU A 103 19.04 9.50 46.66
CA GLU A 103 18.51 10.81 46.30
C GLU A 103 19.63 11.83 46.14
N LEU A 104 20.62 11.80 47.03
CA LEU A 104 21.74 12.72 46.92
C LEU A 104 22.56 12.46 45.65
N ARG A 105 22.76 11.18 45.31
CA ARG A 105 23.48 10.85 44.09
C ARG A 105 22.78 11.38 42.86
N GLU A 106 21.44 11.24 42.81
CA GLU A 106 20.68 11.79 41.70
C GLU A 106 20.77 13.31 41.68
N GLN A 107 20.75 13.94 42.84
CA GLN A 107 20.82 15.40 42.91
C GLN A 107 22.19 15.92 42.48
N LEU A 108 23.24 15.14 42.65
CA LEU A 108 24.59 15.56 42.34
C LEU A 108 25.04 15.14 40.95
N SER A 109 24.18 14.48 40.17
CA SER A 109 24.61 13.89 38.90
C SER A 109 25.10 14.93 37.91
N SER A 110 24.66 16.19 38.02
CA SER A 110 25.11 17.23 37.10
C SER A 110 24.90 18.59 37.76
N VAL A 111 25.96 19.40 37.78
CA VAL A 111 25.91 20.75 38.32
C VAL A 111 26.54 21.71 37.34
N SER A 112 26.13 22.97 37.42
CA SER A 112 26.71 24.04 36.60
C SER A 112 27.87 24.71 37.32
N SER A 113 27.67 25.10 38.56
CA SER A 113 28.72 25.66 39.41
C SER A 113 28.93 24.73 40.60
N PHE A 114 30.16 24.71 41.10
CA PHE A 114 30.50 23.87 42.25
C PHE A 114 31.70 24.49 42.95
N GLU A 115 31.52 24.87 44.21
CA GLU A 115 32.56 25.55 44.97
C GLU A 115 32.60 24.96 46.37
N ARG A 116 33.73 24.36 46.73
CA ARG A 116 33.95 23.88 48.09
C ARG A 116 34.61 24.97 48.90
N PHE A 117 34.03 25.27 50.07
CA PHE A 117 34.54 26.33 50.93
C PHE A 117 34.47 25.87 52.38
N GLU A 118 35.32 26.46 53.21
CA GLU A 118 35.42 26.10 54.62
C GLU A 118 34.27 26.77 55.36
N ILE A 119 33.17 26.04 55.53
CA ILE A 119 31.99 26.60 56.18
C ILE A 119 32.26 26.86 57.66
N PHE A 120 33.00 25.97 58.30
CA PHE A 120 33.37 26.10 59.72
C PHE A 120 34.87 25.96 59.82
N PRO A 121 35.62 27.06 59.70
CA PRO A 121 37.09 26.99 59.73
C PRO A 121 37.59 26.29 60.98
N LYS A 122 38.42 25.28 60.79
CA LYS A 122 38.95 24.51 61.91
C LYS A 122 39.79 25.38 62.84
N THR A 123 40.44 26.42 62.30
CA THR A 123 41.36 27.21 63.10
C THR A 123 40.65 28.16 64.06
N SER A 124 39.35 28.40 63.87
CA SER A 124 38.63 29.36 64.70
C SER A 124 37.27 28.89 65.20
N SER A 125 36.62 27.93 64.54
CA SER A 125 35.24 27.61 64.86
C SER A 125 35.08 26.77 66.13
N TRP A 126 36.11 26.04 66.55
CA TRP A 126 36.00 25.08 67.64
C TRP A 126 37.13 25.30 68.65
N PRO A 127 37.02 26.35 69.49
CA PRO A 127 38.06 26.58 70.49
C PRO A 127 37.83 25.82 71.79
N ASN A 128 36.57 25.47 72.07
CA ASN A 128 36.22 24.77 73.30
C ASN A 128 36.18 23.26 73.14
N HIS A 129 36.42 22.74 71.95
CA HIS A 129 36.37 21.30 71.69
C HIS A 129 37.64 20.87 70.99
N ASP A 130 37.93 19.57 71.10
CA ASP A 130 39.13 19.00 70.50
C ASP A 130 38.80 18.55 69.08
N SER A 131 39.37 19.23 68.09
CA SER A 131 39.14 18.94 66.69
C SER A 131 40.27 18.15 66.05
N ASN A 132 41.24 17.69 66.84
CA ASN A 132 42.41 16.99 66.32
C ASN A 132 42.44 15.52 66.66
N LYS A 133 42.00 15.12 67.85
CA LYS A 133 42.03 13.71 68.22
C LYS A 133 40.94 12.89 67.55
N GLY A 134 40.03 13.53 66.82
CA GLY A 134 38.95 12.81 66.18
C GLY A 134 39.36 12.04 64.94
N VAL A 135 40.22 11.05 65.11
CA VAL A 135 40.64 10.15 64.05
C VAL A 135 40.29 8.72 64.46
N THR A 136 40.36 7.81 63.49
CA THR A 136 39.97 6.43 63.75
C THR A 136 40.84 5.51 62.90
N ALA A 137 40.91 4.24 63.33
CA ALA A 137 41.65 3.24 62.58
C ALA A 137 40.88 2.77 61.34
N ALA A 138 39.57 2.98 61.31
CA ALA A 138 38.76 2.58 60.17
C ALA A 138 38.97 3.45 58.95
N CYS A 139 39.62 4.61 59.10
CA CYS A 139 39.83 5.56 58.01
C CYS A 139 41.32 5.86 57.89
N PRO A 140 42.11 4.92 57.39
CA PRO A 140 43.55 5.12 57.33
C PRO A 140 43.97 6.08 56.22
N HIS A 141 45.16 6.65 56.39
CA HIS A 141 45.79 7.44 55.35
C HIS A 141 47.29 7.27 55.50
N ALA A 142 47.91 6.56 54.56
CA ALA A 142 49.32 6.18 54.64
C ALA A 142 49.61 5.42 55.93
N GLY A 143 48.68 4.56 56.32
CA GLY A 143 48.79 3.76 57.52
C GLY A 143 48.32 4.44 58.79
N ALA A 144 48.51 5.74 58.90
CA ALA A 144 48.12 6.46 60.11
C ALA A 144 46.61 6.63 60.19
N LYS A 145 46.10 6.70 61.43
CA LYS A 145 44.69 6.95 61.64
C LYS A 145 44.31 8.33 61.15
N SER A 146 43.20 8.42 60.42
CA SER A 146 42.74 9.68 59.85
C SER A 146 41.21 9.69 59.87
N PHE A 147 40.64 10.66 59.17
CA PHE A 147 39.18 10.82 59.14
C PHE A 147 38.82 11.54 57.84
N TYR A 148 37.52 11.78 57.67
CA TYR A 148 37.05 12.48 56.47
C TYR A 148 37.62 13.88 56.42
N LYS A 149 37.99 14.32 55.21
CA LYS A 149 38.58 15.64 55.04
C LYS A 149 37.57 16.75 55.29
N ASN A 150 36.34 16.57 54.82
CA ASN A 150 35.30 17.59 54.90
C ASN A 150 34.55 17.60 56.23
N LEU A 151 34.83 16.64 57.11
CA LEU A 151 34.16 16.55 58.39
C LEU A 151 35.20 16.51 59.51
N ILE A 152 34.79 16.95 60.69
CA ILE A 152 35.64 16.96 61.88
C ILE A 152 34.92 16.19 62.98
N TRP A 153 35.60 15.20 63.55
CA TRP A 153 35.07 14.41 64.65
C TRP A 153 35.43 15.13 65.94
N LEU A 154 34.48 15.89 66.49
CA LEU A 154 34.72 16.63 67.71
C LEU A 154 34.64 15.71 68.92
N VAL A 155 35.64 15.81 69.80
CA VAL A 155 35.69 15.04 71.03
C VAL A 155 35.93 16.00 72.19
N LYS A 156 35.76 15.48 73.40
CA LYS A 156 35.88 16.30 74.59
C LYS A 156 37.30 16.87 74.71
N LYS A 157 37.38 18.14 75.10
CA LYS A 157 38.65 18.80 75.39
C LYS A 157 38.91 18.70 76.88
N GLY A 158 40.00 18.02 77.25
CA GLY A 158 40.20 17.65 78.64
C GLY A 158 39.16 16.63 79.06
N ASN A 159 38.24 17.04 79.93
CA ASN A 159 37.09 16.21 80.29
C ASN A 159 35.84 17.07 80.32
N SER A 160 35.73 18.00 79.39
CA SER A 160 34.59 18.92 79.31
C SER A 160 34.10 19.00 77.88
N TYR A 161 32.79 18.88 77.69
CA TYR A 161 32.15 19.02 76.38
C TYR A 161 31.02 20.03 76.54
N PRO A 162 31.34 21.33 76.47
CA PRO A 162 30.30 22.35 76.62
C PRO A 162 29.31 22.30 75.46
N LYS A 163 28.11 22.84 75.73
CA LYS A 163 27.07 22.86 74.72
C LYS A 163 27.54 23.59 73.47
N LEU A 164 27.30 23.00 72.31
CA LEU A 164 27.81 23.49 71.05
C LEU A 164 26.68 24.18 70.28
N SER A 165 26.96 25.38 69.76
CA SER A 165 25.98 26.11 68.95
C SER A 165 26.74 27.03 68.01
N LYS A 166 26.90 26.59 66.75
CA LYS A 166 27.51 27.39 65.71
C LYS A 166 26.59 27.38 64.50
N SER A 167 26.51 28.52 63.81
CA SER A 167 25.58 28.68 62.70
C SER A 167 26.29 29.30 61.51
N TYR A 168 25.70 29.09 60.33
CA TYR A 168 26.21 29.64 59.08
C TYR A 168 25.07 30.28 58.30
N ILE A 169 25.40 31.34 57.57
CA ILE A 169 24.46 32.05 56.71
C ILE A 169 24.97 31.96 55.28
N ASN A 170 24.10 31.54 54.36
CA ASN A 170 24.50 31.33 52.96
C ASN A 170 24.74 32.65 52.25
N ASP A 171 25.98 33.14 52.28
CA ASP A 171 26.37 34.36 51.58
C ASP A 171 26.92 34.08 50.19
N LYS A 172 26.96 32.82 49.77
CA LYS A 172 27.53 32.48 48.47
C LYS A 172 26.66 32.96 47.32
N GLY A 173 25.34 32.97 47.49
CA GLY A 173 24.42 33.33 46.44
C GLY A 173 23.82 32.15 45.69
N LYS A 174 24.29 30.93 45.96
CA LYS A 174 23.75 29.71 45.39
C LYS A 174 23.35 28.78 46.52
N GLU A 175 22.76 27.64 46.15
CA GLU A 175 22.46 26.61 47.15
C GLU A 175 23.76 26.05 47.71
N VAL A 176 23.77 25.79 49.01
CA VAL A 176 24.92 25.24 49.69
C VAL A 176 24.54 23.87 50.26
N LEU A 177 25.31 22.85 49.90
CA LEU A 177 25.11 21.50 50.43
C LEU A 177 25.90 21.36 51.72
N VAL A 178 25.22 20.98 52.80
CA VAL A 178 25.84 20.81 54.10
C VAL A 178 25.63 19.37 54.55
N LEU A 179 26.72 18.70 54.91
CA LEU A 179 26.69 17.32 55.34
C LEU A 179 27.29 17.20 56.74
N TRP A 180 26.65 16.41 57.59
CA TRP A 180 27.13 16.17 58.95
C TRP A 180 26.92 14.69 59.29
N GLY A 181 27.40 14.29 60.45
CA GLY A 181 27.29 12.90 60.86
C GLY A 181 26.92 12.79 62.32
N ILE A 182 26.26 11.68 62.67
CA ILE A 182 25.86 11.38 64.02
C ILE A 182 26.53 10.08 64.44
N HIS A 183 27.25 10.10 65.55
CA HIS A 183 28.03 8.96 66.02
C HIS A 183 27.24 8.19 67.06
N HIS A 184 27.21 6.86 66.93
CA HIS A 184 26.53 5.97 67.87
C HIS A 184 27.55 5.01 68.45
N PRO A 185 28.09 5.29 69.63
CA PRO A 185 29.18 4.46 70.17
C PRO A 185 28.68 3.10 70.64
N SER A 186 29.63 2.18 70.78
CA SER A 186 29.28 0.81 71.17
C SER A 186 28.85 0.75 72.63
N THR A 187 29.69 1.22 73.54
CA THR A 187 29.44 1.14 74.97
C THR A 187 29.36 2.53 75.57
N SER A 188 28.61 2.64 76.67
CA SER A 188 28.52 3.92 77.39
C SER A 188 29.87 4.33 77.96
N ALA A 189 30.74 3.36 78.27
CA ALA A 189 32.10 3.70 78.64
C ALA A 189 32.83 4.37 77.49
N ASP A 190 32.64 3.88 76.27
CA ASP A 190 33.20 4.53 75.10
C ASP A 190 32.54 5.89 74.86
N GLN A 191 31.25 6.02 75.21
CA GLN A 191 30.57 7.30 75.10
C GLN A 191 31.22 8.35 75.99
N GLN A 192 31.52 7.99 77.24
CA GLN A 192 32.17 8.93 78.14
C GLN A 192 33.64 9.17 77.75
N SER A 193 34.29 8.15 77.18
CA SER A 193 35.67 8.32 76.73
C SER A 193 35.79 9.29 75.57
N LEU A 194 34.70 9.54 74.85
CA LEU A 194 34.71 10.42 73.68
C LEU A 194 34.07 11.77 73.94
N TYR A 195 32.92 11.80 74.63
CA TYR A 195 32.17 13.05 74.80
C TYR A 195 31.86 13.37 76.25
N GLN A 196 32.45 12.63 77.20
CA GLN A 196 32.29 12.87 78.63
C GLN A 196 30.84 12.68 79.05
N ASN A 197 29.94 13.58 78.61
CA ASN A 197 28.54 13.49 78.98
C ASN A 197 27.92 12.22 78.41
N ALA A 198 27.21 11.48 79.26
CA ALA A 198 26.66 10.19 78.88
C ALA A 198 25.26 10.29 78.26
N ASP A 199 24.60 11.44 78.36
CA ASP A 199 23.27 11.62 77.79
C ASP A 199 23.29 12.93 77.00
N THR A 200 23.41 12.81 75.68
CA THR A 200 23.58 13.95 74.80
C THR A 200 22.48 14.00 73.75
N TYR A 201 22.44 15.11 73.01
CA TYR A 201 21.48 15.30 71.94
C TYR A 201 22.13 16.14 70.85
N VAL A 202 21.65 15.97 69.62
CA VAL A 202 22.14 16.74 68.48
C VAL A 202 20.93 17.35 67.76
N PHE A 203 21.00 18.64 67.47
CA PHE A 203 19.94 19.34 66.76
C PHE A 203 20.53 20.09 65.57
N VAL A 204 19.87 19.97 64.43
CA VAL A 204 20.21 20.73 63.22
C VAL A 204 18.99 21.52 62.81
N GLY A 205 19.17 22.81 62.55
CA GLY A 205 18.03 23.66 62.25
C GLY A 205 18.24 24.69 61.17
N GLY A 206 17.37 24.67 60.17
CA GLY A 206 17.32 25.72 59.17
C GLY A 206 15.90 26.27 59.06
N SER A 207 15.73 27.19 58.11
CA SER A 207 14.40 27.72 57.86
C SER A 207 13.44 26.65 57.38
N ARG A 208 13.96 25.65 56.65
CA ARG A 208 13.14 24.54 56.19
C ARG A 208 13.44 23.23 56.91
N TYR A 209 14.61 23.10 57.54
CA TYR A 209 15.04 21.86 58.16
C TYR A 209 14.99 21.99 59.68
N SER A 210 14.41 20.98 60.34
CA SER A 210 14.34 20.96 61.80
C SER A 210 14.22 19.51 62.24
N LYS A 211 15.30 18.96 62.79
CA LYS A 211 15.30 17.59 63.28
C LYS A 211 16.34 17.46 64.38
N LYS A 212 16.04 16.64 65.38
CA LYS A 212 16.90 16.46 66.55
C LYS A 212 17.21 14.99 66.73
N PHE A 213 18.48 14.66 66.88
CA PHE A 213 18.94 13.28 66.98
C PHE A 213 19.32 12.94 68.42
N LYS A 214 19.12 11.67 68.78
CA LYS A 214 19.54 11.13 70.07
C LYS A 214 20.38 9.89 69.81
N PRO A 215 21.61 9.84 70.33
CA PRO A 215 22.48 8.68 70.05
C PRO A 215 21.88 7.38 70.56
N GLU A 216 22.10 6.31 69.81
CA GLU A 216 21.61 4.98 70.16
C GLU A 216 22.85 4.10 70.40
N ILE A 217 23.12 3.83 71.67
CA ILE A 217 24.37 3.20 72.09
C ILE A 217 24.13 1.70 72.29
N ALA A 218 24.84 0.89 71.52
CA ALA A 218 24.81 -0.56 71.66
C ALA A 218 25.97 -1.12 70.86
N ILE A 219 26.33 -2.37 71.14
CA ILE A 219 27.44 -3.03 70.47
C ILE A 219 26.91 -3.74 69.23
N ARG A 220 27.46 -3.37 68.07
CA ARG A 220 27.18 -4.01 66.80
C ARG A 220 28.35 -4.88 66.39
N PRO A 221 28.14 -5.84 65.48
CA PRO A 221 29.25 -6.67 65.02
C PRO A 221 30.37 -5.82 64.42
N LYS A 222 31.61 -6.25 64.67
CA LYS A 222 32.78 -5.49 64.24
C LYS A 222 32.82 -5.36 62.72
N VAL A 223 32.61 -4.15 62.22
CA VAL A 223 32.73 -3.84 60.80
C VAL A 223 33.93 -2.90 60.65
N ARG A 224 34.93 -3.35 59.90
CA ARG A 224 36.21 -2.66 59.78
C ARG A 224 36.79 -2.36 61.17
N ASP A 225 36.74 -3.39 62.02
CA ASP A 225 37.25 -3.31 63.40
C ASP A 225 36.59 -2.17 64.18
N GLN A 226 35.27 -2.07 64.04
CA GLN A 226 34.50 -1.04 64.74
C GLN A 226 33.17 -1.63 65.18
N GLU A 227 32.89 -1.54 66.49
CA GLU A 227 31.60 -1.95 67.04
C GLU A 227 30.59 -0.82 67.07
N GLY A 228 31.01 0.41 66.80
CA GLY A 228 30.11 1.55 66.74
C GLY A 228 29.69 1.86 65.32
N ARG A 229 28.74 2.78 65.21
CA ARG A 229 28.19 3.20 63.92
C ARG A 229 28.18 4.71 63.83
N MET A 230 28.03 5.21 62.61
CA MET A 230 28.04 6.65 62.37
C MET A 230 27.15 6.93 61.15
N ASN A 231 25.93 7.41 61.41
CA ASN A 231 25.03 7.79 60.33
C ASN A 231 25.43 9.13 59.74
N TYR A 232 25.11 9.32 58.46
CA TYR A 232 25.46 10.53 57.73
C TYR A 232 24.19 11.22 57.23
N TYR A 233 24.18 12.55 57.32
CA TYR A 233 23.02 13.35 56.94
C TYR A 233 23.46 14.52 56.08
N TRP A 234 22.53 14.99 55.24
CA TRP A 234 22.81 16.06 54.31
C TRP A 234 21.55 16.88 54.07
N THR A 235 21.74 18.15 53.72
CA THR A 235 20.62 19.02 53.35
C THR A 235 21.17 20.19 52.55
N LEU A 236 20.26 20.89 51.88
CA LEU A 236 20.58 22.05 51.08
C LEU A 236 20.13 23.31 51.80
N VAL A 237 20.94 24.37 51.73
CA VAL A 237 20.66 25.64 52.38
C VAL A 237 20.38 26.68 51.29
N GLU A 238 19.20 27.30 51.36
CA GLU A 238 18.86 28.34 50.42
C GLU A 238 19.74 29.57 50.65
N PRO A 239 20.03 30.33 49.60
CA PRO A 239 20.87 31.52 49.76
C PRO A 239 20.24 32.51 50.73
N GLY A 240 21.07 33.04 51.63
CA GLY A 240 20.61 33.95 52.66
C GLY A 240 19.99 33.30 53.87
N ASP A 241 19.88 31.98 53.89
CA ASP A 241 19.27 31.26 55.00
C ASP A 241 20.33 30.88 56.02
N LYS A 242 19.89 30.70 57.27
CA LYS A 242 20.76 30.31 58.36
C LYS A 242 20.54 28.85 58.71
N ILE A 243 21.63 28.12 58.91
CA ILE A 243 21.59 26.73 59.38
C ILE A 243 22.29 26.67 60.72
N THR A 244 21.63 26.08 61.72
CA THR A 244 22.11 26.06 63.09
C THR A 244 22.42 24.64 63.51
N PHE A 245 23.63 24.44 64.05
CA PHE A 245 24.05 23.16 64.58
C PHE A 245 24.14 23.28 66.11
N GLU A 246 23.40 22.43 66.81
CA GLU A 246 23.39 22.42 68.26
C GLU A 246 23.52 20.99 68.76
N ALA A 247 24.50 20.74 69.63
CA ALA A 247 24.72 19.41 70.16
C ALA A 247 25.56 19.50 71.42
N THR A 248 25.54 18.41 72.19
CA THR A 248 26.41 18.25 73.35
C THR A 248 27.31 17.03 73.21
N GLY A 249 27.48 16.54 71.99
CA GLY A 249 28.30 15.36 71.74
C GLY A 249 27.71 14.55 70.60
N ASN A 250 28.50 13.58 70.14
CA ASN A 250 28.11 12.63 69.10
C ASN A 250 27.85 13.31 67.75
N LEU A 251 28.27 14.56 67.57
CA LEU A 251 28.05 15.29 66.33
C LEU A 251 29.35 15.43 65.57
N VAL A 252 29.34 14.99 64.31
CA VAL A 252 30.49 15.16 63.41
C VAL A 252 30.24 16.46 62.67
N VAL A 253 30.80 17.55 63.20
CA VAL A 253 30.50 18.88 62.68
C VAL A 253 31.07 19.02 61.27
N PRO A 254 30.38 19.73 60.38
CA PRO A 254 30.96 19.98 59.06
C PRO A 254 32.16 20.91 59.13
N ARG A 255 33.10 20.71 58.22
CA ARG A 255 34.20 21.64 58.02
C ARG A 255 34.21 22.28 56.64
N TYR A 256 33.76 21.56 55.61
CA TYR A 256 33.67 22.08 54.26
C TYR A 256 32.27 21.89 53.72
N ALA A 257 31.76 22.90 53.03
CA ALA A 257 30.45 22.86 52.39
C ALA A 257 30.64 22.97 50.87
N PHE A 258 29.52 22.97 50.15
CA PHE A 258 29.55 22.98 48.70
C PHE A 258 28.48 23.94 48.19
N ALA A 259 28.90 25.10 47.69
CA ALA A 259 28.01 26.06 47.06
C ALA A 259 27.91 25.71 45.58
N MET A 260 26.76 25.18 45.17
CA MET A 260 26.60 24.62 43.83
C MET A 260 25.33 25.13 43.19
N GLU A 261 25.27 24.95 41.87
CA GLU A 261 24.09 25.25 41.07
C GLU A 261 23.72 24.00 40.27
N ARG A 262 22.50 23.54 40.43
CA ARG A 262 22.08 22.25 39.88
C ARG A 262 21.60 22.39 38.43
N ASN A 263 21.63 21.26 37.72
CA ASN A 263 21.12 21.11 36.37
C ASN A 263 19.91 20.19 36.39
N ALA A 264 19.42 19.86 35.20
CA ALA A 264 18.37 18.86 35.09
C ALA A 264 18.92 17.48 35.46
N GLY A 265 18.01 16.57 35.81
CA GLY A 265 18.41 15.26 36.27
C GLY A 265 19.21 14.46 35.26
N SER A 266 20.51 14.32 35.52
CA SER A 266 21.39 13.51 34.68
C SER A 266 21.47 12.11 35.27
N GLY A 267 22.42 11.30 34.77
CA GLY A 267 22.60 9.95 35.23
C GLY A 267 24.01 9.70 35.75
N ILE A 268 24.21 8.51 36.29
CA ILE A 268 25.50 8.08 36.82
C ILE A 268 25.87 6.76 36.14
N ILE A 269 27.07 6.71 35.57
CA ILE A 269 27.53 5.55 34.80
C ILE A 269 28.54 4.77 35.63
N ILE A 270 28.35 3.46 35.69
CA ILE A 270 29.25 2.55 36.39
C ILE A 270 29.91 1.69 35.33
N SER A 271 31.13 2.05 34.91
CA SER A 271 31.79 1.34 33.83
C SER A 271 33.29 1.54 33.95
N ASP A 272 34.03 0.58 33.39
CA ASP A 272 35.48 0.66 33.27
C ASP A 272 35.93 1.34 31.98
N THR A 273 35.00 1.82 31.17
CA THR A 273 35.33 2.45 29.91
C THR A 273 36.16 3.72 30.16
N PRO A 274 37.29 3.88 29.48
CA PRO A 274 38.13 5.06 29.74
C PRO A 274 37.46 6.35 29.29
N VAL A 275 37.84 7.44 29.97
CA VAL A 275 37.35 8.77 29.63
C VAL A 275 38.41 9.46 28.78
N HIS A 276 38.04 9.80 27.55
CA HIS A 276 38.92 10.48 26.61
C HIS A 276 38.37 11.88 26.31
N ASP A 277 39.18 12.66 25.60
CA ASP A 277 38.82 14.05 25.29
C ASP A 277 38.12 14.07 23.94
N CYS A 278 36.80 13.87 23.98
CA CYS A 278 35.92 13.87 22.81
C CYS A 278 34.60 14.46 23.26
N ASN A 279 33.85 15.04 22.31
CA ASN A 279 32.64 15.78 22.69
C ASN A 279 31.41 14.88 22.82
N THR A 280 30.91 14.35 21.70
CA THR A 280 29.66 13.56 21.61
C THR A 280 28.42 14.27 22.14
N THR A 281 27.24 13.80 21.72
CA THR A 281 25.96 14.24 22.25
C THR A 281 25.18 13.12 22.92
N CYS A 282 25.67 11.88 22.85
CA CYS A 282 25.03 10.74 23.49
C CYS A 282 26.08 9.90 24.20
N GLN A 283 25.72 9.34 25.34
CA GLN A 283 26.67 8.59 26.15
C GLN A 283 26.02 7.31 26.67
N THR A 284 26.76 6.22 26.61
CA THR A 284 26.37 4.91 27.12
C THR A 284 27.53 4.34 27.93
N PRO A 285 27.26 3.39 28.83
CA PRO A 285 28.36 2.79 29.59
C PRO A 285 29.42 2.14 28.72
N LYS A 286 29.05 1.54 27.59
CA LYS A 286 30.03 0.94 26.70
C LYS A 286 30.85 2.01 25.98
N GLY A 287 30.23 3.12 25.63
CA GLY A 287 30.93 4.19 24.93
C GLY A 287 29.96 5.22 24.42
N ALA A 288 30.53 6.23 23.77
CA ALA A 288 29.73 7.32 23.21
C ALA A 288 29.19 6.94 21.83
N ILE A 289 28.06 7.54 21.48
CA ILE A 289 27.41 7.29 20.20
C ILE A 289 27.34 8.61 19.44
N ASN A 290 27.90 8.64 18.24
CA ASN A 290 27.88 9.80 17.36
C ASN A 290 27.17 9.39 16.08
N THR A 291 25.85 9.63 16.03
CA THR A 291 25.07 9.21 14.87
C THR A 291 23.83 10.09 14.76
N SER A 292 23.20 10.00 13.59
CA SER A 292 21.90 10.61 13.34
C SER A 292 20.83 9.56 13.08
N LEU A 293 21.14 8.28 13.28
CA LEU A 293 20.16 7.23 13.08
C LEU A 293 19.11 7.26 14.19
N PRO A 294 17.89 6.78 13.91
CA PRO A 294 16.82 6.84 14.92
C PRO A 294 16.82 5.68 15.91
N PHE A 295 17.62 4.65 15.69
CA PHE A 295 17.61 3.48 16.57
C PHE A 295 19.04 3.05 16.87
N GLN A 296 19.20 2.37 18.00
CA GLN A 296 20.50 1.83 18.40
C GLN A 296 20.26 0.61 19.29
N ASN A 297 21.27 -0.27 19.32
CA ASN A 297 21.22 -1.47 20.14
C ASN A 297 22.41 -1.60 21.06
N ILE A 298 23.21 -0.54 21.22
CA ILE A 298 24.43 -0.64 22.01
C ILE A 298 24.12 -0.83 23.49
N HIS A 299 23.26 0.01 24.04
CA HIS A 299 22.97 -0.07 25.47
C HIS A 299 21.65 0.63 25.81
N PRO A 300 20.75 -0.02 26.54
CA PRO A 300 19.49 0.64 26.91
C PRO A 300 19.68 1.85 27.81
N ILE A 301 20.70 1.86 28.65
CA ILE A 301 20.89 2.93 29.64
C ILE A 301 21.72 4.03 28.95
N THR A 302 21.03 4.95 28.30
CA THR A 302 21.66 6.08 27.65
C THR A 302 21.47 7.36 28.46
N ILE A 303 22.34 8.32 28.22
CA ILE A 303 22.26 9.64 28.87
C ILE A 303 22.37 10.70 27.79
N GLY A 304 21.37 11.57 27.72
CA GLY A 304 21.31 12.62 26.71
C GLY A 304 20.37 12.26 25.58
N LYS A 305 20.36 13.13 24.57
CA LYS A 305 19.56 12.92 23.37
C LYS A 305 20.15 11.75 22.60
N CYS A 306 19.49 10.60 22.68
CA CYS A 306 20.02 9.36 22.12
C CYS A 306 18.95 8.64 21.31
N PRO A 307 19.37 7.83 20.33
CA PRO A 307 18.40 7.01 19.60
C PRO A 307 17.74 5.99 20.53
N LYS A 308 16.50 5.63 20.19
CA LYS A 308 15.76 4.66 21.00
C LYS A 308 16.43 3.30 20.94
N TYR A 309 16.49 2.64 22.09
CA TYR A 309 17.11 1.32 22.17
C TYR A 309 16.17 0.26 21.63
N VAL A 310 16.71 -0.64 20.80
CA VAL A 310 15.94 -1.72 20.20
C VAL A 310 16.70 -3.02 20.32
N LYS A 311 15.94 -4.13 20.35
CA LYS A 311 16.54 -5.46 20.30
C LYS A 311 17.04 -5.82 18.91
N SER A 312 16.79 -4.98 17.92
CA SER A 312 17.11 -5.32 16.53
C SER A 312 18.60 -5.56 16.36
N THR A 313 18.93 -6.50 15.48
CA THR A 313 20.32 -6.78 15.12
C THR A 313 20.71 -6.18 13.78
N LYS A 314 19.74 -5.91 12.91
CA LYS A 314 20.02 -5.35 11.58
C LYS A 314 18.76 -4.72 11.04
N LEU A 315 18.78 -3.42 10.82
CA LEU A 315 17.66 -2.69 10.21
C LEU A 315 18.16 -2.14 8.88
N ARG A 316 18.06 -2.97 7.83
CA ARG A 316 18.53 -2.62 6.50
C ARG A 316 17.36 -2.09 5.70
N LEU A 317 17.36 -0.78 5.44
CA LEU A 317 16.29 -0.12 4.70
C LEU A 317 16.70 0.00 3.23
N ALA A 318 15.93 -0.62 2.35
CA ALA A 318 16.25 -0.60 0.93
C ALA A 318 15.96 0.76 0.32
N THR A 319 16.87 1.21 -0.54
CA THR A 319 16.68 2.43 -1.31
C THR A 319 16.70 2.21 -2.81
N GLY A 320 17.31 1.13 -3.29
CA GLY A 320 17.43 0.86 -4.70
C GLY A 320 16.41 -0.16 -5.19
N LEU A 321 16.74 -0.78 -6.32
CA LEU A 321 15.85 -1.72 -6.99
C LEU A 321 16.16 -3.15 -6.56
N ARG A 322 15.35 -4.09 -7.04
CA ARG A 322 15.63 -5.50 -6.84
C ARG A 322 16.72 -5.92 -7.82
N ASN A 323 17.87 -6.33 -7.30
CA ASN A 323 19.04 -6.62 -8.12
C ASN A 323 18.85 -7.97 -8.80
N ILE A 324 18.67 -7.94 -10.12
CA ILE A 324 18.52 -9.17 -10.91
C ILE A 324 19.52 -9.10 -12.06
N PRO A 325 20.80 -9.41 -11.81
CA PRO A 325 21.80 -9.25 -12.88
C PRO A 325 21.72 -10.33 -13.95
N SER A 326 21.28 -11.53 -13.61
CA SER A 326 21.21 -12.63 -14.56
C SER A 326 19.88 -13.35 -14.42
N ILE A 327 19.46 -14.01 -15.50
CA ILE A 327 18.24 -14.80 -15.53
C ILE A 327 18.61 -16.24 -15.83
N GLN A 328 18.19 -17.15 -14.97
CA GLN A 328 18.52 -18.57 -15.14
C GLN A 328 17.74 -19.18 -16.30
N GLY B 1 6.91 -7.46 -9.15
CA GLY B 1 6.28 -7.21 -7.86
C GLY B 1 4.79 -6.97 -7.95
N LEU B 2 4.34 -5.83 -7.41
CA LEU B 2 2.93 -5.50 -7.43
C LEU B 2 2.45 -5.01 -8.78
N PHE B 3 3.36 -4.56 -9.65
CA PHE B 3 2.99 -4.07 -10.97
C PHE B 3 3.45 -4.97 -12.10
N GLY B 4 4.27 -5.97 -11.83
CA GLY B 4 4.65 -6.92 -12.86
C GLY B 4 5.65 -6.40 -13.88
N ALA B 5 6.31 -5.28 -13.60
CA ALA B 5 7.31 -4.75 -14.51
C ALA B 5 8.71 -5.26 -14.15
N ILE B 6 9.15 -4.98 -12.92
CA ILE B 6 10.42 -5.49 -12.44
C ILE B 6 10.25 -6.95 -12.06
N ALA B 7 11.10 -7.81 -12.61
CA ALA B 7 11.01 -9.27 -12.48
C ALA B 7 9.69 -9.80 -13.02
N GLY B 8 9.00 -9.02 -13.85
CA GLY B 8 7.75 -9.44 -14.45
C GLY B 8 7.89 -9.65 -15.95
N PHE B 9 7.21 -8.82 -16.75
CA PHE B 9 7.39 -8.95 -18.19
C PHE B 9 8.76 -8.47 -18.64
N ILE B 10 9.50 -7.76 -17.80
CA ILE B 10 10.92 -7.50 -18.00
C ILE B 10 11.65 -8.38 -17.00
N GLU B 11 12.22 -9.49 -17.49
CA GLU B 11 12.70 -10.54 -16.59
C GLU B 11 13.86 -10.09 -15.73
N GLY B 12 14.84 -9.39 -16.32
CA GLY B 12 16.07 -9.07 -15.62
C GLY B 12 16.45 -7.60 -15.78
N GLY B 13 17.46 -7.21 -15.00
CA GLY B 13 18.00 -5.87 -15.05
C GLY B 13 19.18 -5.75 -15.99
N TRP B 14 19.58 -4.51 -16.24
CA TRP B 14 20.67 -4.20 -17.16
C TRP B 14 21.90 -3.81 -16.34
N THR B 15 22.85 -4.74 -16.21
CA THR B 15 24.10 -4.42 -15.55
C THR B 15 24.95 -3.47 -16.38
N GLY B 16 24.69 -3.37 -17.69
CA GLY B 16 25.42 -2.48 -18.56
C GLY B 16 24.98 -1.03 -18.52
N MET B 17 23.86 -0.73 -17.87
CA MET B 17 23.39 0.63 -17.68
C MET B 17 23.79 1.08 -16.29
N VAL B 18 24.60 2.14 -16.22
CA VAL B 18 25.21 2.57 -14.96
C VAL B 18 24.88 4.00 -14.60
N ASP B 19 24.32 4.80 -15.50
CA ASP B 19 24.10 6.21 -15.24
C ASP B 19 22.78 6.50 -14.53
N GLY B 20 21.94 5.49 -14.30
CA GLY B 20 20.68 5.75 -13.63
C GLY B 20 19.98 4.45 -13.26
N TRP B 21 18.80 4.62 -12.66
CA TRP B 21 18.03 3.47 -12.18
C TRP B 21 17.19 2.86 -13.31
N TYR B 22 16.42 3.68 -14.02
CA TYR B 22 15.59 3.23 -15.13
C TYR B 22 16.06 3.92 -16.40
N GLY B 23 16.00 3.20 -17.52
CA GLY B 23 16.48 3.78 -18.75
C GLY B 23 16.12 2.97 -19.98
N TYR B 24 16.84 3.24 -21.06
CA TYR B 24 16.54 2.74 -22.38
C TYR B 24 17.71 1.95 -22.96
N HIS B 25 17.39 1.10 -23.93
CA HIS B 25 18.39 0.44 -24.77
C HIS B 25 17.90 0.52 -26.21
N HIS B 26 18.70 1.12 -27.07
CA HIS B 26 18.34 1.32 -28.47
C HIS B 26 19.31 0.55 -29.37
N GLN B 27 18.89 0.35 -30.62
CA GLN B 27 19.74 -0.27 -31.61
C GLN B 27 19.30 0.17 -32.99
N ASN B 28 20.25 0.65 -33.80
CA ASN B 28 19.99 1.06 -35.17
C ASN B 28 21.25 0.84 -35.99
N GLU B 29 21.28 1.41 -37.19
CA GLU B 29 22.47 1.27 -38.04
C GLU B 29 23.67 2.00 -37.44
N GLN B 30 23.43 3.04 -36.64
CA GLN B 30 24.50 3.86 -36.08
C GLN B 30 25.09 3.27 -34.81
N GLY B 31 24.58 2.14 -34.32
CA GLY B 31 25.12 1.47 -33.17
C GLY B 31 24.05 1.15 -32.16
N SER B 32 24.47 1.00 -30.91
CA SER B 32 23.56 0.70 -29.81
C SER B 32 24.19 1.22 -28.52
N GLY B 33 23.47 1.04 -27.42
CA GLY B 33 23.99 1.42 -26.13
C GLY B 33 22.90 1.49 -25.08
N TYR B 34 23.34 1.77 -23.86
CA TYR B 34 22.46 1.90 -22.71
C TYR B 34 22.41 3.35 -22.26
N ALA B 35 21.21 3.87 -22.03
CA ALA B 35 21.03 5.22 -21.54
C ALA B 35 19.88 5.23 -20.54
N ALA B 36 20.04 5.99 -19.46
CA ALA B 36 19.05 6.05 -18.40
C ALA B 36 18.20 7.31 -18.55
N ASP B 37 16.88 7.15 -18.45
CA ASP B 37 15.98 8.29 -18.50
C ASP B 37 16.23 9.19 -17.31
N LEU B 38 16.58 10.45 -17.59
CA LEU B 38 17.07 11.33 -16.53
C LEU B 38 15.95 11.77 -15.58
N LYS B 39 14.79 12.13 -16.12
CA LYS B 39 13.73 12.68 -15.27
C LYS B 39 13.17 11.63 -14.32
N SER B 40 12.83 10.45 -14.85
CA SER B 40 12.22 9.42 -14.01
C SER B 40 13.20 8.92 -12.95
N THR B 41 14.47 8.75 -13.31
CA THR B 41 15.46 8.32 -12.33
C THR B 41 15.62 9.36 -11.21
N GLN B 42 15.67 10.64 -11.57
CA GLN B 42 15.77 11.69 -10.56
C GLN B 42 14.51 11.78 -9.71
N ASN B 43 13.34 11.51 -10.30
CA ASN B 43 12.10 11.50 -9.52
C ASN B 43 12.14 10.45 -8.43
N ALA B 44 12.61 9.24 -8.76
CA ALA B 44 12.75 8.21 -7.74
C ALA B 44 13.84 8.57 -6.73
N ILE B 45 14.93 9.18 -7.20
CA ILE B 45 16.03 9.55 -6.30
C ILE B 45 15.56 10.58 -5.28
N ASP B 46 14.85 11.60 -5.73
CA ASP B 46 14.34 12.62 -4.82
C ASP B 46 13.31 12.03 -3.86
N GLY B 47 12.42 11.18 -4.38
CA GLY B 47 11.41 10.57 -3.52
C GLY B 47 12.01 9.63 -2.48
N ILE B 48 12.96 8.80 -2.90
CA ILE B 48 13.61 7.88 -1.97
C ILE B 48 14.42 8.64 -0.94
N THR B 49 15.08 9.73 -1.35
CA THR B 49 15.80 10.56 -0.40
C THR B 49 14.85 11.14 0.65
N ASN B 50 13.68 11.61 0.22
CA ASN B 50 12.68 12.07 1.17
C ASN B 50 12.16 10.91 2.03
N LYS B 51 12.12 9.71 1.47
CA LYS B 51 11.66 8.55 2.23
C LYS B 51 12.57 8.25 3.41
N VAL B 52 13.89 8.28 3.19
CA VAL B 52 14.83 8.01 4.27
C VAL B 52 14.78 9.13 5.31
N ASN B 53 14.78 10.39 4.84
CA ASN B 53 14.80 11.51 5.77
C ASN B 53 13.52 11.59 6.58
N SER B 54 12.38 11.20 6.00
CA SER B 54 11.13 11.21 6.75
C SER B 54 11.17 10.26 7.94
N VAL B 55 11.75 9.08 7.75
CA VAL B 55 11.85 8.12 8.85
C VAL B 55 12.79 8.63 9.94
N ILE B 56 13.87 9.29 9.55
CA ILE B 56 14.89 9.70 10.50
C ILE B 56 14.52 11.01 11.18
N GLU B 57 14.15 12.02 10.41
CA GLU B 57 13.93 13.35 10.97
C GLU B 57 12.63 13.45 11.77
N LYS B 58 11.68 12.53 11.57
CA LYS B 58 10.49 12.52 12.42
C LYS B 58 10.78 12.01 13.82
N MET B 59 11.97 11.45 14.06
CA MET B 59 12.38 11.05 15.40
C MET B 59 13.03 12.25 16.09
N ASN B 60 12.41 12.72 17.16
CA ASN B 60 12.92 13.87 17.92
C ASN B 60 12.85 13.51 19.40
N THR B 61 14.01 13.27 20.00
CA THR B 61 14.09 12.89 21.40
C THR B 61 14.83 13.96 22.18
N GLN B 62 14.42 14.15 23.44
CA GLN B 62 15.02 15.15 24.31
C GLN B 62 16.09 14.50 25.19
N PHE B 63 16.78 15.35 25.95
CA PHE B 63 17.74 14.86 26.93
C PHE B 63 17.05 13.96 27.94
N THR B 64 17.60 12.77 28.15
CA THR B 64 17.01 11.81 29.06
C THR B 64 18.09 10.92 29.64
N ALA B 65 18.09 10.76 30.96
CA ALA B 65 19.00 9.85 31.64
C ALA B 65 18.17 8.65 32.12
N VAL B 66 18.45 7.48 31.54
CA VAL B 66 17.67 6.30 31.88
C VAL B 66 18.10 5.71 33.22
N GLY B 67 19.35 5.92 33.62
CA GLY B 67 19.87 5.35 34.84
C GLY B 67 19.12 5.77 36.10
N LYS B 68 18.69 4.77 36.88
CA LYS B 68 17.99 5.00 38.14
C LYS B 68 18.57 4.09 39.21
N GLU B 69 18.75 4.64 40.41
CA GLU B 69 19.37 3.92 41.52
C GLU B 69 18.37 3.78 42.66
N PHE B 70 18.24 2.57 43.18
CA PHE B 70 17.34 2.27 44.28
C PHE B 70 18.06 1.41 45.31
N ASN B 71 17.58 1.48 46.55
CA ASN B 71 18.17 0.74 47.65
C ASN B 71 17.44 -0.58 47.87
N HIS B 72 17.80 -1.29 48.94
CA HIS B 72 17.23 -2.61 49.22
C HIS B 72 15.75 -2.56 49.57
N LEU B 73 15.25 -1.41 50.02
CA LEU B 73 13.85 -1.25 50.38
C LEU B 73 13.03 -0.55 49.29
N GLU B 74 13.57 -0.41 48.09
CA GLU B 74 12.88 0.21 46.97
C GLU B 74 12.75 -0.74 45.79
N LYS B 75 12.61 -2.04 46.09
CA LYS B 75 12.51 -3.05 45.03
C LYS B 75 11.23 -2.86 44.22
N ARG B 76 10.13 -2.48 44.87
CA ARG B 76 8.85 -2.34 44.18
C ARG B 76 8.93 -1.27 43.09
N ILE B 77 9.44 -0.10 43.43
CA ILE B 77 9.59 0.94 42.42
C ILE B 77 10.75 0.65 41.48
N GLU B 78 11.71 -0.17 41.90
CA GLU B 78 12.76 -0.61 41.00
C GLU B 78 12.20 -1.49 39.90
N ASN B 79 11.31 -2.42 40.25
CA ASN B 79 10.68 -3.26 39.24
C ASN B 79 9.79 -2.44 38.31
N LEU B 80 9.13 -1.42 38.86
CA LEU B 80 8.35 -0.52 38.02
C LEU B 80 9.23 0.20 37.01
N ASN B 81 10.43 0.60 37.43
CA ASN B 81 11.37 1.24 36.51
C ASN B 81 11.75 0.30 35.37
N LYS B 82 11.99 -0.97 35.68
CA LYS B 82 12.28 -1.94 34.62
C LYS B 82 11.07 -2.15 33.72
N LYS B 83 9.86 -2.15 34.29
CA LYS B 83 8.66 -2.30 33.49
C LYS B 83 8.54 -1.16 32.48
N VAL B 84 8.94 0.06 32.88
CA VAL B 84 8.95 1.18 31.95
C VAL B 84 9.99 0.96 30.85
N ASP B 85 11.21 0.58 31.26
CA ASP B 85 12.29 0.42 30.28
C ASP B 85 12.05 -0.78 29.37
N ASP B 86 11.60 -1.90 29.94
CA ASP B 86 11.27 -3.06 29.12
C ASP B 86 10.11 -2.77 28.19
N GLY B 87 9.11 -2.03 28.67
CA GLY B 87 7.99 -1.67 27.82
C GLY B 87 8.39 -0.76 26.67
N PHE B 88 9.24 0.23 26.94
CA PHE B 88 9.71 1.11 25.88
C PHE B 88 10.52 0.34 24.84
N LEU B 89 11.39 -0.57 25.31
CA LEU B 89 12.18 -1.38 24.38
C LEU B 89 11.28 -2.26 23.52
N ASP B 90 10.26 -2.89 24.14
CA ASP B 90 9.38 -3.77 23.37
C ASP B 90 8.61 -3.01 22.31
N ILE B 91 8.12 -1.80 22.65
CA ILE B 91 7.37 -1.02 21.68
C ILE B 91 8.26 -0.57 20.54
N TRP B 92 9.44 -0.02 20.85
CA TRP B 92 10.31 0.51 19.80
C TRP B 92 10.87 -0.60 18.93
N THR B 93 11.22 -1.74 19.51
CA THR B 93 11.71 -2.86 18.71
C THR B 93 10.64 -3.33 17.73
N TYR B 94 9.40 -3.47 18.20
CA TYR B 94 8.32 -3.93 17.34
C TYR B 94 8.03 -2.93 16.22
N ASN B 95 8.00 -1.64 16.55
CA ASN B 95 7.71 -0.63 15.54
C ASN B 95 8.85 -0.51 14.52
N ALA B 96 10.10 -0.49 15.01
CA ALA B 96 11.24 -0.32 14.11
C ALA B 96 11.35 -1.49 13.14
N GLU B 97 11.18 -2.72 13.62
CA GLU B 97 11.29 -3.88 12.75
C GLU B 97 10.20 -3.89 11.69
N LEU B 98 8.95 -3.63 12.09
CA LEU B 98 7.85 -3.67 11.14
C LEU B 98 7.88 -2.47 10.20
N LEU B 99 8.42 -1.34 10.65
CA LEU B 99 8.52 -0.17 9.78
C LEU B 99 9.40 -0.46 8.57
N VAL B 100 10.55 -1.09 8.80
CA VAL B 100 11.43 -1.46 7.69
C VAL B 100 10.80 -2.57 6.86
N LEU B 101 10.14 -3.52 7.51
CA LEU B 101 9.43 -4.58 6.78
C LEU B 101 8.34 -4.03 5.88
N LEU B 102 7.80 -2.84 6.19
CA LEU B 102 6.72 -2.26 5.41
C LEU B 102 7.24 -1.34 4.31
N GLU B 103 8.07 -0.36 4.68
CA GLU B 103 8.53 0.62 3.70
C GLU B 103 9.48 0.01 2.66
N ASN B 104 10.16 -1.09 2.99
CA ASN B 104 10.94 -1.78 1.97
C ASN B 104 10.03 -2.38 0.90
N GLU B 105 8.91 -2.96 1.31
CA GLU B 105 7.94 -3.45 0.33
C GLU B 105 7.38 -2.30 -0.50
N ARG B 106 7.10 -1.17 0.15
CA ARG B 106 6.68 0.01 -0.60
C ARG B 106 7.77 0.50 -1.55
N THR B 107 9.03 0.48 -1.08
CA THR B 107 10.12 0.96 -1.91
C THR B 107 10.27 0.12 -3.18
N LEU B 108 10.20 -1.20 -3.04
CA LEU B 108 10.33 -2.07 -4.21
C LEU B 108 9.17 -1.88 -5.18
N ASP B 109 7.94 -1.74 -4.65
CA ASP B 109 6.79 -1.51 -5.51
C ASP B 109 6.85 -0.12 -6.15
N TYR B 110 7.49 0.84 -5.49
CA TYR B 110 7.67 2.16 -6.08
C TYR B 110 8.53 2.09 -7.34
N HIS B 111 9.63 1.33 -7.28
CA HIS B 111 10.45 1.12 -8.46
C HIS B 111 9.69 0.34 -9.53
N ASP B 112 8.89 -0.64 -9.11
CA ASP B 112 8.11 -1.43 -10.05
C ASP B 112 7.12 -0.56 -10.82
N SER B 113 6.47 0.38 -10.14
CA SER B 113 5.56 1.30 -10.80
C SER B 113 6.29 2.20 -11.79
N ASN B 114 7.47 2.69 -11.40
CA ASN B 114 8.21 3.62 -12.27
C ASN B 114 8.61 2.97 -13.58
N VAL B 115 9.06 1.71 -13.53
CA VAL B 115 9.40 0.99 -14.75
C VAL B 115 8.16 0.81 -15.62
N LYS B 116 7.03 0.45 -15.00
CA LYS B 116 5.79 0.26 -15.75
C LYS B 116 5.38 1.55 -16.46
N ASN B 117 5.42 2.67 -15.75
CA ASN B 117 5.01 3.93 -16.34
C ASN B 117 5.89 4.31 -17.52
N LEU B 118 7.20 4.12 -17.39
CA LEU B 118 8.12 4.47 -18.48
C LEU B 118 7.80 3.68 -19.74
N TYR B 119 7.48 2.38 -19.59
CA TYR B 119 7.04 1.60 -20.73
C TYR B 119 5.73 2.13 -21.31
N GLU B 120 4.79 2.51 -20.46
CA GLU B 120 3.52 3.05 -20.94
C GLU B 120 3.71 4.38 -21.65
N LYS B 121 4.61 5.22 -21.13
CA LYS B 121 4.87 6.52 -21.75
C LYS B 121 5.33 6.35 -23.19
N VAL B 122 6.29 5.45 -23.41
CA VAL B 122 6.78 5.20 -24.77
C VAL B 122 5.72 4.49 -25.59
N ARG B 123 5.01 3.53 -24.98
CA ARG B 123 3.98 2.80 -25.71
C ARG B 123 2.87 3.73 -26.18
N SER B 124 2.37 4.59 -25.30
CA SER B 124 1.42 5.61 -25.72
C SER B 124 2.13 6.89 -26.15
N GLN B 125 3.19 6.69 -26.93
CA GLN B 125 3.81 7.75 -27.73
C GLN B 125 4.15 7.31 -29.14
N LEU B 126 4.36 6.01 -29.38
CA LEU B 126 4.63 5.48 -30.70
C LEU B 126 3.38 4.87 -31.35
N LYS B 127 2.50 4.28 -30.53
CA LYS B 127 1.21 3.74 -30.97
C LYS B 127 1.49 2.63 -31.98
N ASN B 128 0.94 2.69 -33.19
CA ASN B 128 1.14 1.62 -34.16
C ASN B 128 2.38 1.80 -35.02
N ASN B 129 3.19 2.83 -34.77
CA ASN B 129 4.45 2.99 -35.47
C ASN B 129 5.52 2.03 -34.99
N ALA B 130 5.27 1.30 -33.91
CA ALA B 130 6.21 0.31 -33.39
C ALA B 130 5.43 -0.92 -32.93
N LYS B 131 6.13 -2.04 -32.85
CA LYS B 131 5.54 -3.32 -32.49
C LYS B 131 6.07 -3.76 -31.13
N GLU B 132 5.17 -4.15 -30.24
CA GLU B 132 5.55 -4.61 -28.91
C GLU B 132 6.04 -6.06 -29.01
N ILE B 133 7.34 -6.20 -29.26
CA ILE B 133 7.94 -7.53 -29.36
C ILE B 133 7.98 -8.23 -28.02
N GLY B 134 7.87 -7.49 -26.91
CA GLY B 134 7.84 -8.06 -25.59
C GLY B 134 9.12 -7.76 -24.82
N ASN B 135 9.10 -8.18 -23.55
CA ASN B 135 10.22 -7.97 -22.63
C ASN B 135 10.59 -6.49 -22.52
N GLY B 136 9.57 -5.63 -22.53
CA GLY B 136 9.80 -4.19 -22.45
C GLY B 136 10.56 -3.63 -23.62
N CYS B 137 10.37 -4.17 -24.82
CA CYS B 137 11.06 -3.73 -26.02
C CYS B 137 10.07 -3.37 -27.11
N PHE B 138 10.46 -2.42 -27.95
CA PHE B 138 9.69 -2.01 -29.10
C PHE B 138 10.53 -2.17 -30.36
N GLU B 139 9.90 -2.70 -31.41
CA GLU B 139 10.53 -2.76 -32.73
C GLU B 139 9.81 -1.79 -33.65
N PHE B 140 10.57 -0.89 -34.27
CA PHE B 140 9.99 0.19 -35.07
C PHE B 140 9.59 -0.31 -36.45
N TYR B 141 8.39 0.08 -36.88
CA TYR B 141 7.97 -0.21 -38.25
C TYR B 141 8.70 0.68 -39.25
N HIS B 142 9.12 1.86 -38.83
CA HIS B 142 9.96 2.73 -39.64
C HIS B 142 11.40 2.63 -39.14
N LYS B 143 12.28 3.47 -39.69
CA LYS B 143 13.68 3.49 -39.29
C LYS B 143 13.89 4.66 -38.34
N CYS B 144 14.20 4.34 -37.08
CA CYS B 144 14.39 5.34 -36.03
C CYS B 144 15.89 5.57 -35.86
N ASP B 145 16.37 6.70 -36.36
CA ASP B 145 17.80 7.02 -36.30
C ASP B 145 18.13 7.64 -34.94
N ASN B 146 19.35 8.17 -34.81
CA ASN B 146 19.78 8.78 -33.56
C ASN B 146 18.92 9.99 -33.20
N THR B 147 18.57 10.82 -34.19
CA THR B 147 17.67 11.93 -33.94
C THR B 147 16.29 11.43 -33.50
N CYS B 148 15.79 10.38 -34.16
CA CYS B 148 14.50 9.82 -33.76
C CYS B 148 14.56 9.22 -32.37
N MET B 149 15.65 8.51 -32.05
CA MET B 149 15.77 7.88 -30.73
C MET B 149 15.80 8.94 -29.63
N GLU B 150 16.54 10.03 -29.84
CA GLU B 150 16.60 11.08 -28.83
C GLU B 150 15.25 11.73 -28.63
N SER B 151 14.43 11.81 -29.68
CA SER B 151 13.09 12.37 -29.54
C SER B 151 12.25 11.52 -28.61
N VAL B 152 12.35 10.20 -28.72
CA VAL B 152 11.61 9.30 -27.84
C VAL B 152 12.07 9.48 -26.40
N LYS B 153 13.40 9.54 -26.19
CA LYS B 153 13.93 9.74 -24.84
C LYS B 153 13.63 11.13 -24.30
N ASN B 154 13.42 12.11 -25.17
CA ASN B 154 13.04 13.45 -24.77
C ASN B 154 11.53 13.64 -24.70
N GLY B 155 10.76 12.61 -25.04
CA GLY B 155 9.31 12.70 -25.00
C GLY B 155 8.71 13.55 -26.09
N THR B 156 9.44 13.76 -27.19
CA THR B 156 9.00 14.60 -28.30
C THR B 156 9.04 13.82 -29.62
N TYR B 157 8.52 12.60 -29.60
CA TYR B 157 8.48 11.77 -30.79
C TYR B 157 7.39 12.26 -31.73
N ASP B 158 7.74 12.48 -32.99
CA ASP B 158 6.81 13.00 -33.99
C ASP B 158 6.13 11.83 -34.67
N TYR B 159 4.98 11.44 -34.15
CA TYR B 159 4.24 10.30 -34.70
C TYR B 159 3.80 10.53 -36.14
N PRO B 160 3.14 11.64 -36.51
CA PRO B 160 2.73 11.80 -37.91
C PRO B 160 3.90 11.86 -38.89
N LYS B 161 5.08 12.26 -38.44
CA LYS B 161 6.23 12.32 -39.35
C LYS B 161 6.59 10.94 -39.88
N TYR B 162 6.60 9.93 -39.01
CA TYR B 162 6.96 8.58 -39.40
C TYR B 162 5.76 7.67 -39.62
N SER B 163 4.54 8.18 -39.43
CA SER B 163 3.36 7.33 -39.53
C SER B 163 3.16 6.80 -40.93
N GLU B 164 3.38 7.64 -41.95
CA GLU B 164 3.20 7.21 -43.33
C GLU B 164 4.17 6.09 -43.69
N GLU B 165 5.43 6.21 -43.26
CA GLU B 165 6.39 5.14 -43.49
C GLU B 165 5.98 3.87 -42.76
N ALA B 166 5.49 4.01 -41.53
CA ALA B 166 5.00 2.85 -40.78
C ALA B 166 3.76 2.26 -41.42
N LYS B 167 2.93 3.09 -42.06
CA LYS B 167 1.74 2.57 -42.73
C LYS B 167 2.09 1.60 -43.84
N LEU B 168 3.09 1.94 -44.65
CA LEU B 168 3.46 1.06 -45.76
C LEU B 168 4.19 -0.19 -45.27
N ASN B 169 5.12 -0.03 -44.32
CA ASN B 169 5.87 -1.17 -43.82
C ASN B 169 4.97 -2.17 -43.11
N ARG B 170 4.02 -1.66 -42.31
CA ARG B 170 3.12 -2.55 -41.59
C ARG B 170 2.25 -3.35 -42.54
N GLU B 171 1.70 -2.71 -43.56
CA GLU B 171 0.81 -3.40 -44.48
C GLU B 171 1.55 -4.48 -45.27
N GLU B 172 2.76 -4.18 -45.74
CA GLU B 172 3.52 -5.16 -46.51
C GLU B 172 3.93 -6.35 -45.65
N ILE B 173 4.35 -6.08 -44.41
CA ILE B 173 4.74 -7.17 -43.51
C ILE B 173 3.52 -8.00 -43.11
N ASP B 174 2.40 -7.34 -42.81
CA ASP B 174 1.18 -8.04 -42.40
C ASP B 174 0.40 -8.61 -43.58
N SER B 175 1.01 -8.72 -44.76
CA SER B 175 0.34 -9.27 -45.93
C SER B 175 -0.15 -10.70 -45.68
N ASP C 1 -14.18 10.36 -38.93
CA ASP C 1 -15.22 10.08 -37.94
C ASP C 1 -16.09 11.32 -37.70
N PRO C 2 -17.38 11.11 -37.44
CA PRO C 2 -18.24 12.23 -37.03
C PRO C 2 -17.90 12.67 -35.62
N GLY C 3 -16.84 13.45 -35.50
CA GLY C 3 -16.17 13.70 -34.24
C GLY C 3 -17.01 13.99 -33.02
N ASP C 4 -17.00 13.05 -32.07
CA ASP C 4 -17.60 13.22 -30.76
C ASP C 4 -16.55 12.88 -29.71
N THR C 5 -16.62 13.57 -28.58
CA THR C 5 -15.58 13.50 -27.57
C THR C 5 -16.14 13.02 -26.24
N LEU C 6 -15.41 12.12 -25.59
CA LEU C 6 -15.65 11.76 -24.19
C LEU C 6 -14.29 11.62 -23.51
N CYS C 7 -14.07 12.41 -22.47
CA CYS C 7 -12.82 12.41 -21.74
C CYS C 7 -13.05 11.93 -20.31
N ILE C 8 -11.97 11.50 -19.66
CA ILE C 8 -11.99 11.12 -18.25
C ILE C 8 -10.98 12.00 -17.53
N GLY C 9 -11.42 12.65 -16.46
CA GLY C 9 -10.56 13.56 -15.71
C GLY C 9 -10.86 13.56 -14.23
N TYR C 10 -10.26 14.49 -13.50
CA TYR C 10 -10.40 14.52 -12.04
C TYR C 10 -10.54 15.97 -11.57
N HIS C 11 -11.02 16.10 -10.35
CA HIS C 11 -11.41 17.40 -9.81
C HIS C 11 -10.20 18.26 -9.48
N ALA C 12 -10.41 19.58 -9.54
CA ALA C 12 -9.42 20.56 -9.09
C ALA C 12 -10.17 21.80 -8.60
N ASN C 13 -9.53 22.53 -7.70
CA ASN C 13 -10.13 23.74 -7.14
C ASN C 13 -9.01 24.69 -6.71
N ASN C 14 -9.39 25.77 -6.04
CA ASN C 14 -8.46 26.82 -5.63
C ASN C 14 -7.87 26.59 -4.25
N SER C 15 -7.86 25.35 -3.77
CA SER C 15 -7.33 25.05 -2.45
C SER C 15 -5.80 25.15 -2.46
N THR C 16 -5.26 25.77 -1.41
CA THR C 16 -3.82 25.86 -1.21
C THR C 16 -3.34 24.94 -0.08
N ASP C 17 -4.20 24.06 0.42
CA ASP C 17 -3.82 23.16 1.50
C ASP C 17 -2.66 22.27 1.06
N THR C 18 -1.64 22.16 1.91
CA THR C 18 -0.45 21.37 1.62
C THR C 18 -0.32 20.24 2.62
N VAL C 19 -0.06 19.04 2.12
CA VAL C 19 0.20 17.88 2.95
C VAL C 19 1.55 17.30 2.56
N ASP C 20 2.08 16.45 3.43
CA ASP C 20 3.36 15.80 3.21
C ASP C 20 3.18 14.29 3.19
N THR C 21 3.98 13.63 2.36
CA THR C 21 4.03 12.18 2.26
C THR C 21 5.47 11.71 2.53
N VAL C 22 5.67 10.40 2.54
CA VAL C 22 7.02 9.90 2.78
C VAL C 22 7.92 10.17 1.57
N LEU C 23 7.35 10.20 0.37
CA LEU C 23 8.12 10.42 -0.84
C LEU C 23 8.08 11.87 -1.32
N GLU C 24 7.08 12.64 -0.90
CA GLU C 24 6.86 13.98 -1.42
C GLU C 24 6.47 14.90 -0.27
N LYS C 25 6.75 16.19 -0.44
CA LYS C 25 6.41 17.19 0.56
C LYS C 25 5.83 18.41 -0.13
N ASN C 26 5.04 19.18 0.64
CA ASN C 26 4.34 20.37 0.14
C ASN C 26 3.45 20.02 -1.04
N VAL C 27 2.71 18.92 -0.92
CA VAL C 27 1.78 18.49 -1.97
C VAL C 27 0.46 19.22 -1.76
N THR C 28 0.09 20.04 -2.75
CA THR C 28 -1.16 20.80 -2.66
C THR C 28 -2.32 19.89 -3.04
N VAL C 29 -3.28 19.73 -2.12
CA VAL C 29 -4.38 18.80 -2.31
C VAL C 29 -5.69 19.57 -2.37
N THR C 30 -6.71 18.91 -2.93
CA THR C 30 -8.02 19.54 -3.04
C THR C 30 -8.68 19.69 -1.68
N HIS C 31 -8.70 18.63 -0.88
CA HIS C 31 -9.34 18.64 0.43
C HIS C 31 -8.45 17.94 1.43
N SER C 32 -8.52 18.40 2.68
CA SER C 32 -7.69 17.85 3.75
C SER C 32 -8.33 18.14 5.09
N VAL C 33 -7.89 17.40 6.11
CA VAL C 33 -8.31 17.60 7.48
C VAL C 33 -7.07 17.72 8.35
N ASN C 34 -7.26 18.33 9.53
CA ASN C 34 -6.18 18.49 10.50
C ASN C 34 -6.39 17.49 11.62
N LEU C 35 -5.46 16.53 11.74
CA LEU C 35 -5.55 15.50 12.75
C LEU C 35 -5.04 15.94 14.12
N LEU C 36 -4.45 17.14 14.20
CA LEU C 36 -3.84 17.63 15.43
C LEU C 36 -4.71 18.75 15.99
N GLU C 37 -5.22 18.56 17.20
CA GLU C 37 -5.97 19.61 17.89
C GLU C 37 -4.97 20.62 18.46
N ASP C 38 -5.11 21.88 18.04
CA ASP C 38 -4.11 22.90 18.36
C ASP C 38 -4.71 24.16 18.92
N LYS C 39 -5.89 24.09 19.55
CA LYS C 39 -6.51 25.27 20.11
C LYS C 39 -7.35 24.88 21.32
N HIS C 40 -7.52 25.84 22.23
CA HIS C 40 -8.28 25.65 23.45
C HIS C 40 -9.06 26.92 23.75
N ASN C 41 -10.10 26.79 24.57
CA ASN C 41 -10.93 27.94 24.91
C ASN C 41 -10.28 28.86 25.93
N GLY C 42 -9.17 28.47 26.54
CA GLY C 42 -8.50 29.33 27.49
C GLY C 42 -9.22 29.52 28.79
N LYS C 43 -10.06 28.57 29.18
CA LYS C 43 -10.83 28.64 30.42
C LYS C 43 -10.72 27.33 31.18
N LEU C 44 -10.79 27.43 32.51
CA LEU C 44 -10.84 26.25 33.37
C LEU C 44 -12.30 25.87 33.57
N CYS C 45 -12.66 24.66 33.16
CA CYS C 45 -14.05 24.22 33.05
C CYS C 45 -14.30 23.03 33.97
N LYS C 46 -15.49 22.43 33.85
CA LYS C 46 -16.03 21.48 34.83
C LYS C 46 -15.95 20.05 34.30
N LEU C 47 -14.93 19.31 34.71
CA LEU C 47 -14.81 17.92 34.29
C LEU C 47 -16.02 17.12 34.74
N ARG C 48 -16.56 16.32 33.81
CA ARG C 48 -17.77 15.52 34.03
C ARG C 48 -18.97 16.36 34.46
N GLY C 49 -18.97 17.64 34.13
CA GLY C 49 -20.01 18.55 34.56
C GLY C 49 -19.85 19.10 35.96
N VAL C 50 -18.99 18.48 36.77
CA VAL C 50 -18.78 18.94 38.15
C VAL C 50 -17.74 20.06 38.15
N ALA C 51 -18.10 21.17 38.78
CA ALA C 51 -17.21 22.33 38.81
C ALA C 51 -15.96 22.02 39.63
N PRO C 52 -14.85 22.67 39.33
CA PRO C 52 -13.62 22.46 40.09
C PRO C 52 -13.64 23.28 41.38
N LEU C 53 -12.60 23.07 42.19
CA LEU C 53 -12.39 23.82 43.43
C LEU C 53 -11.22 24.76 43.23
N HIS C 54 -11.48 26.06 43.32
CA HIS C 54 -10.47 27.09 43.15
C HIS C 54 -10.15 27.70 44.51
N LEU C 55 -8.86 27.76 44.84
CA LEU C 55 -8.43 28.27 46.14
C LEU C 55 -7.84 29.67 46.09
N GLY C 56 -7.45 30.14 44.91
CA GLY C 56 -7.02 31.52 44.78
C GLY C 56 -5.73 31.80 45.51
N LYS C 57 -5.76 32.81 46.38
CA LYS C 57 -4.57 33.23 47.11
C LYS C 57 -4.05 32.15 48.04
N CYS C 58 -4.87 31.16 48.37
CA CYS C 58 -4.48 30.10 49.28
C CYS C 58 -4.14 28.82 48.52
N ASN C 59 -3.31 27.99 49.15
CA ASN C 59 -3.01 26.66 48.67
C ASN C 59 -3.85 25.64 49.44
N ILE C 60 -3.60 24.36 49.18
CA ILE C 60 -4.37 23.31 49.84
C ILE C 60 -4.05 23.28 51.33
N ALA C 61 -2.79 23.48 51.70
CA ALA C 61 -2.41 23.45 53.11
C ALA C 61 -3.12 24.55 53.90
N GLY C 62 -3.16 25.77 53.35
CA GLY C 62 -3.88 26.83 54.02
C GLY C 62 -5.39 26.61 54.02
N TRP C 63 -5.92 26.07 52.92
CA TRP C 63 -7.36 25.86 52.82
C TRP C 63 -7.83 24.74 53.74
N ILE C 64 -7.05 23.66 53.86
CA ILE C 64 -7.48 22.53 54.68
C ILE C 64 -7.34 22.84 56.16
N LEU C 65 -6.41 23.72 56.53
CA LEU C 65 -6.20 24.07 57.93
C LEU C 65 -7.00 25.29 58.37
N GLY C 66 -7.36 26.17 57.44
CA GLY C 66 -8.13 27.35 57.78
C GLY C 66 -7.28 28.56 58.09
N ASN C 67 -6.36 28.88 57.20
CA ASN C 67 -5.57 30.09 57.35
C ASN C 67 -6.49 31.31 57.30
N PRO C 68 -6.22 32.37 58.08
CA PRO C 68 -7.16 33.49 58.14
C PRO C 68 -7.46 34.12 56.78
N GLU C 69 -6.50 34.14 55.86
CA GLU C 69 -6.77 34.67 54.53
C GLU C 69 -7.62 33.73 53.69
N CYS C 70 -7.74 32.47 54.09
CA CYS C 70 -8.53 31.49 53.35
C CYS C 70 -9.96 31.51 53.86
N GLU C 71 -10.75 30.53 53.45
CA GLU C 71 -12.15 30.33 53.78
C GLU C 71 -13.05 31.43 53.21
N SER C 72 -12.48 32.43 52.53
CA SER C 72 -13.28 33.41 51.81
C SER C 72 -13.81 32.87 50.49
N LEU C 73 -13.31 31.73 50.03
CA LEU C 73 -13.81 31.08 48.83
C LEU C 73 -15.18 30.46 49.12
N SER C 74 -15.75 29.80 48.10
CA SER C 74 -17.10 29.28 48.22
C SER C 74 -17.15 27.95 48.96
N THR C 75 -16.56 27.91 50.16
CA THR C 75 -16.50 26.73 51.00
C THR C 75 -16.24 25.45 50.20
N ALA C 76 -17.16 24.51 50.24
CA ALA C 76 -17.03 23.28 49.47
C ALA C 76 -18.34 22.51 49.48
N SER C 77 -18.74 22.01 48.31
CA SER C 77 -19.77 20.98 48.21
C SER C 77 -19.23 19.71 47.58
N SER C 78 -18.60 19.81 46.41
CA SER C 78 -17.96 18.72 45.68
C SER C 78 -17.23 19.31 44.49
N TRP C 79 -16.19 18.63 44.05
CA TRP C 79 -15.39 19.14 42.94
C TRP C 79 -14.74 18.00 42.19
N SER C 80 -14.33 18.29 40.96
CA SER C 80 -13.65 17.32 40.09
C SER C 80 -12.13 17.44 40.19
N TYR C 81 -11.61 18.66 40.29
CA TYR C 81 -10.18 18.88 40.43
C TYR C 81 -9.95 20.18 41.17
N ILE C 82 -8.73 20.31 41.72
CA ILE C 82 -8.35 21.46 42.55
C ILE C 82 -7.50 22.41 41.73
N VAL C 83 -7.76 23.70 41.89
CA VAL C 83 -7.04 24.74 41.16
C VAL C 83 -6.34 25.65 42.17
N GLU C 84 -5.04 25.83 41.99
CA GLU C 84 -4.27 26.84 42.68
C GLU C 84 -3.80 27.89 41.66
N THR C 85 -3.03 28.85 42.12
CA THR C 85 -2.49 29.91 41.28
C THR C 85 -0.98 29.94 41.44
N PRO C 86 -0.26 30.50 40.46
CA PRO C 86 1.20 30.63 40.60
C PRO C 86 1.62 31.42 41.83
N SER C 87 0.71 32.19 42.44
CA SER C 87 0.95 32.85 43.72
C SER C 87 -0.19 32.43 44.65
N SER C 88 -0.04 31.27 45.27
CA SER C 88 -1.00 30.77 46.24
C SER C 88 -0.32 30.67 47.60
N ASP C 89 0.40 31.74 47.96
CA ASP C 89 1.33 31.72 49.09
C ASP C 89 0.67 31.31 50.38
N ASN C 90 -0.51 31.84 50.68
CA ASN C 90 -1.06 31.80 52.03
C ASN C 90 -1.45 30.37 52.38
N GLY C 91 -0.56 29.69 53.09
CA GLY C 91 -0.80 28.36 53.58
C GLY C 91 -0.49 28.24 55.05
N THR C 92 0.51 27.43 55.40
CA THR C 92 0.89 27.28 56.80
C THR C 92 1.63 28.52 57.26
N CYS C 93 0.91 29.45 57.89
CA CYS C 93 1.54 30.67 58.37
C CYS C 93 2.58 30.38 59.45
N TYR C 94 2.27 29.48 60.37
CA TYR C 94 3.25 29.06 61.37
C TYR C 94 4.22 28.08 60.73
N PRO C 95 5.53 28.34 60.79
CA PRO C 95 6.49 27.44 60.13
C PRO C 95 6.43 26.02 60.70
N GLY C 96 6.63 25.05 59.83
CA GLY C 96 6.57 23.66 60.24
C GLY C 96 6.75 22.75 59.04
N ASP C 97 6.40 21.48 59.23
CA ASP C 97 6.51 20.47 58.19
C ASP C 97 5.19 19.71 58.13
N PHE C 98 4.42 19.98 57.07
CA PHE C 98 3.14 19.29 56.87
C PHE C 98 3.41 17.86 56.42
N ILE C 99 3.05 16.89 57.25
CA ILE C 99 3.41 15.50 56.99
C ILE C 99 2.56 14.94 55.87
N ASP C 100 3.23 14.31 54.89
CA ASP C 100 2.56 13.68 53.75
C ASP C 100 1.67 14.68 53.01
N TYR C 101 2.23 15.86 52.75
CA TYR C 101 1.50 16.91 52.04
C TYR C 101 1.13 16.43 50.63
N GLU C 102 2.09 15.86 49.91
CA GLU C 102 1.84 15.46 48.53
C GLU C 102 0.81 14.33 48.45
N GLU C 103 0.89 13.36 49.36
CA GLU C 103 -0.05 12.25 49.33
C GLU C 103 -1.47 12.70 49.64
N LEU C 104 -1.62 13.66 50.56
CA LEU C 104 -2.94 14.17 50.90
C LEU C 104 -3.57 14.89 49.70
N ARG C 105 -2.76 15.65 48.95
CA ARG C 105 -3.29 16.39 47.81
C ARG C 105 -3.86 15.44 46.76
N GLU C 106 -3.21 14.30 46.54
CA GLU C 106 -3.74 13.31 45.59
C GLU C 106 -5.08 12.77 46.05
N GLN C 107 -5.23 12.55 47.36
CA GLN C 107 -6.49 12.02 47.88
C GLN C 107 -7.62 13.04 47.78
N LEU C 108 -7.30 14.33 47.96
CA LEU C 108 -8.30 15.39 47.99
C LEU C 108 -8.62 15.94 46.61
N SER C 109 -7.99 15.41 45.55
CA SER C 109 -8.16 15.99 44.22
C SER C 109 -9.61 15.90 43.75
N SER C 110 -10.27 14.77 44.04
CA SER C 110 -11.66 14.59 43.64
C SER C 110 -12.43 13.96 44.80
N VAL C 111 -13.61 14.52 45.10
CA VAL C 111 -14.45 14.04 46.18
C VAL C 111 -15.91 14.08 45.74
N SER C 112 -16.69 13.12 46.23
CA SER C 112 -18.13 13.09 45.99
C SER C 112 -18.87 13.88 47.06
N SER C 113 -18.65 13.53 48.32
CA SER C 113 -19.21 14.25 49.46
C SER C 113 -18.09 14.95 50.21
N PHE C 114 -18.36 16.16 50.70
CA PHE C 114 -17.35 16.89 51.49
C PHE C 114 -18.10 17.89 52.37
N GLU C 115 -18.23 17.56 53.66
CA GLU C 115 -18.89 18.43 54.62
C GLU C 115 -17.96 18.66 55.81
N ARG C 116 -17.93 19.91 56.30
CA ARG C 116 -17.14 20.27 57.46
C ARG C 116 -18.06 20.37 58.67
N PHE C 117 -17.68 19.69 59.76
CA PHE C 117 -18.42 19.74 61.00
C PHE C 117 -17.44 19.83 62.16
N GLU C 118 -17.89 20.43 63.25
CA GLU C 118 -17.06 20.64 64.43
C GLU C 118 -16.97 19.33 65.20
N ILE C 119 -15.87 18.60 65.01
CA ILE C 119 -15.72 17.30 65.66
C ILE C 119 -15.56 17.48 67.17
N PHE C 120 -14.79 18.48 67.59
CA PHE C 120 -14.59 18.80 69.00
C PHE C 120 -14.99 20.25 69.23
N PRO C 121 -16.22 20.51 69.67
CA PRO C 121 -16.63 21.90 69.88
C PRO C 121 -15.74 22.62 70.88
N LYS C 122 -15.47 23.89 70.58
CA LYS C 122 -14.53 24.66 71.40
C LYS C 122 -15.05 24.86 72.82
N THR C 123 -16.33 25.21 72.96
CA THR C 123 -16.83 25.64 74.25
C THR C 123 -16.97 24.49 75.23
N SER C 124 -17.43 23.33 74.78
CA SER C 124 -17.86 22.27 75.67
C SER C 124 -17.01 21.01 75.54
N SER C 125 -15.71 21.16 75.29
CA SER C 125 -14.82 20.00 75.23
C SER C 125 -13.56 20.18 76.06
N TRP C 126 -13.14 21.43 76.28
CA TRP C 126 -11.88 21.73 76.96
C TRP C 126 -12.17 22.64 78.14
N PRO C 127 -12.69 22.08 79.25
CA PRO C 127 -12.98 22.94 80.42
C PRO C 127 -11.74 23.37 81.16
N ASN C 128 -10.78 22.48 81.35
CA ASN C 128 -9.56 22.78 82.08
C ASN C 128 -8.49 23.42 81.21
N HIS C 129 -8.75 23.57 79.91
CA HIS C 129 -7.76 24.09 78.98
C HIS C 129 -8.28 25.38 78.33
N ASP C 130 -7.36 26.29 78.07
CA ASP C 130 -7.69 27.63 77.58
C ASP C 130 -7.67 27.63 76.05
N SER C 131 -8.84 27.46 75.45
CA SER C 131 -8.96 27.59 74.00
C SER C 131 -9.37 29.01 73.60
N ASN C 132 -8.67 30.00 74.13
CA ASN C 132 -8.95 31.39 73.75
C ASN C 132 -7.70 32.17 73.41
N LYS C 133 -6.59 31.93 74.10
CA LYS C 133 -5.36 32.66 73.88
C LYS C 133 -4.42 31.96 72.90
N GLY C 134 -4.86 30.85 72.31
CA GLY C 134 -4.02 30.11 71.38
C GLY C 134 -3.89 30.76 70.02
N VAL C 135 -3.35 31.98 69.98
CA VAL C 135 -3.14 32.72 68.74
C VAL C 135 -1.65 33.06 68.63
N THR C 136 -1.25 33.48 67.43
CA THR C 136 0.13 33.84 67.18
C THR C 136 0.19 35.07 66.28
N ALA C 137 1.31 35.77 66.36
CA ALA C 137 1.53 36.93 65.49
C ALA C 137 1.88 36.51 64.06
N ALA C 138 2.23 35.25 63.84
CA ALA C 138 2.58 34.78 62.50
C ALA C 138 1.38 34.51 61.63
N CYS C 139 0.16 34.57 62.17
CA CYS C 139 -1.07 34.30 61.42
C CYS C 139 -2.04 35.44 61.65
N PRO C 140 -1.74 36.62 61.11
CA PRO C 140 -2.62 37.78 61.34
C PRO C 140 -3.94 37.65 60.61
N HIS C 141 -4.96 38.29 61.18
CA HIS C 141 -6.30 38.38 60.57
C HIS C 141 -6.66 39.86 60.55
N ALA C 142 -6.33 40.53 59.44
CA ALA C 142 -6.54 41.98 59.29
C ALA C 142 -5.85 42.75 60.41
N GLY C 143 -4.64 42.34 60.76
CA GLY C 143 -3.86 43.00 61.78
C GLY C 143 -3.97 42.42 63.17
N ALA C 144 -4.89 41.48 63.39
CA ALA C 144 -5.10 40.87 64.69
C ALA C 144 -4.45 39.50 64.73
N LYS C 145 -3.72 39.22 65.81
CA LYS C 145 -3.05 37.92 65.97
C LYS C 145 -4.08 36.80 66.01
N SER C 146 -4.08 35.95 65.00
CA SER C 146 -5.08 34.88 64.91
C SER C 146 -4.41 33.52 64.71
N PHE C 147 -5.20 32.50 64.42
CA PHE C 147 -4.72 31.14 64.29
C PHE C 147 -5.53 30.44 63.20
N TYR C 148 -5.19 29.17 62.95
CA TYR C 148 -5.94 28.39 61.97
C TYR C 148 -7.39 28.22 62.42
N LYS C 149 -8.31 28.31 61.46
CA LYS C 149 -9.73 28.26 61.80
C LYS C 149 -10.15 26.86 62.23
N ASN C 150 -9.58 25.82 61.63
CA ASN C 150 -9.96 24.45 61.91
C ASN C 150 -9.15 23.81 63.04
N LEU C 151 -8.18 24.52 63.59
CA LEU C 151 -7.35 23.99 64.66
C LEU C 151 -7.36 24.95 65.85
N ILE C 152 -7.24 24.40 67.05
CA ILE C 152 -7.21 25.17 68.28
C ILE C 152 -5.91 24.88 69.00
N TRP C 153 -5.19 25.95 69.35
CA TRP C 153 -3.92 25.85 70.07
C TRP C 153 -4.23 25.85 71.56
N LEU C 154 -4.26 24.67 72.17
CA LEU C 154 -4.61 24.56 73.58
C LEU C 154 -3.39 24.84 74.44
N VAL C 155 -3.56 25.75 75.41
CA VAL C 155 -2.51 26.14 76.34
C VAL C 155 -3.04 25.98 77.75
N LYS C 156 -2.18 26.25 78.72
CA LYS C 156 -2.56 26.14 80.13
C LYS C 156 -3.60 27.18 80.50
N LYS C 157 -4.49 26.82 81.42
CA LYS C 157 -5.50 27.74 81.93
C LYS C 157 -4.96 28.34 83.22
N GLY C 158 -4.12 29.36 83.07
CA GLY C 158 -3.46 30.00 84.18
C GLY C 158 -2.21 29.26 84.61
N ASN C 159 -2.38 28.18 85.40
CA ASN C 159 -1.24 27.35 85.76
C ASN C 159 -1.58 25.86 85.76
N SER C 160 -2.58 25.44 84.99
CA SER C 160 -3.07 24.06 85.02
C SER C 160 -3.20 23.52 83.60
N TYR C 161 -2.49 22.41 83.34
CA TYR C 161 -2.62 21.66 82.09
C TYR C 161 -2.72 20.19 82.45
N PRO C 162 -3.93 19.68 82.71
CA PRO C 162 -4.07 18.27 83.09
C PRO C 162 -3.91 17.34 81.89
N LYS C 163 -3.92 16.03 82.14
CA LYS C 163 -3.76 15.03 81.08
C LYS C 163 -5.03 14.99 80.25
N LEU C 164 -4.99 15.61 79.07
CA LEU C 164 -6.13 15.62 78.18
C LEU C 164 -6.39 14.23 77.61
N SER C 165 -7.66 13.86 77.50
CA SER C 165 -8.05 12.59 76.89
C SER C 165 -9.46 12.75 76.33
N LYS C 166 -9.56 12.97 75.03
CA LYS C 166 -10.84 13.13 74.34
C LYS C 166 -10.88 12.20 73.13
N SER C 167 -12.04 11.62 72.88
CA SER C 167 -12.21 10.64 71.82
C SER C 167 -13.44 10.96 70.99
N TYR C 168 -13.46 10.43 69.76
CA TYR C 168 -14.57 10.62 68.84
C TYR C 168 -14.74 9.35 68.02
N ILE C 169 -15.99 9.02 67.71
CA ILE C 169 -16.33 7.85 66.91
C ILE C 169 -17.01 8.33 65.63
N ASN C 170 -16.66 7.71 64.51
CA ASN C 170 -17.17 8.12 63.20
C ASN C 170 -18.63 7.73 63.04
N ASP C 171 -19.54 8.61 63.48
CA ASP C 171 -20.97 8.37 63.33
C ASP C 171 -21.47 8.68 61.93
N LYS C 172 -20.72 9.45 61.14
CA LYS C 172 -21.22 9.92 59.84
C LYS C 172 -21.41 8.78 58.85
N GLY C 173 -20.76 7.64 59.04
CA GLY C 173 -20.84 6.54 58.11
C GLY C 173 -19.97 6.68 56.88
N LYS C 174 -19.17 7.75 56.80
CA LYS C 174 -18.25 7.98 55.69
C LYS C 174 -16.83 8.04 56.25
N GLU C 175 -15.88 8.37 55.37
CA GLU C 175 -14.52 8.67 55.80
C GLU C 175 -14.48 10.05 56.44
N VAL C 176 -13.72 10.17 57.53
CA VAL C 176 -13.55 11.44 58.23
C VAL C 176 -12.07 11.79 58.22
N LEU C 177 -11.74 12.98 57.72
CA LEU C 177 -10.38 13.48 57.72
C LEU C 177 -10.15 14.29 58.99
N VAL C 178 -9.15 13.89 59.78
CA VAL C 178 -8.83 14.55 61.04
C VAL C 178 -7.40 15.07 60.95
N LEU C 179 -7.22 16.35 61.27
CA LEU C 179 -5.91 16.98 61.24
C LEU C 179 -5.59 17.56 62.60
N TRP C 180 -4.34 17.40 63.03
CA TRP C 180 -3.88 17.91 64.31
C TRP C 180 -2.42 18.33 64.18
N GLY C 181 -2.00 19.21 65.08
CA GLY C 181 -0.64 19.72 65.05
C GLY C 181 0.14 19.50 66.32
N ILE C 182 1.46 19.48 66.21
CA ILE C 182 2.35 19.33 67.36
C ILE C 182 3.29 20.54 67.38
N HIS C 183 3.27 21.29 68.47
CA HIS C 183 4.09 22.48 68.59
C HIS C 183 5.45 22.13 69.18
N HIS C 184 6.51 22.65 68.56
CA HIS C 184 7.87 22.45 69.04
C HIS C 184 8.46 23.81 69.42
N PRO C 185 8.46 24.16 70.69
CA PRO C 185 8.88 25.51 71.09
C PRO C 185 10.38 25.71 70.95
N SER C 186 10.78 26.98 70.99
CA SER C 186 12.19 27.32 70.84
C SER C 186 12.98 27.05 72.12
N THR C 187 12.55 27.64 73.23
CA THR C 187 13.25 27.52 74.51
C THR C 187 12.41 26.70 75.49
N SER C 188 13.11 26.15 76.49
CA SER C 188 12.42 25.42 77.55
C SER C 188 11.54 26.32 78.39
N ALA C 189 11.91 27.60 78.50
CA ALA C 189 11.04 28.57 79.18
C ALA C 189 9.72 28.72 78.45
N ASP C 190 9.76 28.75 77.11
CA ASP C 190 8.54 28.82 76.33
C ASP C 190 7.69 27.57 76.48
N GLN C 191 8.30 26.44 76.84
CA GLN C 191 7.54 25.22 77.05
C GLN C 191 6.61 25.33 78.25
N GLN C 192 7.15 25.77 79.39
CA GLN C 192 6.32 25.94 80.59
C GLN C 192 5.39 27.13 80.46
N SER C 193 5.81 28.18 79.75
CA SER C 193 4.96 29.36 79.58
C SER C 193 3.68 29.06 78.84
N LEU C 194 3.65 27.99 78.05
CA LEU C 194 2.46 27.61 77.29
C LEU C 194 1.74 26.39 77.83
N TYR C 195 2.46 25.43 78.40
CA TYR C 195 1.87 24.15 78.78
C TYR C 195 2.11 23.75 80.24
N GLN C 196 2.86 24.54 81.01
CA GLN C 196 2.99 24.40 82.44
C GLN C 196 3.76 23.14 82.84
N ASN C 197 4.12 22.32 81.87
CA ASN C 197 4.84 21.09 82.14
C ASN C 197 6.15 21.08 81.36
N ALA C 198 7.14 20.36 81.91
CA ALA C 198 8.47 20.31 81.31
C ALA C 198 8.58 19.20 80.26
N ASP C 199 8.32 17.96 80.67
CA ASP C 199 8.45 16.80 79.79
C ASP C 199 7.04 16.29 79.48
N THR C 200 6.57 16.56 78.27
CA THR C 200 5.21 16.26 77.85
C THR C 200 5.22 15.18 76.77
N TYR C 201 4.02 14.77 76.37
CA TYR C 201 3.86 13.81 75.28
C TYR C 201 2.50 14.01 74.63
N VAL C 202 2.38 13.54 73.40
CA VAL C 202 1.12 13.54 72.66
C VAL C 202 0.93 12.16 72.05
N PHE C 203 -0.29 11.62 72.18
CA PHE C 203 -0.62 10.33 71.61
C PHE C 203 -1.92 10.44 70.81
N VAL C 204 -1.90 9.90 69.60
CA VAL C 204 -3.08 9.79 68.76
C VAL C 204 -3.22 8.33 68.35
N GLY C 205 -4.42 7.77 68.52
CA GLY C 205 -4.60 6.36 68.24
C GLY C 205 -5.98 5.95 67.78
N GLY C 206 -6.05 5.25 66.65
CA GLY C 206 -7.25 4.61 66.18
C GLY C 206 -7.11 3.11 66.16
N SER C 207 -7.96 2.47 65.35
CA SER C 207 -7.86 1.02 65.19
C SER C 207 -6.69 0.61 64.32
N ARG C 208 -6.11 1.54 63.57
CA ARG C 208 -4.97 1.24 62.71
C ARG C 208 -3.82 2.19 62.99
N TYR C 209 -4.14 3.44 63.33
CA TYR C 209 -3.13 4.45 63.63
C TYR C 209 -2.71 4.36 65.09
N SER C 210 -1.40 4.40 65.33
CA SER C 210 -0.88 4.40 66.70
C SER C 210 0.52 4.99 66.67
N LYS C 211 0.68 6.18 67.23
CA LYS C 211 1.99 6.83 67.28
C LYS C 211 2.01 7.84 68.42
N LYS C 212 3.15 7.92 69.09
CA LYS C 212 3.34 8.84 70.21
C LYS C 212 4.38 9.90 69.82
N PHE C 213 4.18 11.12 70.30
CA PHE C 213 5.03 12.26 69.95
C PHE C 213 5.67 12.83 71.21
N LYS C 214 6.97 13.08 71.14
CA LYS C 214 7.68 13.82 72.16
C LYS C 214 8.16 15.15 71.58
N PRO C 215 7.82 16.28 72.20
CA PRO C 215 8.23 17.58 71.64
C PRO C 215 9.74 17.70 71.56
N GLU C 216 10.21 18.36 70.50
CA GLU C 216 11.63 18.62 70.30
C GLU C 216 11.85 20.13 70.41
N ILE C 217 12.54 20.54 71.47
CA ILE C 217 12.70 21.94 71.82
C ILE C 217 14.10 22.39 71.41
N ALA C 218 14.16 23.40 70.54
CA ALA C 218 15.42 24.00 70.10
C ALA C 218 15.08 25.27 69.35
N ILE C 219 16.06 26.16 69.25
CA ILE C 219 15.89 27.46 68.62
C ILE C 219 16.21 27.31 67.14
N ARG C 220 15.19 27.49 66.30
CA ARG C 220 15.32 27.48 64.85
C ARG C 220 15.48 28.90 64.32
N PRO C 221 15.99 29.06 63.11
CA PRO C 221 16.04 30.40 62.50
C PRO C 221 14.65 31.01 62.40
N LYS C 222 14.59 32.33 62.59
CA LYS C 222 13.32 33.03 62.59
C LYS C 222 12.64 32.95 61.23
N VAL C 223 11.45 32.33 61.20
CA VAL C 223 10.61 32.27 60.01
C VAL C 223 9.30 32.94 60.38
N ARG C 224 9.04 34.11 59.79
CA ARG C 224 7.89 34.94 60.16
C ARG C 224 7.89 35.23 61.66
N ASP C 225 9.08 35.53 62.18
CA ASP C 225 9.28 35.80 63.60
C ASP C 225 8.83 34.63 64.46
N GLN C 226 9.36 33.44 64.15
CA GLN C 226 9.05 32.21 64.88
C GLN C 226 10.30 31.36 64.93
N GLU C 227 10.85 31.16 66.13
CA GLU C 227 11.98 30.26 66.33
C GLU C 227 11.54 28.84 66.64
N GLY C 228 10.24 28.60 66.78
CA GLY C 228 9.70 27.27 66.94
C GLY C 228 9.04 26.77 65.67
N ARG C 229 8.74 25.47 65.67
CA ARG C 229 8.16 24.81 64.51
C ARG C 229 6.93 24.02 64.94
N MET C 230 6.04 23.78 63.98
CA MET C 230 4.77 23.10 64.24
C MET C 230 4.48 22.16 63.08
N ASN C 231 4.73 20.86 63.28
CA ASN C 231 4.49 19.86 62.26
C ASN C 231 3.03 19.40 62.33
N TYR C 232 2.37 19.43 61.18
CA TYR C 232 0.95 19.08 61.09
C TYR C 232 0.78 17.66 60.56
N TYR C 233 -0.16 16.93 61.15
CA TYR C 233 -0.39 15.54 60.80
C TYR C 233 -1.85 15.34 60.43
N TRP C 234 -2.14 14.25 59.72
CA TRP C 234 -3.48 13.96 59.27
C TRP C 234 -3.67 12.45 59.17
N THR C 235 -4.93 12.03 59.20
CA THR C 235 -5.29 10.63 59.02
C THR C 235 -6.77 10.55 58.66
N LEU C 236 -7.20 9.37 58.24
CA LEU C 236 -8.59 9.08 57.92
C LEU C 236 -9.13 8.06 58.90
N VAL C 237 -10.40 8.20 59.26
CA VAL C 237 -11.06 7.34 60.23
C VAL C 237 -12.16 6.57 59.52
N GLU C 238 -12.13 5.24 59.66
CA GLU C 238 -13.16 4.40 59.07
C GLU C 238 -14.49 4.65 59.78
N PRO C 239 -15.61 4.42 59.09
CA PRO C 239 -16.92 4.61 59.73
C PRO C 239 -17.07 3.74 60.97
N GLY C 240 -17.63 4.33 62.03
CA GLY C 240 -17.81 3.64 63.29
C GLY C 240 -16.51 3.22 63.94
N ASP C 241 -15.53 4.13 63.98
CA ASP C 241 -14.23 3.86 64.57
C ASP C 241 -13.86 4.99 65.53
N LYS C 242 -13.31 4.63 66.68
CA LYS C 242 -12.90 5.61 67.69
C LYS C 242 -11.48 6.08 67.41
N ILE C 243 -11.29 7.39 67.51
CA ILE C 243 -9.97 8.01 67.42
C ILE C 243 -9.68 8.67 68.76
N THR C 244 -8.56 8.28 69.37
CA THR C 244 -8.24 8.67 70.74
C THR C 244 -7.10 9.69 70.74
N PHE C 245 -7.30 10.79 71.45
CA PHE C 245 -6.28 11.81 71.66
C PHE C 245 -5.90 11.81 73.14
N GLU C 246 -4.59 11.82 73.42
CA GLU C 246 -4.11 11.76 74.79
C GLU C 246 -2.79 12.53 74.84
N ALA C 247 -2.83 13.75 75.36
CA ALA C 247 -1.65 14.61 75.39
C ALA C 247 -1.61 15.40 76.68
N THR C 248 -0.40 15.64 77.17
CA THR C 248 -0.15 16.48 78.33
C THR C 248 0.41 17.84 77.96
N GLY C 249 0.35 18.21 76.69
CA GLY C 249 0.86 19.49 76.22
C GLY C 249 1.38 19.38 74.80
N ASN C 250 1.59 20.55 74.20
CA ASN C 250 2.16 20.66 72.85
C ASN C 250 1.29 19.98 71.79
N LEU C 251 -0.03 19.98 71.99
CA LEU C 251 -0.97 19.43 71.04
C LEU C 251 -1.89 20.53 70.53
N VAL C 252 -1.94 20.69 69.21
CA VAL C 252 -2.90 21.58 68.56
C VAL C 252 -4.12 20.71 68.22
N VAL C 253 -5.11 20.74 69.11
CA VAL C 253 -6.26 19.84 69.03
C VAL C 253 -7.10 20.15 67.80
N PRO C 254 -7.68 19.14 67.17
CA PRO C 254 -8.60 19.40 66.05
C PRO C 254 -9.86 20.09 66.53
N ARG C 255 -10.39 20.95 65.68
CA ARG C 255 -11.68 21.59 65.93
C ARG C 255 -12.71 21.25 64.86
N TYR C 256 -12.32 21.35 63.59
CA TYR C 256 -13.19 21.02 62.47
C TYR C 256 -12.67 19.78 61.76
N ALA C 257 -13.54 18.79 61.57
CA ALA C 257 -13.24 17.61 60.78
C ALA C 257 -14.02 17.65 59.48
N PHE C 258 -13.68 16.73 58.57
CA PHE C 258 -14.29 16.68 57.25
C PHE C 258 -14.74 15.25 56.98
N ALA C 259 -16.05 15.08 56.81
CA ALA C 259 -16.62 13.80 56.37
C ALA C 259 -16.71 13.81 54.86
N MET C 260 -16.03 12.85 54.22
CA MET C 260 -15.88 12.90 52.77
C MET C 260 -15.89 11.50 52.19
N GLU C 261 -16.18 11.43 50.89
CA GLU C 261 -16.08 10.20 50.10
C GLU C 261 -15.19 10.50 48.90
N ARG C 262 -14.11 9.73 48.76
CA ARG C 262 -13.10 10.00 47.76
C ARG C 262 -13.45 9.33 46.43
N ASN C 263 -13.28 10.10 45.35
CA ASN C 263 -13.48 9.59 43.99
C ASN C 263 -12.21 8.88 43.52
N ALA C 264 -12.19 8.46 42.26
CA ALA C 264 -10.95 8.00 41.66
C ALA C 264 -9.97 9.16 41.53
N GLY C 265 -8.69 8.84 41.53
CA GLY C 265 -7.64 9.85 41.54
C GLY C 265 -7.73 10.86 40.44
N SER C 266 -7.67 12.15 40.80
CA SER C 266 -7.72 13.25 39.86
C SER C 266 -6.44 14.08 39.99
N GLY C 267 -6.38 15.19 39.25
CA GLY C 267 -5.22 16.05 39.22
C GLY C 267 -5.47 17.39 39.89
N ILE C 268 -4.39 18.18 39.94
CA ILE C 268 -4.40 19.52 40.51
C ILE C 268 -3.74 20.46 39.51
N ILE C 269 -4.48 21.47 39.06
CA ILE C 269 -4.00 22.42 38.05
C ILE C 269 -3.58 23.69 38.75
N ILE C 270 -2.39 24.19 38.41
CA ILE C 270 -1.84 25.41 38.97
C ILE C 270 -1.64 26.38 37.81
N SER C 271 -2.57 27.32 37.64
CA SER C 271 -2.48 28.27 36.53
C SER C 271 -3.32 29.49 36.87
N ASP C 272 -3.00 30.59 36.18
CA ASP C 272 -3.75 31.84 36.29
C ASP C 272 -4.95 31.88 35.36
N THR C 273 -5.26 30.77 34.69
CA THR C 273 -6.37 30.73 33.75
C THR C 273 -7.69 30.94 34.49
N PRO C 274 -8.56 31.84 34.02
CA PRO C 274 -9.83 32.07 34.70
C PRO C 274 -10.75 30.86 34.60
N VAL C 275 -11.74 30.84 35.49
CA VAL C 275 -12.73 29.78 35.56
C VAL C 275 -14.07 30.32 35.08
N HIS C 276 -14.72 29.60 34.16
CA HIS C 276 -16.01 30.02 33.63
C HIS C 276 -17.04 28.91 33.73
N ASP C 277 -18.21 29.12 33.12
CA ASP C 277 -19.30 28.14 33.15
C ASP C 277 -19.31 27.39 31.82
N CYS C 278 -18.41 26.42 31.71
CA CYS C 278 -18.36 25.50 30.58
C CYS C 278 -18.03 24.12 31.11
N ASN C 279 -18.44 23.09 30.38
CA ASN C 279 -18.26 21.72 30.91
C ASN C 279 -16.90 21.12 30.57
N THR C 280 -16.66 20.84 29.28
CA THR C 280 -15.50 20.09 28.77
C THR C 280 -15.30 18.72 29.42
N THR C 281 -14.64 17.83 28.68
CA THR C 281 -14.17 16.55 29.19
C THR C 281 -12.66 16.46 29.27
N CYS C 282 -11.93 17.38 28.64
CA CYS C 282 -10.48 17.45 28.72
C CYS C 282 -10.07 18.82 29.23
N GLN C 283 -9.25 18.85 30.26
CA GLN C 283 -8.85 20.10 30.90
C GLN C 283 -7.33 20.16 31.01
N THR C 284 -6.75 21.28 30.60
CA THR C 284 -5.32 21.55 30.67
C THR C 284 -5.13 22.89 31.35
N PRO C 285 -3.95 23.12 31.95
CA PRO C 285 -3.71 24.44 32.57
C PRO C 285 -3.85 25.60 31.61
N LYS C 286 -3.47 25.43 30.34
CA LYS C 286 -3.69 26.48 29.35
C LYS C 286 -5.18 26.71 29.13
N GLY C 287 -5.96 25.64 29.08
CA GLY C 287 -7.38 25.76 28.85
C GLY C 287 -7.99 24.39 28.64
N ALA C 288 -9.30 24.40 28.38
CA ALA C 288 -10.05 23.18 28.15
C ALA C 288 -10.05 22.84 26.67
N ILE C 289 -10.14 21.54 26.38
CA ILE C 289 -10.10 21.03 25.01
C ILE C 289 -11.37 20.21 24.78
N ASN C 290 -12.12 20.57 23.73
CA ASN C 290 -13.32 19.87 23.32
C ASN C 290 -13.09 19.40 21.89
N THR C 291 -12.59 18.18 21.73
CA THR C 291 -12.29 17.65 20.40
C THR C 291 -12.43 16.14 20.42
N SER C 292 -12.65 15.58 19.24
CA SER C 292 -12.61 14.14 19.01
C SER C 292 -11.32 13.71 18.33
N LEU C 293 -10.38 14.62 18.12
CA LEU C 293 -9.13 14.28 17.49
C LEU C 293 -8.27 13.43 18.42
N PRO C 294 -7.44 12.54 17.87
CA PRO C 294 -6.63 11.65 18.72
C PRO C 294 -5.34 12.25 19.23
N PHE C 295 -4.93 13.42 18.75
CA PHE C 295 -3.68 14.04 19.16
C PHE C 295 -3.88 15.51 19.48
N GLN C 296 -3.06 16.02 20.39
CA GLN C 296 -3.12 17.43 20.78
C GLN C 296 -1.71 17.91 21.09
N ASN C 297 -1.54 19.23 21.05
CA ASN C 297 -0.23 19.84 21.33
C ASN C 297 -0.35 21.06 22.23
N ILE C 298 -1.36 21.08 23.09
CA ILE C 298 -1.57 22.23 23.98
C ILE C 298 -0.74 22.13 25.24
N HIS C 299 -0.85 21.00 25.95
CA HIS C 299 -0.15 20.85 27.23
C HIS C 299 0.04 19.37 27.55
N PRO C 300 1.25 18.94 27.91
CA PRO C 300 1.46 17.53 28.26
C PRO C 300 0.68 17.09 29.49
N ILE C 301 0.31 18.00 30.37
CA ILE C 301 -0.38 17.68 31.62
C ILE C 301 -1.88 17.86 31.38
N THR C 302 -2.60 16.76 31.29
CA THR C 302 -4.03 16.77 31.04
C THR C 302 -4.75 15.95 32.10
N ILE C 303 -6.00 16.31 32.37
CA ILE C 303 -6.86 15.60 33.29
C ILE C 303 -8.11 15.16 32.56
N GLY C 304 -8.41 13.86 32.60
CA GLY C 304 -9.57 13.31 31.94
C GLY C 304 -9.23 12.61 30.63
N LYS C 305 -10.28 12.14 29.96
CA LYS C 305 -10.14 11.53 28.65
C LYS C 305 -9.67 12.60 27.66
N CYS C 306 -8.41 12.53 27.27
CA CYS C 306 -7.78 13.56 26.47
C CYS C 306 -7.01 12.93 25.32
N PRO C 307 -6.79 13.69 24.25
CA PRO C 307 -5.89 13.22 23.18
C PRO C 307 -4.45 13.13 23.68
N LYS C 308 -3.71 12.19 23.08
CA LYS C 308 -2.31 12.03 23.44
C LYS C 308 -1.50 13.25 23.02
N TYR C 309 -0.64 13.73 23.91
CA TYR C 309 0.16 14.91 23.64
C TYR C 309 1.30 14.57 22.69
N VAL C 310 1.49 15.41 21.67
CA VAL C 310 2.56 15.25 20.70
C VAL C 310 3.29 16.58 20.55
N LYS C 311 4.53 16.49 20.06
CA LYS C 311 5.32 17.68 19.75
C LYS C 311 5.02 18.23 18.37
N SER C 312 4.11 17.62 17.62
CA SER C 312 3.82 18.03 16.26
C SER C 312 3.17 19.41 16.24
N THR C 313 3.45 20.16 15.16
CA THR C 313 2.78 21.42 14.91
C THR C 313 1.78 21.35 13.78
N LYS C 314 1.88 20.35 12.90
CA LYS C 314 0.97 20.20 11.78
C LYS C 314 0.82 18.73 11.46
N LEU C 315 -0.41 18.23 11.49
CA LEU C 315 -0.73 16.84 11.14
C LEU C 315 -1.82 16.83 10.07
N ARG C 316 -1.61 17.63 9.02
CA ARG C 316 -2.58 17.74 7.94
C ARG C 316 -2.69 16.41 7.20
N LEU C 317 -3.85 15.76 7.32
CA LEU C 317 -4.11 14.47 6.70
C LEU C 317 -4.86 14.69 5.39
N ALA C 318 -4.30 14.21 4.29
CA ALA C 318 -4.89 14.41 2.98
C ALA C 318 -6.09 13.50 2.79
N THR C 319 -7.21 14.08 2.35
CA THR C 319 -8.42 13.34 2.05
C THR C 319 -8.86 13.43 0.60
N GLY C 320 -8.48 14.48 -0.12
CA GLY C 320 -8.84 14.66 -1.50
C GLY C 320 -7.70 14.33 -2.45
N LEU C 321 -7.89 14.73 -3.71
CA LEU C 321 -6.95 14.43 -4.78
C LEU C 321 -5.82 15.46 -4.79
N ARG C 322 -4.81 15.18 -5.61
CA ARG C 322 -3.78 16.17 -5.88
C ARG C 322 -4.39 17.30 -6.71
N ASN C 323 -4.18 18.55 -6.25
CA ASN C 323 -4.82 19.71 -6.87
C ASN C 323 -3.94 20.20 -8.01
N ILE C 324 -4.39 19.96 -9.24
CA ILE C 324 -3.69 20.44 -10.43
C ILE C 324 -4.70 21.20 -11.28
N PRO C 325 -4.97 22.48 -10.99
CA PRO C 325 -5.97 23.21 -11.78
C PRO C 325 -5.42 23.79 -13.08
N SER C 326 -4.11 24.01 -13.17
CA SER C 326 -3.52 24.63 -14.35
C SER C 326 -2.23 23.91 -14.71
N ILE C 327 -2.15 23.44 -15.95
CA ILE C 327 -0.95 22.78 -16.45
C ILE C 327 -0.08 23.82 -17.14
N GLN C 328 1.12 24.03 -16.62
CA GLN C 328 2.04 25.01 -17.19
C GLN C 328 2.73 24.46 -18.44
N GLY D 1 1.57 10.02 -9.91
CA GLY D 1 1.56 9.24 -8.68
C GLY D 1 2.15 7.85 -8.85
N LEU D 2 1.44 6.85 -8.35
CA LEU D 2 1.87 5.46 -8.46
C LEU D 2 1.22 4.71 -9.61
N PHE D 3 0.05 5.14 -10.06
CA PHE D 3 -0.64 4.51 -11.17
C PHE D 3 -0.54 5.28 -12.47
N GLY D 4 0.05 6.48 -12.46
CA GLY D 4 0.31 7.22 -13.68
C GLY D 4 -0.88 7.95 -14.28
N ALA D 5 -2.05 7.93 -13.63
CA ALA D 5 -3.20 8.64 -14.16
C ALA D 5 -3.16 10.11 -13.78
N ILE D 6 -3.21 10.40 -12.48
CA ILE D 6 -3.15 11.78 -12.01
C ILE D 6 -1.74 12.31 -12.19
N ALA D 7 -1.62 13.51 -12.76
CA ALA D 7 -0.36 14.13 -13.13
C ALA D 7 0.45 13.29 -14.11
N GLY D 8 -0.18 12.28 -14.74
CA GLY D 8 0.51 11.41 -15.66
C GLY D 8 0.01 11.58 -17.08
N PHE D 9 -0.61 10.54 -17.64
CA PHE D 9 -1.17 10.68 -18.98
C PHE D 9 -2.39 11.59 -19.00
N ILE D 10 -2.97 11.90 -17.85
CA ILE D 10 -3.92 12.99 -17.69
C ILE D 10 -3.17 14.07 -16.91
N GLU D 11 -2.63 15.06 -17.63
CA GLU D 11 -1.64 15.96 -17.04
C GLU D 11 -2.24 16.78 -15.90
N GLY D 12 -3.47 17.27 -16.05
CA GLY D 12 -4.07 18.14 -15.07
C GLY D 12 -5.51 17.74 -14.78
N GLY D 13 -6.10 18.47 -13.82
CA GLY D 13 -7.46 18.26 -13.42
C GLY D 13 -8.40 19.33 -13.97
N TRP D 14 -9.69 19.09 -13.78
CA TRP D 14 -10.75 19.95 -14.32
C TRP D 14 -11.29 20.84 -13.22
N THR D 15 -11.08 22.16 -13.36
CA THR D 15 -11.69 23.10 -12.42
C THR D 15 -13.21 23.13 -12.59
N GLY D 16 -13.69 22.96 -13.82
CA GLY D 16 -15.12 23.03 -14.07
C GLY D 16 -15.90 21.94 -13.37
N MET D 17 -15.32 20.74 -13.27
CA MET D 17 -15.99 19.63 -12.60
C MET D 17 -16.03 19.90 -11.10
N VAL D 18 -17.23 20.08 -10.56
CA VAL D 18 -17.41 20.43 -9.16
C VAL D 18 -18.40 19.53 -8.43
N ASP D 19 -18.97 18.53 -9.11
CA ASP D 19 -19.95 17.64 -8.49
C ASP D 19 -19.35 16.33 -8.04
N GLY D 20 -18.02 16.21 -8.04
CA GLY D 20 -17.40 14.97 -7.61
C GLY D 20 -15.90 15.03 -7.80
N TRP D 21 -15.26 13.89 -7.56
CA TRP D 21 -13.81 13.76 -7.70
C TRP D 21 -13.41 13.31 -9.10
N TYR D 22 -14.03 12.24 -9.60
CA TYR D 22 -13.73 11.68 -10.90
C TYR D 22 -14.96 11.75 -11.78
N GLY D 23 -14.76 11.99 -13.07
CA GLY D 23 -15.89 12.12 -13.95
C GLY D 23 -15.50 12.20 -15.41
N TYR D 24 -16.46 12.68 -16.22
CA TYR D 24 -16.34 12.69 -17.67
C TYR D 24 -16.54 14.10 -18.21
N HIS D 25 -16.11 14.30 -19.46
CA HIS D 25 -16.38 15.52 -20.20
C HIS D 25 -16.73 15.12 -21.63
N HIS D 26 -18.03 15.12 -21.94
CA HIS D 26 -18.50 14.75 -23.27
C HIS D 26 -18.65 15.99 -24.15
N GLN D 27 -18.74 15.75 -25.46
CA GLN D 27 -19.03 16.81 -26.41
C GLN D 27 -19.52 16.18 -27.70
N ASN D 28 -20.73 16.54 -28.12
CA ASN D 28 -21.33 16.00 -29.33
C ASN D 28 -22.08 17.14 -30.02
N GLU D 29 -22.96 16.78 -30.96
CA GLU D 29 -23.74 17.79 -31.67
C GLU D 29 -24.60 18.61 -30.72
N GLN D 30 -25.23 17.95 -29.74
CA GLN D 30 -26.09 18.66 -28.81
C GLN D 30 -25.30 19.66 -27.97
N GLY D 31 -24.13 19.28 -27.49
CA GLY D 31 -23.32 20.18 -26.69
C GLY D 31 -22.30 19.41 -25.87
N SER D 32 -21.75 20.10 -24.87
CA SER D 32 -20.72 19.52 -24.01
C SER D 32 -21.09 19.65 -22.53
N GLY D 33 -20.16 19.32 -21.64
CA GLY D 33 -20.41 19.49 -20.23
C GLY D 33 -19.68 18.52 -19.33
N TYR D 34 -19.15 19.02 -18.21
CA TYR D 34 -18.52 18.15 -17.21
C TYR D 34 -19.59 17.42 -16.41
N ALA D 35 -19.31 16.16 -16.07
CA ALA D 35 -20.22 15.36 -15.27
C ALA D 35 -19.43 14.31 -14.53
N ALA D 36 -19.53 14.30 -13.21
CA ALA D 36 -18.74 13.35 -12.40
C ALA D 36 -19.42 11.99 -12.35
N ASP D 37 -18.58 10.95 -12.30
CA ASP D 37 -19.09 9.59 -12.11
C ASP D 37 -19.61 9.44 -10.68
N LEU D 38 -20.91 9.19 -10.55
CA LEU D 38 -21.56 9.20 -9.25
C LEU D 38 -21.36 7.93 -8.46
N LYS D 39 -20.78 6.88 -9.06
CA LYS D 39 -20.54 5.64 -8.35
C LYS D 39 -19.12 5.56 -7.79
N SER D 40 -18.11 5.81 -8.63
CA SER D 40 -16.73 5.78 -8.16
C SER D 40 -16.46 6.88 -7.15
N THR D 41 -16.99 8.09 -7.39
CA THR D 41 -16.79 9.18 -6.45
C THR D 41 -17.43 8.87 -5.10
N GLN D 42 -18.66 8.32 -5.12
CA GLN D 42 -19.31 7.96 -3.86
C GLN D 42 -18.56 6.83 -3.15
N ASN D 43 -18.05 5.86 -3.92
CA ASN D 43 -17.25 4.80 -3.33
C ASN D 43 -15.99 5.36 -2.70
N ALA D 44 -15.33 6.31 -3.37
CA ALA D 44 -14.15 6.94 -2.80
C ALA D 44 -14.49 7.76 -1.57
N ILE D 45 -15.67 8.38 -1.55
CA ILE D 45 -16.09 9.14 -0.38
C ILE D 45 -16.24 8.23 0.83
N ASP D 46 -16.86 7.06 0.64
CA ASP D 46 -17.03 6.13 1.75
C ASP D 46 -15.68 5.62 2.27
N GLY D 47 -14.76 5.31 1.37
CA GLY D 47 -13.47 4.80 1.79
C GLY D 47 -12.66 5.81 2.58
N ILE D 48 -12.58 7.05 2.09
CA ILE D 48 -11.79 8.07 2.76
C ILE D 48 -12.44 8.45 4.09
N THR D 49 -13.77 8.54 4.12
CA THR D 49 -14.46 8.79 5.39
C THR D 49 -14.18 7.67 6.39
N ASN D 50 -14.26 6.42 5.94
CA ASN D 50 -13.90 5.30 6.82
C ASN D 50 -12.42 5.35 7.19
N LYS D 51 -11.58 5.87 6.30
CA LYS D 51 -10.15 5.98 6.59
C LYS D 51 -9.90 6.95 7.74
N VAL D 52 -10.57 8.11 7.72
CA VAL D 52 -10.37 9.08 8.79
C VAL D 52 -10.92 8.55 10.10
N ASN D 53 -12.10 7.94 10.08
CA ASN D 53 -12.69 7.40 11.30
C ASN D 53 -11.88 6.24 11.85
N SER D 54 -11.25 5.45 10.98
CA SER D 54 -10.41 4.35 11.44
C SER D 54 -9.23 4.86 12.24
N VAL D 55 -8.59 5.93 11.76
CA VAL D 55 -7.47 6.50 12.50
C VAL D 55 -7.95 7.18 13.78
N ILE D 56 -9.05 7.93 13.70
CA ILE D 56 -9.51 8.71 14.83
C ILE D 56 -10.10 7.81 15.91
N GLU D 57 -11.05 6.97 15.53
CA GLU D 57 -11.88 6.25 16.50
C GLU D 57 -11.24 4.94 17.00
N LYS D 58 -10.06 4.58 16.51
CA LYS D 58 -9.33 3.50 17.13
C LYS D 58 -8.60 3.94 18.40
N MET D 59 -8.40 5.24 18.57
CA MET D 59 -7.83 5.75 19.81
C MET D 59 -8.83 5.58 20.94
N ASN D 60 -8.38 4.98 22.04
CA ASN D 60 -9.25 4.66 23.17
C ASN D 60 -8.53 5.06 24.46
N THR D 61 -8.87 6.24 24.98
CA THR D 61 -8.20 6.79 26.16
C THR D 61 -9.15 6.82 27.35
N GLN D 62 -8.58 6.68 28.54
CA GLN D 62 -9.33 6.73 29.79
C GLN D 62 -9.00 8.01 30.54
N PHE D 63 -9.75 8.24 31.62
CA PHE D 63 -9.45 9.33 32.53
C PHE D 63 -8.07 9.12 33.14
N THR D 64 -7.24 10.17 33.12
CA THR D 64 -5.89 10.08 33.65
C THR D 64 -5.42 11.45 34.05
N ALA D 65 -4.82 11.54 35.24
CA ALA D 65 -4.17 12.76 35.72
C ALA D 65 -2.67 12.62 35.43
N VAL D 66 -2.22 13.27 34.35
CA VAL D 66 -0.82 13.14 33.95
C VAL D 66 0.10 13.77 34.98
N GLY D 67 -0.27 14.94 35.51
CA GLY D 67 0.61 15.65 36.42
C GLY D 67 0.82 14.90 37.72
N LYS D 68 2.02 15.10 38.29
CA LYS D 68 2.38 14.53 39.58
C LYS D 68 3.16 15.54 40.38
N GLU D 69 3.08 15.43 41.70
CA GLU D 69 3.76 16.33 42.63
C GLU D 69 4.71 15.54 43.50
N PHE D 70 5.95 16.02 43.62
CA PHE D 70 6.97 15.36 44.41
C PHE D 70 7.71 16.40 45.24
N ASN D 71 8.25 15.96 46.37
CA ASN D 71 8.91 16.86 47.31
C ASN D 71 10.41 16.92 47.02
N HIS D 72 11.16 17.57 47.91
CA HIS D 72 12.59 17.77 47.71
C HIS D 72 13.40 16.49 47.86
N LEU D 73 12.83 15.45 48.45
CA LEU D 73 13.53 14.17 48.63
C LEU D 73 12.93 13.05 47.78
N GLU D 74 12.21 13.41 46.72
CA GLU D 74 11.62 12.44 45.80
C GLU D 74 12.03 12.76 44.36
N LYS D 75 13.26 13.23 44.18
CA LYS D 75 13.76 13.59 42.86
C LYS D 75 13.82 12.36 41.95
N ARG D 76 14.20 11.21 42.50
CA ARG D 76 14.39 10.02 41.69
C ARG D 76 13.10 9.57 41.03
N ILE D 77 12.02 9.45 41.82
CA ILE D 77 10.74 9.08 41.22
C ILE D 77 10.20 10.21 40.36
N GLU D 78 10.56 11.46 40.67
CA GLU D 78 10.17 12.57 39.82
C GLU D 78 10.79 12.45 38.44
N ASN D 79 12.07 12.07 38.36
CA ASN D 79 12.71 11.87 37.07
C ASN D 79 12.12 10.67 36.34
N LEU D 80 11.76 9.62 37.09
CA LEU D 80 11.08 8.48 36.47
C LEU D 80 9.76 8.90 35.85
N ASN D 81 9.03 9.80 36.52
CA ASN D 81 7.77 10.29 35.96
C ASN D 81 8.00 11.02 34.64
N LYS D 82 9.05 11.84 34.56
CA LYS D 82 9.35 12.52 33.31
C LYS D 82 9.80 11.54 32.24
N LYS D 83 10.52 10.48 32.63
CA LYS D 83 10.91 9.46 31.66
C LYS D 83 9.70 8.77 31.08
N VAL D 84 8.66 8.56 31.90
CA VAL D 84 7.40 8.03 31.39
C VAL D 84 6.69 9.05 30.52
N ASP D 85 6.66 10.32 30.96
CA ASP D 85 5.99 11.36 30.19
C ASP D 85 6.71 11.63 28.87
N ASP D 86 8.03 11.84 28.92
CA ASP D 86 8.78 12.09 27.70
C ASP D 86 8.80 10.86 26.81
N GLY D 87 8.92 9.67 27.39
CA GLY D 87 8.91 8.46 26.59
C GLY D 87 7.61 8.26 25.86
N PHE D 88 6.48 8.49 26.55
CA PHE D 88 5.18 8.42 25.87
C PHE D 88 5.06 9.50 24.81
N LEU D 89 5.59 10.69 25.08
CA LEU D 89 5.55 11.77 24.09
C LEU D 89 6.33 11.40 22.84
N ASP D 90 7.53 10.83 23.01
CA ASP D 90 8.35 10.48 21.86
C ASP D 90 7.70 9.37 21.03
N ILE D 91 7.05 8.41 21.68
CA ILE D 91 6.41 7.32 20.96
C ILE D 91 5.24 7.83 20.12
N TRP D 92 4.38 8.66 20.72
CA TRP D 92 3.20 9.13 20.01
C TRP D 92 3.57 10.10 18.89
N THR D 93 4.54 10.98 19.14
CA THR D 93 4.94 11.95 18.11
C THR D 93 5.50 11.25 16.88
N TYR D 94 6.34 10.23 17.08
CA TYR D 94 6.89 9.49 15.96
C TYR D 94 5.79 8.77 15.18
N ASN D 95 4.87 8.11 15.89
CA ASN D 95 3.80 7.39 15.22
C ASN D 95 2.86 8.34 14.48
N ALA D 96 2.48 9.45 15.13
CA ALA D 96 1.53 10.37 14.51
C ALA D 96 2.08 10.98 13.24
N GLU D 97 3.35 11.42 13.28
CA GLU D 97 3.94 12.05 12.10
C GLU D 97 4.08 11.06 10.94
N LEU D 98 4.52 9.83 11.23
CA LEU D 98 4.70 8.85 10.17
C LEU D 98 3.38 8.25 9.70
N LEU D 99 2.37 8.18 10.58
CA LEU D 99 1.07 7.70 10.14
C LEU D 99 0.46 8.63 9.10
N VAL D 100 0.58 9.95 9.32
CA VAL D 100 0.10 10.91 8.33
C VAL D 100 0.91 10.79 7.05
N LEU D 101 2.24 10.67 7.16
CA LEU D 101 3.07 10.55 5.97
C LEU D 101 2.74 9.30 5.17
N LEU D 102 2.49 8.18 5.87
CA LEU D 102 2.18 6.93 5.17
C LEU D 102 0.81 7.00 4.50
N GLU D 103 -0.21 7.48 5.22
CA GLU D 103 -1.57 7.44 4.70
C GLU D 103 -1.82 8.52 3.64
N ASN D 104 -1.11 9.65 3.72
CA ASN D 104 -1.36 10.74 2.77
C ASN D 104 -1.14 10.29 1.34
N GLU D 105 0.03 9.69 1.06
CA GLU D 105 0.30 9.21 -0.29
C GLU D 105 -0.55 7.99 -0.64
N ARG D 106 -0.84 7.15 0.33
CA ARG D 106 -1.74 6.02 0.08
C ARG D 106 -3.10 6.50 -0.38
N THR D 107 -3.58 7.61 0.19
CA THR D 107 -4.77 8.27 -0.32
C THR D 107 -4.53 8.79 -1.73
N LEU D 108 -3.37 9.42 -1.97
CA LEU D 108 -3.08 9.95 -3.29
C LEU D 108 -2.96 8.83 -4.31
N ASP D 109 -2.32 7.72 -3.94
CA ASP D 109 -2.29 6.56 -4.83
C ASP D 109 -3.68 5.95 -5.00
N TYR D 110 -4.51 6.02 -3.95
CA TYR D 110 -5.89 5.54 -4.07
C TYR D 110 -6.66 6.34 -5.10
N HIS D 111 -6.50 7.66 -5.09
CA HIS D 111 -7.15 8.50 -6.10
C HIS D 111 -6.55 8.24 -7.48
N ASP D 112 -5.24 8.02 -7.55
CA ASP D 112 -4.60 7.70 -8.83
C ASP D 112 -5.14 6.41 -9.39
N SER D 113 -5.33 5.39 -8.53
CA SER D 113 -5.88 4.11 -8.99
C SER D 113 -7.31 4.28 -9.48
N ASN D 114 -8.13 5.04 -8.75
CA ASN D 114 -9.54 5.19 -9.12
C ASN D 114 -9.68 5.84 -10.49
N VAL D 115 -8.87 6.87 -10.77
CA VAL D 115 -8.95 7.53 -12.07
C VAL D 115 -8.57 6.58 -13.18
N LYS D 116 -7.49 5.80 -13.00
CA LYS D 116 -7.08 4.87 -14.03
C LYS D 116 -8.12 3.78 -14.26
N ASN D 117 -8.71 3.27 -13.18
CA ASN D 117 -9.76 2.26 -13.33
C ASN D 117 -10.94 2.81 -14.13
N LEU D 118 -11.31 4.07 -13.88
CA LEU D 118 -12.39 4.69 -14.64
C LEU D 118 -12.05 4.76 -16.12
N TYR D 119 -10.80 5.09 -16.45
CA TYR D 119 -10.39 5.09 -17.84
C TYR D 119 -10.45 3.69 -18.44
N GLU D 120 -10.03 2.68 -17.67
CA GLU D 120 -10.12 1.31 -18.16
C GLU D 120 -11.56 0.83 -18.28
N LYS D 121 -12.45 1.29 -17.41
CA LYS D 121 -13.86 0.92 -17.49
C LYS D 121 -14.47 1.39 -18.81
N VAL D 122 -14.21 2.65 -19.17
CA VAL D 122 -14.73 3.17 -20.43
C VAL D 122 -14.03 2.53 -21.62
N ARG D 123 -12.72 2.35 -21.53
CA ARG D 123 -11.96 1.78 -22.64
C ARG D 123 -12.41 0.35 -22.93
N SER D 124 -12.68 -0.45 -21.88
CA SER D 124 -13.15 -1.81 -22.08
C SER D 124 -14.54 -1.87 -22.70
N GLN D 125 -15.28 -0.76 -22.66
CA GLN D 125 -16.61 -0.71 -23.27
C GLN D 125 -16.53 -0.32 -24.75
N LEU D 126 -15.86 0.80 -25.05
CA LEU D 126 -15.87 1.32 -26.42
C LEU D 126 -15.10 0.41 -27.37
N LYS D 127 -13.99 -0.16 -26.91
CA LYS D 127 -13.16 -1.09 -27.71
C LYS D 127 -12.70 -0.35 -28.96
N ASN D 128 -12.90 -0.90 -30.15
CA ASN D 128 -12.48 -0.25 -31.39
C ASN D 128 -13.52 0.70 -31.95
N ASN D 129 -14.68 0.83 -31.30
CA ASN D 129 -15.67 1.82 -31.71
C ASN D 129 -15.20 3.24 -31.42
N ALA D 130 -14.14 3.41 -30.63
CA ALA D 130 -13.58 4.71 -30.33
C ALA D 130 -12.07 4.65 -30.45
N LYS D 131 -11.48 5.81 -30.70
CA LYS D 131 -10.04 5.96 -30.88
C LYS D 131 -9.45 6.68 -29.68
N GLU D 132 -8.47 6.08 -29.03
CA GLU D 132 -7.81 6.67 -27.87
C GLU D 132 -6.88 7.79 -28.35
N ILE D 133 -7.39 9.02 -28.34
CA ILE D 133 -6.57 10.18 -28.71
C ILE D 133 -5.63 10.61 -27.61
N GLY D 134 -5.61 9.90 -26.48
CA GLY D 134 -4.70 10.22 -25.39
C GLY D 134 -5.23 11.31 -24.49
N ASN D 135 -4.43 11.63 -23.47
CA ASN D 135 -4.76 12.63 -22.47
C ASN D 135 -6.08 12.32 -21.78
N GLY D 136 -6.40 11.04 -21.64
CA GLY D 136 -7.61 10.61 -20.98
C GLY D 136 -8.88 10.80 -21.78
N CYS D 137 -8.78 10.94 -23.10
CA CYS D 137 -9.93 11.23 -23.94
C CYS D 137 -10.13 10.12 -24.97
N PHE D 138 -11.38 9.98 -25.40
CA PHE D 138 -11.76 9.07 -26.48
C PHE D 138 -12.44 9.86 -27.59
N GLU D 139 -12.18 9.49 -28.83
CA GLU D 139 -12.86 10.04 -29.98
C GLU D 139 -13.70 8.93 -30.61
N PHE D 140 -15.00 9.16 -30.73
CA PHE D 140 -15.90 8.15 -31.26
C PHE D 140 -15.76 8.03 -32.77
N TYR D 141 -15.79 6.81 -33.27
CA TYR D 141 -15.84 6.56 -34.71
C TYR D 141 -17.27 6.62 -35.26
N HIS D 142 -18.27 6.73 -34.38
CA HIS D 142 -19.67 6.83 -34.78
C HIS D 142 -20.27 8.07 -34.11
N LYS D 143 -21.57 8.26 -34.33
CA LYS D 143 -22.29 9.39 -33.76
C LYS D 143 -22.87 8.97 -32.41
N CYS D 144 -22.39 9.59 -31.35
CA CYS D 144 -22.83 9.29 -29.98
C CYS D 144 -23.60 10.50 -29.46
N ASP D 145 -24.91 10.34 -29.33
CA ASP D 145 -25.78 11.42 -28.87
C ASP D 145 -25.79 11.47 -27.35
N ASN D 146 -26.67 12.29 -26.78
CA ASN D 146 -26.76 12.39 -25.34
C ASN D 146 -27.21 11.07 -24.72
N THR D 147 -28.15 10.38 -25.37
CA THR D 147 -28.55 9.06 -24.88
C THR D 147 -27.39 8.07 -24.95
N CYS D 148 -26.62 8.12 -26.03
CA CYS D 148 -25.45 7.25 -26.15
C CYS D 148 -24.40 7.58 -25.09
N MET D 149 -24.21 8.87 -24.81
CA MET D 149 -23.25 9.26 -23.78
C MET D 149 -23.63 8.71 -22.41
N GLU D 150 -24.92 8.78 -22.07
CA GLU D 150 -25.36 8.29 -20.76
C GLU D 150 -25.17 6.79 -20.62
N SER D 151 -25.29 6.04 -21.72
CA SER D 151 -25.08 4.60 -21.65
C SER D 151 -23.66 4.26 -21.23
N VAL D 152 -22.68 5.00 -21.77
CA VAL D 152 -21.29 4.82 -21.34
C VAL D 152 -21.14 5.21 -19.87
N LYS D 153 -21.71 6.34 -19.48
CA LYS D 153 -21.65 6.76 -18.09
C LYS D 153 -22.40 5.81 -17.17
N ASN D 154 -23.47 5.19 -17.67
CA ASN D 154 -24.21 4.17 -16.92
C ASN D 154 -23.55 2.81 -16.98
N GLY D 155 -22.49 2.65 -17.79
CA GLY D 155 -21.86 1.36 -17.95
C GLY D 155 -22.67 0.37 -18.76
N THR D 156 -23.45 0.85 -19.71
CA THR D 156 -24.31 0.01 -20.55
C THR D 156 -24.19 0.41 -22.02
N TYR D 157 -22.99 0.78 -22.45
CA TYR D 157 -22.78 1.10 -23.85
C TYR D 157 -23.02 -0.14 -24.72
N ASP D 158 -23.76 0.04 -25.80
CA ASP D 158 -24.14 -1.06 -26.68
C ASP D 158 -23.15 -1.09 -27.85
N TYR D 159 -22.06 -1.84 -27.67
CA TYR D 159 -21.08 -1.99 -28.74
C TYR D 159 -21.67 -2.60 -30.00
N PRO D 160 -22.47 -3.69 -29.95
CA PRO D 160 -23.06 -4.20 -31.20
C PRO D 160 -23.95 -3.19 -31.92
N LYS D 161 -24.59 -2.28 -31.19
CA LYS D 161 -25.48 -1.31 -31.83
C LYS D 161 -24.72 -0.41 -32.80
N TYR D 162 -23.56 0.09 -32.38
CA TYR D 162 -22.79 1.04 -33.18
C TYR D 162 -21.59 0.39 -33.87
N SER D 163 -21.46 -0.93 -33.79
CA SER D 163 -20.28 -1.60 -34.34
C SER D 163 -20.20 -1.43 -35.85
N GLU D 164 -21.34 -1.58 -36.55
CA GLU D 164 -21.33 -1.46 -38.01
C GLU D 164 -20.98 -0.04 -38.45
N GLU D 165 -21.55 0.97 -37.79
CA GLU D 165 -21.23 2.34 -38.16
C GLU D 165 -19.77 2.67 -37.90
N ALA D 166 -19.24 2.22 -36.76
CA ALA D 166 -17.82 2.43 -36.47
C ALA D 166 -16.93 1.65 -37.42
N LYS D 167 -17.40 0.48 -37.88
CA LYS D 167 -16.62 -0.30 -38.84
C LYS D 167 -16.43 0.45 -40.15
N LEU D 168 -17.50 1.10 -40.64
CA LEU D 168 -17.41 1.82 -41.91
C LEU D 168 -16.52 3.05 -41.78
N ASN D 169 -16.68 3.82 -40.71
CA ASN D 169 -15.87 5.03 -40.55
C ASN D 169 -14.41 4.71 -40.27
N ARG D 170 -14.13 3.58 -39.63
CA ARG D 170 -12.76 3.24 -39.28
C ARG D 170 -11.91 2.97 -40.53
N GLU D 171 -12.45 2.20 -41.47
CA GLU D 171 -11.70 1.82 -42.66
C GLU D 171 -11.80 2.85 -43.77
N GLU D 172 -12.90 3.62 -43.82
CA GLU D 172 -12.97 4.76 -44.73
C GLU D 172 -11.90 5.80 -44.37
N ILE D 173 -11.65 5.99 -43.08
CA ILE D 173 -10.57 6.87 -42.63
C ILE D 173 -9.21 6.33 -43.10
N ASP D 174 -9.06 5.00 -43.11
CA ASP D 174 -7.80 4.40 -43.52
C ASP D 174 -7.46 4.75 -44.96
N SER D 175 -8.45 4.73 -45.84
CA SER D 175 -8.22 5.05 -47.25
C SER D 175 -8.04 6.55 -47.44
N ASP E 1 -13.81 -20.99 -35.78
CA ASP E 1 -13.99 -20.61 -34.38
C ASP E 1 -14.95 -21.57 -33.67
N PRO E 2 -14.40 -22.61 -33.05
CA PRO E 2 -15.23 -23.52 -32.24
C PRO E 2 -15.64 -22.94 -30.90
N GLY E 3 -15.25 -21.71 -30.60
CA GLY E 3 -15.59 -21.08 -29.34
C GLY E 3 -14.95 -21.71 -28.12
N ASP E 4 -13.71 -22.16 -28.24
CA ASP E 4 -12.98 -22.64 -27.07
C ASP E 4 -12.61 -21.46 -26.18
N THR E 5 -12.79 -21.65 -24.87
CA THR E 5 -12.67 -20.55 -23.92
C THR E 5 -11.70 -20.92 -22.80
N LEU E 6 -10.87 -19.94 -22.41
CA LEU E 6 -10.01 -20.03 -21.24
C LEU E 6 -10.24 -18.78 -20.40
N CYS E 7 -10.48 -18.97 -19.10
CA CYS E 7 -10.85 -17.88 -18.21
C CYS E 7 -9.89 -17.84 -17.02
N ILE E 8 -9.67 -16.63 -16.50
CA ILE E 8 -8.84 -16.41 -15.32
C ILE E 8 -9.76 -16.00 -14.17
N GLY E 9 -9.61 -16.67 -13.03
CA GLY E 9 -10.45 -16.39 -11.88
C GLY E 9 -9.71 -16.68 -10.59
N TYR E 10 -10.41 -16.44 -9.47
CA TYR E 10 -9.82 -16.58 -8.15
C TYR E 10 -10.74 -17.41 -7.25
N HIS E 11 -10.21 -17.79 -6.10
CA HIS E 11 -10.87 -18.75 -5.23
C HIS E 11 -12.06 -18.13 -4.49
N ALA E 12 -13.00 -18.99 -4.12
CA ALA E 12 -14.13 -18.62 -3.27
C ALA E 12 -14.57 -19.86 -2.50
N ASN E 13 -15.00 -19.65 -1.26
CA ASN E 13 -15.42 -20.76 -0.39
C ASN E 13 -16.61 -20.29 0.44
N ASN E 14 -16.97 -21.08 1.44
CA ASN E 14 -18.08 -20.76 2.34
C ASN E 14 -17.63 -19.97 3.56
N SER E 15 -16.40 -19.47 3.56
CA SER E 15 -15.90 -18.70 4.69
C SER E 15 -16.72 -17.44 4.89
N THR E 16 -17.24 -17.26 6.09
CA THR E 16 -18.00 -16.07 6.47
C THR E 16 -17.17 -15.12 7.33
N ASP E 17 -15.89 -15.39 7.51
CA ASP E 17 -15.04 -14.54 8.33
C ASP E 17 -14.89 -13.17 7.70
N THR E 18 -14.97 -12.13 8.54
CA THR E 18 -14.94 -10.75 8.09
C THR E 18 -13.76 -10.02 8.73
N VAL E 19 -13.07 -9.19 7.95
CA VAL E 19 -11.92 -8.42 8.42
C VAL E 19 -12.11 -6.96 8.07
N ASP E 20 -11.75 -6.09 9.00
CA ASP E 20 -11.84 -4.65 8.78
C ASP E 20 -10.55 -4.12 8.18
N THR E 21 -10.69 -3.20 7.23
CA THR E 21 -9.55 -2.55 6.58
C THR E 21 -9.62 -1.05 6.85
N VAL E 22 -8.60 -0.34 6.36
CA VAL E 22 -8.57 1.10 6.54
C VAL E 22 -9.69 1.78 5.75
N LEU E 23 -10.03 1.26 4.57
CA LEU E 23 -11.04 1.87 3.72
C LEU E 23 -12.41 1.21 3.82
N GLU E 24 -12.47 -0.09 4.12
CA GLU E 24 -13.73 -0.82 4.15
C GLU E 24 -13.85 -1.58 5.46
N LYS E 25 -15.09 -1.95 5.79
CA LYS E 25 -15.40 -2.77 6.95
C LYS E 25 -16.05 -4.07 6.50
N ASN E 26 -16.03 -5.06 7.41
CA ASN E 26 -16.54 -6.40 7.18
C ASN E 26 -15.68 -7.14 6.17
N VAL E 27 -15.90 -6.92 4.88
CA VAL E 27 -15.09 -7.50 3.80
C VAL E 27 -14.85 -8.98 4.01
N THR E 28 -15.80 -9.81 3.63
CA THR E 28 -15.66 -11.25 3.82
C THR E 28 -14.47 -11.79 3.05
N VAL E 29 -13.68 -12.63 3.71
CA VAL E 29 -12.46 -13.18 3.11
C VAL E 29 -12.52 -14.70 3.18
N THR E 30 -11.76 -15.33 2.27
CA THR E 30 -11.74 -16.79 2.20
C THR E 30 -10.93 -17.40 3.34
N HIS E 31 -9.79 -16.82 3.67
CA HIS E 31 -8.91 -17.38 4.70
C HIS E 31 -8.37 -16.26 5.57
N SER E 32 -8.43 -16.44 6.88
CA SER E 32 -7.96 -15.44 7.82
C SER E 32 -7.49 -16.13 9.10
N VAL E 33 -6.65 -15.43 9.84
CA VAL E 33 -6.14 -15.89 11.13
C VAL E 33 -6.31 -14.77 12.15
N ASN E 34 -6.62 -15.15 13.39
CA ASN E 34 -6.83 -14.19 14.46
C ASN E 34 -5.52 -13.92 15.18
N LEU E 35 -5.10 -12.65 15.21
CA LEU E 35 -3.88 -12.27 15.92
C LEU E 35 -4.09 -12.08 17.41
N LEU E 36 -5.33 -12.09 17.88
CA LEU E 36 -5.66 -11.81 19.27
C LEU E 36 -6.00 -13.11 20.01
N GLU E 37 -5.35 -13.33 21.14
CA GLU E 37 -5.69 -14.44 22.01
C GLU E 37 -6.72 -13.95 23.02
N ASP E 38 -7.92 -14.54 22.99
CA ASP E 38 -9.02 -14.10 23.82
C ASP E 38 -9.58 -15.20 24.71
N LYS E 39 -8.88 -16.32 24.85
CA LYS E 39 -9.35 -17.44 25.64
C LYS E 39 -8.25 -17.90 26.60
N HIS E 40 -8.68 -18.45 27.73
CA HIS E 40 -7.78 -18.96 28.75
C HIS E 40 -8.31 -20.30 29.25
N ASN E 41 -7.41 -21.09 29.83
CA ASN E 41 -7.78 -22.40 30.34
C ASN E 41 -8.45 -22.34 31.72
N GLY E 42 -8.48 -21.16 32.35
CA GLY E 42 -9.10 -21.03 33.64
C GLY E 42 -8.36 -21.75 34.76
N LYS E 43 -7.06 -21.95 34.61
CA LYS E 43 -6.26 -22.66 35.59
C LYS E 43 -5.02 -21.83 35.95
N LEU E 44 -4.51 -22.06 37.15
CA LEU E 44 -3.24 -21.49 37.60
C LEU E 44 -2.19 -22.59 37.47
N CYS E 45 -1.36 -22.50 36.44
CA CYS E 45 -0.45 -23.58 36.09
C CYS E 45 0.96 -23.32 36.61
N LYS E 46 1.81 -24.32 36.46
CA LYS E 46 3.21 -24.21 36.84
C LYS E 46 3.93 -23.29 35.85
N LEU E 47 4.40 -22.14 36.34
CA LEU E 47 5.15 -21.21 35.52
C LEU E 47 6.62 -21.60 35.54
N ARG E 48 7.23 -21.68 34.35
CA ARG E 48 8.60 -22.19 34.19
C ARG E 48 8.73 -23.61 34.72
N GLY E 49 7.64 -24.37 34.68
CA GLY E 49 7.59 -25.69 35.27
C GLY E 49 7.55 -25.72 36.78
N VAL E 50 7.81 -24.60 37.45
CA VAL E 50 7.83 -24.54 38.91
C VAL E 50 6.42 -24.25 39.41
N ALA E 51 5.94 -25.07 40.34
CA ALA E 51 4.63 -24.87 40.90
C ALA E 51 4.59 -23.59 41.76
N PRO E 52 3.44 -22.93 41.85
CA PRO E 52 3.32 -21.74 42.68
C PRO E 52 3.12 -22.12 44.15
N LEU E 53 2.92 -21.09 44.98
CA LEU E 53 2.67 -21.25 46.40
C LEU E 53 1.28 -20.69 46.71
N HIS E 54 0.35 -21.59 47.00
CA HIS E 54 -1.04 -21.22 47.27
C HIS E 54 -1.25 -21.24 48.78
N LEU E 55 -1.32 -20.06 49.39
CA LEU E 55 -1.53 -19.97 50.83
C LEU E 55 -2.97 -20.32 51.20
N GLY E 56 -3.93 -20.01 50.34
CA GLY E 56 -5.31 -20.39 50.58
C GLY E 56 -6.01 -19.56 51.63
N LYS E 57 -6.26 -20.17 52.79
CA LYS E 57 -6.99 -19.48 53.84
C LYS E 57 -6.18 -18.31 54.40
N CYS E 58 -4.86 -18.41 54.41
CA CYS E 58 -3.99 -17.37 54.96
C CYS E 58 -3.45 -16.47 53.85
N ASN E 59 -2.86 -15.36 54.28
CA ASN E 59 -2.13 -14.46 53.41
C ASN E 59 -0.64 -14.53 53.76
N ILE E 60 0.15 -13.66 53.12
CA ILE E 60 1.60 -13.71 53.27
C ILE E 60 2.02 -13.42 54.71
N ALA E 61 1.41 -12.41 55.32
CA ALA E 61 1.79 -12.03 56.68
C ALA E 61 1.57 -13.18 57.65
N GLY E 62 0.42 -13.85 57.56
CA GLY E 62 0.16 -14.98 58.43
C GLY E 62 1.07 -16.16 58.14
N TRP E 63 1.34 -16.41 56.87
CA TRP E 63 2.14 -17.58 56.49
C TRP E 63 3.58 -17.46 57.00
N ILE E 64 4.21 -16.31 56.78
CA ILE E 64 5.61 -16.17 57.19
C ILE E 64 5.73 -16.08 58.70
N LEU E 65 4.75 -15.46 59.38
CA LEU E 65 4.81 -15.37 60.83
C LEU E 65 4.50 -16.71 61.49
N GLY E 66 3.54 -17.46 60.94
CA GLY E 66 3.17 -18.72 61.53
C GLY E 66 1.89 -18.65 62.34
N ASN E 67 0.89 -17.96 61.78
CA ASN E 67 -0.40 -17.87 62.45
C ASN E 67 -0.99 -19.28 62.62
N PRO E 68 -1.69 -19.55 63.73
CA PRO E 68 -2.14 -20.92 63.99
C PRO E 68 -2.98 -21.53 62.88
N GLU E 69 -3.66 -20.73 62.09
CA GLU E 69 -4.46 -21.22 60.99
C GLU E 69 -3.69 -21.39 59.69
N CYS E 70 -2.40 -21.05 59.67
CA CYS E 70 -1.61 -21.07 58.44
C CYS E 70 -0.77 -22.35 58.36
N GLU E 71 -1.49 -23.48 58.28
CA GLU E 71 -0.94 -24.82 58.10
C GLU E 71 0.43 -25.00 58.76
N SER E 72 1.48 -25.09 57.96
CA SER E 72 2.86 -25.11 58.42
C SER E 72 3.68 -24.38 57.36
N LEU E 73 5.00 -24.54 57.41
CA LEU E 73 5.90 -23.95 56.42
C LEU E 73 6.36 -24.96 55.39
N SER E 74 5.57 -26.02 55.18
CA SER E 74 5.85 -27.06 54.18
C SER E 74 7.21 -27.67 54.50
N THR E 75 8.09 -27.82 53.52
CA THR E 75 9.45 -28.33 53.74
C THR E 75 10.39 -27.49 52.89
N ALA E 76 11.61 -27.97 52.68
CA ALA E 76 12.54 -27.29 51.79
C ALA E 76 12.01 -27.37 50.37
N SER E 77 11.42 -26.27 49.90
CA SER E 77 10.72 -26.25 48.61
C SER E 77 11.02 -24.92 47.92
N SER E 78 10.25 -24.65 46.86
CA SER E 78 10.41 -23.42 46.08
C SER E 78 9.09 -23.14 45.36
N TRP E 79 8.98 -21.93 44.82
CA TRP E 79 7.79 -21.53 44.10
C TRP E 79 8.16 -20.48 43.07
N SER E 80 7.27 -20.31 42.08
CA SER E 80 7.46 -19.31 41.03
C SER E 80 6.63 -18.06 41.25
N TYR E 81 5.49 -18.17 41.94
CA TYR E 81 4.70 -17.00 42.31
C TYR E 81 3.80 -17.38 43.48
N ILE E 82 3.36 -16.36 44.21
CA ILE E 82 2.53 -16.54 45.40
C ILE E 82 1.08 -16.31 45.02
N VAL E 83 0.21 -17.23 45.43
CA VAL E 83 -1.22 -17.16 45.13
C VAL E 83 -1.97 -16.89 46.42
N GLU E 84 -2.67 -15.77 46.47
CA GLU E 84 -3.58 -15.45 47.55
C GLU E 84 -5.02 -15.48 47.04
N THR E 85 -5.96 -15.40 47.97
CA THR E 85 -7.37 -15.39 47.64
C THR E 85 -8.02 -14.14 48.22
N PRO E 86 -9.11 -13.66 47.61
CA PRO E 86 -9.84 -12.54 48.23
C PRO E 86 -10.36 -12.87 49.61
N SER E 87 -10.66 -14.14 49.89
CA SER E 87 -11.11 -14.57 51.20
C SER E 87 -9.97 -14.78 52.19
N SER E 88 -8.72 -14.66 51.75
CA SER E 88 -7.57 -14.87 52.64
C SER E 88 -7.52 -13.73 53.65
N ASP E 89 -7.97 -14.01 54.88
CA ASP E 89 -7.99 -13.02 55.94
C ASP E 89 -7.07 -13.35 57.11
N ASN E 90 -6.71 -14.62 57.30
CA ASN E 90 -5.88 -15.02 58.43
C ASN E 90 -4.48 -14.45 58.27
N GLY E 91 -4.16 -13.42 59.04
CA GLY E 91 -2.86 -12.79 59.00
C GLY E 91 -2.34 -12.46 60.39
N THR E 92 -2.00 -11.19 60.61
CA THR E 92 -1.53 -10.75 61.92
C THR E 92 -2.71 -10.73 62.88
N CYS E 93 -2.84 -11.80 63.66
CA CYS E 93 -3.97 -11.92 64.58
C CYS E 93 -3.94 -10.84 65.65
N TYR E 94 -2.77 -10.60 66.24
CA TYR E 94 -2.64 -9.49 67.18
C TYR E 94 -2.49 -8.19 66.40
N PRO E 95 -3.32 -7.18 66.69
CA PRO E 95 -3.27 -5.94 65.89
C PRO E 95 -1.89 -5.28 65.94
N GLY E 96 -1.48 -4.74 64.80
CA GLY E 96 -0.19 -4.12 64.69
C GLY E 96 0.08 -3.71 63.26
N ASP E 97 1.30 -3.21 63.03
CA ASP E 97 1.73 -2.75 61.71
C ASP E 97 2.91 -3.59 61.25
N PHE E 98 2.73 -4.31 60.15
CA PHE E 98 3.82 -5.07 59.53
C PHE E 98 4.66 -4.09 58.72
N ILE E 99 5.83 -3.75 59.27
CA ILE E 99 6.68 -2.74 58.64
C ILE E 99 7.24 -3.29 57.35
N ASP E 100 7.14 -2.50 56.27
CA ASP E 100 7.62 -2.88 54.94
C ASP E 100 6.97 -4.18 54.48
N TYR E 101 5.66 -4.31 54.73
CA TYR E 101 4.95 -5.51 54.31
C TYR E 101 4.92 -5.62 52.79
N GLU E 102 4.66 -4.51 52.09
CA GLU E 102 4.59 -4.55 50.63
C GLU E 102 5.92 -4.94 50.02
N GLU E 103 7.02 -4.39 50.54
CA GLU E 103 8.35 -4.71 50.01
C GLU E 103 8.68 -6.19 50.23
N LEU E 104 8.38 -6.71 51.42
CA LEU E 104 8.68 -8.12 51.70
C LEU E 104 7.88 -9.06 50.80
N ARG E 105 6.65 -8.67 50.45
CA ARG E 105 5.85 -9.49 49.54
C ARG E 105 6.51 -9.61 48.17
N GLU E 106 7.04 -8.50 47.65
CA GLU E 106 7.72 -8.54 46.36
C GLU E 106 8.99 -9.37 46.42
N GLN E 107 9.77 -9.24 47.51
CA GLN E 107 11.00 -10.00 47.65
C GLN E 107 10.72 -11.49 47.76
N LEU E 108 9.65 -11.86 48.47
CA LEU E 108 9.28 -13.25 48.69
C LEU E 108 8.42 -13.83 47.57
N SER E 109 8.16 -13.04 46.52
CA SER E 109 7.22 -13.47 45.49
C SER E 109 7.68 -14.75 44.81
N SER E 110 8.98 -14.88 44.54
CA SER E 110 9.53 -16.09 43.93
C SER E 110 10.92 -16.36 44.49
N VAL E 111 11.10 -17.57 45.01
CA VAL E 111 12.40 -18.04 45.48
C VAL E 111 12.67 -19.40 44.88
N SER E 112 13.95 -19.73 44.73
CA SER E 112 14.37 -21.02 44.19
C SER E 112 14.82 -22.00 45.27
N SER E 113 15.29 -21.50 46.41
CA SER E 113 15.62 -22.33 47.56
C SER E 113 14.96 -21.74 48.79
N PHE E 114 14.44 -22.61 49.65
CA PHE E 114 13.74 -22.17 50.85
C PHE E 114 13.84 -23.28 51.89
N GLU E 115 14.01 -22.89 53.16
CA GLU E 115 14.08 -23.85 54.24
C GLU E 115 13.83 -23.12 55.56
N ARG E 116 12.98 -23.70 56.41
CA ARG E 116 12.71 -23.16 57.72
C ARG E 116 13.49 -23.97 58.76
N PHE E 117 14.36 -23.29 59.50
CA PHE E 117 15.11 -23.91 60.58
C PHE E 117 14.94 -23.10 61.86
N GLU E 118 15.01 -23.79 62.99
CA GLU E 118 14.82 -23.16 64.30
C GLU E 118 16.10 -22.41 64.66
N ILE E 119 16.13 -21.11 64.37
CA ILE E 119 17.31 -20.32 64.66
C ILE E 119 17.56 -20.24 66.16
N PHE E 120 16.50 -20.06 66.95
CA PHE E 120 16.58 -20.02 68.41
C PHE E 120 15.67 -21.09 68.98
N PRO E 121 16.20 -22.27 69.33
CA PRO E 121 15.35 -23.31 69.89
C PRO E 121 14.68 -22.84 71.19
N LYS E 122 13.44 -23.29 71.40
CA LYS E 122 12.62 -22.76 72.47
C LYS E 122 13.18 -23.12 73.84
N THR E 123 13.54 -24.38 74.04
CA THR E 123 13.90 -24.90 75.36
C THR E 123 15.40 -24.99 75.58
N SER E 124 16.21 -24.35 74.73
CA SER E 124 17.65 -24.36 74.93
C SER E 124 18.28 -22.99 74.67
N SER E 125 17.49 -21.92 74.66
CA SER E 125 18.03 -20.58 74.46
C SER E 125 17.52 -19.54 75.44
N TRP E 126 16.38 -19.76 76.11
CA TRP E 126 15.78 -18.79 77.02
C TRP E 126 15.52 -19.45 78.37
N PRO E 127 16.57 -19.70 79.16
CA PRO E 127 16.36 -20.31 80.48
C PRO E 127 15.82 -19.34 81.51
N ASN E 128 16.28 -18.09 81.47
CA ASN E 128 15.92 -17.10 82.47
C ASN E 128 14.55 -16.48 82.25
N HIS E 129 13.94 -16.70 81.09
CA HIS E 129 12.68 -16.05 80.73
C HIS E 129 11.62 -17.09 80.42
N ASP E 130 10.39 -16.78 80.79
CA ASP E 130 9.27 -17.69 80.52
C ASP E 130 8.96 -17.72 79.03
N SER E 131 8.93 -18.91 78.45
CA SER E 131 8.66 -19.11 77.03
C SER E 131 7.44 -20.00 76.82
N ASN E 132 6.52 -20.02 77.78
CA ASN E 132 5.32 -20.85 77.68
C ASN E 132 4.03 -20.08 77.85
N LYS E 133 4.02 -19.05 78.71
CA LYS E 133 2.82 -18.26 78.94
C LYS E 133 2.65 -17.11 77.97
N GLY E 134 3.55 -16.97 77.00
CA GLY E 134 3.47 -15.89 76.04
C GLY E 134 2.45 -16.12 74.95
N VAL E 135 1.17 -16.19 75.32
CA VAL E 135 0.08 -16.35 74.38
C VAL E 135 -0.97 -15.28 74.65
N THR E 136 -1.89 -15.13 73.71
CA THR E 136 -2.96 -14.14 73.83
C THR E 136 -4.26 -14.73 73.31
N ALA E 137 -5.36 -14.12 73.75
CA ALA E 137 -6.69 -14.62 73.37
C ALA E 137 -7.05 -14.26 71.93
N ALA E 138 -6.36 -13.30 71.33
CA ALA E 138 -6.67 -12.86 69.98
C ALA E 138 -6.12 -13.78 68.90
N CYS E 139 -5.36 -14.80 69.28
CA CYS E 139 -4.73 -15.73 68.33
C CYS E 139 -5.08 -17.15 68.72
N PRO E 140 -6.32 -17.57 68.49
CA PRO E 140 -6.72 -18.93 68.88
C PRO E 140 -6.09 -19.98 67.98
N HIS E 141 -5.92 -21.18 68.55
CA HIS E 141 -5.47 -22.36 67.83
C HIS E 141 -6.39 -23.50 68.24
N ALA E 142 -7.40 -23.78 67.41
CA ALA E 142 -8.43 -24.77 67.71
C ALA E 142 -9.17 -24.44 69.00
N GLY E 143 -9.30 -23.15 69.32
CA GLY E 143 -10.05 -22.72 70.47
C GLY E 143 -9.22 -22.13 71.59
N ALA E 144 -8.06 -22.73 71.87
CA ALA E 144 -7.23 -22.30 72.97
C ALA E 144 -6.35 -21.12 72.57
N LYS E 145 -5.99 -20.31 73.55
CA LYS E 145 -5.09 -19.17 73.30
C LYS E 145 -3.71 -19.68 72.91
N SER E 146 -3.16 -19.11 71.84
CA SER E 146 -1.85 -19.54 71.34
C SER E 146 -1.17 -18.33 70.71
N PHE E 147 -0.08 -18.60 69.99
CA PHE E 147 0.72 -17.54 69.38
C PHE E 147 1.25 -18.05 68.05
N TYR E 148 2.06 -17.21 67.40
CA TYR E 148 2.62 -17.56 66.10
C TYR E 148 3.56 -18.75 66.22
N LYS E 149 3.55 -19.61 65.20
CA LYS E 149 4.38 -20.82 65.23
C LYS E 149 5.86 -20.47 65.23
N ASN E 150 6.27 -19.46 64.46
CA ASN E 150 7.68 -19.12 64.30
C ASN E 150 8.15 -18.04 65.26
N LEU E 151 7.29 -17.55 66.15
CA LEU E 151 7.65 -16.49 67.07
C LEU E 151 7.34 -16.92 68.51
N ILE E 152 8.13 -16.38 69.44
CA ILE E 152 7.97 -16.65 70.86
C ILE E 152 7.76 -15.32 71.58
N TRP E 153 6.73 -15.26 72.42
CA TRP E 153 6.48 -14.09 73.26
C TRP E 153 7.11 -14.33 74.62
N LEU E 154 8.24 -13.67 74.87
CA LEU E 154 8.97 -13.85 76.13
C LEU E 154 8.42 -12.91 77.18
N VAL E 155 8.16 -13.47 78.37
CA VAL E 155 7.69 -12.70 79.52
C VAL E 155 8.57 -13.04 80.71
N LYS E 156 8.36 -12.32 81.81
CA LYS E 156 9.13 -12.55 83.02
C LYS E 156 8.83 -13.93 83.59
N LYS E 157 9.86 -14.59 84.09
CA LYS E 157 9.71 -15.91 84.71
C LYS E 157 9.44 -15.71 86.19
N GLY E 158 8.17 -15.54 86.52
CA GLY E 158 7.77 -15.20 87.88
C GLY E 158 7.88 -13.72 88.15
N ASN E 159 9.12 -13.24 88.32
CA ASN E 159 9.37 -11.82 88.50
C ASN E 159 10.74 -11.42 87.96
N SER E 160 11.43 -12.31 87.26
CA SER E 160 12.80 -12.07 86.83
C SER E 160 12.82 -11.90 85.32
N TYR E 161 13.17 -10.69 84.87
CA TYR E 161 13.39 -10.39 83.45
C TYR E 161 14.71 -9.65 83.33
N PRO E 162 15.83 -10.37 83.32
CA PRO E 162 17.15 -9.73 83.23
C PRO E 162 17.45 -9.31 81.79
N LYS E 163 18.64 -8.75 81.61
CA LYS E 163 19.08 -8.36 80.28
C LYS E 163 19.27 -9.58 79.39
N LEU E 164 18.83 -9.46 78.14
CA LEU E 164 18.90 -10.54 77.16
C LEU E 164 19.85 -10.13 76.05
N SER E 165 20.74 -11.04 75.65
CA SER E 165 21.64 -10.79 74.52
C SER E 165 21.96 -12.14 73.89
N LYS E 166 21.25 -12.48 72.82
CA LYS E 166 21.46 -13.73 72.09
C LYS E 166 21.75 -13.39 70.63
N SER E 167 22.77 -14.02 70.06
CA SER E 167 23.22 -13.74 68.71
C SER E 167 23.23 -15.02 67.88
N TYR E 168 23.21 -14.83 66.56
CA TYR E 168 23.30 -15.94 65.61
C TYR E 168 24.18 -15.53 64.44
N ILE E 169 25.03 -16.45 63.99
CA ILE E 169 25.90 -16.24 62.84
C ILE E 169 25.38 -17.07 61.68
N ASN E 170 25.26 -16.44 60.51
CA ASN E 170 24.68 -17.10 59.35
C ASN E 170 25.66 -18.12 58.76
N ASP E 171 25.64 -19.35 59.29
CA ASP E 171 26.46 -20.43 58.76
C ASP E 171 25.80 -21.14 57.59
N LYS E 172 24.55 -20.81 57.26
CA LYS E 172 23.83 -21.54 56.22
C LYS E 172 24.42 -21.34 54.83
N GLY E 173 25.18 -20.27 54.62
CA GLY E 173 25.72 -19.99 53.30
C GLY E 173 24.76 -19.31 52.35
N LYS E 174 23.54 -19.02 52.79
CA LYS E 174 22.55 -18.32 52.00
C LYS E 174 21.95 -17.18 52.83
N GLU E 175 21.11 -16.38 52.19
CA GLU E 175 20.42 -15.32 52.91
C GLU E 175 19.44 -15.91 53.90
N VAL E 176 19.38 -15.31 55.09
CA VAL E 176 18.52 -15.77 56.17
C VAL E 176 17.54 -14.64 56.51
N LEU E 177 16.25 -14.97 56.51
CA LEU E 177 15.21 -14.01 56.86
C LEU E 177 14.90 -14.14 58.35
N VAL E 178 15.08 -13.05 59.09
CA VAL E 178 14.86 -13.01 60.53
C VAL E 178 13.74 -12.02 60.81
N LEU E 179 12.69 -12.47 61.47
CA LEU E 179 11.53 -11.65 61.80
C LEU E 179 11.34 -11.61 63.30
N TRP E 180 11.04 -10.44 63.83
CA TRP E 180 10.81 -10.25 65.26
C TRP E 180 9.63 -9.31 65.44
N GLY E 181 9.39 -8.91 66.69
CA GLY E 181 8.28 -8.02 66.98
C GLY E 181 8.49 -7.26 68.26
N ILE E 182 7.82 -6.12 68.37
CA ILE E 182 7.87 -5.25 69.53
C ILE E 182 6.46 -5.10 70.07
N HIS E 183 6.29 -5.35 71.37
CA HIS E 183 4.99 -5.27 72.02
C HIS E 183 4.82 -3.91 72.70
N HIS E 184 3.66 -3.29 72.48
CA HIS E 184 3.35 -1.97 73.03
C HIS E 184 2.05 -2.07 73.84
N PRO E 185 2.13 -2.21 75.15
CA PRO E 185 0.92 -2.46 75.94
C PRO E 185 0.11 -1.19 76.17
N SER E 186 -1.08 -1.39 76.75
CA SER E 186 -2.00 -0.28 76.95
C SER E 186 -1.64 0.53 78.19
N THR E 187 -1.34 -0.14 79.30
CA THR E 187 -1.03 0.52 80.55
C THR E 187 0.29 0.02 81.09
N SER E 188 0.98 0.87 81.86
CA SER E 188 2.24 0.50 82.47
C SER E 188 2.08 -0.63 83.47
N ALA E 189 0.89 -0.80 84.04
CA ALA E 189 0.63 -1.98 84.87
C ALA E 189 0.71 -3.26 84.06
N ASP E 190 0.17 -3.24 82.84
CA ASP E 190 0.33 -4.38 81.94
C ASP E 190 1.80 -4.58 81.57
N GLN E 191 2.56 -3.48 81.46
CA GLN E 191 3.99 -3.59 81.21
C GLN E 191 4.70 -4.31 82.34
N GLN E 192 4.37 -3.97 83.59
CA GLN E 192 4.97 -4.67 84.73
C GLN E 192 4.48 -6.09 84.84
N SER E 193 3.20 -6.33 84.50
CA SER E 193 2.63 -7.67 84.59
C SER E 193 3.28 -8.64 83.61
N LEU E 194 3.98 -8.14 82.59
CA LEU E 194 4.59 -8.99 81.56
C LEU E 194 6.10 -8.98 81.62
N TYR E 195 6.73 -7.80 81.67
CA TYR E 195 8.18 -7.68 81.58
C TYR E 195 8.82 -7.12 82.84
N GLN E 196 8.08 -7.07 83.95
CA GLN E 196 8.60 -6.59 85.23
C GLN E 196 9.01 -5.12 85.15
N ASN E 197 10.08 -4.83 84.42
CA ASN E 197 10.55 -3.47 84.26
C ASN E 197 9.55 -2.65 83.45
N ALA E 198 9.32 -1.41 83.87
CA ALA E 198 8.46 -0.49 83.16
C ALA E 198 9.22 0.40 82.18
N ASP E 199 10.54 0.29 82.14
CA ASP E 199 11.39 1.09 81.25
C ASP E 199 12.34 0.11 80.55
N THR E 200 11.91 -0.44 79.43
CA THR E 200 12.66 -1.43 78.68
C THR E 200 13.02 -0.90 77.31
N TYR E 201 13.95 -1.58 76.65
CA TYR E 201 14.36 -1.21 75.30
C TYR E 201 14.73 -2.49 74.55
N VAL E 202 14.62 -2.41 73.22
CA VAL E 202 14.98 -3.52 72.34
C VAL E 202 15.98 -3.00 71.30
N PHE E 203 17.08 -3.74 71.13
CA PHE E 203 18.07 -3.41 70.12
C PHE E 203 18.30 -4.62 69.24
N VAL E 204 18.12 -4.46 67.93
CA VAL E 204 18.42 -5.49 66.95
C VAL E 204 19.48 -4.94 66.00
N GLY E 205 20.56 -5.69 65.83
CA GLY E 205 21.64 -5.21 65.00
C GLY E 205 22.48 -6.28 64.32
N GLY E 206 22.63 -6.16 63.00
CA GLY E 206 23.56 -6.94 62.24
C GLY E 206 24.78 -6.13 61.83
N SER E 207 25.44 -6.60 60.78
CA SER E 207 26.55 -5.83 60.21
C SER E 207 26.06 -4.51 59.63
N ARG E 208 24.90 -4.53 58.96
CA ARG E 208 24.31 -3.34 58.38
C ARG E 208 23.16 -2.80 59.23
N TYR E 209 22.35 -3.67 59.81
CA TYR E 209 21.21 -3.23 60.60
C TYR E 209 21.68 -2.62 61.92
N SER E 210 21.12 -1.46 62.27
CA SER E 210 21.42 -0.83 63.57
C SER E 210 20.23 0.07 63.92
N LYS E 211 19.37 -0.41 64.81
CA LYS E 211 18.21 0.34 65.24
C LYS E 211 17.83 -0.08 66.65
N LYS E 212 17.48 0.90 67.48
CA LYS E 212 17.11 0.68 68.87
C LYS E 212 15.64 1.01 69.05
N PHE E 213 14.89 0.08 69.63
CA PHE E 213 13.44 0.18 69.74
C PHE E 213 13.03 0.56 71.15
N LYS E 214 12.11 1.51 71.26
CA LYS E 214 11.54 1.92 72.53
C LYS E 214 10.04 1.70 72.52
N PRO E 215 9.47 1.05 73.53
CA PRO E 215 8.03 0.78 73.52
C PRO E 215 7.22 2.04 73.79
N GLU E 216 5.97 2.00 73.33
CA GLU E 216 5.01 3.09 73.52
C GLU E 216 3.82 2.54 74.28
N ILE E 217 3.53 3.12 75.44
CA ILE E 217 2.47 2.64 76.32
C ILE E 217 1.33 3.66 76.27
N ALA E 218 0.20 3.25 75.71
CA ALA E 218 -0.98 4.11 75.63
C ALA E 218 -2.18 3.23 75.33
N ILE E 219 -3.37 3.77 75.60
CA ILE E 219 -4.62 3.05 75.42
C ILE E 219 -5.14 3.30 74.01
N ARG E 220 -5.35 2.22 73.26
CA ARG E 220 -5.88 2.27 71.91
C ARG E 220 -7.23 1.58 71.86
N PRO E 221 -8.07 1.89 70.88
CA PRO E 221 -9.36 1.19 70.75
C PRO E 221 -9.16 -0.30 70.58
N LYS E 222 -10.06 -1.07 71.18
CA LYS E 222 -9.92 -2.53 71.16
C LYS E 222 -10.10 -3.08 69.75
N VAL E 223 -9.14 -3.91 69.33
CA VAL E 223 -9.22 -4.64 68.07
C VAL E 223 -9.02 -6.11 68.43
N ARG E 224 -10.06 -6.92 68.24
CA ARG E 224 -10.04 -8.33 68.65
C ARG E 224 -9.68 -8.46 70.13
N ASP E 225 -10.28 -7.59 70.94
CA ASP E 225 -10.08 -7.58 72.41
C ASP E 225 -8.62 -7.37 72.78
N GLN E 226 -7.96 -6.42 72.12
CA GLN E 226 -6.59 -6.04 72.46
C GLN E 226 -6.46 -4.53 72.34
N GLU E 227 -6.14 -3.88 73.46
CA GLU E 227 -5.85 -2.45 73.44
C GLU E 227 -4.38 -2.15 73.14
N GLY E 228 -3.51 -3.16 73.20
CA GLY E 228 -2.12 -2.97 72.84
C GLY E 228 -1.85 -3.29 71.39
N ARG E 229 -0.66 -2.89 70.93
CA ARG E 229 -0.26 -3.09 69.55
C ARG E 229 1.08 -3.82 69.51
N MET E 230 1.30 -4.56 68.43
CA MET E 230 2.53 -5.33 68.24
C MET E 230 2.98 -5.19 66.80
N ASN E 231 4.02 -4.39 66.56
CA ASN E 231 4.57 -4.24 65.23
C ASN E 231 5.58 -5.35 64.94
N TYR E 232 5.65 -5.75 63.66
CA TYR E 232 6.52 -6.82 63.21
C TYR E 232 7.55 -6.26 62.25
N TYR E 233 8.78 -6.77 62.36
CA TYR E 233 9.90 -6.30 61.56
C TYR E 233 10.62 -7.49 60.95
N TRP E 234 11.49 -7.21 59.97
CA TRP E 234 12.24 -8.25 59.29
C TRP E 234 13.50 -7.64 58.69
N THR E 235 14.46 -8.51 58.39
CA THR E 235 15.69 -8.12 57.72
C THR E 235 16.33 -9.35 57.12
N LEU E 236 17.31 -9.12 56.25
CA LEU E 236 18.06 -10.18 55.59
C LEU E 236 19.51 -10.15 56.04
N VAL E 237 20.07 -11.32 56.32
CA VAL E 237 21.41 -11.46 56.85
C VAL E 237 22.28 -12.19 55.82
N GLU E 238 23.43 -11.60 55.51
CA GLU E 238 24.36 -12.21 54.58
C GLU E 238 24.98 -13.46 55.20
N PRO E 239 25.44 -14.39 54.37
CA PRO E 239 26.15 -15.56 54.91
C PRO E 239 27.41 -15.15 55.66
N GLY E 240 27.70 -15.86 56.73
CA GLY E 240 28.84 -15.52 57.57
C GLY E 240 28.72 -14.17 58.24
N ASP E 241 27.52 -13.83 58.72
CA ASP E 241 27.26 -12.56 59.37
C ASP E 241 26.50 -12.81 60.66
N LYS E 242 26.75 -11.96 61.66
CA LYS E 242 26.12 -12.09 62.97
C LYS E 242 25.05 -11.02 63.14
N ILE E 243 23.90 -11.44 63.67
CA ILE E 243 22.82 -10.54 64.05
C ILE E 243 22.62 -10.65 65.56
N THR E 244 22.45 -9.50 66.21
CA THR E 244 22.40 -9.44 67.66
C THR E 244 21.01 -9.00 68.12
N PHE E 245 20.42 -9.78 69.03
CA PHE E 245 19.17 -9.41 69.69
C PHE E 245 19.49 -9.03 71.13
N GLU E 246 19.11 -7.82 71.52
CA GLU E 246 19.38 -7.32 72.86
C GLU E 246 18.17 -6.54 73.35
N ALA E 247 17.53 -7.03 74.40
CA ALA E 247 16.33 -6.38 74.92
C ALA E 247 16.15 -6.74 76.39
N THR E 248 15.63 -5.79 77.15
CA THR E 248 15.23 -6.00 78.53
C THR E 248 13.73 -6.18 78.69
N GLY E 249 13.02 -6.35 77.59
CA GLY E 249 11.58 -6.54 77.63
C GLY E 249 10.94 -6.07 76.33
N ASN E 250 9.66 -6.40 76.19
CA ASN E 250 8.84 -5.98 75.05
C ASN E 250 9.41 -6.45 73.71
N LEU E 251 10.02 -7.64 73.69
CA LEU E 251 10.59 -8.21 72.48
C LEU E 251 9.93 -9.56 72.21
N VAL E 252 9.55 -9.79 70.96
CA VAL E 252 9.02 -11.06 70.51
C VAL E 252 10.14 -11.76 69.77
N VAL E 253 10.87 -12.62 70.47
CA VAL E 253 12.07 -13.24 69.90
C VAL E 253 11.68 -14.21 68.79
N PRO E 254 12.48 -14.36 67.74
CA PRO E 254 12.17 -15.34 66.70
C PRO E 254 12.48 -16.76 67.17
N ARG E 255 11.71 -17.71 66.63
CA ARG E 255 11.95 -19.13 66.85
C ARG E 255 12.43 -19.84 65.59
N TYR E 256 11.72 -19.67 64.48
CA TYR E 256 12.08 -20.29 63.21
C TYR E 256 12.49 -19.20 62.23
N ALA E 257 13.68 -19.33 61.67
CA ALA E 257 14.16 -18.46 60.62
C ALA E 257 14.04 -19.16 59.27
N PHE E 258 14.33 -18.41 58.21
CA PHE E 258 14.19 -18.92 56.84
C PHE E 258 15.45 -18.62 56.06
N ALA E 259 16.14 -19.66 55.63
CA ALA E 259 17.29 -19.53 54.74
C ALA E 259 16.81 -19.73 53.31
N MET E 260 17.08 -18.75 52.45
CA MET E 260 16.48 -18.74 51.12
C MET E 260 17.41 -18.07 50.12
N GLU E 261 17.15 -18.34 48.84
CA GLU E 261 17.81 -17.68 47.73
C GLU E 261 16.73 -17.10 46.83
N ARG E 262 16.80 -15.80 46.59
CA ARG E 262 15.74 -15.08 45.90
C ARG E 262 15.89 -15.16 44.39
N ASN E 263 14.76 -15.18 43.70
CA ASN E 263 14.70 -15.11 42.25
C ASN E 263 14.63 -13.64 41.83
N ALA E 264 14.40 -13.40 40.54
CA ALA E 264 14.07 -12.06 40.09
C ALA E 264 12.65 -11.69 40.52
N GLY E 265 12.40 -10.39 40.63
CA GLY E 265 11.12 -9.91 41.11
C GLY E 265 9.92 -10.43 40.36
N SER E 266 9.13 -11.27 41.01
CA SER E 266 7.92 -11.85 40.44
C SER E 266 6.69 -11.19 41.06
N GLY E 267 5.51 -11.67 40.66
CA GLY E 267 4.25 -11.11 41.09
C GLY E 267 3.49 -12.01 42.04
N ILE E 268 2.39 -11.48 42.55
CA ILE E 268 1.50 -12.18 43.46
C ILE E 268 0.09 -12.10 42.90
N ILE E 269 -0.51 -13.26 42.67
CA ILE E 269 -1.84 -13.35 42.05
C ILE E 269 -2.87 -13.54 43.16
N ILE E 270 -3.85 -12.63 43.21
CA ILE E 270 -4.91 -12.70 44.20
C ILE E 270 -6.23 -12.98 43.49
N SER E 271 -6.59 -14.26 43.37
CA SER E 271 -7.83 -14.63 42.71
C SER E 271 -8.27 -16.00 43.21
N ASP E 272 -9.56 -16.28 43.05
CA ASP E 272 -10.14 -17.55 43.46
C ASP E 272 -9.97 -18.64 42.41
N THR E 273 -9.08 -18.45 41.44
CA THR E 273 -8.89 -19.43 40.38
C THR E 273 -8.26 -20.70 40.94
N PRO E 274 -8.83 -21.87 40.69
CA PRO E 274 -8.25 -23.11 41.19
C PRO E 274 -6.90 -23.40 40.55
N VAL E 275 -6.09 -24.18 41.27
CA VAL E 275 -4.76 -24.58 40.83
C VAL E 275 -4.79 -26.04 40.44
N HIS E 276 -4.33 -26.34 39.23
CA HIS E 276 -4.27 -27.70 38.70
C HIS E 276 -2.85 -28.00 38.25
N ASP E 277 -2.63 -29.24 37.80
CA ASP E 277 -1.32 -29.66 37.32
C ASP E 277 -1.24 -29.34 35.83
N CYS E 278 -0.52 -28.28 35.49
CA CYS E 278 -0.33 -27.89 34.10
C CYS E 278 0.89 -26.98 34.01
N ASN E 279 1.43 -26.88 32.79
CA ASN E 279 2.58 -26.05 32.50
C ASN E 279 2.17 -24.86 31.63
N THR E 280 2.81 -23.73 31.87
CA THR E 280 2.52 -22.52 31.10
C THR E 280 3.72 -21.60 31.15
N THR E 281 3.74 -20.65 30.22
CA THR E 281 4.74 -19.58 30.21
C THR E 281 4.14 -18.21 30.50
N CYS E 282 2.81 -18.10 30.52
CA CYS E 282 2.13 -16.87 30.87
C CYS E 282 0.99 -17.17 31.83
N GLN E 283 0.95 -16.46 32.95
CA GLN E 283 -0.06 -16.69 33.98
C GLN E 283 -0.76 -15.38 34.32
N THR E 284 -2.08 -15.42 34.34
CA THR E 284 -2.92 -14.29 34.68
C THR E 284 -3.92 -14.72 35.75
N PRO E 285 -4.46 -13.77 36.52
CA PRO E 285 -5.44 -14.15 37.56
C PRO E 285 -6.64 -14.91 37.02
N LYS E 286 -7.13 -14.54 35.83
CA LYS E 286 -8.25 -15.28 35.24
C LYS E 286 -7.83 -16.70 34.87
N GLY E 287 -6.62 -16.86 34.34
CA GLY E 287 -6.15 -18.18 33.96
C GLY E 287 -4.82 -18.07 33.24
N ALA E 288 -4.39 -19.21 32.71
CA ALA E 288 -3.13 -19.28 31.98
C ALA E 288 -3.35 -18.98 30.49
N ILE E 289 -2.30 -18.52 29.84
CA ILE E 289 -2.32 -18.20 28.41
C ILE E 289 -1.21 -18.99 27.76
N ASN E 290 -1.57 -19.97 26.94
CA ASN E 290 -0.63 -20.79 26.19
C ASN E 290 -0.79 -20.45 24.72
N THR E 291 -0.08 -19.41 24.27
CA THR E 291 -0.17 -18.98 22.88
C THR E 291 1.10 -18.24 22.51
N SER E 292 1.33 -18.14 21.20
CA SER E 292 2.41 -17.33 20.65
C SER E 292 1.90 -16.05 20.01
N LEU E 293 0.60 -15.79 20.07
CA LEU E 293 0.05 -14.57 19.47
C LEU E 293 0.57 -13.35 20.22
N PRO E 294 0.85 -12.25 19.52
CA PRO E 294 1.47 -11.09 20.17
C PRO E 294 0.52 -10.26 21.03
N PHE E 295 -0.78 -10.51 21.00
CA PHE E 295 -1.74 -9.68 21.71
C PHE E 295 -2.75 -10.53 22.45
N GLN E 296 -3.28 -9.97 23.53
CA GLN E 296 -4.26 -10.66 24.37
C GLN E 296 -5.15 -9.63 25.05
N ASN E 297 -6.32 -10.09 25.51
CA ASN E 297 -7.25 -9.23 26.21
C ASN E 297 -7.82 -9.90 27.46
N ILE E 298 -7.20 -10.99 27.92
CA ILE E 298 -7.71 -11.70 29.09
C ILE E 298 -7.54 -10.86 30.35
N HIS E 299 -6.33 -10.32 30.56
CA HIS E 299 -6.04 -9.59 31.78
C HIS E 299 -4.79 -8.75 31.61
N PRO E 300 -4.81 -7.47 32.02
CA PRO E 300 -3.59 -6.65 31.89
C PRO E 300 -2.49 -7.05 32.85
N ILE E 301 -2.82 -7.62 34.00
CA ILE E 301 -1.83 -7.98 35.01
C ILE E 301 -1.35 -9.39 34.69
N THR E 302 -0.30 -9.48 33.89
CA THR E 302 0.28 -10.74 33.48
C THR E 302 1.60 -10.99 34.20
N ILE E 303 1.99 -12.25 34.27
CA ILE E 303 3.24 -12.66 34.90
C ILE E 303 3.97 -13.59 33.94
N GLY E 304 5.21 -13.25 33.60
CA GLY E 304 6.00 -14.03 32.68
C GLY E 304 6.09 -13.40 31.32
N LYS E 305 6.71 -14.15 30.40
CA LYS E 305 6.78 -13.74 29.00
C LYS E 305 5.39 -13.84 28.40
N CYS E 306 4.71 -12.71 28.30
CA CYS E 306 3.30 -12.68 27.95
C CYS E 306 3.04 -11.76 26.77
N PRO E 307 1.96 -12.00 26.03
CA PRO E 307 1.56 -11.07 24.98
C PRO E 307 1.10 -9.75 25.58
N LYS E 308 1.22 -8.69 24.78
CA LYS E 308 0.80 -7.37 25.22
C LYS E 308 -0.73 -7.32 25.37
N TYR E 309 -1.18 -6.63 26.42
CA TYR E 309 -2.61 -6.51 26.68
C TYR E 309 -3.19 -5.37 25.85
N VAL E 310 -4.30 -5.64 25.16
CA VAL E 310 -5.00 -4.65 24.37
C VAL E 310 -6.49 -4.74 24.66
N LYS E 311 -7.19 -3.63 24.41
CA LYS E 311 -8.63 -3.58 24.61
C LYS E 311 -9.40 -4.13 23.41
N SER E 312 -8.71 -4.50 22.34
CA SER E 312 -9.38 -4.99 21.14
C SER E 312 -10.16 -6.26 21.44
N THR E 313 -11.41 -6.31 20.97
CA THR E 313 -12.21 -7.53 21.09
C THR E 313 -11.91 -8.52 19.97
N LYS E 314 -11.38 -8.05 18.84
CA LYS E 314 -11.11 -8.90 17.70
C LYS E 314 -10.03 -8.25 16.85
N LEU E 315 -8.99 -9.02 16.52
CA LEU E 315 -7.87 -8.56 15.70
C LEU E 315 -7.59 -9.55 14.59
N ARG E 316 -8.65 -9.99 13.90
CA ARG E 316 -8.51 -10.96 12.82
C ARG E 316 -7.78 -10.34 11.64
N LEU E 317 -6.81 -11.06 11.11
CA LEU E 317 -5.96 -10.58 10.02
C LEU E 317 -6.28 -11.35 8.74
N ALA E 318 -6.41 -10.62 7.63
CA ALA E 318 -6.75 -11.24 6.36
C ALA E 318 -5.52 -11.93 5.76
N THR E 319 -5.70 -13.18 5.35
CA THR E 319 -4.65 -13.94 4.67
C THR E 319 -5.05 -14.41 3.28
N GLY E 320 -6.32 -14.73 3.07
CA GLY E 320 -6.79 -15.17 1.77
C GLY E 320 -7.34 -14.02 0.94
N LEU E 321 -8.21 -14.37 0.00
CA LEU E 321 -8.79 -13.41 -0.92
C LEU E 321 -10.20 -13.02 -0.46
N ARG E 322 -10.78 -12.05 -1.16
CA ARG E 322 -12.14 -11.62 -0.88
C ARG E 322 -13.10 -12.71 -1.35
N ASN E 323 -13.87 -13.27 -0.42
CA ASN E 323 -14.80 -14.34 -0.75
C ASN E 323 -15.97 -13.76 -1.51
N ILE E 324 -16.02 -13.99 -2.82
CA ILE E 324 -17.10 -13.48 -3.66
C ILE E 324 -17.75 -14.63 -4.43
N PRO E 325 -18.47 -15.53 -3.77
CA PRO E 325 -19.39 -16.40 -4.51
C PRO E 325 -20.63 -15.64 -4.90
N SER E 326 -21.25 -16.08 -5.99
CA SER E 326 -22.45 -15.43 -6.54
C SER E 326 -22.21 -13.94 -6.78
N GLY F 1 -9.82 -4.03 -6.27
CA GLY F 1 -9.84 -3.10 -5.16
C GLY F 1 -8.93 -1.91 -5.36
N LEU F 2 -7.72 -2.18 -5.86
CA LEU F 2 -6.79 -1.12 -6.21
C LEU F 2 -6.32 -1.27 -7.64
N PHE F 3 -6.28 -2.51 -8.12
CA PHE F 3 -5.95 -2.79 -9.51
C PHE F 3 -7.17 -3.18 -10.35
N GLY F 4 -8.33 -3.33 -9.71
CA GLY F 4 -9.57 -3.56 -10.44
C GLY F 4 -9.80 -4.98 -10.91
N ALA F 5 -8.93 -5.93 -10.53
CA ALA F 5 -9.11 -7.31 -10.98
C ALA F 5 -10.17 -8.02 -10.15
N ILE F 6 -9.94 -8.15 -8.85
CA ILE F 6 -10.89 -8.79 -7.96
C ILE F 6 -12.03 -7.82 -7.66
N ALA F 7 -13.27 -8.30 -7.77
CA ALA F 7 -14.46 -7.48 -7.63
C ALA F 7 -14.47 -6.33 -8.63
N GLY F 8 -13.88 -6.57 -9.80
CA GLY F 8 -13.78 -5.58 -10.85
C GLY F 8 -14.15 -6.16 -12.20
N PHE F 9 -13.24 -6.09 -13.18
CA PHE F 9 -13.53 -6.71 -14.47
C PHE F 9 -13.58 -8.23 -14.40
N ILE F 10 -13.31 -8.82 -13.24
CA ILE F 10 -13.66 -10.21 -12.94
C ILE F 10 -14.54 -10.16 -11.70
N GLU F 11 -15.86 -10.11 -11.91
CA GLU F 11 -16.78 -9.74 -10.84
C GLU F 11 -16.77 -10.73 -9.70
N GLY F 12 -16.78 -12.03 -10.00
CA GLY F 12 -16.92 -13.04 -8.96
C GLY F 12 -15.79 -14.05 -9.01
N GLY F 13 -15.68 -14.80 -7.91
CA GLY F 13 -14.73 -15.88 -7.81
C GLY F 13 -15.37 -17.24 -7.98
N TRP F 14 -14.53 -18.25 -8.19
CA TRP F 14 -14.97 -19.60 -8.45
C TRP F 14 -14.94 -20.40 -7.15
N THR F 15 -16.07 -21.00 -6.78
CA THR F 15 -16.10 -21.93 -5.66
C THR F 15 -15.69 -23.34 -6.08
N GLY F 16 -15.64 -23.62 -7.38
CA GLY F 16 -15.22 -24.94 -7.83
C GLY F 16 -13.73 -25.15 -7.82
N MET F 17 -12.94 -24.07 -7.94
CA MET F 17 -11.49 -24.17 -7.89
C MET F 17 -11.05 -24.16 -6.44
N VAL F 18 -10.60 -25.31 -5.94
CA VAL F 18 -10.17 -25.43 -4.55
C VAL F 18 -8.70 -25.79 -4.43
N ASP F 19 -7.99 -26.05 -5.53
CA ASP F 19 -6.59 -26.45 -5.50
C ASP F 19 -5.64 -25.25 -5.57
N GLY F 20 -6.09 -24.06 -5.18
CA GLY F 20 -5.23 -22.91 -5.21
C GLY F 20 -6.03 -21.64 -5.03
N TRP F 21 -5.33 -20.51 -5.17
CA TRP F 21 -5.93 -19.19 -5.04
C TRP F 21 -6.23 -18.54 -6.39
N TYR F 22 -5.39 -18.76 -7.39
CA TYR F 22 -5.62 -18.25 -8.74
C TYR F 22 -5.44 -19.39 -9.73
N GLY F 23 -6.21 -19.36 -10.81
CA GLY F 23 -6.14 -20.43 -11.77
C GLY F 23 -6.95 -20.17 -13.02
N TYR F 24 -7.27 -21.26 -13.71
CA TYR F 24 -7.88 -21.20 -15.03
C TYR F 24 -9.15 -22.03 -15.07
N HIS F 25 -10.03 -21.67 -16.00
CA HIS F 25 -11.17 -22.50 -16.38
C HIS F 25 -11.20 -22.58 -17.90
N HIS F 26 -11.04 -23.79 -18.42
CA HIS F 26 -11.00 -24.03 -19.85
C HIS F 26 -12.28 -24.73 -20.30
N GLN F 27 -12.57 -24.61 -21.60
CA GLN F 27 -13.68 -25.34 -22.18
C GLN F 27 -13.42 -25.52 -23.67
N ASN F 28 -13.46 -26.77 -24.13
CA ASN F 28 -13.33 -27.10 -25.54
C ASN F 28 -14.30 -28.24 -25.84
N GLU F 29 -14.15 -28.85 -27.02
CA GLU F 29 -15.00 -29.98 -27.36
C GLU F 29 -14.72 -31.19 -26.47
N GLN F 30 -13.50 -31.30 -25.95
CA GLN F 30 -13.16 -32.44 -25.10
C GLN F 30 -13.82 -32.34 -23.73
N GLY F 31 -13.83 -31.15 -23.13
CA GLY F 31 -14.44 -30.98 -21.84
C GLY F 31 -14.04 -29.67 -21.20
N SER F 32 -14.33 -29.55 -19.91
CA SER F 32 -14.02 -28.36 -19.13
C SER F 32 -13.40 -28.78 -17.80
N GLY F 33 -13.15 -27.81 -16.94
CA GLY F 33 -12.61 -28.05 -15.62
C GLY F 33 -11.83 -26.85 -15.12
N TYR F 34 -11.63 -26.83 -13.81
CA TYR F 34 -10.88 -25.76 -13.14
C TYR F 34 -9.50 -26.26 -12.79
N ALA F 35 -8.48 -25.45 -13.10
CA ALA F 35 -7.10 -25.76 -12.76
C ALA F 35 -6.45 -24.50 -12.19
N ALA F 36 -5.78 -24.64 -11.04
CA ALA F 36 -5.15 -23.52 -10.37
C ALA F 36 -3.72 -23.34 -10.87
N ASP F 37 -3.32 -22.08 -11.06
CA ASP F 37 -1.94 -21.75 -11.42
C ASP F 37 -1.07 -21.96 -10.18
N LEU F 38 -0.46 -23.15 -10.09
CA LEU F 38 0.30 -23.49 -8.90
C LEU F 38 1.50 -22.57 -8.69
N LYS F 39 2.03 -22.00 -9.77
CA LYS F 39 3.19 -21.11 -9.65
C LYS F 39 2.81 -19.82 -8.91
N SER F 40 1.83 -19.09 -9.44
CA SER F 40 1.43 -17.84 -8.80
C SER F 40 0.78 -18.08 -7.44
N THR F 41 0.04 -19.17 -7.29
CA THR F 41 -0.59 -19.48 -6.01
C THR F 41 0.47 -19.69 -4.92
N GLN F 42 1.52 -20.44 -5.23
CA GLN F 42 2.56 -20.71 -4.24
C GLN F 42 3.31 -19.44 -3.85
N ASN F 43 3.47 -18.50 -4.79
CA ASN F 43 4.12 -17.24 -4.45
C ASN F 43 3.32 -16.46 -3.42
N ALA F 44 1.99 -16.41 -3.59
CA ALA F 44 1.15 -15.72 -2.62
C ALA F 44 1.14 -16.44 -1.28
N ILE F 45 1.12 -17.78 -1.30
CA ILE F 45 1.12 -18.55 -0.06
C ILE F 45 2.40 -18.29 0.72
N ASP F 46 3.54 -18.31 0.04
CA ASP F 46 4.81 -18.05 0.71
C ASP F 46 4.87 -16.62 1.26
N GLY F 47 4.39 -15.65 0.46
CA GLY F 47 4.40 -14.27 0.93
C GLY F 47 3.48 -14.05 2.11
N ILE F 48 2.26 -14.58 2.03
CA ILE F 48 1.30 -14.39 3.11
C ILE F 48 1.74 -15.13 4.37
N THR F 49 2.33 -16.32 4.20
CA THR F 49 2.88 -17.02 5.35
C THR F 49 3.98 -16.21 6.01
N ASN F 50 4.85 -15.60 5.21
CA ASN F 50 5.85 -14.69 5.75
C ASN F 50 5.19 -13.46 6.38
N LYS F 51 4.07 -13.01 5.81
CA LYS F 51 3.38 -11.84 6.34
C LYS F 51 2.86 -12.10 7.75
N VAL F 52 2.27 -13.27 7.99
CA VAL F 52 1.80 -13.61 9.32
C VAL F 52 2.96 -13.78 10.28
N ASN F 53 4.02 -14.47 9.84
CA ASN F 53 5.18 -14.68 10.70
C ASN F 53 5.89 -13.36 11.01
N SER F 54 5.93 -12.44 10.03
CA SER F 54 6.60 -11.16 10.27
C SER F 54 5.92 -10.37 11.38
N VAL F 55 4.58 -10.36 11.40
CA VAL F 55 3.87 -9.63 12.44
C VAL F 55 4.02 -10.35 13.79
N ILE F 56 3.92 -11.67 13.79
CA ILE F 56 3.94 -12.42 15.04
C ILE F 56 5.35 -12.50 15.62
N GLU F 57 6.32 -12.92 14.80
CA GLU F 57 7.65 -13.25 15.30
C GLU F 57 8.55 -12.03 15.47
N LYS F 58 8.01 -10.82 15.44
CA LYS F 58 8.76 -9.63 15.83
C LYS F 58 8.42 -9.16 17.23
N MET F 59 7.52 -9.87 17.93
CA MET F 59 7.12 -9.50 19.29
C MET F 59 8.08 -10.18 20.25
N ASN F 60 9.12 -9.45 20.65
CA ASN F 60 10.16 -9.97 21.53
C ASN F 60 9.92 -9.42 22.94
N THR F 61 9.24 -10.21 23.77
CA THR F 61 8.88 -9.81 25.11
C THR F 61 9.69 -10.58 26.14
N GLN F 62 9.98 -9.92 27.25
CA GLN F 62 10.73 -10.53 28.35
C GLN F 62 9.78 -10.95 29.46
N PHE F 63 10.35 -11.67 30.44
CA PHE F 63 9.61 -11.99 31.65
C PHE F 63 9.29 -10.71 32.41
N THR F 64 8.03 -10.57 32.81
CA THR F 64 7.61 -9.38 33.54
C THR F 64 6.33 -9.68 34.30
N ALA F 65 6.32 -9.36 35.59
CA ALA F 65 5.13 -9.45 36.43
C ALA F 65 4.58 -8.04 36.61
N VAL F 66 3.43 -7.77 36.01
CA VAL F 66 2.86 -6.43 36.05
C VAL F 66 2.39 -6.08 37.46
N GLY F 67 2.00 -7.08 38.25
CA GLY F 67 1.43 -6.86 39.56
C GLY F 67 2.29 -6.04 40.50
N LYS F 68 1.78 -4.87 40.88
CA LYS F 68 2.44 -3.98 41.83
C LYS F 68 1.47 -3.68 42.98
N GLU F 69 2.01 -3.66 44.20
CA GLU F 69 1.22 -3.44 45.40
C GLU F 69 1.75 -2.21 46.13
N PHE F 70 0.88 -1.24 46.39
CA PHE F 70 1.22 -0.02 47.09
C PHE F 70 0.31 0.13 48.30
N ASN F 71 0.87 0.64 49.40
CA ASN F 71 0.10 0.81 50.63
C ASN F 71 -0.80 2.04 50.51
N HIS F 72 -1.54 2.32 51.59
CA HIS F 72 -2.49 3.42 51.59
C HIS F 72 -1.80 4.78 51.58
N LEU F 73 -0.52 4.84 51.92
CA LEU F 73 0.24 6.09 51.93
C LEU F 73 1.10 6.26 50.69
N GLU F 74 0.96 5.39 49.70
CA GLU F 74 1.71 5.46 48.45
C GLU F 74 0.78 5.62 47.25
N LYS F 75 -0.22 6.49 47.39
CA LYS F 75 -1.18 6.69 46.32
C LYS F 75 -0.55 7.35 45.09
N ARG F 76 0.44 8.22 45.31
CA ARG F 76 1.05 8.94 44.19
C ARG F 76 1.76 7.99 43.24
N ILE F 77 2.74 7.24 43.75
CA ILE F 77 3.45 6.28 42.91
C ILE F 77 2.52 5.17 42.44
N GLU F 78 1.44 4.90 43.17
CA GLU F 78 0.45 3.95 42.70
C GLU F 78 -0.22 4.43 41.42
N ASN F 79 -0.53 5.73 41.33
CA ASN F 79 -1.08 6.29 40.11
C ASN F 79 -0.06 6.24 38.98
N LEU F 80 1.22 6.47 39.29
CA LEU F 80 2.26 6.38 38.26
C LEU F 80 2.32 4.97 37.68
N ASN F 81 2.15 3.94 38.51
CA ASN F 81 2.09 2.58 38.00
C ASN F 81 0.91 2.38 37.07
N LYS F 82 -0.25 2.96 37.42
CA LYS F 82 -1.41 2.83 36.55
C LYS F 82 -1.28 3.70 35.31
N LYS F 83 -0.60 4.85 35.41
CA LYS F 83 -0.33 5.65 34.22
C LYS F 83 0.54 4.89 33.24
N VAL F 84 1.55 4.17 33.74
CA VAL F 84 2.39 3.36 32.88
C VAL F 84 1.58 2.23 32.24
N ASP F 85 0.77 1.54 33.05
CA ASP F 85 -0.04 0.45 32.53
C ASP F 85 -1.07 0.94 31.52
N ASP F 86 -1.75 2.05 31.83
CA ASP F 86 -2.72 2.60 30.90
C ASP F 86 -2.04 3.09 29.62
N GLY F 87 -0.89 3.75 29.77
CA GLY F 87 -0.18 4.24 28.61
C GLY F 87 0.29 3.12 27.68
N PHE F 88 0.83 2.05 28.26
CA PHE F 88 1.20 0.88 27.46
C PHE F 88 -0.02 0.27 26.79
N LEU F 89 -1.14 0.21 27.52
CA LEU F 89 -2.37 -0.34 26.95
C LEU F 89 -2.83 0.49 25.75
N ASP F 90 -2.83 1.82 25.89
CA ASP F 90 -3.30 2.67 24.80
C ASP F 90 -2.37 2.58 23.58
N ILE F 91 -1.06 2.52 23.82
CA ILE F 91 -0.11 2.44 22.71
C ILE F 91 -0.29 1.15 21.93
N TRP F 92 -0.38 0.02 22.65
CA TRP F 92 -0.46 -1.27 21.97
C TRP F 92 -1.82 -1.47 21.33
N THR F 93 -2.90 -1.04 21.99
CA THR F 93 -4.24 -1.17 21.41
C THR F 93 -4.35 -0.38 20.12
N TYR F 94 -3.85 0.86 20.12
CA TYR F 94 -3.93 1.70 18.92
C TYR F 94 -3.07 1.14 17.80
N ASN F 95 -1.86 0.68 18.11
CA ASN F 95 -0.97 0.17 17.07
C ASN F 95 -1.46 -1.17 16.52
N ALA F 96 -1.95 -2.05 17.39
CA ALA F 96 -2.42 -3.35 16.92
C ALA F 96 -3.63 -3.21 16.00
N GLU F 97 -4.57 -2.33 16.37
CA GLU F 97 -5.76 -2.15 15.54
C GLU F 97 -5.39 -1.58 14.17
N LEU F 98 -4.53 -0.56 14.14
CA LEU F 98 -4.16 0.05 12.87
C LEU F 98 -3.27 -0.85 12.03
N LEU F 99 -2.42 -1.66 12.68
CA LEU F 99 -1.58 -2.59 11.93
C LEU F 99 -2.43 -3.61 11.18
N VAL F 100 -3.50 -4.10 11.81
CA VAL F 100 -4.40 -5.03 11.14
C VAL F 100 -5.08 -4.35 9.95
N LEU F 101 -5.51 -3.10 10.12
CA LEU F 101 -6.15 -2.37 9.02
C LEU F 101 -5.18 -2.19 7.86
N LEU F 102 -3.92 -1.84 8.15
CA LEU F 102 -2.96 -1.62 7.09
C LEU F 102 -2.72 -2.89 6.29
N GLU F 103 -2.38 -3.99 6.97
CA GLU F 103 -1.98 -5.20 6.28
C GLU F 103 -3.15 -5.94 5.64
N ASN F 104 -4.36 -5.77 6.18
CA ASN F 104 -5.53 -6.33 5.50
C ASN F 104 -5.74 -5.67 4.15
N GLU F 105 -5.60 -4.34 4.09
CA GLU F 105 -5.71 -3.64 2.81
C GLU F 105 -4.56 -4.01 1.88
N ARG F 106 -3.34 -4.15 2.43
CA ARG F 106 -2.21 -4.57 1.63
C ARG F 106 -2.42 -5.97 1.07
N THR F 107 -2.93 -6.88 1.91
CA THR F 107 -3.14 -8.25 1.46
C THR F 107 -4.15 -8.32 0.32
N LEU F 108 -5.26 -7.58 0.45
CA LEU F 108 -6.27 -7.59 -0.60
C LEU F 108 -5.73 -7.01 -1.90
N ASP F 109 -4.99 -5.89 -1.81
CA ASP F 109 -4.39 -5.34 -3.01
C ASP F 109 -3.31 -6.25 -3.59
N TYR F 110 -2.59 -6.97 -2.72
CA TYR F 110 -1.60 -7.93 -3.21
C TYR F 110 -2.27 -9.03 -4.03
N HIS F 111 -3.42 -9.53 -3.57
CA HIS F 111 -4.17 -10.51 -4.35
C HIS F 111 -4.69 -9.90 -5.65
N ASP F 112 -5.09 -8.62 -5.60
CA ASP F 112 -5.57 -7.96 -6.81
C ASP F 112 -4.47 -7.91 -7.87
N SER F 113 -3.23 -7.63 -7.45
CA SER F 113 -2.12 -7.60 -8.38
C SER F 113 -1.89 -8.97 -9.01
N ASN F 114 -1.96 -10.03 -8.21
CA ASN F 114 -1.71 -11.38 -8.72
C ASN F 114 -2.75 -11.77 -9.76
N VAL F 115 -4.02 -11.48 -9.49
CA VAL F 115 -5.07 -11.78 -10.47
C VAL F 115 -4.90 -10.92 -11.72
N LYS F 116 -4.61 -9.64 -11.54
CA LYS F 116 -4.44 -8.74 -12.68
C LYS F 116 -3.24 -9.17 -13.54
N ASN F 117 -2.11 -9.50 -12.90
CA ASN F 117 -0.92 -9.87 -13.64
C ASN F 117 -1.07 -11.24 -14.30
N LEU F 118 -1.83 -12.15 -13.69
CA LEU F 118 -2.11 -13.43 -14.34
C LEU F 118 -2.90 -13.23 -15.62
N TYR F 119 -3.89 -12.33 -15.58
CA TYR F 119 -4.62 -11.99 -16.80
C TYR F 119 -3.71 -11.32 -17.81
N GLU F 120 -2.81 -10.43 -17.34
CA GLU F 120 -1.87 -9.77 -18.24
C GLU F 120 -0.93 -10.79 -18.88
N LYS F 121 -0.55 -11.83 -18.15
CA LYS F 121 0.31 -12.88 -18.70
C LYS F 121 -0.33 -13.53 -19.92
N VAL F 122 -1.57 -13.99 -19.76
CA VAL F 122 -2.25 -14.70 -20.84
C VAL F 122 -2.58 -13.73 -21.99
N ARG F 123 -2.99 -12.51 -21.66
CA ARG F 123 -3.33 -11.55 -22.70
C ARG F 123 -2.12 -11.21 -23.56
N SER F 124 -0.96 -11.04 -22.93
CA SER F 124 0.26 -10.77 -23.68
C SER F 124 0.84 -12.02 -24.34
N GLN F 125 0.31 -13.20 -24.03
CA GLN F 125 0.77 -14.45 -24.61
C GLN F 125 -0.08 -14.88 -25.80
N LEU F 126 -1.40 -14.84 -25.68
CA LEU F 126 -2.27 -15.21 -26.79
C LEU F 126 -2.25 -14.16 -27.90
N LYS F 127 -2.13 -12.88 -27.53
CA LYS F 127 -2.10 -11.76 -28.47
C LYS F 127 -3.42 -11.75 -29.22
N ASN F 128 -3.44 -11.66 -30.56
CA ASN F 128 -4.68 -11.54 -31.31
C ASN F 128 -5.23 -12.88 -31.77
N ASN F 129 -4.60 -14.00 -31.38
CA ASN F 129 -5.16 -15.31 -31.69
C ASN F 129 -6.40 -15.62 -30.87
N ALA F 130 -6.72 -14.81 -29.87
CA ALA F 130 -7.91 -14.98 -29.06
C ALA F 130 -8.60 -13.63 -28.89
N LYS F 131 -9.90 -13.69 -28.58
CA LYS F 131 -10.73 -12.51 -28.44
C LYS F 131 -11.06 -12.28 -26.97
N GLU F 132 -10.79 -11.07 -26.49
CA GLU F 132 -11.09 -10.69 -25.11
C GLU F 132 -12.60 -10.47 -24.98
N ILE F 133 -13.30 -11.43 -24.39
CA ILE F 133 -14.76 -11.40 -24.34
C ILE F 133 -15.18 -10.81 -22.99
N GLY F 134 -14.20 -10.32 -22.24
CA GLY F 134 -14.48 -9.69 -20.97
C GLY F 134 -14.66 -10.68 -19.85
N ASN F 135 -14.81 -10.14 -18.64
CA ASN F 135 -14.99 -10.91 -17.41
C ASN F 135 -13.85 -11.92 -17.22
N GLY F 136 -12.65 -11.52 -17.60
CA GLY F 136 -11.49 -12.36 -17.40
C GLY F 136 -11.47 -13.63 -18.24
N CYS F 137 -12.13 -13.62 -19.39
CA CYS F 137 -12.20 -14.80 -20.25
C CYS F 137 -11.64 -14.47 -21.63
N PHE F 138 -11.17 -15.52 -22.32
CA PHE F 138 -10.68 -15.42 -23.68
C PHE F 138 -11.40 -16.45 -24.54
N GLU F 139 -11.71 -16.06 -25.78
CA GLU F 139 -12.29 -16.97 -26.75
C GLU F 139 -11.28 -17.19 -27.87
N PHE F 140 -10.88 -18.44 -28.08
CA PHE F 140 -9.85 -18.75 -29.06
C PHE F 140 -10.43 -18.70 -30.48
N TYR F 141 -9.66 -18.11 -31.39
CA TYR F 141 -9.99 -18.10 -32.81
C TYR F 141 -9.52 -19.35 -33.54
N HIS F 142 -9.27 -20.44 -32.80
CA HIS F 142 -8.79 -21.68 -33.39
C HIS F 142 -9.19 -22.83 -32.49
N LYS F 143 -8.82 -24.04 -32.90
CA LYS F 143 -9.09 -25.25 -32.12
C LYS F 143 -8.02 -25.40 -31.06
N CYS F 144 -8.34 -25.02 -29.82
CA CYS F 144 -7.42 -25.16 -28.70
C CYS F 144 -7.85 -26.40 -27.91
N ASP F 145 -7.21 -27.52 -28.21
CA ASP F 145 -7.54 -28.80 -27.56
C ASP F 145 -6.92 -28.83 -26.17
N ASN F 146 -6.95 -30.01 -25.55
CA ASN F 146 -6.38 -30.14 -24.20
C ASN F 146 -4.89 -29.81 -24.20
N THR F 147 -4.15 -30.30 -25.20
CA THR F 147 -2.73 -30.01 -25.26
C THR F 147 -2.48 -28.52 -25.43
N CYS F 148 -3.30 -27.84 -26.24
CA CYS F 148 -3.20 -26.39 -26.38
C CYS F 148 -3.50 -25.69 -25.06
N MET F 149 -4.50 -26.16 -24.32
CA MET F 149 -4.84 -25.54 -23.04
C MET F 149 -3.69 -25.65 -22.05
N GLU F 150 -3.04 -26.82 -21.98
CA GLU F 150 -1.92 -26.98 -21.06
C GLU F 150 -0.77 -26.06 -21.44
N SER F 151 -0.58 -25.79 -22.73
CA SER F 151 0.53 -24.95 -23.16
C SER F 151 0.38 -23.53 -22.64
N VAL F 152 -0.85 -23.00 -22.64
CA VAL F 152 -1.05 -21.65 -22.12
C VAL F 152 -0.77 -21.60 -20.63
N LYS F 153 -1.24 -22.59 -19.87
CA LYS F 153 -1.06 -22.63 -18.43
C LYS F 153 0.42 -22.73 -18.05
N ASN F 154 1.06 -23.85 -18.39
CA ASN F 154 2.50 -23.99 -18.29
C ASN F 154 3.07 -23.21 -19.47
N GLY F 155 3.28 -21.90 -19.26
CA GLY F 155 3.22 -20.99 -20.38
C GLY F 155 4.21 -21.35 -21.47
N THR F 156 3.67 -22.00 -22.50
CA THR F 156 4.42 -22.42 -23.67
C THR F 156 3.58 -22.30 -24.93
N TYR F 157 2.65 -21.34 -24.94
CA TYR F 157 1.69 -21.26 -26.03
C TYR F 157 2.39 -20.98 -27.35
N ASP F 158 2.25 -21.91 -28.30
CA ASP F 158 2.89 -21.78 -29.61
C ASP F 158 2.00 -20.89 -30.46
N TYR F 159 2.12 -19.58 -30.24
CA TYR F 159 1.39 -18.61 -31.04
C TYR F 159 1.64 -18.75 -32.54
N PRO F 160 2.88 -18.93 -33.02
CA PRO F 160 3.07 -19.13 -34.48
C PRO F 160 2.34 -20.35 -35.02
N LYS F 161 2.15 -21.39 -34.22
CA LYS F 161 1.47 -22.60 -34.70
C LYS F 161 0.04 -22.30 -35.14
N TYR F 162 -0.68 -21.52 -34.33
CA TYR F 162 -2.07 -21.18 -34.62
C TYR F 162 -2.21 -19.79 -35.25
N SER F 163 -1.10 -19.09 -35.49
CA SER F 163 -1.17 -17.71 -35.96
C SER F 163 -1.83 -17.62 -37.33
N GLU F 164 -1.43 -18.49 -38.26
CA GLU F 164 -2.01 -18.44 -39.61
C GLU F 164 -3.47 -18.89 -39.60
N GLU F 165 -3.80 -19.90 -38.79
CA GLU F 165 -5.18 -20.35 -38.69
C GLU F 165 -6.07 -19.26 -38.10
N ALA F 166 -5.62 -18.63 -37.01
CA ALA F 166 -6.41 -17.57 -36.38
C ALA F 166 -6.53 -16.36 -37.28
N LYS F 167 -5.55 -16.13 -38.16
CA LYS F 167 -5.62 -15.02 -39.09
C LYS F 167 -6.79 -15.18 -40.06
N LEU F 168 -7.00 -16.40 -40.56
CA LEU F 168 -8.11 -16.64 -41.48
C LEU F 168 -9.45 -16.68 -40.75
N ASN F 169 -9.47 -17.25 -39.55
CA ASN F 169 -10.71 -17.31 -38.78
C ASN F 169 -11.19 -15.91 -38.41
N ARG F 170 -10.26 -15.02 -38.05
CA ARG F 170 -10.63 -13.65 -37.68
C ARG F 170 -11.25 -12.91 -38.85
N GLU F 171 -10.69 -13.09 -40.05
CA GLU F 171 -11.18 -12.36 -41.22
C GLU F 171 -12.51 -12.92 -41.71
N GLU F 172 -12.76 -14.21 -41.51
CA GLU F 172 -14.00 -14.81 -42.02
C GLU F 172 -15.23 -14.22 -41.34
N ILE F 173 -15.20 -14.14 -40.01
CA ILE F 173 -16.32 -13.53 -39.29
C ILE F 173 -16.35 -12.02 -39.48
N ASP F 174 -15.23 -11.43 -39.91
CA ASP F 174 -15.16 -10.00 -40.17
C ASP F 174 -15.97 -9.58 -41.39
N SER F 175 -16.42 -10.53 -42.21
CA SER F 175 -17.19 -10.22 -43.40
C SER F 175 -18.49 -9.50 -43.04
N GLN G 1 22.36 -31.92 -28.99
CA GLN G 1 23.57 -31.43 -29.64
C GLN G 1 23.26 -30.22 -30.52
N VAL G 2 23.75 -29.05 -30.13
CA VAL G 2 23.58 -27.84 -30.91
C VAL G 2 24.68 -27.79 -31.97
N GLN G 3 24.28 -27.85 -33.23
CA GLN G 3 25.23 -27.94 -34.34
C GLN G 3 24.89 -26.89 -35.39
N LEU G 4 25.93 -26.28 -35.95
CA LEU G 4 25.79 -25.36 -37.08
C LEU G 4 26.74 -25.82 -38.17
N VAL G 5 26.19 -26.08 -39.36
CA VAL G 5 26.93 -26.64 -40.48
C VAL G 5 26.95 -25.63 -41.62
N GLU G 6 28.15 -25.14 -41.96
CA GLU G 6 28.32 -24.25 -43.09
C GLU G 6 28.59 -25.06 -44.36
N SER G 7 28.18 -24.51 -45.49
CA SER G 7 28.38 -25.16 -46.78
C SER G 7 28.29 -24.13 -47.88
N GLY G 8 28.77 -24.50 -49.06
CA GLY G 8 28.75 -23.63 -50.21
C GLY G 8 30.05 -22.92 -50.52
N GLY G 9 31.15 -23.30 -49.88
CA GLY G 9 32.43 -22.67 -50.18
C GLY G 9 33.05 -23.18 -51.45
N GLY G 10 34.01 -22.42 -51.96
CA GLY G 10 34.69 -22.79 -53.18
C GLY G 10 35.49 -21.61 -53.73
N VAL G 11 35.75 -21.65 -55.03
CA VAL G 11 36.47 -20.61 -55.74
C VAL G 11 35.48 -19.83 -56.58
N VAL G 12 35.55 -18.51 -56.50
CA VAL G 12 34.71 -17.62 -57.28
C VAL G 12 35.60 -16.54 -57.90
N GLN G 13 35.34 -16.21 -59.16
CA GLN G 13 36.14 -15.20 -59.84
C GLN G 13 35.85 -13.83 -59.24
N PRO G 14 36.85 -12.94 -59.21
CA PRO G 14 36.62 -11.59 -58.70
C PRO G 14 35.52 -10.88 -59.49
N GLY G 15 34.44 -10.54 -58.80
CA GLY G 15 33.29 -9.90 -59.38
C GLY G 15 32.07 -10.79 -59.50
N LYS G 16 32.23 -12.10 -59.39
CA LYS G 16 31.12 -13.03 -59.49
C LYS G 16 30.42 -13.13 -58.14
N SER G 17 29.51 -14.10 -58.00
CA SER G 17 28.65 -14.19 -56.82
C SER G 17 28.60 -15.63 -56.33
N LEU G 18 28.29 -15.78 -55.04
CA LEU G 18 28.19 -17.08 -54.40
C LEU G 18 27.17 -17.00 -53.28
N ARG G 19 26.52 -18.13 -53.00
CA ARG G 19 25.54 -18.24 -51.93
C ARG G 19 26.01 -19.27 -50.91
N LEU G 20 26.18 -18.84 -49.66
CA LEU G 20 26.58 -19.72 -48.57
C LEU G 20 25.36 -20.08 -47.73
N SER G 21 25.33 -21.34 -47.30
CA SER G 21 24.20 -21.88 -46.53
C SER G 21 24.70 -22.42 -45.19
N CYS G 22 23.96 -22.13 -44.14
CA CYS G 22 24.28 -22.58 -42.78
C CYS G 22 23.12 -23.42 -42.26
N ALA G 23 23.41 -24.65 -41.85
CA ALA G 23 22.40 -25.54 -41.30
C ALA G 23 22.33 -25.39 -39.78
N ALA G 24 21.15 -25.64 -39.23
CA ALA G 24 20.91 -25.54 -37.80
C ALA G 24 20.20 -26.79 -37.30
N SER G 25 20.64 -27.29 -36.15
CA SER G 25 20.01 -28.44 -35.52
C SER G 25 20.27 -28.39 -34.02
N GLY G 26 19.41 -29.06 -33.27
CA GLY G 26 19.55 -29.16 -31.84
C GLY G 26 18.91 -28.05 -31.03
N PHE G 27 18.36 -27.04 -31.68
CA PHE G 27 17.70 -25.95 -30.97
C PHE G 27 16.61 -25.37 -31.85
N THR G 28 15.93 -24.33 -31.35
CA THR G 28 14.75 -23.82 -32.03
C THR G 28 15.10 -23.15 -33.35
N PHE G 29 16.09 -22.26 -33.34
CA PHE G 29 16.58 -21.50 -34.50
C PHE G 29 15.55 -20.46 -34.94
N SER G 30 14.37 -20.48 -34.33
CA SER G 30 13.37 -19.45 -34.57
C SER G 30 13.31 -18.43 -33.44
N ALA G 31 13.99 -18.69 -32.33
CA ALA G 31 14.10 -17.74 -31.23
C ALA G 31 15.54 -17.28 -31.02
N TYR G 32 16.41 -17.51 -32.01
CA TYR G 32 17.81 -17.14 -31.91
C TYR G 32 18.23 -16.36 -33.15
N GLY G 33 18.80 -15.17 -32.93
CA GLY G 33 19.45 -14.45 -34.01
C GLY G 33 20.80 -15.06 -34.33
N ILE G 34 21.13 -15.12 -35.61
CA ILE G 34 22.35 -15.76 -36.08
C ILE G 34 23.21 -14.72 -36.79
N HIS G 35 24.52 -14.93 -36.74
CA HIS G 35 25.49 -14.01 -37.32
C HIS G 35 26.34 -14.72 -38.38
N TRP G 36 27.08 -13.92 -39.14
CA TRP G 36 28.12 -14.40 -40.04
C TRP G 36 29.42 -13.69 -39.68
N VAL G 37 30.46 -14.46 -39.39
CA VAL G 37 31.77 -13.92 -39.06
C VAL G 37 32.80 -14.60 -39.95
N ARG G 38 33.56 -13.80 -40.71
CA ARG G 38 34.62 -14.29 -41.57
C ARG G 38 35.94 -14.21 -40.81
N GLN G 39 36.82 -15.20 -41.01
CA GLN G 39 38.07 -15.06 -40.30
C GLN G 39 39.10 -14.25 -41.08
N ALA G 40 39.86 -14.91 -41.95
CA ALA G 40 40.94 -14.33 -42.75
C ALA G 40 41.75 -15.45 -43.38
N PRO G 41 42.70 -15.15 -44.26
CA PRO G 41 43.87 -16.04 -44.40
C PRO G 41 44.80 -15.91 -43.20
N GLY G 42 44.37 -16.39 -42.04
CA GLY G 42 45.18 -16.37 -40.83
C GLY G 42 45.52 -14.97 -40.33
N LYS G 43 44.51 -14.12 -40.17
CA LYS G 43 44.76 -12.72 -39.83
C LYS G 43 43.80 -12.16 -38.78
N GLY G 44 42.89 -12.97 -38.23
CA GLY G 44 42.02 -12.53 -37.15
C GLY G 44 40.57 -12.81 -37.48
N LEU G 45 39.68 -12.26 -36.64
CA LEU G 45 38.25 -12.44 -36.77
C LEU G 45 37.58 -11.09 -37.09
N GLU G 46 36.58 -11.13 -37.96
CA GLU G 46 35.86 -9.93 -38.38
C GLU G 46 34.39 -10.25 -38.56
N TRP G 47 33.53 -9.45 -37.93
CA TRP G 47 32.08 -9.62 -38.08
C TRP G 47 31.62 -9.15 -39.44
N VAL G 48 30.61 -9.82 -39.98
CA VAL G 48 30.12 -9.54 -41.33
C VAL G 48 28.64 -9.15 -41.32
N ALA G 49 27.79 -10.06 -40.86
CA ALA G 49 26.35 -9.87 -41.00
C ALA G 49 25.62 -10.46 -39.79
N PHE G 50 24.38 -10.01 -39.62
CA PHE G 50 23.52 -10.47 -38.53
C PHE G 50 22.08 -10.50 -39.01
N ILE G 51 21.35 -11.54 -38.59
CA ILE G 51 19.93 -11.69 -38.87
C ILE G 51 19.22 -12.02 -37.56
N SER G 52 18.06 -11.38 -37.34
CA SER G 52 17.30 -11.59 -36.13
C SER G 52 16.50 -12.90 -36.23
N PHE G 53 15.68 -13.16 -35.22
CA PHE G 53 14.85 -14.37 -35.21
C PHE G 53 13.87 -14.36 -36.37
N ASP G 54 13.24 -13.21 -36.62
CA ASP G 54 12.39 -13.00 -37.78
C ASP G 54 13.21 -12.32 -38.88
N GLY G 55 12.54 -11.84 -39.92
CA GLY G 55 13.23 -11.01 -40.89
C GLY G 55 13.84 -9.78 -40.24
N GLY G 56 13.05 -9.08 -39.43
CA GLY G 56 13.51 -8.08 -38.48
C GLY G 56 14.69 -7.21 -38.88
N SER G 57 15.68 -7.13 -38.00
CA SER G 57 16.87 -6.33 -38.24
C SER G 57 17.88 -7.12 -39.05
N LYS G 58 18.42 -6.51 -40.09
CA LYS G 58 19.49 -7.08 -40.90
C LYS G 58 20.64 -6.08 -40.89
N TYR G 59 21.64 -6.34 -40.06
CA TYR G 59 22.78 -5.45 -39.88
C TYR G 59 24.00 -6.04 -40.57
N TYR G 60 24.72 -5.19 -41.31
CA TYR G 60 25.86 -5.61 -42.11
C TYR G 60 27.08 -4.77 -41.74
N ALA G 61 28.26 -5.30 -42.06
CA ALA G 61 29.49 -4.57 -41.87
C ALA G 61 29.72 -3.61 -43.04
N ASP G 62 30.52 -2.57 -42.79
CA ASP G 62 30.75 -1.55 -43.80
C ASP G 62 31.51 -2.10 -45.00
N SER G 63 32.44 -3.03 -44.76
CA SER G 63 33.23 -3.58 -45.86
C SER G 63 32.35 -4.32 -46.86
N VAL G 64 31.36 -5.06 -46.36
CA VAL G 64 30.49 -5.87 -47.22
C VAL G 64 29.14 -5.20 -47.47
N LYS G 65 28.98 -3.95 -47.03
CA LYS G 65 27.72 -3.24 -47.22
C LYS G 65 27.46 -2.99 -48.69
N GLY G 66 26.21 -3.22 -49.11
CA GLY G 66 25.83 -3.04 -50.49
C GLY G 66 26.17 -4.19 -51.40
N ARG G 67 26.83 -5.23 -50.89
CA ARG G 67 27.20 -6.40 -51.68
C ARG G 67 26.77 -7.72 -51.05
N PHE G 68 26.56 -7.76 -49.74
CA PHE G 68 26.18 -8.98 -49.03
C PHE G 68 24.75 -8.84 -48.53
N THR G 69 23.96 -9.89 -48.70
CA THR G 69 22.57 -9.91 -48.25
C THR G 69 22.33 -11.17 -47.43
N ILE G 70 21.83 -11.00 -46.22
CA ILE G 70 21.52 -12.11 -45.33
C ILE G 70 20.06 -12.49 -45.53
N SER G 71 19.76 -13.77 -45.32
CA SER G 71 18.40 -14.27 -45.47
C SER G 71 18.22 -15.50 -44.60
N ARG G 72 17.01 -15.66 -44.07
CA ARG G 72 16.72 -16.70 -43.11
C ARG G 72 15.41 -17.39 -43.48
N ASP G 73 15.40 -18.72 -43.42
CA ASP G 73 14.22 -19.53 -43.70
C ASP G 73 13.99 -20.43 -42.49
N ASN G 74 13.19 -19.95 -41.53
CA ASN G 74 12.93 -20.71 -40.32
C ASN G 74 12.18 -22.01 -40.59
N SER G 75 11.47 -22.10 -41.71
CA SER G 75 10.77 -23.34 -42.05
C SER G 75 11.75 -24.49 -42.28
N LYS G 76 12.86 -24.21 -42.96
CA LYS G 76 13.85 -25.23 -43.28
C LYS G 76 15.02 -25.24 -42.31
N ASN G 77 14.99 -24.41 -41.27
CA ASN G 77 16.09 -24.33 -40.29
C ASN G 77 17.42 -24.04 -40.98
N THR G 78 17.40 -23.09 -41.91
CA THR G 78 18.57 -22.77 -42.71
C THR G 78 18.77 -21.26 -42.76
N LEU G 79 20.04 -20.86 -42.82
CA LEU G 79 20.45 -19.47 -42.96
C LEU G 79 21.32 -19.33 -44.20
N TYR G 80 21.09 -18.25 -44.95
CA TYR G 80 21.82 -18.01 -46.18
C TYR G 80 22.42 -16.61 -46.16
N VAL G 81 23.55 -16.46 -46.85
CA VAL G 81 24.14 -15.17 -47.15
C VAL G 81 24.53 -15.16 -48.62
N HIS G 82 24.06 -14.15 -49.36
CA HIS G 82 24.35 -14.03 -50.78
C HIS G 82 25.35 -12.90 -50.98
N MET G 83 26.48 -13.22 -51.59
CA MET G 83 27.58 -12.27 -51.78
C MET G 83 27.71 -11.94 -53.26
N ASN G 84 27.72 -10.66 -53.59
CA ASN G 84 27.90 -10.19 -54.96
C ASN G 84 29.09 -9.25 -55.00
N SER G 85 29.66 -9.10 -56.21
CA SER G 85 30.83 -8.27 -56.42
C SER G 85 31.98 -8.67 -55.49
N LEU G 86 32.16 -9.99 -55.34
CA LEU G 86 33.17 -10.51 -54.44
C LEU G 86 34.57 -10.10 -54.91
N ARG G 87 35.39 -9.64 -53.97
CA ARG G 87 36.76 -9.25 -54.24
C ARG G 87 37.72 -10.12 -53.45
N VAL G 88 39.00 -10.09 -53.84
CA VAL G 88 40.00 -10.96 -53.24
C VAL G 88 40.15 -10.69 -51.75
N GLU G 89 39.76 -9.52 -51.27
CA GLU G 89 39.78 -9.25 -49.84
C GLU G 89 38.79 -10.14 -49.09
N ASP G 90 37.69 -10.52 -49.74
CA ASP G 90 36.67 -11.36 -49.11
C ASP G 90 37.13 -12.79 -48.90
N THR G 91 38.27 -13.19 -49.47
CA THR G 91 38.80 -14.53 -49.29
C THR G 91 39.05 -14.80 -47.81
N ALA G 92 38.27 -15.70 -47.23
CA ALA G 92 38.35 -16.01 -45.80
C ALA G 92 37.51 -17.26 -45.53
N VAL G 93 37.43 -17.62 -44.25
CA VAL G 93 36.57 -18.70 -43.77
C VAL G 93 35.39 -18.06 -43.05
N TYR G 94 34.18 -18.46 -43.44
CA TYR G 94 32.96 -17.85 -42.94
C TYR G 94 32.28 -18.80 -41.97
N TYR G 95 32.01 -18.31 -40.75
CA TYR G 95 31.31 -19.06 -39.72
C TYR G 95 29.94 -18.46 -39.48
N CYS G 96 28.96 -19.31 -39.21
CA CYS G 96 27.66 -18.87 -38.72
C CYS G 96 27.56 -19.19 -37.24
N ALA G 97 27.16 -18.21 -36.45
CA ALA G 97 27.16 -18.35 -35.00
C ALA G 97 25.87 -17.80 -34.42
N ARG G 98 25.42 -18.42 -33.33
CA ARG G 98 24.14 -18.12 -32.72
C ARG G 98 24.33 -17.04 -31.66
N ASP G 99 23.66 -15.90 -31.83
CA ASP G 99 23.67 -14.86 -30.81
C ASP G 99 22.94 -15.38 -29.58
N ARG G 100 23.66 -15.43 -28.45
CA ARG G 100 23.17 -16.18 -27.30
C ARG G 100 21.90 -15.58 -26.71
N GLY G 101 21.69 -14.27 -26.87
CA GLY G 101 20.44 -13.67 -26.41
C GLY G 101 19.24 -14.14 -27.20
N GLY G 102 19.37 -14.18 -28.53
CA GLY G 102 18.29 -14.65 -29.39
C GLY G 102 17.25 -13.60 -29.72
N LYS G 103 16.36 -13.31 -28.77
CA LYS G 103 15.30 -12.33 -28.96
C LYS G 103 15.68 -10.97 -28.39
N TYR G 104 15.98 -10.91 -27.10
CA TYR G 104 16.18 -9.69 -26.32
C TYR G 104 17.34 -8.86 -26.84
N PRO G 105 17.08 -7.69 -27.42
CA PRO G 105 18.16 -6.86 -27.97
C PRO G 105 19.21 -6.48 -26.92
N PRO G 106 18.83 -6.15 -25.67
CA PRO G 106 19.87 -5.76 -24.70
C PRO G 106 20.89 -6.86 -24.42
N SER G 107 20.53 -8.13 -24.58
CA SER G 107 21.40 -9.24 -24.24
C SER G 107 21.91 -9.99 -25.47
N MET G 108 22.17 -9.26 -26.55
CA MET G 108 22.63 -9.86 -27.80
C MET G 108 23.93 -9.21 -28.26
N GLY G 109 24.79 -10.02 -28.87
CA GLY G 109 26.06 -9.56 -29.38
C GLY G 109 27.18 -10.54 -29.14
N PHE G 110 26.89 -11.64 -28.47
CA PHE G 110 27.85 -12.69 -28.16
C PHE G 110 27.50 -13.96 -28.92
N PHE G 111 28.52 -14.58 -29.52
CA PHE G 111 28.35 -15.78 -30.33
C PHE G 111 28.82 -16.98 -29.50
N ASP G 112 27.88 -17.63 -28.82
CA ASP G 112 28.27 -18.77 -27.99
C ASP G 112 28.46 -20.03 -28.85
N PRO G 113 27.47 -20.48 -29.65
CA PRO G 113 27.73 -21.63 -30.52
C PRO G 113 28.33 -21.22 -31.85
N TRP G 114 29.55 -21.67 -32.13
CA TRP G 114 30.21 -21.40 -33.40
C TRP G 114 30.15 -22.62 -34.30
N GLY G 115 30.22 -22.37 -35.61
CA GLY G 115 30.23 -23.43 -36.59
C GLY G 115 31.62 -23.73 -37.11
N GLN G 116 31.75 -24.88 -37.78
CA GLN G 116 33.04 -25.28 -38.33
C GLN G 116 33.52 -24.29 -39.38
N GLY G 117 32.62 -23.82 -40.23
CA GLY G 117 32.94 -22.83 -41.23
C GLY G 117 33.27 -23.45 -42.57
N THR G 118 33.19 -22.63 -43.61
CA THR G 118 33.56 -23.03 -44.96
C THR G 118 34.44 -21.95 -45.57
N LEU G 119 35.27 -22.36 -46.53
CA LEU G 119 36.29 -21.50 -47.10
C LEU G 119 35.81 -20.91 -48.43
N VAL G 120 35.92 -19.58 -48.55
CA VAL G 120 35.65 -18.88 -49.80
C VAL G 120 36.99 -18.35 -50.32
N THR G 121 37.36 -18.79 -51.52
CA THR G 121 38.61 -18.38 -52.15
C THR G 121 38.26 -17.50 -53.34
N VAL G 122 38.39 -16.18 -53.16
CA VAL G 122 38.08 -15.23 -54.23
C VAL G 122 39.37 -15.07 -55.04
N SER G 123 39.53 -15.92 -56.04
CA SER G 123 40.62 -15.82 -56.99
C SER G 123 40.13 -16.36 -58.33
N SER G 124 41.02 -16.36 -59.30
CA SER G 124 40.71 -16.87 -60.63
C SER G 124 41.26 -18.29 -60.73
N ALA G 125 40.45 -19.28 -60.40
CA ALA G 125 40.82 -20.69 -60.49
C ALA G 125 39.57 -21.54 -60.35
N SER G 126 39.76 -22.86 -60.21
CA SER G 126 38.64 -23.80 -60.22
C SER G 126 39.08 -25.11 -59.55
N THR G 127 38.31 -26.17 -59.78
CA THR G 127 38.48 -27.43 -59.07
C THR G 127 39.34 -28.42 -59.85
N LYS G 128 40.35 -28.98 -59.18
CA LYS G 128 41.15 -30.07 -59.70
C LYS G 128 41.33 -31.13 -58.61
N GLY G 129 41.27 -32.40 -59.01
CA GLY G 129 41.42 -33.49 -58.09
C GLY G 129 42.83 -33.65 -57.56
N PRO G 130 42.98 -34.24 -56.38
CA PRO G 130 44.31 -34.38 -55.77
C PRO G 130 45.05 -35.62 -56.26
N SER G 131 46.36 -35.48 -56.40
CA SER G 131 47.25 -36.58 -56.74
C SER G 131 47.98 -37.01 -55.47
N VAL G 132 47.72 -38.25 -55.03
CA VAL G 132 48.21 -38.75 -53.75
C VAL G 132 49.27 -39.80 -54.01
N PHE G 133 50.45 -39.61 -53.40
CA PHE G 133 51.55 -40.55 -53.48
C PHE G 133 51.95 -40.99 -52.07
N PRO G 134 52.31 -42.27 -51.90
CA PRO G 134 52.57 -42.76 -50.54
C PRO G 134 53.99 -42.51 -50.06
N LEU G 135 54.12 -41.93 -48.86
CA LEU G 135 55.42 -41.81 -48.19
C LEU G 135 55.63 -43.08 -47.38
N ALA G 136 56.10 -44.11 -48.07
CA ALA G 136 56.22 -45.44 -47.48
C ALA G 136 57.30 -45.46 -46.40
N PRO G 137 57.16 -46.33 -45.40
CA PRO G 137 58.22 -46.47 -44.38
C PRO G 137 59.53 -46.93 -45.01
N SER G 138 60.54 -46.06 -44.97
CA SER G 138 61.86 -46.38 -45.49
C SER G 138 62.83 -46.63 -44.33
N SER G 139 63.97 -47.23 -44.66
CA SER G 139 65.00 -47.44 -43.65
C SER G 139 65.50 -46.12 -43.09
N LYS G 140 65.59 -45.10 -43.94
CA LYS G 140 65.99 -43.78 -43.49
C LYS G 140 64.89 -43.09 -42.68
N SER G 141 63.66 -43.58 -42.74
CA SER G 141 62.55 -43.07 -41.95
C SER G 141 62.13 -44.04 -40.85
N THR G 142 62.98 -45.03 -40.55
CA THR G 142 62.72 -46.00 -39.49
C THR G 142 63.68 -45.86 -38.33
N SER G 143 64.72 -45.03 -38.45
CA SER G 143 65.78 -44.91 -37.45
C SER G 143 65.21 -44.74 -36.05
N GLY G 144 65.52 -45.70 -35.18
CA GLY G 144 64.96 -45.78 -33.84
C GLY G 144 63.98 -46.92 -33.71
N GLY G 145 63.40 -47.01 -32.51
CA GLY G 145 62.41 -48.05 -32.25
C GLY G 145 61.06 -47.80 -32.89
N THR G 146 60.83 -46.60 -33.43
CA THR G 146 59.58 -46.25 -34.08
C THR G 146 59.87 -45.71 -35.48
N ALA G 147 58.93 -45.92 -36.39
CA ALA G 147 59.08 -45.55 -37.78
C ALA G 147 58.06 -44.48 -38.16
N ALA G 148 58.26 -43.89 -39.33
CA ALA G 148 57.40 -42.82 -39.83
C ALA G 148 56.91 -43.17 -41.23
N LEU G 149 55.65 -42.84 -41.51
CA LEU G 149 55.05 -43.07 -42.80
C LEU G 149 54.00 -41.99 -43.05
N GLY G 150 53.62 -41.83 -44.32
CA GLY G 150 52.65 -40.82 -44.66
C GLY G 150 52.29 -40.85 -46.13
N CYS G 151 51.71 -39.75 -46.59
CA CYS G 151 51.31 -39.59 -47.98
C CYS G 151 51.59 -38.16 -48.41
N LEU G 152 51.72 -37.96 -49.72
CA LEU G 152 51.95 -36.64 -50.31
C LEU G 152 50.75 -36.30 -51.19
N VAL G 153 49.92 -35.37 -50.71
CA VAL G 153 48.76 -34.91 -51.46
C VAL G 153 49.20 -33.68 -52.25
N LYS G 154 49.45 -33.88 -53.54
CA LYS G 154 50.04 -32.87 -54.40
C LYS G 154 49.11 -32.58 -55.57
N ASP G 155 49.21 -31.36 -56.09
CA ASP G 155 48.50 -30.95 -57.31
C ASP G 155 46.98 -31.06 -57.13
N TYR G 156 46.45 -30.26 -56.21
CA TYR G 156 45.00 -30.17 -56.04
C TYR G 156 44.60 -28.71 -55.90
N PHE G 157 43.36 -28.43 -56.30
CA PHE G 157 42.75 -27.11 -56.16
C PHE G 157 41.25 -27.31 -56.18
N PRO G 158 40.50 -26.67 -55.29
CA PRO G 158 40.96 -25.79 -54.21
C PRO G 158 41.08 -26.48 -52.86
N GLU G 159 41.62 -25.74 -51.89
CA GLU G 159 41.49 -26.09 -50.49
C GLU G 159 40.01 -26.13 -50.13
N PRO G 160 39.58 -27.01 -49.22
CA PRO G 160 40.35 -27.92 -48.36
C PRO G 160 40.49 -29.37 -48.82
N VAL G 161 41.36 -30.09 -48.12
CA VAL G 161 41.46 -31.54 -48.20
C VAL G 161 41.41 -32.09 -46.77
N THR G 162 40.85 -33.28 -46.63
CA THR G 162 40.71 -33.94 -45.33
C THR G 162 41.42 -35.28 -45.39
N VAL G 163 42.56 -35.38 -44.72
CA VAL G 163 43.38 -36.57 -44.72
C VAL G 163 43.15 -37.30 -43.40
N SER G 164 42.40 -38.39 -43.46
CA SER G 164 42.21 -39.27 -42.32
C SER G 164 43.15 -40.47 -42.43
N TRP G 165 43.38 -41.13 -41.30
CA TRP G 165 44.27 -42.29 -41.23
C TRP G 165 43.52 -43.46 -40.64
N ASN G 166 43.47 -44.56 -41.38
CA ASN G 166 42.81 -45.79 -40.95
C ASN G 166 41.36 -45.55 -40.55
N SER G 167 40.64 -44.85 -41.44
CA SER G 167 39.21 -44.57 -41.26
C SER G 167 38.95 -43.80 -39.97
N GLY G 168 39.83 -42.86 -39.65
CA GLY G 168 39.67 -42.05 -38.45
C GLY G 168 40.07 -42.72 -37.16
N ALA G 169 40.66 -43.90 -37.21
CA ALA G 169 41.10 -44.59 -36.00
C ALA G 169 42.51 -44.20 -35.60
N LEU G 170 43.45 -44.28 -36.54
CA LEU G 170 44.83 -43.88 -36.28
C LEU G 170 44.90 -42.36 -36.19
N THR G 171 44.93 -41.84 -34.97
CA THR G 171 44.96 -40.40 -34.73
C THR G 171 46.22 -39.93 -34.02
N SER G 172 46.70 -40.69 -33.04
CA SER G 172 47.92 -40.30 -32.33
C SER G 172 49.12 -40.37 -33.27
N GLY G 173 49.92 -39.31 -33.29
CA GLY G 173 51.06 -39.21 -34.17
C GLY G 173 50.76 -38.65 -35.54
N VAL G 174 49.50 -38.41 -35.87
CA VAL G 174 49.15 -37.85 -37.17
C VAL G 174 49.50 -36.37 -37.20
N HIS G 175 50.18 -35.95 -38.26
CA HIS G 175 50.72 -34.60 -38.40
C HIS G 175 50.37 -34.02 -39.76
N THR G 176 49.10 -34.04 -40.11
CA THR G 176 48.65 -33.47 -41.38
C THR G 176 49.09 -32.02 -41.47
N PHE G 177 50.04 -31.75 -42.36
CA PHE G 177 50.70 -30.46 -42.42
C PHE G 177 49.82 -29.41 -43.09
N PRO G 178 50.03 -28.13 -42.77
CA PRO G 178 49.34 -27.06 -43.51
C PRO G 178 49.70 -27.10 -44.98
N ALA G 179 48.71 -26.83 -45.82
CA ALA G 179 48.92 -26.86 -47.26
C ALA G 179 49.77 -25.68 -47.71
N VAL G 180 50.55 -25.91 -48.77
CA VAL G 180 51.36 -24.87 -49.40
C VAL G 180 50.96 -24.81 -50.87
N LEU G 181 50.64 -23.60 -51.35
CA LEU G 181 50.27 -23.41 -52.75
C LEU G 181 51.55 -23.33 -53.58
N GLN G 182 51.77 -24.33 -54.42
CA GLN G 182 52.97 -24.38 -55.24
C GLN G 182 52.89 -23.33 -56.35
N SER G 183 54.03 -23.11 -57.01
CA SER G 183 54.09 -22.19 -58.14
C SER G 183 53.27 -22.68 -59.33
N SER G 184 52.85 -23.95 -59.34
CA SER G 184 51.96 -24.48 -60.37
C SER G 184 50.53 -24.03 -60.18
N GLY G 185 50.25 -23.16 -59.20
CA GLY G 185 48.91 -22.72 -58.91
C GLY G 185 48.09 -23.66 -58.06
N LEU G 186 48.55 -24.89 -57.86
CA LEU G 186 47.84 -25.89 -57.09
C LEU G 186 48.44 -26.01 -55.69
N TYR G 187 47.77 -26.77 -54.84
CA TYR G 187 48.17 -26.92 -53.45
C TYR G 187 48.95 -28.22 -53.25
N SER G 188 49.76 -28.22 -52.19
CA SER G 188 50.55 -29.37 -51.77
C SER G 188 50.35 -29.61 -50.29
N LEU G 189 50.28 -30.89 -49.90
CA LEU G 189 50.05 -31.23 -48.50
C LEU G 189 50.64 -32.61 -48.24
N SER G 190 51.15 -32.78 -47.02
CA SER G 190 51.71 -34.05 -46.57
C SER G 190 51.19 -34.36 -45.18
N SER G 191 50.70 -35.58 -44.98
CA SER G 191 50.23 -36.05 -43.69
C SER G 191 51.04 -37.26 -43.27
N VAL G 192 51.77 -37.15 -42.16
CA VAL G 192 52.64 -38.20 -41.69
C VAL G 192 52.16 -38.66 -40.31
N VAL G 193 52.44 -39.93 -40.00
CA VAL G 193 52.09 -40.53 -38.73
C VAL G 193 53.24 -41.40 -38.25
N THR G 194 53.55 -41.30 -36.97
CA THR G 194 54.60 -42.12 -36.36
C THR G 194 53.99 -43.40 -35.83
N VAL G 195 54.56 -44.53 -36.24
CA VAL G 195 54.09 -45.84 -35.78
C VAL G 195 55.29 -46.61 -35.25
N PRO G 196 55.09 -47.53 -34.30
CA PRO G 196 56.21 -48.38 -33.87
C PRO G 196 56.70 -49.25 -35.01
N SER G 197 58.03 -49.44 -35.06
CA SER G 197 58.60 -50.31 -36.08
C SER G 197 58.20 -51.77 -35.89
N SER G 198 57.75 -52.13 -34.69
CA SER G 198 57.25 -53.48 -34.43
C SER G 198 55.89 -53.73 -35.06
N SER G 199 55.21 -52.70 -35.54
CA SER G 199 53.93 -52.84 -36.20
C SER G 199 53.99 -52.60 -37.71
N LEU G 200 55.11 -52.12 -38.22
CA LEU G 200 55.28 -51.86 -39.66
C LEU G 200 55.45 -53.20 -40.37
N GLY G 201 54.32 -53.84 -40.66
CA GLY G 201 54.31 -55.17 -41.24
C GLY G 201 53.30 -56.07 -40.57
N THR G 202 52.62 -55.54 -39.55
CA THR G 202 51.58 -56.29 -38.85
C THR G 202 50.33 -55.45 -38.59
N GLN G 203 50.27 -54.22 -39.10
CA GLN G 203 49.11 -53.36 -38.94
C GLN G 203 48.82 -52.67 -40.27
N THR G 204 47.54 -52.39 -40.49
CA THR G 204 47.10 -51.74 -41.72
C THR G 204 47.21 -50.22 -41.56
N TYR G 205 47.56 -49.55 -42.66
CA TYR G 205 47.72 -48.10 -42.69
C TYR G 205 47.03 -47.56 -43.93
N ILE G 206 45.86 -46.94 -43.74
CA ILE G 206 45.03 -46.44 -44.83
C ILE G 206 45.11 -44.93 -44.87
N CYS G 207 45.28 -44.37 -46.07
CA CYS G 207 45.37 -42.93 -46.27
C CYS G 207 44.04 -42.41 -46.80
N ASN G 208 43.15 -42.03 -45.88
CA ASN G 208 41.80 -41.60 -46.24
C ASN G 208 41.84 -40.10 -46.56
N VAL G 209 42.10 -39.79 -47.82
CA VAL G 209 42.12 -38.41 -48.29
C VAL G 209 40.75 -38.08 -48.88
N ASN G 210 40.34 -36.82 -48.76
CA ASN G 210 39.05 -36.37 -49.27
C ASN G 210 39.17 -34.96 -49.79
N HIS G 211 38.75 -34.74 -51.03
CA HIS G 211 38.68 -33.42 -51.64
C HIS G 211 37.22 -33.19 -52.03
N LYS G 212 36.43 -32.67 -51.09
CA LYS G 212 35.01 -32.42 -51.34
C LYS G 212 34.75 -31.53 -52.55
N PRO G 213 35.54 -30.47 -52.82
CA PRO G 213 35.28 -29.69 -54.05
C PRO G 213 35.23 -30.52 -55.33
N SER G 214 36.00 -31.61 -55.40
CA SER G 214 35.93 -32.53 -56.53
C SER G 214 35.22 -33.83 -56.19
N ASN G 215 34.69 -33.96 -54.97
CA ASN G 215 34.05 -35.19 -54.50
C ASN G 215 34.96 -36.40 -54.68
N THR G 216 36.22 -36.22 -54.26
CA THR G 216 37.25 -37.24 -54.42
C THR G 216 37.53 -37.89 -53.08
N LYS G 217 37.58 -39.22 -53.06
CA LYS G 217 37.69 -40.01 -51.83
C LYS G 217 38.83 -41.02 -51.95
N VAL G 218 40.01 -40.56 -52.35
CA VAL G 218 41.16 -41.45 -52.47
C VAL G 218 41.46 -42.09 -51.13
N ASP G 219 41.34 -43.42 -51.07
CA ASP G 219 41.58 -44.16 -49.84
C ASP G 219 42.70 -45.18 -50.01
N LYS G 220 43.82 -44.75 -50.60
CA LYS G 220 44.95 -45.63 -50.81
C LYS G 220 45.58 -46.03 -49.48
N ARG G 221 46.45 -47.04 -49.55
CA ARG G 221 47.14 -47.56 -48.37
C ARG G 221 48.64 -47.44 -48.56
N VAL G 222 49.35 -47.43 -47.43
CA VAL G 222 50.80 -47.29 -47.41
C VAL G 222 51.41 -48.67 -47.17
N GLU G 223 52.28 -49.09 -48.10
CA GLU G 223 52.94 -50.38 -47.96
C GLU G 223 54.39 -50.19 -47.53
N PRO G 224 54.90 -51.06 -46.65
CA PRO G 224 56.29 -50.93 -46.22
C PRO G 224 57.26 -51.09 -47.38
N LYS G 225 58.29 -50.25 -47.39
CA LYS G 225 59.28 -50.23 -48.47
C LYS G 225 60.62 -50.80 -48.00
N SER G 226 60.57 -51.84 -47.17
CA SER G 226 61.78 -52.48 -46.68
C SER G 226 62.57 -53.10 -47.82
N CYS G 227 63.73 -52.53 -48.11
CA CYS G 227 64.57 -53.00 -49.22
C CYS G 227 65.67 -53.91 -48.73
N GLU H 1 33.73 0.90 -35.29
CA GLU H 1 33.34 2.00 -34.41
C GLU H 1 34.13 1.98 -33.11
N ILE H 2 34.01 0.88 -32.36
CA ILE H 2 34.72 0.71 -31.10
C ILE H 2 35.93 -0.18 -31.37
N VAL H 3 37.12 0.29 -30.99
CA VAL H 3 38.37 -0.40 -31.26
C VAL H 3 38.86 -1.06 -29.98
N LEU H 4 39.15 -2.36 -30.07
CA LEU H 4 39.69 -3.13 -28.96
C LEU H 4 41.13 -3.50 -29.29
N THR H 5 42.06 -3.11 -28.41
CA THR H 5 43.48 -3.40 -28.58
C THR H 5 43.90 -4.41 -27.53
N GLN H 6 44.45 -5.54 -27.97
CA GLN H 6 44.90 -6.59 -27.07
C GLN H 6 46.40 -6.51 -26.87
N SER H 7 46.85 -7.02 -25.72
CA SER H 7 48.27 -7.04 -25.38
C SER H 7 48.50 -8.14 -24.36
N PRO H 8 49.66 -8.80 -24.40
CA PRO H 8 50.74 -8.65 -25.38
C PRO H 8 50.39 -9.29 -26.72
N PRO H 9 50.99 -8.83 -27.82
CA PRO H 9 50.71 -9.46 -29.11
C PRO H 9 50.95 -10.96 -29.11
N THR H 10 52.02 -11.42 -28.45
CA THR H 10 52.29 -12.84 -28.30
C THR H 10 52.77 -13.09 -26.88
N LEU H 11 52.54 -14.31 -26.40
CA LEU H 11 52.89 -14.66 -25.02
C LEU H 11 53.31 -16.11 -24.97
N SER H 12 54.45 -16.37 -24.33
CA SER H 12 54.97 -17.73 -24.17
C SER H 12 55.25 -17.97 -22.69
N LEU H 13 54.56 -18.94 -22.09
CA LEU H 13 54.71 -19.24 -20.68
C LEU H 13 54.74 -20.75 -20.47
N SER H 14 55.37 -21.16 -19.37
CA SER H 14 55.49 -22.55 -19.02
C SER H 14 54.20 -23.07 -18.38
N PRO H 15 53.96 -24.38 -18.43
CA PRO H 15 52.79 -24.94 -17.75
C PRO H 15 52.83 -24.66 -16.26
N GLY H 16 51.67 -24.37 -15.69
CA GLY H 16 51.55 -24.04 -14.29
C GLY H 16 51.66 -22.57 -13.98
N GLU H 17 52.18 -21.76 -14.90
CA GLU H 17 52.30 -20.33 -14.68
C GLU H 17 50.95 -19.66 -14.86
N ARG H 18 50.91 -18.35 -14.58
CA ARG H 18 49.71 -17.54 -14.75
C ARG H 18 49.90 -16.60 -15.93
N ALA H 19 48.95 -16.64 -16.86
CA ALA H 19 48.97 -15.79 -18.05
C ALA H 19 47.88 -14.74 -17.92
N THR H 20 48.27 -13.48 -18.12
CA THR H 20 47.35 -12.34 -18.01
C THR H 20 47.25 -11.66 -19.37
N LEU H 21 46.07 -11.70 -19.97
CA LEU H 21 45.79 -11.04 -21.23
C LEU H 21 45.04 -9.74 -20.97
N SER H 22 45.23 -8.77 -21.85
CA SER H 22 44.61 -7.46 -21.71
C SER H 22 43.83 -7.11 -22.96
N CYS H 23 42.82 -6.25 -22.79
CA CYS H 23 41.98 -5.81 -23.89
C CYS H 23 41.50 -4.40 -23.55
N ARG H 24 42.05 -3.40 -24.23
CA ARG H 24 41.70 -2.01 -23.98
C ARG H 24 40.80 -1.50 -25.10
N ALA H 25 39.70 -0.86 -24.70
CA ALA H 25 38.70 -0.37 -25.65
C ALA H 25 38.91 1.12 -25.90
N SER H 26 38.53 1.54 -27.12
CA SER H 26 38.64 2.96 -27.47
C SER H 26 37.75 3.81 -26.57
N GLN H 27 36.54 3.35 -26.29
CA GLN H 27 35.60 4.03 -25.42
C GLN H 27 35.08 3.04 -24.38
N SER H 28 34.40 3.58 -23.37
CA SER H 28 33.82 2.73 -22.33
C SER H 28 32.76 1.81 -22.94
N ILE H 29 32.79 0.53 -22.53
CA ILE H 29 31.84 -0.45 -23.03
C ILE H 29 31.17 -1.15 -21.86
N SER H 30 31.29 -0.56 -20.66
CA SER H 30 30.70 -1.09 -19.42
C SER H 30 31.26 -2.49 -19.21
N ASN H 31 30.44 -3.53 -19.10
CA ASN H 31 30.90 -4.91 -18.99
C ASN H 31 30.61 -5.72 -20.24
N SER H 32 30.18 -5.07 -21.33
CA SER H 32 29.78 -5.77 -22.55
C SER H 32 31.04 -6.18 -23.32
N LEU H 33 31.65 -7.27 -22.86
CA LEU H 33 32.84 -7.81 -23.50
C LEU H 33 32.91 -9.31 -23.24
N ALA H 34 33.44 -10.03 -24.23
CA ALA H 34 33.55 -11.48 -24.17
C ALA H 34 34.93 -11.92 -24.62
N TRP H 35 35.31 -13.13 -24.21
CA TRP H 35 36.59 -13.73 -24.56
C TRP H 35 36.36 -15.04 -25.30
N TYR H 36 37.15 -15.27 -26.34
CA TYR H 36 37.06 -16.46 -27.15
C TYR H 36 38.42 -17.14 -27.27
N GLN H 37 38.41 -18.47 -27.27
CA GLN H 37 39.61 -19.28 -27.45
C GLN H 37 39.48 -20.02 -28.77
N GLN H 38 40.34 -19.71 -29.73
CA GLN H 38 40.36 -20.38 -31.02
C GLN H 38 41.53 -21.35 -31.04
N LYS H 39 41.24 -22.63 -30.82
CA LYS H 39 42.27 -23.65 -30.94
C LYS H 39 42.80 -23.68 -32.37
N PRO H 40 44.08 -24.00 -32.56
CA PRO H 40 44.63 -24.06 -33.92
C PRO H 40 43.85 -25.04 -34.79
N GLY H 41 43.42 -24.56 -35.95
CA GLY H 41 42.61 -25.37 -36.84
C GLY H 41 41.25 -25.72 -36.27
N GLN H 42 40.59 -24.77 -35.63
CA GLN H 42 39.28 -25.02 -35.04
C GLN H 42 38.53 -23.70 -34.90
N ALA H 43 37.22 -23.81 -34.72
CA ALA H 43 36.38 -22.64 -34.56
C ALA H 43 36.57 -22.03 -33.17
N PRO H 44 36.42 -20.71 -33.05
CA PRO H 44 36.51 -20.08 -31.72
C PRO H 44 35.41 -20.58 -30.80
N ARG H 45 35.73 -20.62 -29.51
CA ARG H 45 34.80 -21.06 -28.48
C ARG H 45 34.68 -19.99 -27.41
N LEU H 46 33.46 -19.74 -26.97
CA LEU H 46 33.21 -18.73 -25.94
C LEU H 46 33.77 -19.20 -24.60
N LEU H 47 34.49 -18.31 -23.91
CA LEU H 47 35.07 -18.60 -22.61
C LEU H 47 34.44 -17.75 -21.51
N ILE H 48 34.47 -16.43 -21.67
CA ILE H 48 33.94 -15.49 -20.68
C ILE H 48 32.98 -14.56 -21.39
N TYR H 49 31.80 -14.35 -20.79
CA TYR H 49 30.84 -13.40 -21.31
C TYR H 49 30.48 -12.38 -20.22
N ASP H 50 30.15 -11.16 -20.65
CA ASP H 50 29.92 -10.01 -19.78
C ASP H 50 31.17 -9.66 -18.96
N ALA H 51 32.37 -9.99 -19.45
CA ALA H 51 33.71 -9.71 -18.90
C ALA H 51 34.03 -10.36 -17.54
N SER H 52 33.07 -10.93 -16.81
CA SER H 52 33.35 -11.77 -15.64
C SER H 52 32.70 -13.14 -15.65
N ASN H 53 31.55 -13.32 -16.28
CA ASN H 53 30.85 -14.59 -16.21
C ASN H 53 31.50 -15.63 -17.11
N ARG H 54 31.63 -16.86 -16.62
CA ARG H 54 32.31 -17.91 -17.35
C ARG H 54 31.30 -18.80 -18.07
N ALA H 55 31.61 -19.14 -19.33
CA ALA H 55 30.70 -19.94 -20.12
C ALA H 55 30.61 -21.37 -19.57
N THR H 56 29.49 -22.03 -19.87
CA THR H 56 29.24 -23.37 -19.37
C THR H 56 30.27 -24.36 -19.93
N GLY H 57 30.81 -25.21 -19.06
CA GLY H 57 31.77 -26.20 -19.45
C GLY H 57 33.20 -25.73 -19.53
N ILE H 58 33.44 -24.42 -19.49
CA ILE H 58 34.81 -23.90 -19.56
C ILE H 58 35.51 -24.16 -18.24
N PRO H 59 36.77 -24.61 -18.24
CA PRO H 59 37.46 -24.90 -16.98
C PRO H 59 37.56 -23.68 -16.09
N ALA H 60 37.54 -23.93 -14.77
CA ALA H 60 37.55 -22.85 -13.78
C ALA H 60 38.85 -22.07 -13.76
N ARG H 61 39.91 -22.55 -14.41
CA ARG H 61 41.17 -21.83 -14.44
C ARG H 61 41.10 -20.55 -15.24
N PHE H 62 40.04 -20.33 -16.01
CA PHE H 62 39.87 -19.12 -16.79
C PHE H 62 39.03 -18.12 -16.00
N SER H 63 39.52 -16.88 -15.90
CA SER H 63 38.83 -15.83 -15.18
C SER H 63 38.94 -14.53 -15.95
N GLY H 64 37.94 -13.68 -15.79
CA GLY H 64 37.94 -12.38 -16.45
C GLY H 64 37.50 -11.29 -15.49
N SER H 65 38.06 -10.11 -15.69
CA SER H 65 37.72 -8.94 -14.88
C SER H 65 37.85 -7.69 -15.74
N GLY H 66 37.64 -6.55 -15.11
CA GLY H 66 37.72 -5.27 -15.78
C GLY H 66 36.35 -4.64 -16.00
N PHE H 67 36.36 -3.33 -16.15
CA PHE H 67 35.13 -2.57 -16.38
C PHE H 67 35.51 -1.25 -17.03
N GLY H 68 34.63 -0.78 -17.92
CA GLY H 68 34.88 0.46 -18.62
C GLY H 68 35.66 0.29 -19.89
N THR H 69 36.97 0.53 -19.84
CA THR H 69 37.83 0.42 -21.01
C THR H 69 38.87 -0.68 -20.92
N ASP H 70 39.37 -0.99 -19.72
CA ASP H 70 40.42 -1.99 -19.55
C ASP H 70 39.83 -3.28 -19.00
N PHE H 71 40.14 -4.39 -19.66
CA PHE H 71 39.66 -5.70 -19.27
C PHE H 71 40.83 -6.68 -19.24
N THR H 72 40.64 -7.78 -18.53
CA THR H 72 41.72 -8.74 -18.31
C THR H 72 41.17 -10.15 -18.30
N LEU H 73 41.78 -11.02 -19.12
CA LEU H 73 41.54 -12.45 -19.08
C LEU H 73 42.76 -13.11 -18.45
N THR H 74 42.52 -13.94 -17.43
CA THR H 74 43.61 -14.56 -16.67
C THR H 74 43.42 -16.07 -16.64
N ILE H 75 44.48 -16.80 -16.96
CA ILE H 75 44.51 -18.25 -16.84
C ILE H 75 45.41 -18.57 -15.64
N SER H 76 44.82 -19.14 -14.59
CA SER H 76 45.56 -19.33 -13.35
C SER H 76 46.64 -20.40 -13.50
N SER H 77 46.24 -21.63 -13.83
CA SER H 77 47.16 -22.75 -14.00
C SER H 77 47.21 -23.08 -15.48
N LEU H 78 48.27 -22.62 -16.16
CA LEU H 78 48.38 -22.83 -17.60
C LEU H 78 48.57 -24.31 -17.90
N GLU H 79 47.90 -24.77 -18.96
CA GLU H 79 47.87 -26.17 -19.36
C GLU H 79 48.35 -26.32 -20.80
N PRO H 80 48.88 -27.49 -21.17
CA PRO H 80 49.35 -27.66 -22.55
C PRO H 80 48.26 -27.48 -23.60
N GLU H 81 47.02 -27.85 -23.29
CA GLU H 81 45.93 -27.69 -24.25
C GLU H 81 45.56 -26.23 -24.48
N ASP H 82 45.95 -25.33 -23.58
CA ASP H 82 45.59 -23.92 -23.70
C ASP H 82 46.38 -23.18 -24.79
N CYS H 83 47.18 -23.86 -25.60
CA CYS H 83 47.90 -23.20 -26.70
C CYS H 83 46.89 -22.82 -27.78
N ALA H 84 46.55 -21.54 -27.85
CA ALA H 84 45.56 -21.06 -28.81
C ALA H 84 45.69 -19.54 -28.91
N VAL H 85 44.84 -18.96 -29.74
CA VAL H 85 44.75 -17.51 -29.90
C VAL H 85 43.47 -17.04 -29.21
N TYR H 86 43.58 -16.00 -28.41
CA TYR H 86 42.47 -15.51 -27.61
C TYR H 86 42.03 -14.14 -28.11
N TYR H 87 40.73 -13.97 -28.31
CA TYR H 87 40.15 -12.76 -28.86
C TYR H 87 39.14 -12.17 -27.89
N CYS H 88 39.12 -10.84 -27.80
CA CYS H 88 38.12 -10.11 -27.04
C CYS H 88 37.20 -9.35 -27.99
N GLN H 89 35.90 -9.39 -27.69
CA GLN H 89 34.88 -8.80 -28.53
C GLN H 89 33.94 -7.96 -27.69
N GLN H 90 33.58 -6.78 -28.19
CA GLN H 90 32.69 -5.87 -27.49
C GLN H 90 31.23 -6.13 -27.87
N ARG H 91 30.33 -5.66 -27.02
CA ARG H 91 28.90 -5.82 -27.24
C ARG H 91 28.09 -4.56 -27.00
N ASN H 92 28.70 -3.49 -26.47
CA ASN H 92 27.93 -2.33 -26.04
C ASN H 92 27.30 -1.59 -27.23
N ASN H 93 28.13 -1.13 -28.16
CA ASN H 93 27.67 -0.36 -29.31
C ASN H 93 27.89 -1.18 -30.58
N TRP H 94 26.81 -1.69 -31.15
CA TRP H 94 26.87 -2.46 -32.39
C TRP H 94 25.53 -2.39 -33.07
N PRO H 95 25.48 -2.48 -34.41
CA PRO H 95 26.60 -2.68 -35.35
C PRO H 95 27.50 -1.44 -35.48
N PRO H 96 28.77 -1.64 -35.84
CA PRO H 96 29.43 -2.92 -36.13
C PRO H 96 29.88 -3.66 -34.86
N LEU H 97 29.81 -4.99 -34.88
CA LEU H 97 30.42 -5.80 -33.82
C LEU H 97 31.91 -5.93 -34.11
N THR H 98 32.74 -5.56 -33.14
CA THR H 98 34.17 -5.49 -33.34
C THR H 98 34.89 -6.49 -32.43
N PHE H 99 35.96 -7.08 -32.95
CA PHE H 99 36.82 -8.00 -32.21
C PHE H 99 38.12 -7.30 -31.83
N GLY H 100 38.96 -8.03 -31.10
CA GLY H 100 40.27 -7.54 -30.71
C GLY H 100 41.36 -8.04 -31.66
N GLY H 101 42.57 -7.54 -31.42
CA GLY H 101 43.70 -7.96 -32.24
C GLY H 101 44.04 -9.43 -32.06
N GLY H 102 43.88 -9.93 -30.85
CA GLY H 102 44.19 -11.31 -30.55
C GLY H 102 45.56 -11.46 -29.92
N THR H 103 45.70 -12.49 -29.09
CA THR H 103 46.96 -12.80 -28.42
C THR H 103 47.27 -14.28 -28.61
N LYS H 104 48.47 -14.57 -29.09
CA LYS H 104 48.91 -15.95 -29.29
C LYS H 104 49.56 -16.47 -28.02
N VAL H 105 49.10 -17.61 -27.55
CA VAL H 105 49.58 -18.23 -26.31
C VAL H 105 50.35 -19.49 -26.68
N GLU H 106 51.61 -19.55 -26.26
CA GLU H 106 52.47 -20.70 -26.50
C GLU H 106 52.86 -21.32 -25.17
N ILE H 107 52.76 -22.63 -25.07
CA ILE H 107 53.11 -23.36 -23.85
C ILE H 107 54.57 -23.80 -23.96
N LYS H 108 55.40 -23.34 -23.04
CA LYS H 108 56.82 -23.67 -23.06
C LYS H 108 57.03 -25.14 -22.73
N ARG H 109 58.13 -25.69 -23.23
CA ARG H 109 58.47 -27.08 -23.03
C ARG H 109 59.98 -27.23 -23.12
N THR H 110 60.50 -28.34 -22.60
CA THR H 110 61.92 -28.63 -22.71
C THR H 110 62.33 -28.66 -24.17
N VAL H 111 63.42 -27.95 -24.49
CA VAL H 111 63.87 -27.85 -25.87
C VAL H 111 64.15 -29.24 -26.42
N ALA H 112 63.44 -29.60 -27.49
CA ALA H 112 63.56 -30.91 -28.10
C ALA H 112 64.08 -30.77 -29.52
N ALA H 113 65.02 -31.64 -29.89
CA ALA H 113 65.60 -31.62 -31.22
C ALA H 113 64.66 -32.30 -32.22
N PRO H 114 64.71 -31.90 -33.50
CA PRO H 114 63.83 -32.50 -34.50
C PRO H 114 64.23 -33.94 -34.81
N SER H 115 63.29 -34.86 -34.63
CA SER H 115 63.47 -36.26 -35.03
C SER H 115 63.29 -36.32 -36.54
N VAL H 116 64.40 -36.16 -37.26
CA VAL H 116 64.35 -35.99 -38.71
C VAL H 116 64.12 -37.34 -39.38
N PHE H 117 63.13 -37.37 -40.27
CA PHE H 117 62.89 -38.52 -41.15
C PHE H 117 62.84 -38.02 -42.58
N ILE H 118 63.47 -38.76 -43.49
CA ILE H 118 63.54 -38.38 -44.89
C ILE H 118 62.87 -39.47 -45.73
N PHE H 119 62.11 -39.04 -46.72
CA PHE H 119 61.34 -39.95 -47.57
C PHE H 119 61.78 -39.79 -49.02
N PRO H 120 62.21 -40.85 -49.70
CA PRO H 120 62.55 -40.73 -51.12
C PRO H 120 61.29 -40.64 -51.95
N PRO H 121 61.38 -40.12 -53.18
CA PRO H 121 60.20 -40.08 -54.06
C PRO H 121 59.65 -41.48 -54.30
N SER H 122 58.33 -41.59 -54.23
CA SER H 122 57.69 -42.88 -54.40
C SER H 122 57.64 -43.27 -55.87
N ASP H 123 57.44 -44.57 -56.11
CA ASP H 123 57.42 -45.08 -57.48
C ASP H 123 56.28 -44.47 -58.28
N GLU H 124 55.10 -44.34 -57.66
CA GLU H 124 53.94 -43.82 -58.39
C GLU H 124 54.17 -42.39 -58.84
N GLN H 125 54.75 -41.55 -57.97
CA GLN H 125 55.05 -40.18 -58.37
C GLN H 125 56.14 -40.14 -59.43
N LEU H 126 57.09 -41.08 -59.38
CA LEU H 126 58.11 -41.14 -60.42
C LEU H 126 57.50 -41.40 -61.79
N LYS H 127 56.38 -42.12 -61.85
CA LYS H 127 55.67 -42.31 -63.11
C LYS H 127 54.70 -41.16 -63.38
N SER H 128 55.17 -39.92 -63.24
CA SER H 128 54.36 -38.73 -63.50
C SER H 128 55.20 -37.56 -64.01
N GLY H 129 56.50 -37.74 -64.20
CA GLY H 129 57.40 -36.66 -64.56
C GLY H 129 57.76 -35.74 -63.42
N THR H 130 57.41 -36.09 -62.18
CA THR H 130 57.69 -35.26 -61.02
C THR H 130 58.37 -36.10 -59.95
N ALA H 131 59.11 -35.44 -59.07
CA ALA H 131 59.82 -36.10 -57.99
C ALA H 131 59.93 -35.15 -56.81
N SER H 132 59.34 -35.51 -55.69
CA SER H 132 59.37 -34.70 -54.48
C SER H 132 60.03 -35.49 -53.36
N VAL H 133 61.04 -34.90 -52.73
CA VAL H 133 61.74 -35.50 -51.61
C VAL H 133 61.27 -34.82 -50.34
N VAL H 134 60.82 -35.60 -49.37
CA VAL H 134 60.20 -35.10 -48.15
C VAL H 134 61.17 -35.30 -46.99
N CYS H 135 61.52 -34.20 -46.32
CA CYS H 135 62.33 -34.24 -45.10
C CYS H 135 61.44 -33.79 -43.96
N LEU H 136 61.15 -34.71 -43.04
CA LEU H 136 60.22 -34.48 -41.95
C LEU H 136 60.98 -34.16 -40.67
N LEU H 137 60.71 -32.98 -40.10
CA LEU H 137 61.28 -32.57 -38.82
C LEU H 137 60.15 -32.67 -37.79
N ASN H 138 60.19 -33.70 -36.97
CA ASN H 138 59.05 -34.09 -36.14
C ASN H 138 59.34 -33.81 -34.66
N ASN H 139 58.37 -33.18 -33.99
CA ASN H 139 58.36 -33.03 -32.54
C ASN H 139 59.61 -32.31 -32.03
N PHE H 140 59.74 -31.05 -32.44
CA PHE H 140 60.85 -30.22 -32.02
C PHE H 140 60.33 -28.92 -31.43
N TYR H 141 61.16 -28.30 -30.59
CA TYR H 141 60.82 -27.06 -29.91
C TYR H 141 62.12 -26.34 -29.61
N PRO H 142 62.19 -25.02 -29.85
CA PRO H 142 61.14 -24.14 -30.37
C PRO H 142 60.97 -24.22 -31.89
N ARG H 143 60.14 -23.33 -32.46
CA ARG H 143 59.85 -23.38 -33.88
C ARG H 143 61.07 -23.07 -34.73
N GLU H 144 61.89 -22.11 -34.30
CA GLU H 144 62.99 -21.60 -35.12
C GLU H 144 63.95 -22.71 -35.54
N ALA H 145 64.01 -22.98 -36.84
CA ALA H 145 64.88 -24.01 -37.38
C ALA H 145 65.30 -23.62 -38.79
N LYS H 146 66.50 -24.04 -39.17
CA LYS H 146 67.06 -23.76 -40.48
C LYS H 146 67.32 -25.08 -41.20
N VAL H 147 66.63 -25.31 -42.31
CA VAL H 147 66.72 -26.55 -43.08
C VAL H 147 67.39 -26.23 -44.41
N GLN H 148 68.38 -27.05 -44.77
CA GLN H 148 69.09 -26.90 -46.03
C GLN H 148 69.08 -28.23 -46.79
N TRP H 149 68.88 -28.14 -48.10
CA TRP H 149 68.86 -29.31 -48.97
C TRP H 149 70.18 -29.41 -49.72
N LYS H 150 70.85 -30.55 -49.58
CA LYS H 150 72.12 -30.80 -50.25
C LYS H 150 71.95 -31.98 -51.19
N VAL H 151 72.10 -31.72 -52.49
CA VAL H 151 72.00 -32.74 -53.53
C VAL H 151 73.39 -32.96 -54.10
N ASP H 152 73.94 -34.15 -53.92
CA ASP H 152 75.32 -34.46 -54.30
C ASP H 152 76.29 -33.44 -53.73
N ASN H 153 76.10 -33.11 -52.46
CA ASN H 153 76.91 -32.12 -51.75
C ASN H 153 76.87 -30.77 -52.45
N ALA H 154 75.68 -30.39 -52.94
CA ALA H 154 75.46 -29.08 -53.55
C ALA H 154 74.16 -28.51 -53.02
N LEU H 155 74.19 -27.25 -52.61
CA LEU H 155 73.01 -26.61 -52.05
C LEU H 155 72.00 -26.27 -53.14
N GLN H 156 70.76 -26.06 -52.72
CA GLN H 156 69.66 -25.69 -53.60
C GLN H 156 69.12 -24.31 -53.23
N SER H 157 68.30 -23.77 -54.11
CA SER H 157 67.68 -22.47 -53.89
C SER H 157 66.32 -22.44 -54.59
N GLY H 158 65.27 -22.18 -53.82
CA GLY H 158 63.93 -22.19 -54.38
C GLY H 158 63.44 -23.55 -54.81
N ASN H 159 64.15 -24.61 -54.44
CA ASN H 159 63.80 -25.97 -54.85
C ASN H 159 62.94 -26.70 -53.82
N SER H 160 62.67 -26.08 -52.67
CA SER H 160 61.94 -26.73 -51.59
C SER H 160 60.92 -25.77 -51.01
N GLN H 161 59.88 -26.35 -50.41
CA GLN H 161 58.84 -25.60 -49.72
C GLN H 161 58.65 -26.20 -48.32
N GLU H 162 58.48 -25.33 -47.33
CA GLU H 162 58.39 -25.73 -45.94
C GLU H 162 57.04 -25.33 -45.36
N SER H 163 56.45 -26.23 -44.58
CA SER H 163 55.20 -25.98 -43.87
C SER H 163 55.38 -26.38 -42.41
N VAL H 164 54.88 -25.54 -41.51
CA VAL H 164 55.05 -25.74 -40.07
C VAL H 164 53.69 -25.98 -39.45
N THR H 165 53.56 -27.07 -38.70
CA THR H 165 52.33 -27.33 -37.96
C THR H 165 52.20 -26.38 -36.77
N GLU H 166 51.00 -26.32 -36.22
CA GLU H 166 50.78 -25.56 -35.01
C GLU H 166 51.17 -26.39 -33.79
N GLN H 167 51.34 -25.70 -32.66
CA GLN H 167 51.78 -26.37 -31.44
C GLN H 167 50.74 -27.38 -30.98
N ASP H 168 51.20 -28.58 -30.64
CA ASP H 168 50.30 -29.63 -30.19
C ASP H 168 49.76 -29.32 -28.80
N SER H 169 48.57 -29.83 -28.51
CA SER H 169 47.94 -29.65 -27.23
C SER H 169 48.35 -30.69 -26.20
N LYS H 170 49.17 -31.67 -26.60
CA LYS H 170 49.61 -32.73 -25.71
C LYS H 170 51.08 -32.56 -25.30
N ASP H 171 51.99 -32.48 -26.27
CA ASP H 171 53.41 -32.34 -25.99
C ASP H 171 53.97 -30.97 -26.37
N SER H 172 53.13 -30.10 -26.93
CA SER H 172 53.52 -28.71 -27.24
C SER H 172 54.74 -28.65 -28.15
N THR H 173 54.78 -29.54 -29.14
CA THR H 173 55.87 -29.60 -30.10
C THR H 173 55.38 -29.26 -31.51
N TYR H 174 56.28 -28.73 -32.31
CA TYR H 174 55.99 -28.40 -33.70
C TYR H 174 56.57 -29.48 -34.62
N SER H 175 56.11 -29.45 -35.87
CA SER H 175 56.63 -30.32 -36.91
C SER H 175 56.78 -29.53 -38.19
N LEU H 176 57.86 -29.79 -38.92
CA LEU H 176 58.14 -29.10 -40.17
C LEU H 176 58.28 -30.11 -41.31
N SER H 177 57.89 -29.68 -42.51
CA SER H 177 57.93 -30.54 -43.69
C SER H 177 58.54 -29.73 -44.84
N SER H 178 59.81 -29.97 -45.11
CA SER H 178 60.51 -29.35 -46.23
C SER H 178 60.51 -30.33 -47.40
N THR H 179 59.72 -30.01 -48.43
CA THR H 179 59.53 -30.90 -49.58
C THR H 179 60.36 -30.38 -50.75
N LEU H 180 61.35 -31.16 -51.16
CA LEU H 180 62.22 -30.82 -52.29
C LEU H 180 61.61 -31.40 -53.55
N THR H 181 61.00 -30.55 -54.38
CA THR H 181 60.35 -30.98 -55.62
C THR H 181 61.33 -30.79 -56.78
N LEU H 182 61.59 -31.87 -57.51
CA LEU H 182 62.50 -31.84 -58.65
C LEU H 182 61.89 -32.61 -59.80
N SER H 183 62.36 -32.31 -61.01
CA SER H 183 61.93 -33.04 -62.19
C SER H 183 62.51 -34.45 -62.17
N LYS H 184 61.90 -35.32 -62.98
CA LYS H 184 62.39 -36.70 -63.08
C LYS H 184 63.80 -36.75 -63.65
N ALA H 185 64.09 -35.90 -64.65
CA ALA H 185 65.43 -35.86 -65.21
C ALA H 185 66.45 -35.38 -64.17
N ASP H 186 66.11 -34.34 -63.42
CA ASP H 186 67.03 -33.82 -62.41
C ASP H 186 67.17 -34.76 -61.23
N TYR H 187 66.09 -35.49 -60.88
CA TYR H 187 66.16 -36.44 -59.79
C TYR H 187 67.11 -37.59 -60.12
N GLU H 188 67.10 -38.05 -61.38
CA GLU H 188 67.94 -39.15 -61.81
C GLU H 188 69.33 -38.69 -62.25
N LYS H 189 69.61 -37.40 -62.22
CA LYS H 189 70.96 -36.91 -62.51
C LYS H 189 71.89 -36.99 -61.30
N HIS H 190 71.37 -37.30 -60.12
CA HIS H 190 72.16 -37.32 -58.90
C HIS H 190 71.71 -38.49 -58.02
N LYS H 191 72.57 -38.89 -57.09
CA LYS H 191 72.27 -39.99 -56.18
C LYS H 191 72.29 -39.62 -54.71
N VAL H 192 72.98 -38.55 -54.32
CA VAL H 192 73.09 -38.16 -52.92
C VAL H 192 72.09 -37.04 -52.65
N TYR H 193 71.21 -37.26 -51.68
CA TYR H 193 70.21 -36.27 -51.27
C TYR H 193 70.25 -36.13 -49.76
N ALA H 194 70.75 -35.00 -49.29
CA ALA H 194 70.91 -34.74 -47.86
C ALA H 194 69.91 -33.71 -47.37
N CYS H 195 69.83 -33.60 -46.04
CA CYS H 195 68.91 -32.65 -45.41
C CYS H 195 69.59 -32.17 -44.12
N GLU H 196 70.26 -31.02 -44.22
CA GLU H 196 71.00 -30.45 -43.09
C GLU H 196 70.05 -29.62 -42.24
N VAL H 197 69.80 -30.07 -41.01
CA VAL H 197 68.89 -29.40 -40.09
C VAL H 197 69.73 -28.71 -39.01
N THR H 198 69.52 -27.41 -38.85
CA THR H 198 70.20 -26.61 -37.84
C THR H 198 69.15 -26.17 -36.82
N HIS H 199 69.29 -26.65 -35.58
CA HIS H 199 68.28 -26.39 -34.56
C HIS H 199 68.97 -26.00 -33.25
N GLN H 200 68.24 -25.29 -32.40
CA GLN H 200 68.77 -24.87 -31.10
C GLN H 200 69.03 -26.04 -30.17
N GLY H 201 68.37 -27.19 -30.39
CA GLY H 201 68.55 -28.35 -29.57
C GLY H 201 69.69 -29.28 -29.97
N LEU H 202 70.47 -28.90 -30.98
CA LEU H 202 71.59 -29.70 -31.45
C LEU H 202 72.83 -28.83 -31.50
N SER H 203 73.91 -29.28 -30.87
CA SER H 203 75.17 -28.55 -30.93
C SER H 203 75.76 -28.57 -32.34
N SER H 204 75.49 -29.62 -33.10
CA SER H 204 75.92 -29.73 -34.48
C SER H 204 74.74 -30.09 -35.36
N PRO H 205 74.74 -29.65 -36.62
CA PRO H 205 73.61 -29.96 -37.50
C PRO H 205 73.46 -31.45 -37.74
N VAL H 206 72.21 -31.88 -37.91
CA VAL H 206 71.89 -33.27 -38.18
C VAL H 206 71.57 -33.41 -39.67
N THR H 207 72.22 -34.36 -40.33
CA THR H 207 72.10 -34.54 -41.77
C THR H 207 71.62 -35.96 -42.06
N LYS H 208 70.30 -36.11 -42.24
CA LYS H 208 69.72 -37.37 -42.69
C LYS H 208 69.67 -37.39 -44.21
N SER H 209 70.21 -38.44 -44.80
CA SER H 209 70.36 -38.51 -46.25
C SER H 209 70.05 -39.93 -46.73
N PHE H 210 70.05 -40.09 -48.06
CA PHE H 210 69.85 -41.39 -48.68
C PHE H 210 70.52 -41.40 -50.04
N ASN H 211 70.79 -42.60 -50.54
CA ASN H 211 71.36 -42.80 -51.87
C ASN H 211 70.27 -43.34 -52.79
N ARG H 212 70.19 -42.78 -53.99
CA ARG H 212 69.11 -43.10 -54.91
C ARG H 212 69.21 -44.54 -55.40
N GLY H 213 68.07 -45.23 -55.42
CA GLY H 213 67.98 -46.57 -55.97
C GLY H 213 67.79 -47.67 -54.97
N GLU H 214 68.51 -47.62 -53.86
CA GLU H 214 68.43 -48.65 -52.84
C GLU H 214 67.22 -48.45 -51.93
N GLN I 1 5.78 36.17 -33.50
CA GLN I 1 4.44 36.74 -33.34
C GLN I 1 3.37 35.80 -33.91
N VAL I 2 2.32 35.60 -33.14
CA VAL I 2 1.17 34.80 -33.57
C VAL I 2 0.23 35.70 -34.35
N GLN I 3 -0.02 35.35 -35.61
CA GLN I 3 -0.80 36.18 -36.51
C GLN I 3 -1.89 35.36 -37.19
N LEU I 4 -3.06 35.98 -37.37
CA LEU I 4 -4.16 35.40 -38.13
C LEU I 4 -4.63 36.42 -39.15
N VAL I 5 -4.67 36.02 -40.42
CA VAL I 5 -5.00 36.91 -41.52
C VAL I 5 -6.17 36.30 -42.29
N GLU I 6 -7.25 37.07 -42.45
CA GLU I 6 -8.41 36.66 -43.19
C GLU I 6 -8.43 37.32 -44.56
N SER I 7 -9.07 36.65 -45.52
CA SER I 7 -9.17 37.17 -46.88
C SER I 7 -10.39 36.58 -47.56
N GLY I 8 -10.80 37.20 -48.65
CA GLY I 8 -11.92 36.74 -49.44
C GLY I 8 -13.20 37.53 -49.28
N GLY I 9 -13.18 38.62 -48.51
CA GLY I 9 -14.39 39.39 -48.30
C GLY I 9 -14.76 40.21 -49.53
N GLY I 10 -16.05 40.50 -49.64
CA GLY I 10 -16.55 41.25 -50.77
C GLY I 10 -18.05 41.41 -50.70
N VAL I 11 -18.67 41.65 -51.84
CA VAL I 11 -20.12 41.76 -51.95
C VAL I 11 -20.64 40.61 -52.79
N VAL I 12 -21.63 39.90 -52.26
CA VAL I 12 -22.26 38.77 -52.92
C VAL I 12 -23.76 38.97 -52.88
N GLN I 13 -24.42 38.86 -54.03
CA GLN I 13 -25.86 38.98 -54.06
C GLN I 13 -26.49 37.84 -53.27
N PRO I 14 -27.55 38.10 -52.50
CA PRO I 14 -28.16 37.05 -51.70
C PRO I 14 -28.54 35.83 -52.55
N GLY I 15 -28.12 34.66 -52.09
CA GLY I 15 -28.35 33.41 -52.78
C GLY I 15 -27.12 32.76 -53.38
N LYS I 16 -26.04 33.53 -53.55
CA LYS I 16 -24.82 33.01 -54.14
C LYS I 16 -23.90 32.45 -53.06
N SER I 17 -22.64 32.19 -53.40
CA SER I 17 -21.68 31.58 -52.50
C SER I 17 -20.41 32.41 -52.44
N LEU I 18 -19.67 32.25 -51.34
CA LEU I 18 -18.40 32.93 -51.15
C LEU I 18 -17.48 32.05 -50.31
N ARG I 19 -16.19 32.08 -50.64
CA ARG I 19 -15.18 31.31 -49.93
C ARG I 19 -14.24 32.27 -49.19
N LEU I 20 -14.05 32.03 -47.90
CA LEU I 20 -13.28 32.92 -47.03
C LEU I 20 -12.09 32.16 -46.46
N SER I 21 -10.93 32.80 -46.47
CA SER I 21 -9.68 32.17 -46.05
C SER I 21 -9.19 32.74 -44.72
N CYS I 22 -8.28 32.00 -44.10
CA CYS I 22 -7.66 32.43 -42.84
C CYS I 22 -6.23 31.91 -42.82
N ALA I 23 -5.27 32.82 -42.96
CA ALA I 23 -3.86 32.47 -42.91
C ALA I 23 -3.34 32.59 -41.48
N ALA I 24 -2.31 31.80 -41.17
CA ALA I 24 -1.80 31.71 -39.81
C ALA I 24 -0.29 31.64 -39.81
N SER I 25 0.32 32.29 -38.81
CA SER I 25 1.76 32.22 -38.60
C SER I 25 2.06 32.43 -37.13
N GLY I 26 3.23 31.96 -36.71
CA GLY I 26 3.66 32.12 -35.33
C GLY I 26 3.29 30.98 -34.40
N PHE I 27 2.62 29.94 -34.90
CA PHE I 27 2.28 28.79 -34.08
C PHE I 27 2.17 27.57 -34.98
N THR I 28 2.05 26.39 -34.35
CA THR I 28 2.10 25.14 -35.09
C THR I 28 0.94 25.01 -36.07
N PHE I 29 -0.25 25.53 -35.70
CA PHE I 29 -1.48 25.44 -36.46
C PHE I 29 -2.04 24.01 -36.40
N SER I 30 -1.25 23.09 -35.86
CA SER I 30 -1.68 21.73 -35.59
C SER I 30 -1.90 21.58 -34.09
N ALA I 31 -2.82 20.68 -33.74
CA ALA I 31 -3.31 20.56 -32.36
C ALA I 31 -3.87 21.88 -31.85
N TYR I 32 -4.33 22.74 -32.77
CA TYR I 32 -4.88 24.05 -32.45
C TYR I 32 -6.22 24.19 -33.18
N GLY I 33 -7.31 23.84 -32.51
CA GLY I 33 -8.63 24.11 -33.07
C GLY I 33 -8.85 25.60 -33.24
N ILE I 34 -9.46 25.98 -34.36
CA ILE I 34 -9.66 27.37 -34.72
C ILE I 34 -11.12 27.60 -35.07
N HIS I 35 -11.66 28.75 -34.65
CA HIS I 35 -13.07 29.07 -34.79
C HIS I 35 -13.27 30.20 -35.79
N TRP I 36 -14.54 30.39 -36.17
CA TRP I 36 -14.98 31.55 -36.94
C TRP I 36 -16.04 32.28 -36.14
N VAL I 37 -15.83 33.58 -35.90
CA VAL I 37 -16.77 34.42 -35.18
C VAL I 37 -17.03 35.66 -36.01
N ARG I 38 -18.29 35.99 -36.22
CA ARG I 38 -18.70 37.16 -36.99
C ARG I 38 -19.37 38.18 -36.08
N GLN I 39 -19.26 39.45 -36.45
CA GLN I 39 -19.93 40.53 -35.75
C GLN I 39 -20.75 41.32 -36.77
N ALA I 40 -22.07 41.33 -36.57
CA ALA I 40 -22.94 42.15 -37.40
C ALA I 40 -22.52 43.62 -37.23
N PRO I 41 -22.72 44.46 -38.28
CA PRO I 41 -22.07 45.77 -38.34
C PRO I 41 -22.00 46.53 -37.02
N GLY I 42 -23.10 46.55 -36.27
CA GLY I 42 -23.11 47.13 -34.95
C GLY I 42 -23.92 46.36 -33.93
N LYS I 43 -24.00 45.04 -34.09
CA LYS I 43 -24.95 44.24 -33.32
C LYS I 43 -24.32 43.14 -32.49
N GLY I 44 -23.00 43.15 -32.28
CA GLY I 44 -22.36 42.24 -31.35
C GLY I 44 -21.79 41.01 -32.01
N LEU I 45 -21.14 40.19 -31.19
CA LEU I 45 -20.37 39.03 -31.64
C LEU I 45 -21.24 37.79 -31.70
N GLU I 46 -20.98 36.95 -32.71
CA GLU I 46 -21.70 35.70 -32.89
C GLU I 46 -20.72 34.64 -33.38
N TRP I 47 -20.70 33.49 -32.72
CA TRP I 47 -19.88 32.37 -33.16
C TRP I 47 -20.54 31.66 -34.34
N VAL I 48 -19.72 31.33 -35.34
CA VAL I 48 -20.20 30.76 -36.60
C VAL I 48 -19.88 29.26 -36.68
N ALA I 49 -18.60 28.90 -36.64
CA ALA I 49 -18.20 27.52 -36.86
C ALA I 49 -16.91 27.23 -36.11
N PHE I 50 -16.63 25.93 -35.95
CA PHE I 50 -15.40 25.48 -35.32
C PHE I 50 -14.89 24.25 -36.06
N ILE I 51 -13.57 24.19 -36.24
CA ILE I 51 -12.91 23.02 -36.81
C ILE I 51 -11.76 22.64 -35.91
N SER I 52 -11.65 21.35 -35.60
CA SER I 52 -10.53 20.86 -34.82
C SER I 52 -9.27 20.79 -35.71
N PHE I 53 -8.13 20.46 -35.10
CA PHE I 53 -6.90 20.39 -35.86
C PHE I 53 -6.96 19.31 -36.94
N ASP I 54 -7.68 18.21 -36.67
CA ASP I 54 -8.06 17.25 -37.68
C ASP I 54 -9.57 17.23 -37.75
N GLY I 55 -10.10 17.04 -38.97
CA GLY I 55 -11.51 17.24 -39.27
C GLY I 55 -12.46 16.85 -38.17
N GLY I 56 -12.59 15.56 -37.90
CA GLY I 56 -13.20 15.05 -36.68
C GLY I 56 -14.42 15.79 -36.19
N SER I 57 -14.30 16.41 -35.02
CA SER I 57 -15.34 17.29 -34.52
C SER I 57 -15.39 18.55 -35.37
N LYS I 58 -16.53 18.76 -36.04
CA LYS I 58 -16.73 19.88 -36.95
C LYS I 58 -18.07 20.51 -36.60
N TYR I 59 -18.05 21.59 -35.82
CA TYR I 59 -19.25 22.15 -35.21
C TYR I 59 -19.60 23.50 -35.83
N TYR I 60 -20.90 23.71 -36.06
CA TYR I 60 -21.41 24.91 -36.69
C TYR I 60 -22.52 25.51 -35.84
N ALA I 61 -22.78 26.80 -36.06
CA ALA I 61 -23.91 27.47 -35.42
C ALA I 61 -25.21 27.10 -36.11
N ASP I 62 -26.31 27.19 -35.36
CA ASP I 62 -27.61 26.81 -35.91
C ASP I 62 -28.07 27.78 -37.00
N SER I 63 -27.64 29.03 -36.95
CA SER I 63 -28.07 30.01 -37.95
C SER I 63 -27.41 29.81 -39.30
N VAL I 64 -26.30 29.04 -39.36
CA VAL I 64 -25.61 28.75 -40.60
C VAL I 64 -25.53 27.25 -40.86
N LYS I 65 -26.24 26.44 -40.08
CA LYS I 65 -26.17 25.00 -40.22
C LYS I 65 -26.80 24.57 -41.54
N GLY I 66 -26.10 23.70 -42.27
CA GLY I 66 -26.55 23.27 -43.58
C GLY I 66 -26.24 24.23 -44.70
N ARG I 67 -25.56 25.34 -44.42
CA ARG I 67 -25.27 26.35 -45.44
C ARG I 67 -23.78 26.68 -45.46
N PHE I 68 -23.13 26.57 -44.31
CA PHE I 68 -21.71 26.89 -44.18
C PHE I 68 -20.89 25.63 -43.99
N THR I 69 -19.71 25.61 -44.58
CA THR I 69 -18.80 24.47 -44.52
C THR I 69 -17.39 24.97 -44.21
N ILE I 70 -16.82 24.48 -43.11
CA ILE I 70 -15.49 24.90 -42.67
C ILE I 70 -14.48 23.88 -43.17
N SER I 71 -13.24 24.34 -43.38
CA SER I 71 -12.23 23.57 -44.09
C SER I 71 -11.34 22.82 -43.11
N ARG I 72 -10.25 22.24 -43.65
CA ARG I 72 -9.33 21.41 -42.90
C ARG I 72 -7.88 21.85 -43.02
N ASP I 73 -7.41 22.08 -44.25
CA ASP I 73 -5.99 22.01 -44.64
C ASP I 73 -5.04 22.51 -43.55
N ASN I 74 -4.15 21.62 -43.13
CA ASN I 74 -3.07 21.95 -42.20
C ASN I 74 -1.70 22.01 -42.86
N SER I 75 -1.58 21.51 -44.10
CA SER I 75 -0.28 21.53 -44.78
C SER I 75 0.15 22.97 -45.08
N LYS I 76 -0.79 23.82 -45.48
CA LYS I 76 -0.48 25.20 -45.85
C LYS I 76 -0.77 26.18 -44.72
N ASN I 77 -1.13 25.69 -43.53
CA ASN I 77 -1.46 26.54 -42.39
C ASN I 77 -2.56 27.54 -42.74
N THR I 78 -3.58 27.06 -43.45
CA THR I 78 -4.66 27.91 -43.95
C THR I 78 -6.00 27.30 -43.59
N LEU I 79 -6.95 28.16 -43.25
CA LEU I 79 -8.31 27.77 -42.89
C LEU I 79 -9.30 28.44 -43.84
N TYR I 80 -10.29 27.68 -44.30
CA TYR I 80 -11.29 28.19 -45.22
C TYR I 80 -12.69 27.92 -44.66
N VAL I 81 -13.65 28.70 -45.14
CA VAL I 81 -15.07 28.47 -44.88
C VAL I 81 -15.84 28.78 -46.15
N HIS I 82 -16.66 27.83 -46.59
CA HIS I 82 -17.45 27.98 -47.81
C HIS I 82 -18.89 28.32 -47.42
N MET I 83 -19.36 29.48 -47.84
CA MET I 83 -20.67 30.00 -47.45
C MET I 83 -21.64 29.81 -48.63
N ASN I 84 -22.52 28.82 -48.52
CA ASN I 84 -23.52 28.55 -49.53
C ASN I 84 -24.87 29.11 -49.10
N SER I 85 -25.68 29.49 -50.09
CA SER I 85 -26.99 30.09 -49.86
C SER I 85 -26.87 31.33 -48.97
N LEU I 86 -25.92 32.20 -49.33
CA LEU I 86 -25.66 33.39 -48.53
C LEU I 86 -26.91 34.26 -48.44
N ARG I 87 -27.23 34.69 -47.23
CA ARG I 87 -28.40 35.50 -46.95
C ARG I 87 -27.97 36.86 -46.42
N VAL I 88 -28.90 37.82 -46.51
CA VAL I 88 -28.55 39.22 -46.25
C VAL I 88 -28.11 39.43 -44.81
N GLU I 89 -28.71 38.70 -43.87
CA GLU I 89 -28.34 38.84 -42.47
C GLU I 89 -26.94 38.32 -42.17
N ASP I 90 -26.34 37.57 -43.08
CA ASP I 90 -24.96 37.11 -42.89
C ASP I 90 -23.94 38.24 -43.05
N THR I 91 -24.38 39.42 -43.49
CA THR I 91 -23.50 40.58 -43.61
C THR I 91 -22.87 40.91 -42.27
N ALA I 92 -21.55 40.74 -42.16
CA ALA I 92 -20.86 40.93 -40.90
C ALA I 92 -19.36 40.99 -41.16
N VAL I 93 -18.61 41.35 -40.13
CA VAL I 93 -17.15 41.27 -40.15
C VAL I 93 -16.77 39.92 -39.57
N TYR I 94 -16.05 39.11 -40.35
CA TYR I 94 -15.77 37.73 -39.99
C TYR I 94 -14.34 37.59 -39.47
N TYR I 95 -14.21 37.05 -38.27
CA TYR I 95 -12.92 36.80 -37.64
C TYR I 95 -12.67 35.31 -37.51
N CYS I 96 -11.43 34.89 -37.78
CA CYS I 96 -10.97 33.57 -37.42
C CYS I 96 -10.07 33.70 -36.19
N ALA I 97 -10.39 32.94 -35.14
CA ALA I 97 -9.72 33.05 -33.86
C ALA I 97 -9.22 31.69 -33.40
N ARG I 98 -7.95 31.63 -33.00
CA ARG I 98 -7.40 30.41 -32.44
C ARG I 98 -8.00 30.15 -31.06
N ASP I 99 -8.34 28.89 -30.80
CA ASP I 99 -8.84 28.48 -29.50
C ASP I 99 -7.67 28.02 -28.63
N ARG I 100 -7.65 28.50 -27.39
CA ARG I 100 -6.52 28.22 -26.50
C ARG I 100 -6.42 26.73 -26.17
N GLY I 101 -7.57 26.06 -26.00
CA GLY I 101 -7.56 24.67 -25.58
C GLY I 101 -6.82 23.76 -26.54
N GLY I 102 -6.76 24.13 -27.82
CA GLY I 102 -6.03 23.34 -28.79
C GLY I 102 -6.65 21.98 -29.04
N LYS I 103 -6.01 20.92 -28.55
CA LYS I 103 -6.51 19.56 -28.70
C LYS I 103 -7.36 19.10 -27.52
N TYR I 104 -7.00 19.46 -26.30
CA TYR I 104 -7.68 18.97 -25.10
C TYR I 104 -9.08 19.57 -24.99
N PRO I 105 -10.15 18.80 -25.16
CA PRO I 105 -11.50 19.37 -25.27
C PRO I 105 -11.96 20.12 -24.03
N PRO I 106 -11.78 19.58 -22.81
CA PRO I 106 -12.33 20.29 -21.65
C PRO I 106 -11.79 21.70 -21.46
N SER I 107 -10.58 21.97 -21.93
CA SER I 107 -10.01 23.31 -21.87
C SER I 107 -10.28 24.12 -23.14
N MET I 108 -11.04 23.57 -24.08
CA MET I 108 -11.38 24.27 -25.32
C MET I 108 -12.65 25.08 -25.15
N GLY I 109 -12.73 26.18 -25.90
CA GLY I 109 -13.90 27.04 -25.87
C GLY I 109 -13.58 28.51 -25.73
N PHE I 110 -12.30 28.86 -25.80
CA PHE I 110 -11.85 30.24 -25.71
C PHE I 110 -11.50 30.77 -27.09
N PHE I 111 -11.09 32.04 -27.14
CA PHE I 111 -10.71 32.69 -28.39
C PHE I 111 -9.52 33.60 -28.11
N ASP I 112 -8.32 33.12 -28.45
CA ASP I 112 -7.12 33.94 -28.37
C ASP I 112 -6.04 33.37 -29.29
N PRO I 113 -5.51 34.17 -30.21
CA PRO I 113 -5.86 35.56 -30.49
C PRO I 113 -6.99 35.70 -31.49
N TRP I 114 -7.20 36.91 -32.00
CA TRP I 114 -8.20 37.18 -33.02
C TRP I 114 -7.53 37.85 -34.21
N GLY I 115 -8.06 37.59 -35.41
CA GLY I 115 -7.61 38.28 -36.59
C GLY I 115 -8.32 39.61 -36.79
N GLN I 116 -7.73 40.47 -37.63
CA GLN I 116 -8.34 41.77 -37.90
C GLN I 116 -9.74 41.60 -38.47
N GLY I 117 -9.97 40.56 -39.24
CA GLY I 117 -11.27 40.26 -39.78
C GLY I 117 -11.45 40.80 -41.18
N THR I 118 -12.27 40.10 -41.97
CA THR I 118 -12.63 40.54 -43.31
C THR I 118 -14.14 40.71 -43.38
N LEU I 119 -14.57 41.66 -44.21
CA LEU I 119 -15.97 42.07 -44.27
C LEU I 119 -16.68 41.34 -45.40
N VAL I 120 -17.74 40.62 -45.05
CA VAL I 120 -18.64 40.00 -46.02
C VAL I 120 -19.91 40.84 -46.07
N THR I 121 -20.18 41.42 -47.24
CA THR I 121 -21.35 42.28 -47.43
C THR I 121 -22.33 41.53 -48.33
N VAL I 122 -23.33 40.90 -47.72
CA VAL I 122 -24.36 40.20 -48.49
C VAL I 122 -25.42 41.26 -48.82
N SER I 123 -25.15 42.02 -49.87
CA SER I 123 -26.05 43.06 -50.34
C SER I 123 -26.27 42.86 -51.84
N SER I 124 -27.35 43.46 -52.33
CA SER I 124 -27.59 43.50 -53.77
C SER I 124 -26.87 44.71 -54.34
N ALA I 125 -25.57 44.55 -54.57
CA ALA I 125 -24.73 45.62 -55.11
C ALA I 125 -23.40 45.00 -55.58
N SER I 126 -22.41 45.85 -55.85
CA SER I 126 -21.22 45.44 -56.60
C SER I 126 -20.14 46.52 -56.49
N THR I 127 -19.11 46.40 -57.32
CA THR I 127 -17.94 47.27 -57.30
C THR I 127 -18.21 48.62 -57.98
N LYS I 128 -17.77 49.71 -57.34
CA LYS I 128 -17.88 51.04 -57.94
C LYS I 128 -16.54 51.73 -58.17
N GLY I 129 -15.75 51.98 -57.13
CA GLY I 129 -14.62 52.89 -57.23
C GLY I 129 -14.94 54.28 -56.71
N PRO I 130 -14.10 54.82 -55.84
CA PRO I 130 -14.46 56.03 -55.10
C PRO I 130 -14.14 57.34 -55.82
N SER I 131 -14.68 58.42 -55.28
CA SER I 131 -14.46 59.77 -55.76
C SER I 131 -14.02 60.65 -54.60
N VAL I 132 -12.98 61.45 -54.80
CA VAL I 132 -12.37 62.25 -53.74
C VAL I 132 -12.51 63.72 -54.10
N PHE I 133 -13.06 64.51 -53.17
CA PHE I 133 -13.21 65.95 -53.32
C PHE I 133 -12.57 66.66 -52.13
N PRO I 134 -11.81 67.72 -52.37
CA PRO I 134 -11.13 68.42 -51.28
C PRO I 134 -12.07 69.37 -50.55
N LEU I 135 -12.30 69.10 -49.27
CA LEU I 135 -13.02 70.03 -48.39
C LEU I 135 -12.03 71.12 -47.99
N ALA I 136 -11.95 72.15 -48.82
CA ALA I 136 -10.91 73.16 -48.67
C ALA I 136 -11.07 73.89 -47.33
N PRO I 137 -9.98 74.17 -46.63
CA PRO I 137 -10.07 74.97 -45.40
C PRO I 137 -10.34 76.42 -45.72
N SER I 138 -11.60 76.75 -45.99
CA SER I 138 -11.97 78.09 -46.43
C SER I 138 -11.63 79.13 -45.36
N SER I 139 -11.69 80.39 -45.77
CA SER I 139 -11.36 81.48 -44.86
C SER I 139 -12.31 81.52 -43.68
N LYS I 140 -13.59 81.22 -43.91
CA LYS I 140 -14.57 81.20 -42.83
C LYS I 140 -14.48 79.93 -41.99
N SER I 141 -13.89 78.85 -42.52
CA SER I 141 -13.75 77.60 -41.78
C SER I 141 -12.44 77.59 -40.99
N THR I 142 -12.27 78.62 -40.17
CA THR I 142 -11.10 78.75 -39.31
C THR I 142 -11.49 79.64 -38.13
N SER I 143 -11.34 79.11 -36.91
CA SER I 143 -11.76 79.82 -35.70
C SER I 143 -10.75 79.54 -34.61
N GLY I 144 -9.84 80.49 -34.38
CA GLY I 144 -8.86 80.37 -33.32
C GLY I 144 -7.54 79.78 -33.74
N GLY I 145 -7.10 80.02 -34.97
CA GLY I 145 -5.82 79.49 -35.42
C GLY I 145 -5.78 78.01 -35.64
N THR I 146 -6.95 77.36 -35.80
CA THR I 146 -7.01 75.93 -36.05
C THR I 146 -7.73 75.73 -37.39
N ALA I 147 -6.95 75.66 -38.48
CA ALA I 147 -7.53 75.48 -39.80
C ALA I 147 -7.97 74.03 -39.97
N ALA I 148 -9.27 73.84 -40.19
CA ALA I 148 -9.84 72.52 -40.38
C ALA I 148 -9.97 72.24 -41.88
N LEU I 149 -9.45 71.08 -42.30
CA LEU I 149 -9.53 70.67 -43.70
C LEU I 149 -9.76 69.16 -43.76
N GLY I 150 -9.96 68.66 -44.97
CA GLY I 150 -10.19 67.25 -45.15
C GLY I 150 -10.58 66.95 -46.59
N CYS I 151 -10.94 65.69 -46.80
CA CYS I 151 -11.37 65.21 -48.11
C CYS I 151 -12.64 64.38 -47.95
N LEU I 152 -13.44 64.37 -49.02
CA LEU I 152 -14.71 63.63 -49.05
C LEU I 152 -14.56 62.45 -50.00
N VAL I 153 -14.77 61.24 -49.48
CA VAL I 153 -14.80 60.03 -50.28
C VAL I 153 -16.27 59.69 -50.48
N LYS I 154 -16.76 59.82 -51.71
CA LYS I 154 -18.18 59.81 -51.98
C LYS I 154 -18.51 58.82 -53.10
N ASP I 155 -19.68 58.20 -52.98
CA ASP I 155 -20.27 57.36 -54.03
C ASP I 155 -19.33 56.22 -54.42
N TYR I 156 -19.04 55.37 -53.44
CA TYR I 156 -18.20 54.20 -53.66
C TYR I 156 -18.87 52.97 -53.08
N PHE I 157 -18.69 51.85 -53.77
CA PHE I 157 -18.97 50.50 -53.32
C PHE I 157 -17.77 49.66 -53.68
N PRO I 158 -17.45 48.60 -52.91
CA PRO I 158 -18.19 48.00 -51.81
C PRO I 158 -17.62 48.09 -50.40
N GLU I 159 -16.88 49.14 -50.02
CA GLU I 159 -16.23 49.25 -48.70
C GLU I 159 -15.13 48.21 -48.55
N PRO I 160 -14.07 48.50 -47.79
CA PRO I 160 -13.79 49.77 -47.10
C PRO I 160 -12.83 50.66 -47.90
N VAL I 161 -12.70 51.92 -47.50
CA VAL I 161 -11.73 52.84 -48.08
C VAL I 161 -10.66 53.14 -47.05
N THR I 162 -9.40 53.12 -47.49
CA THR I 162 -8.27 53.39 -46.62
C THR I 162 -7.83 54.84 -46.84
N VAL I 163 -7.89 55.65 -45.79
CA VAL I 163 -7.57 57.07 -45.87
C VAL I 163 -6.29 57.31 -45.10
N SER I 164 -5.30 57.89 -45.78
CA SER I 164 -4.03 58.25 -45.17
C SER I 164 -3.71 59.69 -45.51
N TRP I 165 -3.18 60.43 -44.53
CA TRP I 165 -2.83 61.84 -44.70
C TRP I 165 -1.32 61.97 -44.71
N ASN I 166 -0.78 62.52 -45.80
CA ASN I 166 0.66 62.71 -45.97
C ASN I 166 1.41 61.39 -45.81
N SER I 167 0.88 60.35 -46.45
CA SER I 167 1.47 59.00 -46.40
C SER I 167 1.56 58.49 -44.96
N GLY I 168 0.56 58.81 -44.15
CA GLY I 168 0.50 58.36 -42.78
C GLY I 168 1.31 59.17 -41.79
N ALA I 169 1.97 60.25 -42.23
CA ALA I 169 2.76 61.05 -41.31
C ALA I 169 1.89 61.79 -40.31
N LEU I 170 0.76 62.36 -40.76
CA LEU I 170 -0.11 63.16 -39.91
C LEU I 170 -1.19 62.24 -39.33
N THR I 171 -1.01 61.85 -38.07
CA THR I 171 -1.97 61.01 -37.37
C THR I 171 -2.65 61.72 -36.21
N SER I 172 -2.37 63.00 -36.00
CA SER I 172 -2.92 63.77 -34.89
C SER I 172 -4.14 64.54 -35.37
N GLY I 173 -5.28 64.32 -34.72
CA GLY I 173 -6.51 64.99 -35.07
C GLY I 173 -7.28 64.39 -36.21
N VAL I 174 -6.76 63.33 -36.84
CA VAL I 174 -7.48 62.69 -37.93
C VAL I 174 -8.65 61.91 -37.39
N HIS I 175 -9.84 62.17 -37.91
CA HIS I 175 -11.10 61.60 -37.43
C HIS I 175 -11.91 61.05 -38.59
N THR I 176 -11.28 60.22 -39.42
CA THR I 176 -11.96 59.58 -40.55
C THR I 176 -13.26 58.95 -40.08
N PHE I 177 -14.38 59.46 -40.58
CA PHE I 177 -15.68 59.14 -40.05
C PHE I 177 -16.17 57.78 -40.54
N PRO I 178 -17.02 57.12 -39.77
CA PRO I 178 -17.67 55.90 -40.27
C PRO I 178 -18.50 56.21 -41.52
N ALA I 179 -18.34 55.37 -42.53
CA ALA I 179 -19.04 55.58 -43.80
C ALA I 179 -20.54 55.42 -43.62
N VAL I 180 -21.31 56.23 -44.35
CA VAL I 180 -22.76 56.18 -44.31
C VAL I 180 -23.27 55.68 -45.65
N LEU I 181 -24.46 55.08 -45.63
CA LEU I 181 -25.08 54.49 -46.81
C LEU I 181 -26.09 55.50 -47.37
N GLN I 182 -25.72 56.14 -48.47
CA GLN I 182 -26.62 57.08 -49.13
C GLN I 182 -27.78 56.33 -49.78
N SER I 183 -28.87 57.06 -50.04
CA SER I 183 -30.04 56.45 -50.67
C SER I 183 -29.74 55.93 -52.06
N SER I 184 -28.65 56.39 -52.69
CA SER I 184 -28.24 55.89 -53.99
C SER I 184 -27.72 54.45 -53.92
N GLY I 185 -27.51 53.92 -52.72
CA GLY I 185 -26.93 52.62 -52.55
C GLY I 185 -25.42 52.59 -52.43
N LEU I 186 -24.76 53.73 -52.57
CA LEU I 186 -23.31 53.84 -52.46
C LEU I 186 -22.93 54.43 -51.10
N TYR I 187 -21.65 54.28 -50.76
CA TYR I 187 -21.15 54.77 -49.48
C TYR I 187 -20.55 56.16 -49.63
N SER I 188 -20.62 56.92 -48.55
CA SER I 188 -20.01 58.24 -48.46
C SER I 188 -19.21 58.34 -47.17
N LEU I 189 -18.01 58.90 -47.27
CA LEU I 189 -17.10 58.98 -46.13
C LEU I 189 -16.33 60.29 -46.17
N SER I 190 -16.15 60.90 -44.99
CA SER I 190 -15.40 62.14 -44.86
C SER I 190 -14.30 61.93 -43.81
N SER I 191 -13.08 62.34 -44.16
CA SER I 191 -11.94 62.27 -43.25
C SER I 191 -11.43 63.68 -43.01
N VAL I 192 -11.50 64.13 -41.77
CA VAL I 192 -11.12 65.48 -41.40
C VAL I 192 -9.84 65.45 -40.58
N VAL I 193 -9.18 66.60 -40.49
CA VAL I 193 -8.00 66.76 -39.66
C VAL I 193 -7.86 68.24 -39.32
N THR I 194 -7.48 68.51 -38.08
CA THR I 194 -7.29 69.88 -37.60
C THR I 194 -5.80 70.17 -37.52
N VAL I 195 -5.37 71.22 -38.21
CA VAL I 195 -3.97 71.62 -38.25
C VAL I 195 -3.86 73.09 -37.87
N PRO I 196 -2.75 73.53 -37.30
CA PRO I 196 -2.61 74.96 -36.94
C PRO I 196 -2.65 75.84 -38.19
N SER I 197 -3.24 77.02 -38.04
CA SER I 197 -3.30 77.96 -39.15
C SER I 197 -1.93 78.49 -39.51
N SER I 198 -1.00 78.51 -38.57
CA SER I 198 0.38 78.88 -38.89
C SER I 198 0.99 77.88 -39.87
N SER I 199 0.74 76.59 -39.67
CA SER I 199 1.19 75.56 -40.59
C SER I 199 0.14 75.26 -41.66
N LEU I 200 -0.32 76.32 -42.32
CA LEU I 200 -1.26 76.20 -43.43
C LEU I 200 -0.69 76.63 -44.76
N GLY I 201 0.45 77.31 -44.77
CA GLY I 201 1.12 77.69 -46.00
C GLY I 201 2.52 77.13 -46.07
N THR I 202 3.10 76.83 -44.91
CA THR I 202 4.44 76.24 -44.87
C THR I 202 4.40 74.74 -45.14
N GLN I 203 3.47 74.03 -44.48
CA GLN I 203 3.33 72.60 -44.66
C GLN I 203 2.37 72.30 -45.80
N THR I 204 2.57 71.15 -46.44
CA THR I 204 1.72 70.69 -47.53
C THR I 204 1.00 69.43 -47.10
N TYR I 205 -0.30 69.37 -47.36
CA TYR I 205 -1.15 68.27 -46.94
C TYR I 205 -1.68 67.53 -48.17
N ILE I 206 -1.46 66.22 -48.20
CA ILE I 206 -1.95 65.36 -49.27
C ILE I 206 -2.70 64.20 -48.63
N CYS I 207 -3.91 63.94 -49.13
CA CYS I 207 -4.76 62.86 -48.61
C CYS I 207 -4.67 61.66 -49.53
N ASN I 208 -4.31 60.51 -48.97
CA ASN I 208 -4.17 59.27 -49.72
C ASN I 208 -5.39 58.39 -49.47
N VAL I 209 -6.05 57.98 -50.55
CA VAL I 209 -7.24 57.14 -50.48
C VAL I 209 -6.97 55.86 -51.26
N ASN I 210 -7.31 54.72 -50.66
CA ASN I 210 -7.11 53.42 -51.28
C ASN I 210 -8.39 52.61 -51.19
N HIS I 211 -8.75 51.95 -52.30
CA HIS I 211 -9.93 51.10 -52.37
C HIS I 211 -9.48 49.73 -52.87
N LYS I 212 -9.35 48.79 -51.93
CA LYS I 212 -8.90 47.44 -52.28
C LYS I 212 -9.81 46.73 -53.27
N PRO I 213 -11.14 46.69 -53.10
CA PRO I 213 -11.97 45.94 -54.06
C PRO I 213 -11.95 46.50 -55.47
N SER I 214 -11.56 47.75 -55.66
CA SER I 214 -11.48 48.35 -56.99
C SER I 214 -10.06 48.61 -57.43
N ASN I 215 -9.07 48.38 -56.57
CA ASN I 215 -7.65 48.55 -56.91
C ASN I 215 -7.37 49.95 -57.43
N THR I 216 -7.93 50.95 -56.76
CA THR I 216 -7.75 52.35 -57.14
C THR I 216 -7.03 53.09 -56.02
N LYS I 217 -6.01 53.87 -56.40
CA LYS I 217 -5.24 54.68 -55.47
C LYS I 217 -5.15 56.10 -56.03
N VAL I 218 -5.67 57.06 -55.27
CA VAL I 218 -5.69 58.46 -55.68
C VAL I 218 -5.24 59.32 -54.51
N ASP I 219 -4.33 60.25 -54.79
CA ASP I 219 -3.86 61.22 -53.80
C ASP I 219 -4.32 62.61 -54.24
N LYS I 220 -5.01 63.30 -53.34
CA LYS I 220 -5.62 64.59 -53.64
C LYS I 220 -5.05 65.67 -52.72
N ARG I 221 -4.72 66.82 -53.30
CA ARG I 221 -4.24 67.96 -52.53
C ARG I 221 -5.42 68.80 -52.07
N VAL I 222 -5.24 69.45 -50.92
CA VAL I 222 -6.31 70.19 -50.27
C VAL I 222 -5.93 71.67 -50.18
N GLU I 223 -5.26 72.17 -51.22
CA GLU I 223 -4.84 73.57 -51.32
C GLU I 223 -5.93 74.52 -50.84
N PRO I 224 -5.66 75.33 -49.81
CA PRO I 224 -6.72 76.15 -49.23
C PRO I 224 -7.24 77.20 -50.19
N LYS I 225 -8.52 77.54 -50.01
CA LYS I 225 -9.21 78.54 -50.82
C LYS I 225 -9.39 79.79 -49.97
N SER I 226 -8.45 80.73 -50.10
CA SER I 226 -8.49 81.99 -49.37
C SER I 226 -8.74 83.10 -50.38
N CYS I 227 -9.95 83.66 -50.36
CA CYS I 227 -10.33 84.72 -51.28
C CYS I 227 -10.47 86.06 -50.55
N GLU J 1 -28.43 27.83 -26.72
CA GLU J 1 -28.62 26.88 -25.63
C GLU J 1 -28.43 27.56 -24.28
N ILE J 2 -27.34 28.29 -24.13
CA ILE J 2 -27.04 29.04 -22.92
C ILE J 2 -27.11 30.52 -23.24
N VAL J 3 -27.90 31.27 -22.48
CA VAL J 3 -28.11 32.69 -22.71
C VAL J 3 -27.33 33.47 -21.66
N LEU J 4 -26.53 34.43 -22.11
CA LEU J 4 -25.72 35.27 -21.23
C LEU J 4 -26.30 36.69 -21.28
N THR J 5 -27.19 36.98 -20.33
CA THR J 5 -27.80 38.31 -20.22
C THR J 5 -26.85 39.21 -19.45
N GLN J 6 -26.32 40.23 -20.11
CA GLN J 6 -25.40 41.17 -19.47
C GLN J 6 -26.15 42.39 -18.96
N SER J 7 -25.52 43.08 -18.01
CA SER J 7 -26.05 44.32 -17.44
C SER J 7 -24.91 45.05 -16.76
N PRO J 8 -24.92 46.39 -16.77
CA PRO J 8 -25.89 47.27 -17.44
C PRO J 8 -25.60 47.40 -18.92
N PRO J 9 -26.62 47.70 -19.74
CA PRO J 9 -26.36 47.91 -21.17
C PRO J 9 -25.37 49.04 -21.45
N THR J 10 -25.41 50.10 -20.64
CA THR J 10 -24.52 51.24 -20.82
C THR J 10 -24.01 51.70 -19.47
N LEU J 11 -22.73 52.05 -19.40
CA LEU J 11 -22.14 52.57 -18.19
C LEU J 11 -21.12 53.64 -18.54
N SER J 12 -21.11 54.73 -17.78
CA SER J 12 -20.20 55.84 -18.01
C SER J 12 -19.71 56.35 -16.67
N LEU J 13 -18.41 56.28 -16.43
CA LEU J 13 -17.83 56.65 -15.14
C LEU J 13 -16.57 57.47 -15.36
N SER J 14 -16.15 58.15 -14.29
CA SER J 14 -15.01 59.05 -14.35
C SER J 14 -13.71 58.26 -14.50
N PRO J 15 -12.64 58.91 -14.96
CA PRO J 15 -11.34 58.23 -15.08
C PRO J 15 -10.73 57.93 -13.71
N GLY J 16 -11.13 56.82 -13.09
CA GLY J 16 -10.68 56.47 -11.77
C GLY J 16 -11.72 55.81 -10.90
N GLU J 17 -12.97 55.78 -11.37
CA GLU J 17 -14.03 55.09 -10.64
C GLU J 17 -13.93 53.58 -10.86
N ARG J 18 -14.79 52.84 -10.17
CA ARG J 18 -14.84 51.39 -10.28
C ARG J 18 -16.05 50.98 -11.10
N ALA J 19 -15.83 50.15 -12.11
CA ALA J 19 -16.89 49.71 -13.02
C ALA J 19 -17.36 48.32 -12.60
N THR J 20 -18.68 48.16 -12.49
CA THR J 20 -19.30 46.90 -12.10
C THR J 20 -20.06 46.35 -13.31
N LEU J 21 -19.42 45.43 -14.03
CA LEU J 21 -20.02 44.78 -15.18
C LEU J 21 -20.52 43.41 -14.77
N SER J 22 -21.80 43.15 -15.02
CA SER J 22 -22.47 41.94 -14.55
C SER J 22 -22.81 41.03 -15.71
N CYS J 23 -22.70 39.72 -15.48
CA CYS J 23 -23.01 38.71 -16.49
C CYS J 23 -23.75 37.57 -15.81
N ARG J 24 -25.01 37.37 -16.20
CA ARG J 24 -25.81 36.28 -15.69
C ARG J 24 -26.00 35.22 -16.78
N ALA J 25 -26.31 34.00 -16.35
CA ALA J 25 -26.44 32.88 -17.27
C ALA J 25 -27.77 32.18 -17.03
N SER J 26 -28.34 31.67 -18.13
CA SER J 26 -29.62 30.96 -18.05
C SER J 26 -29.50 29.64 -17.31
N GLN J 27 -28.29 29.12 -17.16
CA GLN J 27 -28.05 27.87 -16.44
C GLN J 27 -26.70 27.96 -15.75
N SER J 28 -26.45 27.02 -14.84
CA SER J 28 -25.16 26.98 -14.16
C SER J 28 -24.08 26.56 -15.14
N ILE J 29 -23.04 27.40 -15.26
CA ILE J 29 -21.95 27.15 -16.19
C ILE J 29 -20.63 26.92 -15.46
N SER J 30 -20.68 26.66 -14.16
CA SER J 30 -19.49 26.45 -13.32
C SER J 30 -18.63 27.70 -13.45
N ASN J 31 -17.32 27.58 -13.66
CA ASN J 31 -16.44 28.74 -13.86
C ASN J 31 -16.08 28.93 -15.32
N SER J 32 -16.80 28.29 -16.24
CA SER J 32 -16.47 28.33 -17.67
C SER J 32 -17.03 29.62 -18.26
N LEU J 33 -16.26 30.69 -18.13
CA LEU J 33 -16.65 31.99 -18.66
C LEU J 33 -15.41 32.80 -18.98
N ALA J 34 -15.54 33.68 -19.98
CA ALA J 34 -14.46 34.57 -20.38
C ALA J 34 -15.01 35.97 -20.61
N TRP J 35 -14.13 36.96 -20.47
CA TRP J 35 -14.46 38.35 -20.74
C TRP J 35 -13.58 38.87 -21.87
N TYR J 36 -14.19 39.61 -22.79
CA TYR J 36 -13.50 40.14 -23.96
C TYR J 36 -13.65 41.65 -24.03
N GLN J 37 -12.54 42.33 -24.35
CA GLN J 37 -12.53 43.76 -24.55
C GLN J 37 -12.45 44.07 -26.04
N GLN J 38 -13.38 44.87 -26.53
CA GLN J 38 -13.44 45.25 -27.95
C GLN J 38 -13.48 46.77 -28.07
N LYS J 39 -12.33 47.38 -28.28
CA LYS J 39 -12.34 48.78 -28.69
C LYS J 39 -12.71 48.87 -30.17
N PRO J 40 -13.50 49.87 -30.56
CA PRO J 40 -13.91 49.98 -31.96
C PRO J 40 -12.71 50.14 -32.88
N GLY J 41 -12.81 49.52 -34.06
CA GLY J 41 -11.71 49.53 -35.00
C GLY J 41 -10.65 48.47 -34.77
N GLN J 42 -10.92 47.49 -33.90
CA GLN J 42 -9.95 46.44 -33.60
C GLN J 42 -10.70 45.16 -33.24
N ALA J 43 -10.00 44.04 -33.37
CA ALA J 43 -10.57 42.75 -33.03
C ALA J 43 -10.72 42.61 -31.52
N PRO J 44 -11.68 41.81 -31.06
CA PRO J 44 -11.82 41.58 -29.62
C PRO J 44 -10.56 40.95 -29.03
N ARG J 45 -10.27 41.34 -27.79
CA ARG J 45 -9.09 40.88 -27.06
C ARG J 45 -9.53 40.05 -25.86
N LEU J 46 -8.92 38.89 -25.67
CA LEU J 46 -9.17 38.09 -24.49
C LEU J 46 -8.65 38.82 -23.26
N LEU J 47 -9.53 39.02 -22.27
CA LEU J 47 -9.22 39.80 -21.08
C LEU J 47 -9.19 38.94 -19.83
N ILE J 48 -10.26 38.23 -19.54
CA ILE J 48 -10.37 37.36 -18.38
C ILE J 48 -10.89 36.01 -18.85
N TYR J 49 -10.30 34.93 -18.34
CA TYR J 49 -10.74 33.59 -18.69
C TYR J 49 -10.94 32.77 -17.42
N ASP J 50 -11.91 31.84 -17.48
CA ASP J 50 -12.28 30.97 -16.36
C ASP J 50 -12.77 31.77 -15.16
N ALA J 51 -13.29 32.96 -15.43
CA ALA J 51 -14.07 33.78 -14.49
C ALA J 51 -13.22 34.41 -13.39
N SER J 52 -11.95 34.03 -13.31
CA SER J 52 -11.04 34.68 -12.37
C SER J 52 -9.64 34.90 -12.91
N ASN J 53 -9.17 34.13 -13.89
CA ASN J 53 -7.80 34.18 -14.35
C ASN J 53 -7.63 35.29 -15.38
N ARG J 54 -6.55 36.05 -15.23
CA ARG J 54 -6.25 37.17 -16.10
C ARG J 54 -5.27 36.74 -17.19
N ALA J 55 -5.61 37.02 -18.44
CA ALA J 55 -4.75 36.66 -19.55
C ALA J 55 -3.44 37.43 -19.49
N THR J 56 -2.35 36.78 -19.88
CA THR J 56 -1.03 37.38 -19.81
C THR J 56 -0.96 38.62 -20.71
N GLY J 57 -0.38 39.70 -20.18
CA GLY J 57 -0.24 40.94 -20.89
C GLY J 57 -1.35 41.94 -20.66
N ILE J 58 -2.46 41.53 -20.05
CA ILE J 58 -3.60 42.40 -19.79
C ILE J 58 -3.27 43.30 -18.60
N PRO J 59 -3.71 44.56 -18.59
CA PRO J 59 -3.41 45.45 -17.46
C PRO J 59 -3.93 44.91 -16.13
N ALA J 60 -3.40 45.48 -15.05
CA ALA J 60 -3.62 44.93 -13.72
C ALA J 60 -5.01 45.25 -13.17
N ARG J 61 -5.63 46.36 -13.59
CA ARG J 61 -6.87 46.81 -12.97
C ARG J 61 -8.08 45.96 -13.32
N PHE J 62 -7.92 44.90 -14.12
CA PHE J 62 -9.04 44.08 -14.53
C PHE J 62 -9.18 42.91 -13.56
N SER J 63 -10.35 42.81 -12.93
CA SER J 63 -10.62 41.80 -11.91
C SER J 63 -11.77 40.91 -12.37
N GLY J 64 -11.58 39.61 -12.25
CA GLY J 64 -12.61 38.63 -12.60
C GLY J 64 -13.10 37.90 -11.37
N SER J 65 -14.41 37.67 -11.31
CA SER J 65 -15.02 36.97 -10.19
C SER J 65 -16.34 36.36 -10.66
N GLY J 66 -16.82 35.41 -9.88
CA GLY J 66 -18.10 34.77 -10.16
C GLY J 66 -18.02 33.27 -10.28
N PHE J 67 -19.15 32.60 -10.00
CA PHE J 67 -19.23 31.15 -10.12
C PHE J 67 -20.70 30.76 -10.22
N GLY J 68 -20.99 29.77 -11.06
CA GLY J 68 -22.36 29.34 -11.27
C GLY J 68 -23.07 30.10 -12.36
N THR J 69 -23.87 31.09 -11.99
CA THR J 69 -24.61 31.91 -12.95
C THR J 69 -24.19 33.37 -12.93
N ASP J 70 -23.87 33.92 -11.77
CA ASP J 70 -23.53 35.33 -11.63
C ASP J 70 -22.02 35.51 -11.70
N PHE J 71 -21.58 36.42 -12.56
CA PHE J 71 -20.17 36.72 -12.74
C PHE J 71 -19.99 38.24 -12.80
N THR J 72 -18.75 38.69 -12.66
CA THR J 72 -18.48 40.12 -12.60
C THR J 72 -17.08 40.42 -13.10
N LEU J 73 -16.98 41.38 -14.02
CA LEU J 73 -15.72 41.97 -14.43
C LEU J 73 -15.60 43.35 -13.80
N THR J 74 -14.47 43.63 -13.15
CA THR J 74 -14.30 44.85 -12.38
C THR J 74 -13.12 45.63 -12.93
N ILE J 75 -13.37 46.88 -13.32
CA ILE J 75 -12.33 47.81 -13.73
C ILE J 75 -12.24 48.86 -12.63
N SER J 76 -11.21 48.74 -11.78
CA SER J 76 -11.11 49.57 -10.57
C SER J 76 -10.39 50.89 -10.84
N SER J 77 -9.22 50.85 -11.47
CA SER J 77 -8.47 52.05 -11.78
C SER J 77 -8.79 52.54 -13.19
N LEU J 78 -10.08 52.82 -13.41
CA LEU J 78 -10.61 53.10 -14.74
C LEU J 78 -9.82 54.21 -15.42
N GLU J 79 -9.33 53.91 -16.62
CA GLU J 79 -8.52 54.80 -17.43
C GLU J 79 -9.30 55.24 -18.67
N PRO J 80 -8.93 56.38 -19.26
CA PRO J 80 -9.65 56.83 -20.47
C PRO J 80 -9.58 55.84 -21.62
N GLU J 81 -8.50 55.07 -21.73
CA GLU J 81 -8.37 54.10 -22.82
C GLU J 81 -9.38 52.96 -22.70
N ASP J 82 -9.90 52.70 -21.51
CA ASP J 82 -10.77 51.55 -21.27
C ASP J 82 -12.19 51.74 -21.83
N CYS J 83 -12.46 52.75 -22.64
CA CYS J 83 -13.77 52.89 -23.28
C CYS J 83 -13.90 51.85 -24.38
N ALA J 84 -14.79 50.88 -24.19
CA ALA J 84 -14.98 49.79 -25.15
C ALA J 84 -16.26 49.05 -24.77
N VAL J 85 -16.52 47.96 -25.49
CA VAL J 85 -17.64 47.07 -25.21
C VAL J 85 -17.08 45.77 -24.68
N TYR J 86 -17.61 45.31 -23.55
CA TYR J 86 -17.11 44.12 -22.88
C TYR J 86 -18.14 43.00 -22.97
N TYR J 87 -17.71 41.85 -23.49
CA TYR J 87 -18.59 40.70 -23.69
C TYR J 87 -18.16 39.57 -22.77
N CYS J 88 -19.13 38.95 -22.10
CA CYS J 88 -18.90 37.72 -21.36
C CYS J 88 -19.32 36.54 -22.23
N GLN J 89 -18.47 35.53 -22.28
CA GLN J 89 -18.68 34.39 -23.18
C GLN J 89 -18.52 33.09 -22.39
N GLN J 90 -19.47 32.18 -22.58
CA GLN J 90 -19.47 30.90 -21.89
C GLN J 90 -18.89 29.82 -22.79
N ARG J 91 -18.35 28.78 -22.15
CA ARG J 91 -17.84 27.62 -22.87
C ARG J 91 -18.16 26.30 -22.17
N ASN J 92 -19.08 26.30 -21.21
CA ASN J 92 -19.37 25.07 -20.47
C ASN J 92 -20.09 24.05 -21.34
N ASN J 93 -21.12 24.49 -22.06
CA ASN J 93 -21.95 23.60 -22.87
C ASN J 93 -22.00 24.15 -24.30
N TRP J 94 -21.04 23.75 -25.11
CA TRP J 94 -20.99 24.11 -26.52
C TRP J 94 -20.66 22.88 -27.34
N PRO J 95 -21.12 22.81 -28.60
CA PRO J 95 -21.87 23.82 -29.35
C PRO J 95 -23.31 24.00 -28.88
N PRO J 96 -23.88 25.21 -29.04
CA PRO J 96 -23.26 26.40 -29.64
C PRO J 96 -22.52 27.27 -28.64
N LEU J 97 -21.38 27.84 -29.02
CA LEU J 97 -20.71 28.83 -28.19
C LEU J 97 -21.49 30.14 -28.22
N THR J 98 -21.78 30.68 -27.04
CA THR J 98 -22.65 31.84 -26.91
C THR J 98 -21.93 32.97 -26.21
N PHE J 99 -22.11 34.19 -26.72
CA PHE J 99 -21.60 35.40 -26.11
C PHE J 99 -22.71 36.06 -25.29
N GLY J 100 -22.43 37.27 -24.78
CA GLY J 100 -23.40 38.07 -24.08
C GLY J 100 -23.82 39.29 -24.88
N GLY J 101 -24.78 40.02 -24.30
CA GLY J 101 -25.25 41.23 -24.94
C GLY J 101 -24.17 42.29 -25.03
N GLY J 102 -23.32 42.37 -24.02
CA GLY J 102 -22.25 43.35 -23.99
C GLY J 102 -22.60 44.56 -23.14
N THR J 103 -21.56 45.23 -22.65
CA THR J 103 -21.72 46.43 -21.84
C THR J 103 -20.91 47.55 -22.47
N LYS J 104 -21.57 48.67 -22.78
CA LYS J 104 -20.90 49.82 -23.35
C LYS J 104 -20.31 50.65 -22.22
N VAL J 105 -19.00 50.84 -22.25
CA VAL J 105 -18.28 51.59 -21.22
C VAL J 105 -17.83 52.92 -21.81
N GLU J 106 -18.24 54.01 -21.17
CA GLU J 106 -17.85 55.35 -21.57
C GLU J 106 -17.05 55.99 -20.44
N ILE J 107 -16.28 57.01 -20.81
CA ILE J 107 -15.48 57.78 -19.86
C ILE J 107 -16.15 59.14 -19.69
N LYS J 108 -16.54 59.45 -18.46
CA LYS J 108 -17.16 60.75 -18.20
C LYS J 108 -16.19 61.87 -18.53
N ARG J 109 -16.68 62.84 -19.29
CA ARG J 109 -15.86 63.93 -19.81
C ARG J 109 -16.50 65.25 -19.43
N THR J 110 -15.68 66.20 -18.98
CA THR J 110 -16.19 67.54 -18.73
C THR J 110 -16.76 68.12 -20.02
N VAL J 111 -17.92 68.76 -19.90
CA VAL J 111 -18.72 69.18 -21.05
C VAL J 111 -17.86 70.00 -22.02
N ALA J 112 -17.76 69.52 -23.26
CA ALA J 112 -16.89 70.11 -24.26
C ALA J 112 -17.73 70.80 -25.33
N ALA J 113 -17.35 72.03 -25.66
CA ALA J 113 -18.05 72.78 -26.69
C ALA J 113 -17.58 72.33 -28.08
N PRO J 114 -18.48 71.95 -28.97
CA PRO J 114 -18.05 71.51 -30.31
C PRO J 114 -17.53 72.68 -31.13
N SER J 115 -16.36 72.47 -31.74
CA SER J 115 -15.78 73.47 -32.65
C SER J 115 -16.43 73.29 -34.01
N VAL J 116 -17.50 74.05 -34.24
CA VAL J 116 -18.31 73.85 -35.44
C VAL J 116 -17.57 74.38 -36.67
N PHE J 117 -17.50 73.56 -37.70
CA PHE J 117 -16.95 73.94 -38.99
C PHE J 117 -17.94 73.57 -40.09
N ILE J 118 -17.89 74.34 -41.18
CA ILE J 118 -18.75 74.09 -42.33
C ILE J 118 -17.90 74.20 -43.60
N PHE J 119 -18.14 73.27 -44.54
CA PHE J 119 -17.34 73.20 -45.76
C PHE J 119 -18.26 73.16 -46.97
N PRO J 120 -18.02 73.99 -47.98
CA PRO J 120 -18.84 73.96 -49.19
C PRO J 120 -18.35 72.90 -50.15
N PRO J 121 -19.12 72.57 -51.19
CA PRO J 121 -18.62 71.66 -52.22
C PRO J 121 -17.44 72.27 -52.96
N SER J 122 -16.56 71.38 -53.43
CA SER J 122 -15.39 71.82 -54.18
C SER J 122 -15.78 72.24 -55.60
N ASP J 123 -14.88 72.99 -56.23
CA ASP J 123 -15.08 73.37 -57.63
C ASP J 123 -15.04 72.17 -58.56
N GLU J 124 -14.45 71.06 -58.12
CA GLU J 124 -14.41 69.84 -58.91
C GLU J 124 -15.58 68.91 -58.62
N GLN J 125 -16.28 69.09 -57.51
CA GLN J 125 -17.49 68.30 -57.24
C GLN J 125 -18.67 68.85 -58.01
N LEU J 126 -18.79 70.18 -58.13
CA LEU J 126 -19.81 70.75 -59.00
C LEU J 126 -19.58 70.40 -60.45
N LYS J 127 -18.35 70.04 -60.82
CA LYS J 127 -18.09 69.53 -62.16
C LYS J 127 -18.87 68.25 -62.42
N SER J 128 -18.91 67.34 -61.44
CA SER J 128 -19.59 66.08 -61.61
C SER J 128 -21.10 66.28 -61.78
N GLY J 129 -21.71 67.09 -60.93
CA GLY J 129 -23.13 67.35 -61.04
C GLY J 129 -23.88 67.23 -59.73
N THR J 130 -23.17 67.08 -58.63
CA THR J 130 -23.77 67.00 -57.30
C THR J 130 -23.00 67.90 -56.35
N ALA J 131 -23.70 68.39 -55.32
CA ALA J 131 -23.12 69.28 -54.33
C ALA J 131 -23.35 68.71 -52.94
N SER J 132 -22.28 68.66 -52.13
CA SER J 132 -22.35 68.17 -50.76
C SER J 132 -21.76 69.22 -49.84
N VAL J 133 -22.54 69.63 -48.83
CA VAL J 133 -22.10 70.59 -47.82
C VAL J 133 -21.84 69.81 -46.53
N VAL J 134 -20.62 69.91 -46.03
CA VAL J 134 -20.17 69.13 -44.87
C VAL J 134 -20.04 70.06 -43.68
N CYS J 135 -20.69 69.68 -42.57
CA CYS J 135 -20.60 70.41 -41.31
C CYS J 135 -19.90 69.53 -40.29
N LEU J 136 -18.87 70.07 -39.65
CA LEU J 136 -18.00 69.31 -38.76
C LEU J 136 -18.19 69.75 -37.32
N LEU J 137 -18.57 68.80 -36.46
CA LEU J 137 -18.58 69.00 -35.02
C LEU J 137 -17.37 68.28 -34.44
N ASN J 138 -16.48 69.03 -33.80
CA ASN J 138 -15.17 68.53 -33.41
C ASN J 138 -14.98 68.60 -31.91
N ASN J 139 -14.62 67.47 -31.31
CA ASN J 139 -14.17 67.38 -29.92
C ASN J 139 -15.23 67.91 -28.95
N PHE J 140 -16.35 67.19 -28.91
CA PHE J 140 -17.47 67.54 -28.04
C PHE J 140 -17.94 66.34 -27.25
N TYR J 141 -18.41 66.61 -26.03
CA TYR J 141 -19.03 65.64 -25.13
C TYR J 141 -20.22 66.34 -24.48
N PRO J 142 -21.34 65.64 -24.27
CA PRO J 142 -21.62 64.22 -24.54
C PRO J 142 -21.93 63.90 -26.01
N ARG J 143 -22.41 62.68 -26.25
CA ARG J 143 -22.68 62.24 -27.60
C ARG J 143 -23.85 63.01 -28.23
N GLU J 144 -24.87 63.32 -27.45
CA GLU J 144 -26.08 63.92 -27.99
C GLU J 144 -25.79 65.29 -28.61
N ALA J 145 -26.33 65.51 -29.80
CA ALA J 145 -26.22 66.78 -30.50
C ALA J 145 -27.36 66.87 -31.50
N LYS J 146 -27.49 68.02 -32.14
CA LYS J 146 -28.54 68.21 -33.15
C LYS J 146 -28.04 69.22 -34.18
N VAL J 147 -27.99 68.79 -35.43
CA VAL J 147 -27.55 69.62 -36.55
C VAL J 147 -28.76 69.99 -37.39
N GLN J 148 -28.98 71.29 -37.59
CA GLN J 148 -30.09 71.79 -38.39
C GLN J 148 -29.55 72.43 -39.66
N TRP J 149 -30.07 71.99 -40.80
CA TRP J 149 -29.68 72.53 -42.10
C TRP J 149 -30.75 73.52 -42.56
N LYS J 150 -30.36 74.78 -42.72
CA LYS J 150 -31.24 75.84 -43.18
C LYS J 150 -30.75 76.34 -44.54
N VAL J 151 -31.63 76.29 -45.53
CA VAL J 151 -31.33 76.75 -46.88
C VAL J 151 -32.24 77.92 -47.18
N ASP J 152 -31.67 79.11 -47.38
CA ASP J 152 -32.42 80.35 -47.48
C ASP J 152 -33.34 80.52 -46.27
N ASN J 153 -32.80 80.21 -45.09
CA ASN J 153 -33.53 80.28 -43.82
C ASN J 153 -34.76 79.38 -43.82
N ALA J 154 -34.73 78.31 -44.61
CA ALA J 154 -35.75 77.27 -44.60
C ALA J 154 -35.10 75.96 -44.18
N LEU J 155 -35.68 75.32 -43.17
CA LEU J 155 -35.08 74.13 -42.60
C LEU J 155 -35.23 72.95 -43.56
N GLN J 156 -34.10 72.44 -44.04
CA GLN J 156 -34.09 71.29 -44.94
C GLN J 156 -34.14 70.01 -44.13
N SER J 157 -35.07 69.12 -44.49
CA SER J 157 -35.26 67.85 -43.78
C SER J 157 -35.16 66.70 -44.77
N GLY J 158 -34.45 65.65 -44.37
CA GLY J 158 -34.26 64.48 -45.20
C GLY J 158 -33.20 64.62 -46.28
N ASN J 159 -32.51 65.75 -46.33
CA ASN J 159 -31.50 66.01 -47.34
C ASN J 159 -30.08 65.80 -46.82
N SER J 160 -29.93 65.32 -45.58
CA SER J 160 -28.62 65.21 -44.96
C SER J 160 -28.56 63.95 -44.10
N GLN J 161 -27.33 63.47 -43.88
CA GLN J 161 -27.05 62.32 -43.03
C GLN J 161 -25.89 62.66 -42.11
N GLU J 162 -25.88 62.02 -40.94
CA GLU J 162 -24.88 62.29 -39.92
C GLU J 162 -23.99 61.08 -39.69
N SER J 163 -22.72 61.34 -39.39
CA SER J 163 -21.75 60.32 -39.05
C SER J 163 -21.04 60.71 -37.76
N VAL J 164 -20.99 59.78 -36.81
CA VAL J 164 -20.43 60.03 -35.49
C VAL J 164 -19.31 59.02 -35.23
N THR J 165 -18.16 59.52 -34.79
CA THR J 165 -17.08 58.64 -34.37
C THR J 165 -17.28 58.22 -32.92
N GLU J 166 -16.63 57.12 -32.55
CA GLU J 166 -16.70 56.67 -31.17
C GLU J 166 -15.79 57.52 -30.29
N GLN J 167 -16.05 57.47 -28.99
CA GLN J 167 -15.32 58.29 -28.02
C GLN J 167 -13.82 57.97 -28.09
N ASP J 168 -13.01 59.02 -28.13
CA ASP J 168 -11.57 58.85 -28.29
C ASP J 168 -10.94 58.27 -27.03
N SER J 169 -9.80 57.60 -27.22
CA SER J 169 -9.12 56.94 -26.12
C SER J 169 -8.31 57.90 -25.27
N LYS J 170 -7.85 59.02 -25.84
CA LYS J 170 -6.96 59.93 -25.12
C LYS J 170 -7.73 61.05 -24.42
N ASP J 171 -8.42 61.88 -25.21
CA ASP J 171 -9.13 63.04 -24.67
C ASP J 171 -10.62 62.79 -24.46
N SER J 172 -11.11 61.61 -24.81
CA SER J 172 -12.50 61.22 -24.56
C SER J 172 -13.49 62.23 -25.17
N THR J 173 -13.24 62.59 -26.42
CA THR J 173 -14.09 63.53 -27.14
C THR J 173 -14.63 62.88 -28.41
N TYR J 174 -15.86 63.24 -28.77
CA TYR J 174 -16.52 62.70 -29.93
C TYR J 174 -16.21 63.55 -31.17
N SER J 175 -16.84 63.21 -32.29
CA SER J 175 -16.72 63.98 -33.53
C SER J 175 -17.88 63.62 -34.43
N LEU J 176 -18.57 64.62 -34.95
CA LEU J 176 -19.76 64.42 -35.77
C LEU J 176 -19.58 65.09 -37.11
N SER J 177 -20.11 64.45 -38.16
CA SER J 177 -20.03 64.97 -39.52
C SER J 177 -21.42 64.86 -40.15
N SER J 178 -22.08 65.98 -40.35
CA SER J 178 -23.38 66.05 -41.01
C SER J 178 -23.17 66.61 -42.41
N THR J 179 -23.52 65.83 -43.42
CA THR J 179 -23.30 66.19 -44.82
C THR J 179 -24.64 66.38 -45.51
N LEU J 180 -24.83 67.55 -46.11
CA LEU J 180 -26.03 67.87 -46.88
C LEU J 180 -25.74 67.66 -48.35
N THR J 181 -26.38 66.66 -48.96
CA THR J 181 -26.14 66.30 -50.34
C THR J 181 -27.25 66.85 -51.22
N LEU J 182 -26.88 67.71 -52.17
CA LEU J 182 -27.83 68.34 -53.09
C LEU J 182 -27.38 68.07 -54.52
N SER J 183 -28.24 68.47 -55.46
CA SER J 183 -27.93 68.45 -56.88
C SER J 183 -27.45 69.83 -57.32
N LYS J 184 -26.69 69.85 -58.42
CA LYS J 184 -26.11 71.10 -58.89
C LYS J 184 -27.19 72.12 -59.26
N ALA J 185 -28.37 71.65 -59.67
CA ALA J 185 -29.46 72.56 -59.98
C ALA J 185 -30.06 73.16 -58.70
N ASP J 186 -30.33 72.32 -57.71
CA ASP J 186 -30.92 72.81 -56.47
C ASP J 186 -29.90 73.55 -55.62
N TYR J 187 -28.62 73.19 -55.73
CA TYR J 187 -27.58 73.87 -54.96
C TYR J 187 -27.46 75.33 -55.39
N GLU J 188 -27.51 75.60 -56.69
CA GLU J 188 -27.38 76.95 -57.20
C GLU J 188 -28.70 77.70 -57.26
N LYS J 189 -29.81 77.06 -56.87
CA LYS J 189 -31.08 77.77 -56.77
C LYS J 189 -31.05 78.80 -55.64
N HIS J 190 -30.43 78.46 -54.51
CA HIS J 190 -30.51 79.24 -53.30
C HIS J 190 -29.20 80.00 -53.04
N LYS J 191 -29.25 80.84 -52.01
CA LYS J 191 -28.14 81.71 -51.64
C LYS J 191 -27.46 81.32 -50.33
N VAL J 192 -28.24 81.19 -49.26
CA VAL J 192 -27.69 81.02 -47.91
C VAL J 192 -27.78 79.56 -47.51
N TYR J 193 -26.67 79.02 -47.00
CA TYR J 193 -26.63 77.67 -46.44
C TYR J 193 -26.09 77.76 -45.01
N ALA J 194 -26.87 77.26 -44.06
CA ALA J 194 -26.54 77.38 -42.66
C ALA J 194 -26.52 76.02 -41.99
N CYS J 195 -25.64 75.88 -40.99
CA CYS J 195 -25.55 74.68 -40.16
C CYS J 195 -25.71 75.12 -38.71
N GLU J 196 -26.90 74.90 -38.16
CA GLU J 196 -27.21 75.27 -36.78
C GLU J 196 -26.94 74.10 -35.85
N VAL J 197 -25.97 74.26 -34.97
CA VAL J 197 -25.55 73.21 -34.04
C VAL J 197 -26.08 73.56 -32.65
N THR J 198 -26.97 72.71 -32.13
CA THR J 198 -27.49 72.86 -30.78
C THR J 198 -26.90 71.78 -29.89
N HIS J 199 -26.33 72.19 -28.76
CA HIS J 199 -25.64 71.26 -27.89
C HIS J 199 -25.77 71.71 -26.44
N GLN J 200 -25.62 70.76 -25.52
CA GLN J 200 -25.65 71.08 -24.10
C GLN J 200 -24.49 71.99 -23.72
N GLY J 201 -23.33 71.80 -24.35
CA GLY J 201 -22.13 72.56 -24.06
C GLY J 201 -22.07 73.94 -24.68
N LEU J 202 -23.13 74.38 -25.34
CA LEU J 202 -23.20 75.70 -25.95
C LEU J 202 -24.35 76.49 -25.34
N SER J 203 -24.09 77.78 -25.06
CA SER J 203 -25.11 78.62 -24.45
C SER J 203 -26.33 78.77 -25.36
N SER J 204 -26.10 79.15 -26.61
CA SER J 204 -27.13 79.23 -27.63
C SER J 204 -26.65 78.49 -28.87
N PRO J 205 -27.58 77.98 -29.70
CA PRO J 205 -27.16 77.26 -30.91
C PRO J 205 -26.24 78.08 -31.80
N VAL J 206 -24.99 77.65 -31.91
CA VAL J 206 -23.99 78.36 -32.69
C VAL J 206 -24.13 77.95 -34.16
N THR J 207 -24.27 78.95 -35.03
CA THR J 207 -24.48 78.71 -36.45
C THR J 207 -23.26 79.18 -37.24
N LYS J 208 -22.71 78.28 -38.05
CA LYS J 208 -21.65 78.59 -38.99
C LYS J 208 -22.21 78.39 -40.39
N SER J 209 -22.29 79.47 -41.17
CA SER J 209 -22.97 79.44 -42.46
C SER J 209 -22.07 80.06 -43.53
N PHE J 210 -22.54 79.99 -44.77
CA PHE J 210 -21.86 80.62 -45.89
C PHE J 210 -22.89 80.90 -46.98
N ASN J 211 -22.55 81.84 -47.86
CA ASN J 211 -23.40 82.22 -48.97
C ASN J 211 -22.71 81.82 -50.28
N ARG J 212 -23.45 81.15 -51.16
CA ARG J 212 -22.89 80.67 -52.40
C ARG J 212 -22.47 81.84 -53.28
N GLY J 213 -21.20 81.85 -53.69
CA GLY J 213 -20.68 82.93 -54.51
C GLY J 213 -19.44 83.59 -53.93
N GLU J 214 -18.79 82.90 -52.99
CA GLU J 214 -17.59 83.44 -52.35
C GLU J 214 -16.45 82.44 -52.41
N GLN K 1 -41.77 -13.11 -15.79
CA GLN K 1 -42.24 -14.46 -16.07
C GLN K 1 -41.31 -15.20 -17.02
N VAL K 2 -40.25 -15.78 -16.48
CA VAL K 2 -39.31 -16.55 -17.26
C VAL K 2 -40.01 -17.82 -17.75
N GLN K 3 -40.27 -17.90 -19.05
CA GLN K 3 -40.98 -19.02 -19.63
C GLN K 3 -40.25 -19.55 -20.85
N LEU K 4 -40.38 -20.85 -21.08
CA LEU K 4 -39.85 -21.51 -22.27
C LEU K 4 -40.94 -22.43 -22.83
N VAL K 5 -41.20 -22.31 -24.13
CA VAL K 5 -42.27 -23.06 -24.78
C VAL K 5 -41.66 -23.84 -25.94
N GLU K 6 -41.73 -25.16 -25.87
CA GLU K 6 -41.25 -26.03 -26.93
C GLU K 6 -42.34 -26.24 -27.98
N SER K 7 -41.91 -26.46 -29.22
CA SER K 7 -42.84 -26.66 -30.32
C SER K 7 -42.19 -27.56 -31.36
N GLY K 8 -43.03 -28.12 -32.23
CA GLY K 8 -42.56 -28.97 -33.30
C GLY K 8 -42.63 -30.46 -33.04
N GLY K 9 -43.19 -30.88 -31.91
CA GLY K 9 -43.27 -32.30 -31.62
C GLY K 9 -44.32 -33.02 -32.44
N GLY K 10 -44.24 -34.34 -32.41
CA GLY K 10 -45.17 -35.17 -33.17
C GLY K 10 -44.61 -36.57 -33.35
N VAL K 11 -45.06 -37.22 -34.41
CA VAL K 11 -44.64 -38.58 -34.74
C VAL K 11 -43.93 -38.54 -36.09
N VAL K 12 -42.70 -39.05 -36.11
CA VAL K 12 -41.91 -39.19 -37.33
C VAL K 12 -41.41 -40.63 -37.39
N GLN K 13 -41.12 -41.09 -38.60
CA GLN K 13 -40.62 -42.44 -38.78
C GLN K 13 -39.11 -42.43 -38.96
N PRO K 14 -38.43 -43.55 -38.66
CA PRO K 14 -36.96 -43.53 -38.62
C PRO K 14 -36.33 -43.15 -39.95
N GLY K 15 -35.05 -42.78 -39.86
CA GLY K 15 -34.31 -42.33 -41.03
C GLY K 15 -34.67 -40.97 -41.54
N LYS K 16 -35.41 -40.18 -40.77
CA LYS K 16 -36.00 -38.95 -41.27
C LYS K 16 -35.64 -37.73 -40.42
N SER K 17 -36.31 -36.61 -40.69
CA SER K 17 -35.93 -35.32 -40.12
C SER K 17 -37.14 -34.66 -39.46
N LEU K 18 -36.83 -33.75 -38.53
CA LEU K 18 -37.84 -32.96 -37.84
C LEU K 18 -37.15 -31.73 -37.25
N ARG K 19 -37.85 -30.60 -37.27
CA ARG K 19 -37.35 -29.36 -36.69
C ARG K 19 -38.17 -29.03 -35.45
N LEU K 20 -37.47 -28.75 -34.35
CA LEU K 20 -38.09 -28.48 -33.05
C LEU K 20 -37.76 -27.06 -32.64
N SER K 21 -38.78 -26.32 -32.19
CA SER K 21 -38.60 -24.91 -31.84
C SER K 21 -38.88 -24.68 -30.37
N CYS K 22 -38.19 -23.69 -29.81
CA CYS K 22 -38.35 -23.30 -28.41
C CYS K 22 -38.41 -21.78 -28.34
N ALA K 23 -39.43 -21.25 -27.66
CA ALA K 23 -39.66 -19.82 -27.54
C ALA K 23 -39.43 -19.37 -26.11
N ALA K 24 -38.86 -18.18 -25.96
CA ALA K 24 -38.47 -17.66 -24.65
C ALA K 24 -39.16 -16.33 -24.37
N SER K 25 -39.42 -16.08 -23.09
CA SER K 25 -40.00 -14.82 -22.65
C SER K 25 -39.64 -14.61 -21.18
N GLY K 26 -39.76 -13.36 -20.74
CA GLY K 26 -39.51 -13.01 -19.35
C GLY K 26 -38.08 -12.66 -19.03
N PHE K 27 -37.15 -12.77 -19.97
CA PHE K 27 -35.76 -12.41 -19.75
C PHE K 27 -35.17 -11.90 -21.06
N THR K 28 -33.85 -11.77 -21.10
CA THR K 28 -33.20 -11.13 -22.24
C THR K 28 -32.97 -12.11 -23.39
N PHE K 29 -32.49 -13.31 -23.08
CA PHE K 29 -32.21 -14.38 -24.04
C PHE K 29 -30.97 -14.06 -24.88
N SER K 30 -30.46 -12.85 -24.75
CA SER K 30 -29.25 -12.45 -25.45
C SER K 30 -28.01 -12.57 -24.58
N ALA K 31 -28.17 -12.85 -23.29
CA ALA K 31 -27.05 -13.08 -22.38
C ALA K 31 -27.09 -14.47 -21.76
N TYR K 32 -28.00 -15.33 -22.20
CA TYR K 32 -28.17 -16.66 -21.65
C TYR K 32 -27.97 -17.71 -22.74
N GLY K 33 -27.19 -18.74 -22.42
CA GLY K 33 -27.21 -19.94 -23.22
C GLY K 33 -28.41 -20.80 -22.87
N ILE K 34 -28.61 -21.86 -23.65
CA ILE K 34 -29.77 -22.72 -23.46
C ILE K 34 -29.46 -24.09 -24.05
N HIS K 35 -29.87 -25.13 -23.34
CA HIS K 35 -29.60 -26.51 -23.71
C HIS K 35 -30.88 -27.21 -24.15
N TRP K 36 -30.71 -28.41 -24.69
CA TRP K 36 -31.81 -29.33 -24.97
C TRP K 36 -31.57 -30.61 -24.18
N VAL K 37 -32.57 -31.01 -23.38
CA VAL K 37 -32.51 -32.23 -22.59
C VAL K 37 -33.73 -33.07 -22.91
N ARG K 38 -33.52 -34.34 -23.20
CA ARG K 38 -34.60 -35.26 -23.55
C ARG K 38 -34.72 -36.34 -22.50
N GLN K 39 -35.90 -36.96 -22.45
CA GLN K 39 -36.18 -38.05 -21.52
C GLN K 39 -37.01 -39.11 -22.23
N ALA K 40 -36.43 -40.28 -22.45
CA ALA K 40 -37.18 -41.39 -23.01
C ALA K 40 -38.30 -41.78 -22.03
N PRO K 41 -39.47 -42.16 -22.52
CA PRO K 41 -40.58 -42.49 -21.62
C PRO K 41 -40.24 -43.67 -20.71
N GLY K 42 -40.34 -43.43 -19.41
CA GLY K 42 -39.96 -44.44 -18.44
C GLY K 42 -38.46 -44.57 -18.24
N LYS K 43 -37.68 -43.58 -18.65
CA LYS K 43 -36.22 -43.64 -18.50
C LYS K 43 -35.69 -42.36 -17.87
N GLY K 44 -34.37 -42.22 -17.82
CA GLY K 44 -33.74 -41.10 -17.14
C GLY K 44 -33.64 -39.87 -18.02
N LEU K 45 -32.74 -38.97 -17.64
CA LEU K 45 -32.51 -37.71 -18.32
C LEU K 45 -31.18 -37.74 -19.04
N GLU K 46 -31.18 -37.33 -20.31
CA GLU K 46 -29.96 -37.27 -21.11
C GLU K 46 -29.84 -35.90 -21.75
N TRP K 47 -28.67 -35.28 -21.60
CA TRP K 47 -28.41 -34.01 -22.27
C TRP K 47 -28.17 -34.25 -23.76
N VAL K 48 -28.66 -33.32 -24.59
CA VAL K 48 -28.62 -33.48 -26.04
C VAL K 48 -27.69 -32.45 -26.69
N ALA K 49 -27.99 -31.17 -26.55
CA ALA K 49 -27.25 -30.15 -27.26
C ALA K 49 -27.21 -28.87 -26.43
N PHE K 50 -26.27 -27.99 -26.81
CA PHE K 50 -26.09 -26.72 -26.12
C PHE K 50 -25.72 -25.65 -27.14
N ILE K 51 -26.15 -24.42 -26.86
CA ILE K 51 -25.75 -23.26 -27.62
C ILE K 51 -25.51 -22.10 -26.67
N SER K 52 -24.47 -21.31 -26.96
CA SER K 52 -24.20 -20.11 -26.18
C SER K 52 -25.23 -19.03 -26.49
N PHE K 53 -25.02 -17.84 -25.91
CA PHE K 53 -25.95 -16.73 -26.16
C PHE K 53 -25.94 -16.33 -27.62
N ASP K 54 -24.75 -16.25 -28.23
CA ASP K 54 -24.60 -16.04 -29.66
C ASP K 54 -24.26 -17.38 -30.31
N GLY K 55 -23.88 -17.34 -31.59
CA GLY K 55 -23.42 -18.53 -32.28
C GLY K 55 -22.33 -19.24 -31.50
N GLY K 56 -21.16 -18.61 -31.41
CA GLY K 56 -20.09 -19.03 -30.52
C GLY K 56 -19.81 -20.52 -30.47
N SER K 57 -20.07 -21.13 -29.33
CA SER K 57 -19.85 -22.55 -29.10
C SER K 57 -21.15 -23.31 -29.22
N LYS K 58 -21.11 -24.44 -29.91
CA LYS K 58 -22.22 -25.39 -29.97
C LYS K 58 -21.69 -26.77 -29.60
N TYR K 59 -22.31 -27.39 -28.61
CA TYR K 59 -21.88 -28.70 -28.12
C TYR K 59 -23.03 -29.68 -28.20
N TYR K 60 -22.72 -30.90 -28.66
CA TYR K 60 -23.72 -31.93 -28.88
C TYR K 60 -23.27 -33.22 -28.21
N ALA K 61 -24.24 -34.01 -27.78
CA ALA K 61 -23.95 -35.33 -27.22
C ALA K 61 -23.47 -36.27 -28.32
N ASP K 62 -22.65 -37.25 -27.92
CA ASP K 62 -22.10 -38.19 -28.89
C ASP K 62 -23.18 -39.03 -29.56
N SER K 63 -24.27 -39.31 -28.84
CA SER K 63 -25.33 -40.14 -29.41
C SER K 63 -26.01 -39.46 -30.60
N VAL K 64 -26.05 -38.13 -30.62
CA VAL K 64 -26.68 -37.39 -31.69
C VAL K 64 -25.70 -36.47 -32.41
N LYS K 65 -24.39 -36.61 -32.13
CA LYS K 65 -23.40 -35.77 -32.78
C LYS K 65 -23.33 -36.07 -34.27
N GLY K 66 -23.29 -35.03 -35.09
CA GLY K 66 -23.32 -35.17 -36.52
C GLY K 66 -24.68 -35.45 -37.11
N ARG K 67 -25.72 -35.50 -36.29
CA ARG K 67 -27.08 -35.75 -36.74
C ARG K 67 -28.06 -34.66 -36.36
N PHE K 68 -27.82 -33.95 -35.26
CA PHE K 68 -28.67 -32.84 -34.82
C PHE K 68 -27.95 -31.53 -35.05
N THR K 69 -28.72 -30.48 -35.36
CA THR K 69 -28.19 -29.14 -35.58
C THR K 69 -28.99 -28.15 -34.77
N ILE K 70 -28.30 -27.27 -34.05
CA ILE K 70 -28.95 -26.31 -33.16
C ILE K 70 -29.04 -24.97 -33.87
N SER K 71 -29.91 -24.09 -33.35
CA SER K 71 -30.20 -22.83 -34.01
C SER K 71 -29.10 -21.80 -33.74
N ARG K 72 -29.34 -20.56 -34.16
CA ARG K 72 -28.49 -19.42 -33.78
C ARG K 72 -29.30 -18.15 -33.52
N ASP K 73 -30.63 -18.22 -33.46
CA ASP K 73 -31.46 -17.02 -33.48
C ASP K 73 -31.33 -16.22 -32.19
N ASN K 74 -31.28 -14.89 -32.34
CA ASN K 74 -31.33 -13.98 -31.20
C ASN K 74 -32.26 -12.79 -31.45
N SER K 75 -32.88 -12.69 -32.62
CA SER K 75 -33.77 -11.58 -32.94
C SER K 75 -35.24 -11.89 -32.67
N LYS K 76 -35.66 -13.14 -32.83
CA LYS K 76 -37.03 -13.55 -32.58
C LYS K 76 -37.20 -14.27 -31.26
N ASN K 77 -36.14 -14.35 -30.45
CA ASN K 77 -36.18 -15.02 -29.14
C ASN K 77 -36.69 -16.45 -29.26
N THR K 78 -36.20 -17.16 -30.26
CA THR K 78 -36.62 -18.53 -30.53
C THR K 78 -35.40 -19.41 -30.76
N LEU K 79 -35.46 -20.63 -30.22
CA LEU K 79 -34.40 -21.61 -30.39
C LEU K 79 -34.92 -22.80 -31.19
N TYR K 80 -34.05 -23.37 -32.02
CA TYR K 80 -34.38 -24.51 -32.85
C TYR K 80 -33.31 -25.59 -32.70
N VAL K 81 -33.73 -26.84 -32.86
CA VAL K 81 -32.81 -27.96 -33.03
C VAL K 81 -33.28 -28.77 -34.23
N HIS K 82 -32.46 -28.81 -35.29
CA HIS K 82 -32.82 -29.49 -36.53
C HIS K 82 -32.32 -30.92 -36.45
N MET K 83 -33.25 -31.87 -36.32
CA MET K 83 -32.92 -33.28 -36.19
C MET K 83 -33.00 -33.93 -37.56
N ASN K 84 -31.97 -34.71 -37.90
CA ASN K 84 -31.91 -35.43 -39.16
C ASN K 84 -31.48 -36.87 -38.88
N SER K 85 -31.91 -37.78 -39.77
CA SER K 85 -31.64 -39.21 -39.61
C SER K 85 -32.12 -39.72 -38.25
N LEU K 86 -33.37 -39.36 -37.92
CA LEU K 86 -33.95 -39.78 -36.65
C LEU K 86 -34.07 -41.29 -36.57
N ARG K 87 -33.91 -41.81 -35.36
CA ARG K 87 -33.97 -43.25 -35.11
C ARG K 87 -34.87 -43.53 -33.91
N VAL K 88 -35.32 -44.78 -33.81
CA VAL K 88 -36.37 -45.13 -32.87
C VAL K 88 -35.95 -44.88 -31.42
N GLU K 89 -34.64 -44.96 -31.14
CA GLU K 89 -34.18 -44.72 -29.78
C GLU K 89 -34.23 -43.26 -29.38
N ASP K 90 -34.51 -42.35 -30.32
CA ASP K 90 -34.62 -40.93 -30.01
C ASP K 90 -36.00 -40.55 -29.51
N THR K 91 -36.93 -41.50 -29.43
CA THR K 91 -38.27 -41.23 -28.90
C THR K 91 -38.18 -40.72 -27.46
N ALA K 92 -38.51 -39.46 -27.25
CA ALA K 92 -38.34 -38.84 -25.93
C ALA K 92 -39.13 -37.54 -25.89
N VAL K 93 -39.27 -37.01 -24.69
CA VAL K 93 -39.84 -35.67 -24.47
C VAL K 93 -38.66 -34.70 -24.36
N TYR K 94 -38.64 -33.70 -25.22
CA TYR K 94 -37.49 -32.80 -25.34
C TYR K 94 -37.79 -31.48 -24.65
N TYR K 95 -36.96 -31.13 -23.67
CA TYR K 95 -37.09 -29.89 -22.92
C TYR K 95 -35.97 -28.95 -23.31
N CYS K 96 -36.31 -27.69 -23.57
CA CYS K 96 -35.31 -26.63 -23.69
C CYS K 96 -35.20 -25.92 -22.35
N ALA K 97 -33.98 -25.84 -21.82
CA ALA K 97 -33.73 -25.30 -20.50
C ALA K 97 -32.64 -24.24 -20.57
N ARG K 98 -32.92 -23.07 -19.98
CA ARG K 98 -31.94 -22.00 -19.96
C ARG K 98 -30.80 -22.34 -19.01
N ASP K 99 -29.57 -22.08 -19.46
CA ASP K 99 -28.40 -22.22 -18.61
C ASP K 99 -28.34 -21.05 -17.64
N ARG K 100 -28.18 -21.35 -16.35
CA ARG K 100 -28.22 -20.30 -15.34
C ARG K 100 -27.01 -19.38 -15.46
N GLY K 101 -25.85 -19.92 -15.80
CA GLY K 101 -24.66 -19.09 -15.95
C GLY K 101 -24.80 -18.07 -17.06
N GLY K 102 -25.33 -18.49 -18.21
CA GLY K 102 -25.61 -17.58 -19.29
C GLY K 102 -24.41 -17.21 -20.14
N LYS K 103 -23.51 -16.39 -19.59
CA LYS K 103 -22.38 -15.89 -20.35
C LYS K 103 -21.03 -16.17 -19.71
N TYR K 104 -20.99 -16.65 -18.47
CA TYR K 104 -19.74 -16.95 -17.80
C TYR K 104 -19.53 -18.46 -17.81
N PRO K 105 -18.62 -19.00 -18.62
CA PRO K 105 -18.49 -20.46 -18.77
C PRO K 105 -18.20 -21.16 -17.44
N PRO K 106 -17.37 -20.60 -16.54
CA PRO K 106 -17.24 -21.27 -15.23
C PRO K 106 -18.53 -21.34 -14.45
N SER K 107 -19.41 -20.35 -14.60
CA SER K 107 -20.71 -20.37 -13.92
C SER K 107 -21.79 -21.08 -14.73
N MET K 108 -21.46 -21.59 -15.91
CA MET K 108 -22.42 -22.26 -16.77
C MET K 108 -22.38 -23.76 -16.55
N GLY K 109 -23.46 -24.43 -16.98
CA GLY K 109 -23.54 -25.87 -16.88
C GLY K 109 -24.82 -26.39 -16.25
N PHE K 110 -25.59 -25.50 -15.64
CA PHE K 110 -26.84 -25.86 -14.98
C PHE K 110 -28.03 -25.57 -15.86
N PHE K 111 -29.21 -25.99 -15.40
CA PHE K 111 -30.49 -25.76 -16.09
C PHE K 111 -31.48 -25.26 -15.05
N ASP K 112 -31.56 -23.95 -14.86
CA ASP K 112 -32.42 -23.41 -13.82
C ASP K 112 -33.90 -23.44 -14.26
N PRO K 113 -34.30 -22.77 -15.37
CA PRO K 113 -35.69 -22.92 -15.83
C PRO K 113 -35.85 -23.99 -16.90
N TRP K 114 -36.94 -24.75 -16.83
CA TRP K 114 -37.24 -25.79 -17.80
C TRP K 114 -38.62 -25.53 -18.41
N GLY K 115 -38.73 -25.75 -19.72
CA GLY K 115 -40.02 -25.69 -20.37
C GLY K 115 -40.83 -26.96 -20.17
N GLN K 116 -42.10 -26.90 -20.56
CA GLN K 116 -42.97 -28.07 -20.42
C GLN K 116 -42.49 -29.25 -21.24
N GLY K 117 -41.74 -29.00 -22.31
CA GLY K 117 -41.24 -30.07 -23.16
C GLY K 117 -42.26 -30.47 -24.22
N THR K 118 -41.74 -31.09 -25.28
CA THR K 118 -42.56 -31.60 -26.36
C THR K 118 -42.12 -33.03 -26.68
N LEU K 119 -43.07 -33.82 -27.18
CA LEU K 119 -42.86 -35.24 -27.39
C LEU K 119 -42.52 -35.50 -28.85
N VAL K 120 -41.38 -36.16 -29.09
CA VAL K 120 -41.00 -36.65 -30.39
C VAL K 120 -41.09 -38.17 -30.36
N THR K 121 -42.00 -38.73 -31.14
CA THR K 121 -42.26 -40.17 -31.14
C THR K 121 -41.74 -40.73 -32.46
N VAL K 122 -40.54 -41.31 -32.43
CA VAL K 122 -39.95 -41.92 -33.61
C VAL K 122 -40.53 -43.33 -33.75
N SER K 123 -41.61 -43.45 -34.53
CA SER K 123 -42.30 -44.72 -34.70
C SER K 123 -43.02 -44.70 -36.04
N SER K 124 -43.71 -45.79 -36.34
CA SER K 124 -44.40 -45.96 -37.62
C SER K 124 -45.90 -45.82 -37.39
N ALA K 125 -46.38 -44.57 -37.41
CA ALA K 125 -47.81 -44.25 -37.29
C ALA K 125 -47.97 -42.76 -37.58
N SER K 126 -49.20 -42.28 -37.50
CA SER K 126 -49.48 -40.87 -37.76
C SER K 126 -50.81 -40.48 -37.13
N THR K 127 -51.35 -39.33 -37.53
CA THR K 127 -52.41 -38.63 -36.81
C THR K 127 -53.76 -39.35 -36.90
N LYS K 128 -54.60 -39.06 -35.91
CA LYS K 128 -56.00 -39.51 -35.83
C LYS K 128 -56.67 -38.79 -34.67
N GLY K 129 -57.95 -38.48 -34.84
CA GLY K 129 -58.73 -37.86 -33.80
C GLY K 129 -59.28 -38.86 -32.81
N PRO K 130 -59.47 -38.42 -31.57
CA PRO K 130 -59.94 -39.34 -30.53
C PRO K 130 -61.43 -39.62 -30.62
N SER K 131 -61.84 -40.69 -29.94
CA SER K 131 -63.24 -41.07 -29.80
C SER K 131 -63.59 -41.10 -28.32
N VAL K 132 -64.73 -40.53 -27.96
CA VAL K 132 -65.12 -40.36 -26.57
C VAL K 132 -66.40 -41.17 -26.32
N PHE K 133 -66.38 -41.98 -25.26
CA PHE K 133 -67.54 -42.74 -24.86
C PHE K 133 -67.80 -42.51 -23.37
N PRO K 134 -69.08 -42.44 -22.96
CA PRO K 134 -69.35 -42.11 -21.56
C PRO K 134 -69.32 -43.31 -20.62
N LEU K 135 -68.50 -43.23 -19.57
CA LEU K 135 -68.55 -44.19 -18.47
C LEU K 135 -69.67 -43.75 -17.52
N ALA K 136 -70.89 -44.13 -17.87
CA ALA K 136 -72.06 -43.61 -17.19
C ALA K 136 -72.06 -44.02 -15.72
N PRO K 137 -72.50 -43.14 -14.81
CA PRO K 137 -72.52 -43.50 -13.39
C PRO K 137 -73.59 -44.51 -13.07
N SER K 138 -73.33 -45.77 -13.39
CA SER K 138 -74.28 -46.84 -13.08
C SER K 138 -74.44 -46.97 -11.57
N SER K 139 -75.69 -47.15 -11.13
CA SER K 139 -75.96 -47.26 -9.70
C SER K 139 -75.30 -48.49 -9.10
N LYS K 140 -75.08 -49.53 -9.90
CA LYS K 140 -74.37 -50.71 -9.39
C LYS K 140 -72.92 -50.37 -9.06
N SER K 141 -72.33 -49.41 -9.78
CA SER K 141 -70.97 -48.94 -9.46
C SER K 141 -71.06 -47.72 -8.55
N THR K 142 -71.52 -47.99 -7.33
CA THR K 142 -71.64 -46.97 -6.30
C THR K 142 -71.65 -47.67 -4.95
N SER K 143 -70.61 -47.45 -4.14
CA SER K 143 -70.49 -48.07 -2.83
C SER K 143 -71.13 -47.23 -1.73
N GLY K 144 -72.09 -46.40 -2.08
CA GLY K 144 -72.75 -45.55 -1.09
C GLY K 144 -72.00 -44.26 -0.84
N GLY K 145 -72.75 -43.24 -0.43
CA GLY K 145 -72.15 -41.94 -0.15
C GLY K 145 -71.76 -41.17 -1.39
N THR K 146 -70.92 -41.75 -2.23
CA THR K 146 -70.45 -41.11 -3.44
C THR K 146 -70.61 -42.06 -4.63
N ALA K 147 -70.82 -41.48 -5.80
CA ALA K 147 -71.00 -42.23 -7.05
C ALA K 147 -69.94 -41.79 -8.06
N ALA K 148 -69.34 -42.77 -8.73
CA ALA K 148 -68.25 -42.52 -9.65
C ALA K 148 -68.75 -42.55 -11.09
N LEU K 149 -68.22 -41.64 -11.90
CA LEU K 149 -68.50 -41.58 -13.33
C LEU K 149 -67.21 -41.19 -14.05
N GLY K 150 -67.27 -41.12 -15.37
CA GLY K 150 -66.08 -40.75 -16.13
C GLY K 150 -66.33 -40.82 -17.62
N CYS K 151 -65.25 -40.64 -18.37
CA CYS K 151 -65.27 -40.68 -19.82
C CYS K 151 -64.16 -41.59 -20.32
N LEU K 152 -64.34 -42.10 -21.53
CA LEU K 152 -63.38 -43.00 -22.16
C LEU K 152 -62.84 -42.35 -23.42
N VAL K 153 -61.52 -42.15 -23.46
CA VAL K 153 -60.83 -41.61 -24.63
C VAL K 153 -60.09 -42.77 -25.30
N LYS K 154 -60.63 -43.24 -26.42
CA LYS K 154 -60.17 -44.47 -27.05
C LYS K 154 -59.80 -44.22 -28.49
N ASP K 155 -58.75 -44.93 -28.95
CA ASP K 155 -58.37 -44.99 -30.36
C ASP K 155 -58.04 -43.59 -30.91
N TYR K 156 -56.96 -43.03 -30.35
CA TYR K 156 -56.43 -41.76 -30.83
C TYR K 156 -54.93 -41.88 -31.03
N PHE K 157 -54.41 -41.02 -31.91
CA PHE K 157 -52.99 -40.97 -32.21
C PHE K 157 -52.64 -39.62 -32.82
N PRO K 158 -51.58 -38.95 -32.35
CA PRO K 158 -50.67 -39.35 -31.28
C PRO K 158 -50.99 -38.73 -29.93
N GLU K 159 -50.09 -38.90 -28.97
CA GLU K 159 -50.21 -38.24 -27.69
C GLU K 159 -49.99 -36.74 -27.85
N PRO K 160 -50.51 -35.91 -26.91
CA PRO K 160 -51.35 -36.27 -25.78
C PRO K 160 -52.81 -35.84 -25.95
N VAL K 161 -53.66 -36.15 -24.99
CA VAL K 161 -55.03 -35.65 -24.95
C VAL K 161 -55.21 -34.88 -23.66
N THR K 162 -55.63 -33.62 -23.76
CA THR K 162 -55.88 -32.78 -22.60
C THR K 162 -57.33 -32.95 -22.16
N VAL K 163 -57.53 -33.35 -20.91
CA VAL K 163 -58.85 -33.65 -20.38
C VAL K 163 -59.13 -32.69 -19.22
N SER K 164 -60.25 -31.97 -19.31
CA SER K 164 -60.73 -31.14 -18.22
C SER K 164 -62.23 -31.37 -18.07
N TRP K 165 -62.71 -31.23 -16.85
CA TRP K 165 -64.12 -31.47 -16.53
C TRP K 165 -64.81 -30.14 -16.27
N ASN K 166 -65.88 -29.88 -17.02
CA ASN K 166 -66.67 -28.65 -16.88
C ASN K 166 -65.80 -27.41 -17.00
N SER K 167 -64.93 -27.40 -18.01
CA SER K 167 -64.04 -26.27 -18.30
C SER K 167 -63.17 -25.91 -17.10
N GLY K 168 -62.69 -26.94 -16.39
CA GLY K 168 -61.81 -26.75 -15.27
C GLY K 168 -62.49 -26.42 -13.95
N ALA K 169 -63.82 -26.36 -13.92
CA ALA K 169 -64.52 -26.09 -12.67
C ALA K 169 -64.32 -27.22 -11.67
N LEU K 170 -64.34 -28.47 -12.14
CA LEU K 170 -64.18 -29.64 -11.28
C LEU K 170 -62.77 -30.18 -11.43
N THR K 171 -61.94 -29.98 -10.41
CA THR K 171 -60.57 -30.48 -10.40
C THR K 171 -60.30 -31.53 -9.33
N SER K 172 -61.02 -31.49 -8.22
CA SER K 172 -60.79 -32.44 -7.14
C SER K 172 -61.38 -33.80 -7.49
N GLY K 173 -60.64 -34.85 -7.17
CA GLY K 173 -61.07 -36.21 -7.44
C GLY K 173 -60.90 -36.67 -8.87
N VAL K 174 -60.33 -35.84 -9.74
CA VAL K 174 -60.14 -36.19 -11.14
C VAL K 174 -58.88 -37.02 -11.26
N HIS K 175 -59.03 -38.29 -11.65
CA HIS K 175 -57.91 -39.20 -11.88
C HIS K 175 -57.90 -39.55 -13.37
N THR K 176 -57.23 -38.72 -14.17
CA THR K 176 -57.09 -38.96 -15.60
C THR K 176 -55.92 -39.94 -15.81
N PHE K 177 -56.25 -41.18 -16.16
CA PHE K 177 -55.24 -42.20 -16.27
C PHE K 177 -54.31 -41.93 -17.45
N PRO K 178 -53.07 -42.41 -17.39
CA PRO K 178 -52.17 -42.27 -18.54
C PRO K 178 -52.64 -43.10 -19.72
N ALA K 179 -52.16 -42.73 -20.90
CA ALA K 179 -52.52 -43.43 -22.13
C ALA K 179 -51.99 -44.85 -22.12
N VAL K 180 -52.70 -45.74 -22.81
CA VAL K 180 -52.33 -47.15 -22.94
C VAL K 180 -52.21 -47.48 -24.41
N LEU K 181 -51.05 -48.04 -24.80
CA LEU K 181 -50.79 -48.41 -26.19
C LEU K 181 -51.43 -49.77 -26.47
N GLN K 182 -52.54 -49.76 -27.20
CA GLN K 182 -53.24 -50.99 -27.52
C GLN K 182 -52.50 -51.76 -28.62
N SER K 183 -52.87 -53.04 -28.77
CA SER K 183 -52.29 -53.86 -29.83
C SER K 183 -52.68 -53.39 -31.21
N SER K 184 -53.73 -52.56 -31.32
CA SER K 184 -54.15 -52.01 -32.61
C SER K 184 -53.31 -50.81 -33.03
N GLY K 185 -52.32 -50.43 -32.23
CA GLY K 185 -51.45 -49.31 -32.55
C GLY K 185 -51.98 -47.95 -32.14
N LEU K 186 -53.10 -47.88 -31.45
CA LEU K 186 -53.70 -46.62 -31.04
C LEU K 186 -53.73 -46.53 -29.51
N TYR K 187 -53.62 -45.31 -29.01
CA TYR K 187 -53.64 -45.08 -27.57
C TYR K 187 -55.08 -45.03 -27.05
N SER K 188 -55.27 -45.52 -25.83
CA SER K 188 -56.55 -45.47 -25.15
C SER K 188 -56.36 -44.85 -23.78
N LEU K 189 -57.34 -44.08 -23.34
CA LEU K 189 -57.22 -43.32 -22.09
C LEU K 189 -58.59 -43.24 -21.42
N SER K 190 -58.57 -43.14 -20.09
CA SER K 190 -59.79 -43.01 -19.31
C SER K 190 -59.61 -41.90 -18.29
N SER K 191 -60.60 -41.02 -18.18
CA SER K 191 -60.62 -39.95 -17.21
C SER K 191 -61.88 -40.08 -16.37
N VAL K 192 -61.72 -40.15 -15.05
CA VAL K 192 -62.83 -40.38 -14.14
C VAL K 192 -62.77 -39.36 -13.00
N VAL K 193 -63.93 -39.13 -12.39
CA VAL K 193 -64.05 -38.24 -11.24
C VAL K 193 -65.25 -38.69 -10.43
N THR K 194 -65.14 -38.64 -9.10
CA THR K 194 -66.17 -39.11 -8.21
C THR K 194 -66.97 -37.94 -7.64
N VAL K 195 -68.26 -38.17 -7.45
CA VAL K 195 -69.19 -37.15 -6.94
C VAL K 195 -70.17 -37.82 -5.99
N PRO K 196 -70.76 -37.05 -5.07
CA PRO K 196 -71.72 -37.63 -4.13
C PRO K 196 -72.93 -38.21 -4.84
N SER K 197 -73.51 -39.25 -4.23
CA SER K 197 -74.65 -39.94 -4.82
C SER K 197 -75.84 -39.01 -5.00
N SER K 198 -75.97 -37.99 -4.14
CA SER K 198 -77.04 -37.02 -4.29
C SER K 198 -76.90 -36.19 -5.56
N SER K 199 -75.69 -36.11 -6.11
CA SER K 199 -75.44 -35.36 -7.35
C SER K 199 -75.69 -36.19 -8.60
N LEU K 200 -76.09 -37.46 -8.45
CA LEU K 200 -76.37 -38.29 -9.61
C LEU K 200 -77.56 -37.78 -10.41
N GLY K 201 -78.39 -36.92 -9.84
CA GLY K 201 -79.51 -36.33 -10.55
C GLY K 201 -79.62 -34.85 -10.29
N THR K 202 -78.70 -34.30 -9.49
CA THR K 202 -78.73 -32.89 -9.13
C THR K 202 -77.87 -32.03 -10.05
N GLN K 203 -76.59 -32.34 -10.15
CA GLN K 203 -75.65 -31.55 -10.92
C GLN K 203 -75.55 -32.07 -12.36
N THR K 204 -74.89 -31.27 -13.20
CA THR K 204 -74.63 -31.62 -14.59
C THR K 204 -73.13 -31.73 -14.81
N TYR K 205 -72.71 -32.78 -15.51
CA TYR K 205 -71.29 -33.07 -15.70
C TYR K 205 -70.99 -33.29 -17.17
N ILE K 206 -69.97 -32.60 -17.67
CA ILE K 206 -69.49 -32.74 -19.04
C ILE K 206 -67.98 -32.78 -19.02
N CYS K 207 -67.40 -33.78 -19.69
CA CYS K 207 -65.95 -33.92 -19.79
C CYS K 207 -65.48 -33.32 -21.11
N ASN K 208 -64.38 -32.57 -21.05
CA ASN K 208 -63.82 -31.88 -22.22
C ASN K 208 -62.52 -32.57 -22.62
N VAL K 209 -62.38 -32.84 -23.92
CA VAL K 209 -61.21 -33.49 -24.47
C VAL K 209 -60.56 -32.56 -25.48
N ASN K 210 -59.23 -32.46 -25.42
CA ASN K 210 -58.47 -31.63 -26.34
C ASN K 210 -57.34 -32.45 -26.96
N HIS K 211 -57.05 -32.16 -28.23
CA HIS K 211 -56.03 -32.90 -28.97
C HIS K 211 -55.39 -31.93 -29.97
N LYS K 212 -54.25 -31.36 -29.59
CA LYS K 212 -53.57 -30.40 -30.46
C LYS K 212 -53.16 -30.98 -31.81
N PRO K 213 -52.56 -32.17 -31.91
CA PRO K 213 -52.18 -32.68 -33.24
C PRO K 213 -53.35 -32.88 -34.19
N SER K 214 -54.59 -32.98 -33.69
CA SER K 214 -55.75 -33.17 -34.54
C SER K 214 -56.79 -32.06 -34.42
N ASN K 215 -56.64 -31.13 -33.48
CA ASN K 215 -57.62 -30.06 -33.25
C ASN K 215 -59.01 -30.60 -33.03
N THR K 216 -59.11 -31.71 -32.30
CA THR K 216 -60.38 -32.36 -32.01
C THR K 216 -60.78 -32.05 -30.57
N LYS K 217 -61.98 -31.50 -30.40
CA LYS K 217 -62.52 -31.20 -29.08
C LYS K 217 -63.97 -31.66 -29.04
N VAL K 218 -64.22 -32.77 -28.35
CA VAL K 218 -65.57 -33.32 -28.20
C VAL K 218 -65.95 -33.15 -26.73
N ASP K 219 -66.94 -32.30 -26.48
CA ASP K 219 -67.45 -32.08 -25.13
C ASP K 219 -68.62 -33.03 -24.91
N LYS K 220 -68.34 -34.16 -24.27
CA LYS K 220 -69.30 -35.25 -24.16
C LYS K 220 -70.02 -35.19 -22.81
N ARG K 221 -71.35 -35.34 -22.86
CA ARG K 221 -72.15 -35.38 -21.65
C ARG K 221 -72.21 -36.81 -21.11
N VAL K 222 -72.33 -36.92 -19.80
CA VAL K 222 -72.42 -38.22 -19.13
C VAL K 222 -73.74 -38.22 -18.35
N GLU K 223 -74.80 -38.70 -18.99
CA GLU K 223 -76.09 -38.80 -18.33
C GLU K 223 -76.10 -39.99 -17.37
N PRO K 224 -76.79 -39.85 -16.24
CA PRO K 224 -76.86 -40.98 -15.27
C PRO K 224 -77.67 -42.12 -15.86
N LYS K 225 -77.06 -43.30 -15.95
CA LYS K 225 -77.70 -44.47 -16.51
C LYS K 225 -78.70 -45.03 -15.50
N SER K 226 -79.86 -44.38 -15.42
CA SER K 226 -80.92 -44.77 -14.50
C SER K 226 -81.64 -45.98 -15.09
N CYS K 227 -81.06 -47.16 -14.87
CA CYS K 227 -81.63 -48.40 -15.36
C CYS K 227 -82.64 -48.97 -14.37
N GLU L 1 -15.90 -38.35 -19.71
CA GLU L 1 -17.30 -38.45 -19.36
C GLU L 1 -17.48 -38.93 -17.93
N ILE L 2 -17.98 -38.03 -17.07
CA ILE L 2 -18.20 -38.35 -15.66
C ILE L 2 -19.52 -39.10 -15.55
N VAL L 3 -19.47 -40.36 -15.13
CA VAL L 3 -20.68 -41.16 -14.94
C VAL L 3 -21.11 -41.02 -13.49
N LEU L 4 -22.35 -40.56 -13.29
CA LEU L 4 -22.91 -40.36 -11.96
C LEU L 4 -23.73 -41.59 -11.57
N THR L 5 -23.41 -42.15 -10.42
CA THR L 5 -24.07 -43.36 -9.92
C THR L 5 -24.92 -42.98 -8.71
N GLN L 6 -26.24 -43.09 -8.84
CA GLN L 6 -27.16 -42.80 -7.76
C GLN L 6 -27.53 -44.09 -7.03
N SER L 7 -27.80 -43.95 -5.73
CA SER L 7 -28.16 -45.10 -4.90
C SER L 7 -28.84 -44.58 -3.65
N PRO L 8 -29.84 -45.30 -3.12
CA PRO L 8 -30.44 -46.52 -3.67
C PRO L 8 -31.48 -46.19 -4.74
N PRO L 9 -31.86 -47.15 -5.59
CA PRO L 9 -32.80 -46.84 -6.67
C PRO L 9 -34.14 -46.29 -6.21
N THR L 10 -34.67 -46.79 -5.10
CA THR L 10 -36.01 -46.41 -4.67
C THR L 10 -36.01 -46.12 -3.17
N LEU L 11 -36.87 -45.18 -2.79
CA LEU L 11 -37.09 -44.83 -1.39
C LEU L 11 -38.58 -44.91 -1.08
N SER L 12 -38.92 -45.55 0.03
CA SER L 12 -40.30 -45.65 0.51
C SER L 12 -40.29 -45.30 2.00
N LEU L 13 -40.56 -44.03 2.30
CA LEU L 13 -40.49 -43.53 3.66
C LEU L 13 -41.77 -42.77 4.02
N SER L 14 -42.13 -42.85 5.30
CA SER L 14 -43.30 -42.15 5.80
C SER L 14 -43.02 -40.65 5.89
N PRO L 15 -44.06 -39.84 5.87
CA PRO L 15 -43.86 -38.38 6.01
C PRO L 15 -43.17 -38.04 7.33
N GLY L 16 -42.24 -37.09 7.26
CA GLY L 16 -41.49 -36.65 8.42
C GLY L 16 -40.16 -37.36 8.62
N GLU L 17 -39.96 -38.52 8.00
CA GLU L 17 -38.69 -39.22 8.14
C GLU L 17 -37.62 -38.54 7.30
N ARG L 18 -36.36 -38.72 7.72
CA ARG L 18 -35.23 -38.21 6.96
C ARG L 18 -34.95 -39.11 5.78
N ALA L 19 -34.91 -38.53 4.59
CA ALA L 19 -34.60 -39.25 3.35
C ALA L 19 -33.24 -38.78 2.85
N THR L 20 -32.32 -39.72 2.68
CA THR L 20 -30.97 -39.42 2.21
C THR L 20 -30.74 -40.09 0.87
N LEU L 21 -30.30 -39.30 -0.11
CA LEU L 21 -30.04 -39.76 -1.46
C LEU L 21 -28.58 -39.57 -1.81
N SER L 22 -27.97 -40.58 -2.43
CA SER L 22 -26.55 -40.57 -2.74
C SER L 22 -26.33 -40.42 -4.24
N CYS L 23 -25.24 -39.74 -4.58
CA CYS L 23 -24.83 -39.52 -5.98
C CYS L 23 -23.31 -39.57 -6.01
N ARG L 24 -22.75 -40.70 -6.46
CA ARG L 24 -21.32 -40.92 -6.49
C ARG L 24 -20.81 -40.80 -7.91
N ALA L 25 -19.79 -39.99 -8.11
CA ALA L 25 -19.22 -39.72 -9.42
C ALA L 25 -18.02 -40.62 -9.69
N SER L 26 -17.77 -40.88 -10.97
CA SER L 26 -16.63 -41.71 -11.35
C SER L 26 -15.31 -41.00 -11.04
N GLN L 27 -15.27 -39.69 -11.21
CA GLN L 27 -14.07 -38.90 -10.98
C GLN L 27 -14.42 -37.71 -10.09
N SER L 28 -13.39 -36.94 -9.73
CA SER L 28 -13.59 -35.75 -8.91
C SER L 28 -14.24 -34.65 -9.73
N ILE L 29 -15.37 -34.14 -9.25
CA ILE L 29 -16.08 -33.06 -9.91
C ILE L 29 -16.13 -31.80 -9.05
N SER L 30 -15.27 -31.73 -8.02
CA SER L 30 -15.21 -30.62 -7.08
C SER L 30 -16.60 -30.51 -6.43
N ASN L 31 -17.22 -29.32 -6.39
CA ASN L 31 -18.58 -29.17 -5.90
C ASN L 31 -19.58 -28.94 -7.03
N SER L 32 -19.15 -29.10 -8.29
CA SER L 32 -19.99 -28.80 -9.45
C SER L 32 -21.00 -29.93 -9.64
N LEU L 33 -22.08 -29.86 -8.86
CA LEU L 33 -23.15 -30.85 -8.95
C LEU L 33 -24.47 -30.17 -8.66
N ALA L 34 -25.51 -30.55 -9.41
CA ALA L 34 -26.85 -30.02 -9.25
C ALA L 34 -27.80 -31.14 -8.85
N TRP L 35 -28.89 -30.74 -8.20
CA TRP L 35 -29.97 -31.66 -7.83
C TRP L 35 -31.26 -31.17 -8.45
N TYR L 36 -32.01 -32.07 -9.07
CA TYR L 36 -33.25 -31.75 -9.75
C TYR L 36 -34.38 -32.63 -9.25
N GLN L 37 -35.54 -32.03 -9.06
CA GLN L 37 -36.76 -32.76 -8.71
C GLN L 37 -37.70 -32.76 -9.91
N GLN L 38 -38.23 -33.93 -10.24
CA GLN L 38 -39.16 -34.08 -11.36
C GLN L 38 -40.41 -34.81 -10.85
N LYS L 39 -41.47 -34.06 -10.59
CA LYS L 39 -42.75 -34.67 -10.30
C LYS L 39 -43.33 -35.30 -11.57
N PRO L 40 -44.16 -36.33 -11.44
CA PRO L 40 -44.71 -36.98 -12.63
C PRO L 40 -45.54 -36.00 -13.46
N GLY L 41 -45.37 -36.09 -14.78
CA GLY L 41 -46.06 -35.20 -15.69
C GLY L 41 -45.57 -33.78 -15.69
N GLN L 42 -44.44 -33.50 -15.03
CA GLN L 42 -43.92 -32.15 -14.92
C GLN L 42 -42.46 -32.12 -15.35
N ALA L 43 -42.01 -30.93 -15.75
CA ALA L 43 -40.62 -30.73 -16.10
C ALA L 43 -39.76 -30.74 -14.85
N PRO L 44 -38.47 -31.09 -14.96
CA PRO L 44 -37.58 -31.01 -13.81
C PRO L 44 -37.44 -29.60 -13.29
N ARG L 45 -37.27 -29.50 -11.97
CA ARG L 45 -37.10 -28.23 -11.28
C ARG L 45 -35.74 -28.21 -10.59
N LEU L 46 -35.02 -27.10 -10.74
CA LEU L 46 -33.72 -26.96 -10.09
C LEU L 46 -33.91 -26.89 -8.58
N LEU L 47 -33.37 -27.89 -7.87
CA LEU L 47 -33.51 -27.98 -6.42
C LEU L 47 -32.27 -27.47 -5.69
N ILE L 48 -31.12 -28.05 -5.97
CA ILE L 48 -29.85 -27.66 -5.37
C ILE L 48 -28.82 -27.48 -6.47
N TYR L 49 -28.02 -26.43 -6.37
CA TYR L 49 -26.93 -26.18 -7.31
C TYR L 49 -25.63 -26.04 -6.53
N ASP L 50 -24.54 -26.50 -7.16
CA ASP L 50 -23.22 -26.59 -6.55
C ASP L 50 -23.21 -27.48 -5.30
N ALA L 51 -24.18 -28.39 -5.22
CA ALA L 51 -24.21 -29.50 -4.26
C ALA L 51 -24.49 -29.03 -2.83
N SER L 52 -24.51 -27.72 -2.59
CA SER L 52 -24.79 -27.20 -1.26
C SER L 52 -25.70 -25.99 -1.24
N ASN L 53 -25.92 -25.31 -2.36
CA ASN L 53 -26.68 -24.07 -2.38
C ASN L 53 -28.12 -24.34 -2.80
N ARG L 54 -29.06 -23.84 -2.01
CA ARG L 54 -30.48 -24.06 -2.26
C ARG L 54 -31.03 -22.99 -3.19
N ALA L 55 -31.72 -23.42 -4.23
CA ALA L 55 -32.31 -22.48 -5.17
C ALA L 55 -33.46 -21.71 -4.51
N THR L 56 -33.63 -20.46 -4.93
CA THR L 56 -34.66 -19.62 -4.34
C THR L 56 -36.05 -20.20 -4.61
N GLY L 57 -36.90 -20.17 -3.59
CA GLY L 57 -38.23 -20.74 -3.67
C GLY L 57 -38.31 -22.21 -3.33
N ILE L 58 -37.20 -22.86 -3.04
CA ILE L 58 -37.19 -24.29 -2.70
C ILE L 58 -37.30 -24.41 -1.18
N PRO L 59 -38.13 -25.32 -0.67
CA PRO L 59 -38.32 -25.43 0.78
C PRO L 59 -37.01 -25.76 1.50
N ALA L 60 -36.90 -25.24 2.72
CA ALA L 60 -35.67 -25.39 3.50
C ALA L 60 -35.35 -26.83 3.85
N ARG L 61 -36.35 -27.72 3.81
CA ARG L 61 -36.11 -29.11 4.19
C ARG L 61 -35.20 -29.84 3.20
N PHE L 62 -35.01 -29.30 2.00
CA PHE L 62 -34.10 -29.87 1.02
C PHE L 62 -32.69 -29.36 1.29
N SER L 63 -31.76 -30.27 1.50
CA SER L 63 -30.38 -29.92 1.81
C SER L 63 -29.44 -30.83 1.03
N GLY L 64 -28.24 -30.33 0.77
CA GLY L 64 -27.24 -31.11 0.07
C GLY L 64 -25.85 -30.83 0.63
N SER L 65 -25.00 -31.85 0.57
CA SER L 65 -23.63 -31.75 1.02
C SER L 65 -22.78 -32.77 0.30
N GLY L 66 -21.47 -32.60 0.39
CA GLY L 66 -20.52 -33.48 -0.26
C GLY L 66 -19.53 -32.70 -1.11
N PHE L 67 -18.47 -33.41 -1.50
CA PHE L 67 -17.44 -32.81 -2.33
C PHE L 67 -16.63 -33.90 -3.02
N GLY L 68 -16.21 -33.62 -4.25
CA GLY L 68 -15.30 -34.48 -4.96
C GLY L 68 -15.93 -35.67 -5.66
N THR L 69 -16.27 -36.72 -4.90
CA THR L 69 -16.72 -37.96 -5.51
C THR L 69 -18.04 -38.45 -4.93
N ASP L 70 -18.34 -38.06 -3.69
CA ASP L 70 -19.55 -38.51 -3.00
C ASP L 70 -20.36 -37.30 -2.58
N PHE L 71 -21.66 -37.35 -2.86
CA PHE L 71 -22.58 -36.27 -2.53
C PHE L 71 -23.86 -36.86 -1.96
N THR L 72 -24.57 -36.05 -1.17
CA THR L 72 -25.78 -36.51 -0.52
C THR L 72 -26.85 -35.43 -0.57
N LEU L 73 -28.05 -35.83 -0.98
CA LEU L 73 -29.24 -34.97 -0.90
C LEU L 73 -30.11 -35.49 0.24
N THR L 74 -30.35 -34.65 1.23
CA THR L 74 -31.07 -35.03 2.43
C THR L 74 -32.32 -34.17 2.59
N ILE L 75 -33.46 -34.83 2.75
CA ILE L 75 -34.72 -34.15 3.05
C ILE L 75 -34.97 -34.29 4.54
N SER L 76 -35.03 -33.16 5.24
CA SER L 76 -35.16 -33.18 6.70
C SER L 76 -36.45 -33.85 7.13
N SER L 77 -37.59 -33.26 6.78
CA SER L 77 -38.91 -33.79 7.10
C SER L 77 -39.65 -34.03 5.79
N LEU L 78 -39.82 -35.29 5.43
CA LEU L 78 -40.48 -35.63 4.17
C LEU L 78 -41.95 -35.22 4.22
N GLU L 79 -42.41 -34.58 3.15
CA GLU L 79 -43.80 -34.17 3.02
C GLU L 79 -44.48 -34.98 1.92
N PRO L 80 -45.80 -35.15 1.99
CA PRO L 80 -46.49 -35.97 0.97
C PRO L 80 -46.30 -35.47 -0.45
N GLU L 81 -46.14 -34.16 -0.65
CA GLU L 81 -45.97 -33.62 -2.00
C GLU L 81 -44.53 -33.73 -2.49
N ASP L 82 -43.62 -34.28 -1.70
CA ASP L 82 -42.26 -34.54 -2.15
C ASP L 82 -42.15 -35.78 -3.01
N CYS L 83 -43.26 -36.46 -3.30
CA CYS L 83 -43.24 -37.66 -4.12
C CYS L 83 -42.85 -37.31 -5.55
N ALA L 84 -41.63 -37.67 -5.93
CA ALA L 84 -41.10 -37.38 -7.26
C ALA L 84 -39.85 -38.24 -7.44
N VAL L 85 -39.15 -38.02 -8.56
CA VAL L 85 -37.90 -38.69 -8.86
C VAL L 85 -36.80 -37.63 -8.92
N TYR L 86 -35.70 -37.87 -8.22
CA TYR L 86 -34.65 -36.88 -8.04
C TYR L 86 -33.40 -37.30 -8.79
N TYR L 87 -32.82 -36.38 -9.54
CA TYR L 87 -31.65 -36.63 -10.36
C TYR L 87 -30.52 -35.68 -9.97
N CYS L 88 -29.29 -36.18 -10.06
CA CYS L 88 -28.11 -35.37 -9.85
C CYS L 88 -27.39 -35.16 -11.18
N GLN L 89 -26.84 -33.96 -11.37
CA GLN L 89 -26.21 -33.60 -12.63
C GLN L 89 -24.88 -32.90 -12.35
N GLN L 90 -23.84 -33.33 -13.05
CA GLN L 90 -22.53 -32.72 -12.92
C GLN L 90 -22.33 -31.64 -13.98
N ARG L 91 -21.50 -30.65 -13.64
CA ARG L 91 -21.16 -29.60 -14.58
C ARG L 91 -19.69 -29.22 -14.53
N ASN L 92 -18.84 -30.05 -13.90
CA ASN L 92 -17.43 -29.70 -13.77
C ASN L 92 -16.71 -29.84 -15.11
N ASN L 93 -16.77 -31.02 -15.71
CA ASN L 93 -16.12 -31.32 -16.98
C ASN L 93 -17.19 -31.62 -18.03
N TRP L 94 -17.54 -30.62 -18.83
CA TRP L 94 -18.53 -30.76 -19.88
C TRP L 94 -18.12 -29.90 -21.06
N PRO L 95 -18.54 -30.25 -22.28
CA PRO L 95 -19.42 -31.38 -22.68
C PRO L 95 -18.72 -32.73 -22.61
N PRO L 96 -19.48 -33.82 -22.45
CA PRO L 96 -20.94 -33.88 -22.30
C PRO L 96 -21.41 -33.64 -20.87
N LEU L 97 -22.60 -33.07 -20.71
CA LEU L 97 -23.23 -32.98 -19.40
C LEU L 97 -23.97 -34.28 -19.10
N THR L 98 -23.71 -34.86 -17.93
CA THR L 98 -24.25 -36.17 -17.58
C THR L 98 -25.13 -36.05 -16.34
N PHE L 99 -26.18 -36.85 -16.31
CA PHE L 99 -27.08 -36.95 -15.17
C PHE L 99 -26.79 -38.22 -14.38
N GLY L 100 -27.55 -38.41 -13.30
CA GLY L 100 -27.46 -39.62 -12.51
C GLY L 100 -28.53 -40.63 -12.90
N GLY L 101 -28.52 -41.75 -12.17
CA GLY L 101 -29.51 -42.78 -12.42
C GLY L 101 -30.92 -42.34 -12.09
N GLY L 102 -31.08 -41.56 -11.04
CA GLY L 102 -32.38 -41.08 -10.63
C GLY L 102 -33.02 -41.95 -9.56
N THR L 103 -33.32 -41.35 -8.41
CA THR L 103 -33.92 -42.05 -7.28
C THR L 103 -35.38 -41.65 -7.16
N LYS L 104 -36.27 -42.64 -7.08
CA LYS L 104 -37.68 -42.40 -6.91
C LYS L 104 -38.04 -42.46 -5.43
N VAL L 105 -38.76 -41.46 -4.95
CA VAL L 105 -39.15 -41.36 -3.54
C VAL L 105 -40.66 -41.58 -3.46
N GLU L 106 -41.07 -42.58 -2.69
CA GLU L 106 -42.47 -42.89 -2.47
C GLU L 106 -42.82 -42.57 -1.03
N ILE L 107 -43.93 -41.85 -0.83
CA ILE L 107 -44.38 -41.46 0.50
C ILE L 107 -45.18 -42.62 1.07
N LYS L 108 -44.67 -43.23 2.14
CA LYS L 108 -45.38 -44.33 2.78
C LYS L 108 -46.65 -43.82 3.46
N ARG L 109 -47.76 -44.51 3.25
CA ARG L 109 -49.05 -44.13 3.80
C ARG L 109 -49.75 -45.38 4.30
N THR L 110 -50.70 -45.18 5.21
CA THR L 110 -51.46 -46.30 5.76
C THR L 110 -52.15 -47.07 4.64
N VAL L 111 -52.15 -48.40 4.77
CA VAL L 111 -52.68 -49.27 3.72
C VAL L 111 -54.14 -48.94 3.49
N ALA L 112 -54.49 -48.64 2.24
CA ALA L 112 -55.85 -48.25 1.86
C ALA L 112 -56.39 -49.25 0.84
N ALA L 113 -57.57 -49.79 1.11
CA ALA L 113 -58.23 -50.67 0.16
C ALA L 113 -58.85 -49.85 -0.97
N PRO L 114 -58.90 -50.41 -2.18
CA PRO L 114 -59.47 -49.66 -3.31
C PRO L 114 -60.98 -49.76 -3.40
N SER L 115 -61.65 -48.63 -3.63
CA SER L 115 -63.08 -48.62 -3.91
C SER L 115 -63.27 -49.14 -5.34
N VAL L 116 -63.72 -50.38 -5.46
CA VAL L 116 -63.78 -51.05 -6.76
C VAL L 116 -65.06 -50.64 -7.49
N PHE L 117 -64.90 -50.16 -8.72
CA PHE L 117 -66.01 -49.81 -9.59
C PHE L 117 -65.86 -50.56 -10.91
N ILE L 118 -66.97 -50.67 -11.64
CA ILE L 118 -66.96 -51.29 -12.96
C ILE L 118 -68.01 -50.60 -13.82
N PHE L 119 -67.67 -50.34 -15.08
CA PHE L 119 -68.53 -49.61 -15.99
C PHE L 119 -68.65 -50.35 -17.30
N PRO L 120 -69.86 -50.70 -17.74
CA PRO L 120 -70.03 -51.37 -19.03
C PRO L 120 -70.06 -50.37 -20.16
N PRO L 121 -69.83 -50.81 -21.40
CA PRO L 121 -69.93 -49.89 -22.53
C PRO L 121 -71.35 -49.39 -22.71
N SER L 122 -71.46 -48.13 -23.14
CA SER L 122 -72.76 -47.49 -23.31
C SER L 122 -73.28 -47.75 -24.72
N ASP L 123 -74.37 -47.06 -25.08
CA ASP L 123 -74.97 -47.26 -26.40
C ASP L 123 -74.08 -46.72 -27.50
N GLU L 124 -73.40 -45.60 -27.24
CA GLU L 124 -72.59 -44.96 -28.28
C GLU L 124 -71.36 -45.77 -28.65
N GLN L 125 -70.85 -46.61 -27.74
CA GLN L 125 -69.70 -47.44 -28.07
C GLN L 125 -70.11 -48.70 -28.82
N LEU L 126 -71.28 -49.26 -28.50
CA LEU L 126 -71.83 -50.35 -29.30
C LEU L 126 -72.24 -49.90 -30.69
N LYS L 127 -72.34 -48.59 -30.92
CA LYS L 127 -72.69 -48.08 -32.24
C LYS L 127 -71.62 -48.42 -33.27
N SER L 128 -70.36 -48.60 -32.84
CA SER L 128 -69.28 -48.90 -33.76
C SER L 128 -69.05 -50.40 -33.93
N GLY L 129 -69.28 -51.19 -32.89
CA GLY L 129 -69.09 -52.62 -32.98
C GLY L 129 -68.02 -53.18 -32.06
N THR L 130 -67.64 -52.41 -31.04
CA THR L 130 -66.67 -52.85 -30.04
C THR L 130 -67.21 -52.56 -28.65
N ALA L 131 -66.83 -53.40 -27.70
CA ALA L 131 -67.28 -53.28 -26.32
C ALA L 131 -66.07 -53.27 -25.40
N SER L 132 -65.96 -52.25 -24.55
CA SER L 132 -64.90 -52.14 -23.56
C SER L 132 -65.53 -51.98 -22.19
N VAL L 133 -65.10 -52.80 -21.24
CA VAL L 133 -65.58 -52.73 -19.86
C VAL L 133 -64.43 -52.24 -19.00
N VAL L 134 -64.66 -51.17 -18.25
CA VAL L 134 -63.63 -50.49 -17.48
C VAL L 134 -63.82 -50.83 -16.01
N CYS L 135 -62.73 -51.27 -15.36
CA CYS L 135 -62.72 -51.56 -13.93
C CYS L 135 -61.83 -50.54 -13.25
N LEU L 136 -62.33 -49.93 -12.19
CA LEU L 136 -61.68 -48.80 -11.52
C LEU L 136 -61.19 -49.21 -10.15
N LEU L 137 -59.91 -48.95 -9.87
CA LEU L 137 -59.30 -49.15 -8.56
C LEU L 137 -58.83 -47.78 -8.09
N ASN L 138 -59.62 -47.12 -7.25
CA ASN L 138 -59.42 -45.72 -6.91
C ASN L 138 -58.88 -45.57 -5.49
N ASN L 139 -57.80 -44.81 -5.34
CA ASN L 139 -57.30 -44.34 -4.05
C ASN L 139 -56.97 -45.51 -3.11
N PHE L 140 -55.96 -46.27 -3.52
CA PHE L 140 -55.49 -47.42 -2.75
C PHE L 140 -54.00 -47.30 -2.48
N TYR L 141 -53.49 -48.22 -1.65
CA TYR L 141 -52.09 -48.29 -1.27
C TYR L 141 -51.84 -49.66 -0.70
N PRO L 142 -50.72 -50.33 -1.03
CA PRO L 142 -49.62 -49.88 -1.89
C PRO L 142 -49.91 -49.99 -3.37
N ARG L 143 -48.87 -49.85 -4.20
CA ARG L 143 -49.05 -49.81 -5.64
C ARG L 143 -49.49 -51.16 -6.20
N GLU L 144 -48.95 -52.25 -5.65
CA GLU L 144 -49.25 -53.57 -6.18
C GLU L 144 -50.72 -53.93 -5.95
N ALA L 145 -51.38 -54.37 -7.02
CA ALA L 145 -52.79 -54.77 -6.94
C ALA L 145 -53.10 -55.64 -8.14
N LYS L 146 -53.45 -56.90 -7.90
CA LYS L 146 -53.74 -57.83 -8.98
C LYS L 146 -55.21 -57.72 -9.40
N VAL L 147 -55.43 -57.69 -10.71
CA VAL L 147 -56.77 -57.59 -11.29
C VAL L 147 -56.97 -58.79 -12.21
N GLN L 148 -58.12 -59.46 -12.06
CA GLN L 148 -58.47 -60.61 -12.87
C GLN L 148 -59.82 -60.39 -13.52
N TRP L 149 -59.92 -60.74 -14.80
CA TRP L 149 -61.17 -60.66 -15.55
C TRP L 149 -61.71 -62.07 -15.75
N LYS L 150 -62.97 -62.28 -15.36
CA LYS L 150 -63.61 -63.59 -15.47
C LYS L 150 -64.90 -63.43 -16.28
N VAL L 151 -64.82 -63.76 -17.56
CA VAL L 151 -65.98 -63.74 -18.46
C VAL L 151 -66.74 -65.04 -18.31
N ASP L 152 -67.99 -64.97 -17.85
CA ASP L 152 -68.80 -66.15 -17.54
C ASP L 152 -68.06 -67.08 -16.59
N ASN L 153 -67.41 -66.50 -15.59
CA ASN L 153 -66.64 -67.23 -14.58
C ASN L 153 -65.49 -68.03 -15.21
N ALA L 154 -65.00 -67.57 -16.36
CA ALA L 154 -63.84 -68.17 -17.02
C ALA L 154 -62.71 -67.15 -17.04
N LEU L 155 -61.53 -67.56 -16.55
CA LEU L 155 -60.41 -66.64 -16.42
C LEU L 155 -59.95 -66.15 -17.79
N GLN L 156 -59.74 -64.85 -17.90
CA GLN L 156 -59.32 -64.22 -19.14
C GLN L 156 -57.78 -64.18 -19.22
N SER L 157 -57.28 -63.98 -20.43
CA SER L 157 -55.83 -63.92 -20.66
C SER L 157 -55.58 -63.12 -21.93
N GLY L 158 -54.75 -62.09 -21.83
CA GLY L 158 -54.40 -61.29 -22.99
C GLY L 158 -55.56 -60.55 -23.61
N ASN L 159 -56.43 -59.95 -22.79
CA ASN L 159 -57.57 -59.20 -23.29
C ASN L 159 -57.79 -57.86 -22.61
N SER L 160 -57.06 -57.55 -21.53
CA SER L 160 -57.22 -56.29 -20.82
C SER L 160 -55.86 -55.64 -20.63
N GLN L 161 -55.88 -54.33 -20.45
CA GLN L 161 -54.68 -53.53 -20.22
C GLN L 161 -54.89 -52.64 -19.01
N GLU L 162 -53.85 -52.48 -18.21
CA GLU L 162 -53.92 -51.72 -16.96
C GLU L 162 -53.29 -50.35 -17.13
N SER L 163 -53.91 -49.35 -16.51
CA SER L 163 -53.38 -47.99 -16.46
C SER L 163 -53.34 -47.55 -15.00
N VAL L 164 -52.16 -47.13 -14.54
CA VAL L 164 -51.93 -46.78 -13.14
C VAL L 164 -51.46 -45.34 -13.07
N THR L 165 -52.14 -44.53 -12.25
CA THR L 165 -51.70 -43.17 -11.99
C THR L 165 -50.55 -43.16 -10.98
N GLU L 166 -49.84 -42.04 -10.94
CA GLU L 166 -48.76 -41.89 -9.98
C GLU L 166 -49.31 -41.52 -8.61
N GLN L 167 -48.45 -41.60 -7.60
CA GLN L 167 -48.87 -41.32 -6.24
C GLN L 167 -49.29 -39.86 -6.09
N ASP L 168 -50.45 -39.65 -5.47
CA ASP L 168 -50.96 -38.30 -5.27
C ASP L 168 -50.11 -37.55 -4.27
N SER L 169 -50.03 -36.24 -4.44
CA SER L 169 -49.21 -35.40 -3.58
C SER L 169 -49.92 -34.99 -2.29
N LYS L 170 -51.21 -35.28 -2.15
CA LYS L 170 -51.97 -34.91 -0.97
C LYS L 170 -52.27 -36.09 -0.06
N ASP L 171 -52.90 -37.15 -0.57
CA ASP L 171 -53.24 -38.31 0.23
C ASP L 171 -52.37 -39.53 -0.06
N SER L 172 -51.45 -39.43 -1.03
CA SER L 172 -50.51 -40.49 -1.34
C SER L 172 -51.21 -41.81 -1.65
N THR L 173 -52.17 -41.75 -2.58
CA THR L 173 -52.92 -42.91 -3.02
C THR L 173 -52.85 -43.03 -4.53
N TYR L 174 -52.80 -44.27 -5.02
CA TYR L 174 -52.68 -44.54 -6.45
C TYR L 174 -54.08 -44.66 -7.07
N SER L 175 -54.13 -45.03 -8.34
CA SER L 175 -55.39 -45.29 -9.03
C SER L 175 -55.09 -46.16 -10.24
N LEU L 176 -55.75 -47.31 -10.32
CA LEU L 176 -55.54 -48.29 -11.38
C LEU L 176 -56.76 -48.40 -12.26
N SER L 177 -56.54 -48.60 -13.55
CA SER L 177 -57.62 -48.75 -14.53
C SER L 177 -57.30 -49.94 -15.45
N SER L 178 -57.99 -51.06 -15.23
CA SER L 178 -57.89 -52.22 -16.10
C SER L 178 -59.13 -52.27 -16.98
N THR L 179 -58.93 -52.29 -18.29
CA THR L 179 -60.02 -52.19 -19.26
C THR L 179 -60.01 -53.43 -20.13
N LEU L 180 -61.01 -54.29 -19.95
CA LEU L 180 -61.20 -55.45 -20.83
C LEU L 180 -61.73 -54.99 -22.18
N THR L 181 -61.18 -55.55 -23.25
CA THR L 181 -61.57 -55.19 -24.60
C THR L 181 -61.95 -56.43 -25.40
N LEU L 182 -63.12 -56.38 -26.02
CA LEU L 182 -63.58 -57.45 -26.90
C LEU L 182 -64.49 -56.85 -27.96
N SER L 183 -64.65 -57.57 -29.07
CA SER L 183 -65.55 -57.12 -30.11
C SER L 183 -67.00 -57.30 -29.67
N LYS L 184 -67.91 -56.63 -30.39
CA LYS L 184 -69.32 -56.73 -30.07
C LYS L 184 -69.84 -58.16 -30.24
N ALA L 185 -69.22 -58.93 -31.13
CA ALA L 185 -69.63 -60.32 -31.31
C ALA L 185 -69.41 -61.13 -30.05
N ASP L 186 -68.24 -60.97 -29.41
CA ASP L 186 -67.96 -61.69 -28.18
C ASP L 186 -68.66 -61.08 -26.96
N TYR L 187 -69.11 -59.83 -27.05
CA TYR L 187 -69.73 -59.19 -25.90
C TYR L 187 -71.05 -59.85 -25.53
N GLU L 188 -71.88 -60.15 -26.53
CA GLU L 188 -73.17 -60.78 -26.30
C GLU L 188 -73.10 -62.30 -26.26
N LYS L 189 -71.90 -62.87 -26.43
CA LYS L 189 -71.74 -64.30 -26.29
C LYS L 189 -71.93 -64.74 -24.83
N HIS L 190 -71.69 -63.84 -23.88
CA HIS L 190 -71.68 -64.19 -22.47
C HIS L 190 -72.45 -63.13 -21.69
N LYS L 191 -72.89 -63.51 -20.49
CA LYS L 191 -73.72 -62.66 -19.64
C LYS L 191 -73.05 -62.23 -18.35
N VAL L 192 -72.18 -63.07 -17.78
CA VAL L 192 -71.48 -62.75 -16.55
C VAL L 192 -70.12 -62.14 -16.91
N TYR L 193 -69.94 -60.87 -16.56
CA TYR L 193 -68.69 -60.14 -16.81
C TYR L 193 -68.19 -59.61 -15.48
N ALA L 194 -67.19 -60.27 -14.91
CA ALA L 194 -66.73 -60.00 -13.56
C ALA L 194 -65.33 -59.42 -13.56
N CYS L 195 -65.07 -58.49 -12.64
CA CYS L 195 -63.75 -57.92 -12.39
C CYS L 195 -63.35 -58.26 -10.96
N GLU L 196 -62.31 -59.08 -10.81
CA GLU L 196 -61.85 -59.56 -9.51
C GLU L 196 -60.54 -58.88 -9.15
N VAL L 197 -60.47 -58.31 -7.95
CA VAL L 197 -59.31 -57.59 -7.47
C VAL L 197 -58.83 -58.23 -6.17
N THR L 198 -57.54 -58.54 -6.09
CA THR L 198 -56.92 -59.09 -4.89
C THR L 198 -55.88 -58.08 -4.41
N HIS L 199 -56.19 -57.41 -3.30
CA HIS L 199 -55.32 -56.38 -2.74
C HIS L 199 -54.95 -56.73 -1.31
N GLN L 200 -53.82 -56.19 -0.85
CA GLN L 200 -53.39 -56.44 0.52
C GLN L 200 -54.37 -55.82 1.52
N GLY L 201 -54.95 -54.67 1.18
CA GLY L 201 -55.89 -54.00 2.05
C GLY L 201 -57.27 -54.62 2.09
N LEU L 202 -57.49 -55.71 1.36
CA LEU L 202 -58.77 -56.41 1.35
C LEU L 202 -58.62 -57.76 2.04
N SER L 203 -59.60 -58.11 2.88
CA SER L 203 -59.55 -59.39 3.58
C SER L 203 -59.60 -60.55 2.61
N SER L 204 -60.46 -60.48 1.61
CA SER L 204 -60.60 -61.48 0.58
C SER L 204 -60.74 -60.77 -0.76
N PRO L 205 -60.47 -61.46 -1.87
CA PRO L 205 -60.68 -60.83 -3.18
C PRO L 205 -62.10 -60.34 -3.34
N VAL L 206 -62.23 -59.15 -3.93
CA VAL L 206 -63.52 -58.48 -4.09
C VAL L 206 -63.83 -58.41 -5.58
N THR L 207 -65.03 -58.87 -5.94
CA THR L 207 -65.44 -58.96 -7.34
C THR L 207 -66.70 -58.11 -7.56
N LYS L 208 -66.68 -57.31 -8.61
CA LYS L 208 -67.84 -56.54 -9.05
C LYS L 208 -68.13 -56.91 -10.50
N SER L 209 -69.40 -57.15 -10.80
CA SER L 209 -69.78 -57.66 -12.11
C SER L 209 -71.12 -57.05 -12.52
N PHE L 210 -71.65 -57.54 -13.64
CA PHE L 210 -72.97 -57.15 -14.10
C PHE L 210 -73.52 -58.27 -14.98
N ASN L 211 -74.82 -58.21 -15.23
CA ASN L 211 -75.51 -59.13 -16.12
C ASN L 211 -75.90 -58.37 -17.38
N ARG L 212 -75.54 -58.93 -18.55
CA ARG L 212 -75.78 -58.24 -19.80
C ARG L 212 -77.27 -58.10 -20.06
N GLY L 213 -77.68 -56.91 -20.49
CA GLY L 213 -79.08 -56.62 -20.76
C GLY L 213 -79.82 -55.90 -19.67
N GLU L 214 -79.15 -55.04 -18.91
CA GLU L 214 -79.80 -54.31 -17.81
C GLU L 214 -79.32 -52.86 -17.77
#